data_1YS5
#
_entry.id   1YS5
#
_entity_poly.entity_id   1
_entity_poly.type   'polypeptide(L)'
_entity_poly.pdbx_seq_one_letter_code
;MQSHSALTAFQTEQIQDSEHSGKMVAKRQFRIGDIAGEHTSFDKLPEGGRATYRGTAFGSDDAGGKLTYTIDFAAKQGNG
KIEHLKSPELNVDLAAADIKPDGKRHAVISGSVLYNQAEKGSYSLGIFGGKAQEVAGSAEVKTVNGIRHIGLAAKQLEHH
HHHH
;
_entity_poly.pdbx_strand_id   A
#
# COMPACT_ATOMS: atom_id res chain seq x y z
N MET A 1 35.11 13.40 -26.06
CA MET A 1 35.83 13.13 -27.32
C MET A 1 35.50 11.68 -27.69
N GLN A 2 36.48 10.87 -28.10
CA GLN A 2 36.34 9.42 -27.97
C GLN A 2 36.21 9.14 -26.46
N SER A 3 34.97 9.03 -25.98
CA SER A 3 34.68 9.05 -24.55
C SER A 3 33.32 8.38 -24.34
N HIS A 4 33.26 7.28 -23.58
CA HIS A 4 32.02 6.61 -23.22
C HIS A 4 32.31 5.67 -22.05
N SER A 5 31.29 5.35 -21.27
CA SER A 5 31.26 4.37 -20.18
C SER A 5 29.80 4.26 -19.75
N ALA A 6 29.38 3.13 -19.18
CA ALA A 6 28.04 2.93 -18.64
C ALA A 6 28.07 1.71 -17.74
N LEU A 7 27.43 1.79 -16.56
CA LEU A 7 27.29 0.72 -15.59
C LEU A 7 25.95 0.96 -14.89
N THR A 8 25.32 -0.10 -14.38
CA THR A 8 24.15 -0.04 -13.51
C THR A 8 23.93 -1.43 -12.93
N ALA A 9 23.08 -1.54 -11.91
CA ALA A 9 22.69 -2.78 -11.25
C ALA A 9 21.60 -2.43 -10.23
N PHE A 10 20.68 -3.35 -9.98
CA PHE A 10 19.66 -3.24 -8.94
C PHE A 10 18.98 -4.61 -8.81
N GLN A 11 18.38 -4.89 -7.65
CA GLN A 11 17.62 -6.09 -7.37
C GLN A 11 16.83 -5.87 -6.09
N THR A 12 15.77 -6.67 -5.89
CA THR A 12 14.86 -6.62 -4.76
C THR A 12 13.89 -7.79 -4.95
N GLU A 13 13.03 -8.03 -3.95
CA GLU A 13 11.93 -8.99 -3.97
C GLU A 13 10.91 -8.63 -5.07
N GLN A 14 11.32 -8.90 -6.30
CA GLN A 14 10.58 -8.74 -7.54
C GLN A 14 11.34 -9.49 -8.63
N ILE A 15 12.68 -9.31 -8.65
CA ILE A 15 13.51 -9.93 -9.67
C ILE A 15 13.64 -11.43 -9.38
N GLN A 16 12.85 -12.23 -10.10
CA GLN A 16 12.86 -13.68 -10.06
C GLN A 16 14.29 -14.25 -9.98
N ASP A 17 14.50 -15.27 -9.16
CA ASP A 17 15.75 -16.00 -8.93
C ASP A 17 16.81 -15.15 -8.21
N SER A 18 17.12 -13.96 -8.73
CA SER A 18 17.94 -12.99 -8.01
C SER A 18 17.39 -12.80 -6.59
N GLU A 19 16.06 -12.84 -6.47
CA GLU A 19 15.30 -12.96 -5.24
C GLU A 19 15.98 -13.81 -4.15
N HIS A 20 16.58 -14.94 -4.52
CA HIS A 20 17.27 -15.83 -3.59
C HIS A 20 18.40 -15.08 -2.90
N SER A 21 19.19 -14.34 -3.68
CA SER A 21 20.15 -13.40 -3.12
C SER A 21 19.37 -12.37 -2.32
N GLY A 22 18.36 -11.75 -2.93
CA GLY A 22 17.47 -10.76 -2.34
C GLY A 22 17.02 -11.08 -0.92
N LYS A 23 15.98 -11.90 -0.74
CA LYS A 23 15.29 -12.01 0.55
C LYS A 23 16.11 -12.74 1.62
N MET A 24 15.86 -14.03 1.84
CA MET A 24 16.57 -14.81 2.85
C MET A 24 16.93 -16.16 2.26
N VAL A 25 16.01 -17.12 2.39
CA VAL A 25 16.08 -18.42 1.72
C VAL A 25 17.22 -19.26 2.31
N ALA A 26 18.46 -19.01 1.90
CA ALA A 26 19.64 -19.78 2.27
C ALA A 26 20.84 -19.17 1.57
N LYS A 27 21.72 -18.50 2.32
CA LYS A 27 22.94 -17.89 1.81
C LYS A 27 23.80 -17.54 3.01
N ARG A 28 25.12 -17.48 2.83
CA ARG A 28 26.03 -17.03 3.88
C ARG A 28 25.84 -15.52 4.07
N GLN A 29 26.17 -14.77 3.01
CA GLN A 29 26.04 -13.31 2.99
C GLN A 29 26.79 -12.69 4.19
N PHE A 30 26.25 -11.60 4.75
CA PHE A 30 26.88 -10.74 5.73
C PHE A 30 25.78 -10.08 6.57
N ARG A 31 25.05 -9.17 5.93
CA ARG A 31 24.04 -8.31 6.58
C ARG A 31 23.22 -7.54 5.55
N ILE A 32 23.17 -8.03 4.31
CA ILE A 32 22.54 -7.39 3.18
C ILE A 32 21.54 -8.39 2.62
N GLY A 33 20.26 -8.06 2.75
CA GLY A 33 19.13 -8.75 2.17
C GLY A 33 18.08 -7.68 1.87
N ASP A 34 17.00 -8.09 1.22
CA ASP A 34 15.93 -7.24 0.69
C ASP A 34 15.27 -6.42 1.79
N ILE A 35 14.60 -7.08 2.73
CA ILE A 35 13.85 -6.46 3.82
C ILE A 35 12.90 -5.35 3.31
N ALA A 36 12.24 -5.60 2.17
CA ALA A 36 11.29 -4.67 1.56
C ALA A 36 10.04 -5.43 1.10
N GLY A 37 10.21 -6.38 0.19
CA GLY A 37 9.10 -7.10 -0.42
C GLY A 37 8.89 -8.50 0.19
N GLU A 38 9.76 -8.94 1.09
CA GLU A 38 9.82 -10.34 1.54
C GLU A 38 8.45 -10.95 1.85
N HIS A 39 7.83 -10.63 3.00
CA HIS A 39 6.53 -11.19 3.31
C HIS A 39 5.46 -10.56 2.42
N THR A 40 5.65 -9.27 2.11
CA THR A 40 4.65 -8.37 1.59
C THR A 40 4.26 -8.66 0.14
N SER A 41 5.20 -9.10 -0.70
CA SER A 41 4.90 -9.74 -1.97
C SER A 41 4.37 -11.17 -1.71
N PHE A 42 5.13 -11.95 -0.93
CA PHE A 42 4.88 -13.36 -0.60
C PHE A 42 3.43 -13.65 -0.21
N ASP A 43 2.75 -12.71 0.46
CA ASP A 43 1.31 -12.69 0.70
C ASP A 43 0.52 -13.36 -0.42
N LYS A 44 0.91 -13.03 -1.67
CA LYS A 44 0.56 -13.61 -2.97
C LYS A 44 0.28 -12.50 -3.97
N LEU A 45 1.28 -11.64 -4.13
CA LEU A 45 1.31 -10.54 -5.07
C LEU A 45 2.58 -10.75 -5.93
N PRO A 46 2.45 -10.96 -7.25
CA PRO A 46 3.59 -11.22 -8.12
C PRO A 46 4.31 -9.92 -8.48
N GLU A 47 5.19 -9.97 -9.48
CA GLU A 47 6.00 -8.83 -9.91
C GLU A 47 5.21 -7.63 -10.44
N GLY A 48 3.93 -7.83 -10.80
CA GLY A 48 3.17 -6.95 -11.68
C GLY A 48 2.71 -5.63 -11.05
N GLY A 49 1.81 -4.95 -11.77
CA GLY A 49 1.32 -3.61 -11.44
C GLY A 49 0.01 -3.65 -10.65
N ARG A 50 -1.06 -3.07 -11.20
CA ARG A 50 -2.18 -2.56 -10.42
C ARG A 50 -3.13 -3.65 -9.91
N ALA A 51 -3.11 -3.90 -8.59
CA ALA A 51 -4.13 -4.73 -7.94
C ALA A 51 -5.41 -3.95 -7.67
N THR A 52 -6.42 -4.64 -7.14
CA THR A 52 -7.82 -4.23 -7.14
C THR A 52 -8.28 -3.74 -5.76
N TYR A 53 -7.61 -2.73 -5.19
CA TYR A 53 -7.97 -2.19 -3.87
C TYR A 53 -9.20 -1.27 -3.98
N ARG A 54 -10.35 -1.86 -4.26
CA ARG A 54 -11.63 -1.17 -4.33
C ARG A 54 -12.15 -0.98 -2.90
N GLY A 55 -12.31 0.28 -2.45
CA GLY A 55 -12.93 0.51 -1.16
C GLY A 55 -13.49 1.93 -1.03
N THR A 56 -13.87 2.29 0.19
CA THR A 56 -14.48 3.57 0.51
C THR A 56 -14.04 3.98 1.91
N ALA A 57 -13.78 5.27 2.04
CA ALA A 57 -13.13 5.94 3.16
C ALA A 57 -14.10 6.98 3.68
N PHE A 58 -15.12 6.54 4.42
CA PHE A 58 -16.19 7.43 4.87
C PHE A 58 -15.70 8.25 6.03
N GLY A 59 -16.06 9.53 6.04
CA GLY A 59 -15.51 10.48 7.00
C GLY A 59 -16.20 10.30 8.34
N SER A 60 -15.63 10.88 9.41
CA SER A 60 -16.33 10.97 10.69
C SER A 60 -17.68 11.70 10.53
N ASP A 61 -17.76 12.58 9.53
CA ASP A 61 -18.93 13.36 9.15
C ASP A 61 -19.70 12.71 7.98
N ASP A 62 -19.24 11.53 7.52
CA ASP A 62 -19.14 11.25 6.10
C ASP A 62 -19.18 12.42 5.14
N ALA A 63 -18.12 13.22 5.24
CA ALA A 63 -17.58 13.94 4.11
C ALA A 63 -16.30 13.20 3.68
N GLY A 64 -16.44 11.91 3.39
CA GLY A 64 -15.34 11.01 3.11
C GLY A 64 -15.18 10.76 1.61
N GLY A 65 -14.17 9.95 1.28
CA GLY A 65 -13.73 9.67 -0.07
C GLY A 65 -13.92 8.20 -0.46
N LYS A 66 -13.57 7.89 -1.70
CA LYS A 66 -13.48 6.53 -2.22
C LYS A 66 -12.01 6.11 -2.15
N LEU A 67 -11.71 4.85 -1.82
CA LEU A 67 -10.35 4.34 -1.95
C LEU A 67 -10.23 3.79 -3.36
N THR A 68 -9.52 4.51 -4.22
CA THR A 68 -9.27 4.10 -5.59
C THR A 68 -8.17 3.04 -5.61
N TYR A 69 -8.29 2.03 -6.48
CA TYR A 69 -7.34 0.93 -6.49
C TYR A 69 -6.05 1.33 -7.21
N THR A 70 -4.93 1.38 -6.49
CA THR A 70 -3.61 1.67 -7.05
C THR A 70 -2.55 1.04 -6.16
N ILE A 71 -2.20 -0.23 -6.40
CA ILE A 71 -1.09 -0.86 -5.71
C ILE A 71 -0.32 -1.65 -6.77
N ASP A 72 0.99 -1.45 -6.85
CA ASP A 72 1.83 -2.25 -7.72
C ASP A 72 2.23 -3.52 -6.97
N PHE A 73 1.73 -4.69 -7.42
CA PHE A 73 2.04 -6.00 -6.82
C PHE A 73 3.54 -6.12 -6.53
N ALA A 74 4.35 -5.59 -7.45
CA ALA A 74 5.80 -5.37 -7.36
C ALA A 74 6.33 -5.19 -5.94
N ALA A 75 5.61 -4.44 -5.11
CA ALA A 75 5.93 -4.33 -3.68
C ALA A 75 4.73 -4.14 -2.74
N LYS A 76 3.57 -3.65 -3.24
CA LYS A 76 2.28 -3.52 -2.58
C LYS A 76 2.07 -2.15 -1.93
N GLN A 77 2.33 -1.09 -2.70
CA GLN A 77 2.17 0.31 -2.32
C GLN A 77 0.68 0.65 -2.32
N GLY A 78 -0.01 0.09 -1.34
CA GLY A 78 -1.44 0.11 -1.16
C GLY A 78 -1.97 1.50 -0.86
N ASN A 79 -2.21 2.30 -1.90
CA ASN A 79 -2.64 3.69 -1.76
C ASN A 79 -3.78 3.94 -2.73
N GLY A 80 -4.65 4.90 -2.42
CA GLY A 80 -5.83 5.20 -3.22
C GLY A 80 -6.27 6.63 -2.97
N LYS A 81 -6.33 7.43 -4.03
CA LYS A 81 -6.63 8.85 -3.87
C LYS A 81 -8.14 9.07 -3.67
N ILE A 82 -8.47 10.09 -2.88
CA ILE A 82 -9.81 10.53 -2.52
C ILE A 82 -10.07 11.84 -3.25
N GLU A 83 -11.05 11.86 -4.15
CA GLU A 83 -11.21 12.92 -5.13
C GLU A 83 -12.67 13.00 -5.57
N HIS A 84 -13.58 13.25 -4.63
CA HIS A 84 -15.01 13.15 -4.91
C HIS A 84 -15.86 13.95 -3.92
N LEU A 85 -15.47 15.19 -3.61
CA LEU A 85 -16.17 15.96 -2.58
C LEU A 85 -16.58 17.33 -3.11
N LYS A 86 -17.60 17.89 -2.46
CA LYS A 86 -18.21 19.16 -2.82
C LYS A 86 -17.22 20.34 -2.77
N SER A 87 -16.12 20.19 -2.04
CA SER A 87 -15.10 21.21 -1.87
C SER A 87 -13.78 20.67 -2.44
N PRO A 88 -13.16 21.27 -3.47
CA PRO A 88 -11.92 20.77 -4.05
C PRO A 88 -10.82 20.61 -3.00
N GLU A 89 -10.75 21.52 -2.02
CA GLU A 89 -9.80 21.46 -0.92
C GLU A 89 -9.83 20.10 -0.22
N LEU A 90 -11.02 19.48 -0.16
CA LEU A 90 -11.22 18.21 0.53
C LEU A 90 -10.62 17.03 -0.24
N ASN A 91 -10.24 17.23 -1.51
CA ASN A 91 -9.61 16.17 -2.30
C ASN A 91 -8.31 15.77 -1.59
N VAL A 92 -8.26 14.52 -1.12
CA VAL A 92 -7.13 13.96 -0.40
C VAL A 92 -6.38 13.08 -1.38
N ASP A 93 -5.25 13.58 -1.89
CA ASP A 93 -4.38 12.69 -2.64
C ASP A 93 -3.47 11.98 -1.66
N LEU A 94 -3.14 10.74 -1.96
CA LEU A 94 -2.39 9.82 -1.14
C LEU A 94 -1.02 9.58 -1.77
N ALA A 95 0.06 9.69 -1.00
CA ALA A 95 1.39 9.45 -1.56
C ALA A 95 1.60 7.94 -1.70
N ALA A 96 2.47 7.54 -2.64
CA ALA A 96 2.79 6.13 -2.82
C ALA A 96 3.77 5.75 -1.70
N ALA A 97 3.35 4.85 -0.81
CA ALA A 97 4.08 4.46 0.38
C ALA A 97 4.18 2.94 0.39
N ASP A 98 5.41 2.45 0.54
CA ASP A 98 5.74 1.03 0.43
C ASP A 98 5.71 0.36 1.81
N ILE A 99 5.84 -0.96 1.84
CA ILE A 99 5.43 -1.83 2.91
C ILE A 99 6.47 -2.95 3.10
N LYS A 100 7.45 -2.63 3.95
CA LYS A 100 8.46 -3.53 4.51
C LYS A 100 7.84 -4.75 5.22
N PRO A 101 8.59 -5.86 5.37
CA PRO A 101 8.18 -6.98 6.20
C PRO A 101 8.25 -6.59 7.68
N ASP A 102 7.21 -5.91 8.14
CA ASP A 102 7.01 -5.52 9.55
C ASP A 102 6.51 -6.74 10.34
N GLY A 103 5.35 -6.63 10.99
CA GLY A 103 4.57 -7.78 11.44
C GLY A 103 4.14 -8.61 10.24
N LYS A 104 5.06 -9.43 9.72
CA LYS A 104 4.83 -10.35 8.63
C LYS A 104 4.31 -9.58 7.41
N ARG A 105 3.07 -9.86 7.00
CA ARG A 105 2.37 -9.18 5.91
C ARG A 105 2.25 -7.67 6.10
N HIS A 106 2.53 -7.15 7.31
CA HIS A 106 2.52 -5.73 7.62
C HIS A 106 1.12 -5.18 7.34
N ALA A 107 0.17 -5.45 8.24
CA ALA A 107 -1.22 -5.09 8.01
C ALA A 107 -1.50 -3.58 8.18
N VAL A 108 -0.58 -2.72 7.75
CA VAL A 108 -0.68 -1.27 7.70
C VAL A 108 0.39 -0.74 6.76
N ILE A 109 0.12 0.40 6.10
CA ILE A 109 1.02 1.14 5.24
C ILE A 109 1.01 2.59 5.70
N SER A 110 2.18 3.10 6.11
CA SER A 110 2.30 4.42 6.72
C SER A 110 2.31 5.52 5.65
N GLY A 111 1.19 5.69 4.95
CA GLY A 111 1.11 6.59 3.80
C GLY A 111 0.60 7.97 4.22
N SER A 112 1.40 9.01 3.97
CA SER A 112 1.01 10.39 4.19
C SER A 112 0.13 10.86 3.02
N VAL A 113 -0.78 11.80 3.28
CA VAL A 113 -1.78 12.27 2.34
C VAL A 113 -1.86 13.78 2.41
N LEU A 114 -2.40 14.43 1.38
CA LEU A 114 -2.54 15.88 1.38
C LEU A 114 -3.93 16.34 0.93
N TYR A 115 -4.52 17.25 1.71
CA TYR A 115 -5.78 17.90 1.41
C TYR A 115 -5.52 19.00 0.40
N ASN A 116 -5.52 18.62 -0.89
CA ASN A 116 -5.11 19.40 -2.05
C ASN A 116 -3.70 19.98 -1.92
N GLN A 117 -3.50 20.92 -1.00
CA GLN A 117 -2.22 21.52 -0.64
C GLN A 117 -1.73 21.05 0.73
N ALA A 118 -2.63 20.77 1.67
CA ALA A 118 -2.29 20.64 3.09
C ALA A 118 -1.94 19.20 3.44
N GLU A 119 -0.64 18.88 3.52
CA GLU A 119 -0.17 17.56 3.92
C GLU A 119 -0.24 17.42 5.44
N LYS A 120 -1.46 17.46 5.99
CA LYS A 120 -1.74 17.19 7.39
C LYS A 120 -2.72 16.04 7.45
N GLY A 121 -2.24 14.92 6.92
CA GLY A 121 -2.96 13.68 7.06
C GLY A 121 -2.06 12.46 6.91
N SER A 122 -2.22 11.52 7.82
CA SER A 122 -1.60 10.22 7.82
C SER A 122 -2.70 9.16 7.63
N TYR A 123 -2.48 8.21 6.73
CA TYR A 123 -3.33 7.06 6.53
C TYR A 123 -2.62 5.82 7.07
N SER A 124 -3.39 4.76 7.26
CA SER A 124 -2.93 3.44 7.68
C SER A 124 -3.81 2.42 6.96
N LEU A 125 -3.58 2.20 5.66
CA LEU A 125 -4.26 1.15 4.91
C LEU A 125 -3.49 -0.13 5.14
N GLY A 126 -4.17 -1.24 5.38
CA GLY A 126 -3.60 -2.56 5.63
C GLY A 126 -4.05 -3.54 4.57
N ILE A 127 -3.53 -4.78 4.65
CA ILE A 127 -3.82 -5.87 3.72
C ILE A 127 -4.20 -7.13 4.48
N PHE A 128 -5.15 -7.90 3.95
CA PHE A 128 -5.35 -9.29 4.32
C PHE A 128 -6.08 -10.01 3.21
N GLY A 129 -5.93 -11.33 3.13
CA GLY A 129 -6.54 -12.19 2.13
C GLY A 129 -5.54 -12.66 1.06
N GLY A 130 -4.26 -12.37 1.28
CA GLY A 130 -3.17 -12.97 0.51
C GLY A 130 -3.01 -12.28 -0.83
N LYS A 131 -3.97 -12.46 -1.75
CA LYS A 131 -3.95 -11.70 -2.99
C LYS A 131 -4.20 -10.20 -2.74
N ALA A 132 -4.76 -9.89 -1.56
CA ALA A 132 -5.26 -8.61 -1.10
C ALA A 132 -6.77 -8.69 -1.30
N GLN A 133 -7.50 -8.84 -0.20
CA GLN A 133 -8.95 -8.94 -0.19
C GLN A 133 -9.47 -7.86 0.74
N GLU A 134 -9.21 -8.07 2.02
CA GLU A 134 -9.70 -7.25 3.10
C GLU A 134 -8.62 -6.21 3.32
N VAL A 135 -8.56 -5.21 2.44
CA VAL A 135 -7.63 -4.11 2.63
C VAL A 135 -8.21 -3.18 3.71
N ALA A 136 -8.23 -3.70 4.93
CA ALA A 136 -8.80 -3.02 6.07
C ALA A 136 -7.80 -1.95 6.48
N GLY A 137 -8.30 -0.79 6.90
CA GLY A 137 -7.48 0.39 7.00
C GLY A 137 -8.09 1.38 7.98
N SER A 138 -7.39 2.49 8.17
CA SER A 138 -7.96 3.70 8.73
C SER A 138 -7.13 4.85 8.18
N ALA A 139 -7.59 6.08 8.43
CA ALA A 139 -6.74 7.25 8.40
C ALA A 139 -7.05 8.15 9.58
N GLU A 140 -6.22 9.18 9.76
CA GLU A 140 -6.49 10.28 10.66
C GLU A 140 -6.08 11.60 10.00
N VAL A 141 -6.77 11.92 8.91
CA VAL A 141 -6.56 13.13 8.15
C VAL A 141 -7.00 14.34 8.98
N LYS A 142 -6.08 15.25 9.34
CA LYS A 142 -6.27 16.20 10.43
C LYS A 142 -6.10 17.64 9.96
N THR A 143 -7.20 18.36 9.76
CA THR A 143 -7.14 19.72 9.27
C THR A 143 -8.38 20.43 9.82
N VAL A 144 -8.40 21.77 9.71
CA VAL A 144 -9.62 22.56 9.80
C VAL A 144 -10.76 21.92 8.99
N ASN A 145 -10.41 21.19 7.93
CA ASN A 145 -11.33 20.37 7.15
C ASN A 145 -10.71 18.98 6.98
N GLY A 146 -10.37 18.33 8.10
CA GLY A 146 -9.79 17.00 8.11
C GLY A 146 -10.54 16.12 9.09
N ILE A 147 -11.41 15.27 8.54
CA ILE A 147 -12.39 14.52 9.31
C ILE A 147 -11.77 13.22 9.84
N ARG A 148 -10.70 13.38 10.65
CA ARG A 148 -9.77 12.32 11.06
C ARG A 148 -10.29 10.90 10.91
N HIS A 149 -11.21 10.50 11.80
CA HIS A 149 -11.64 9.11 11.94
C HIS A 149 -12.39 8.63 10.69
N ILE A 150 -11.61 8.29 9.66
CA ILE A 150 -12.08 7.75 8.40
C ILE A 150 -12.35 6.26 8.59
N GLY A 151 -13.61 5.85 8.35
CA GLY A 151 -14.01 4.47 8.25
C GLY A 151 -13.63 3.94 6.88
N LEU A 152 -12.52 3.20 6.82
CA LEU A 152 -11.98 2.62 5.61
C LEU A 152 -12.49 1.18 5.50
N ALA A 153 -13.43 0.93 4.58
CA ALA A 153 -13.95 -0.39 4.27
C ALA A 153 -13.61 -0.71 2.82
N ALA A 154 -13.28 -1.97 2.49
CA ALA A 154 -12.84 -2.33 1.15
C ALA A 154 -13.10 -3.80 0.87
N LYS A 155 -13.23 -4.17 -0.40
CA LYS A 155 -13.46 -5.55 -0.81
C LYS A 155 -13.04 -5.74 -2.26
N GLN A 156 -12.51 -6.92 -2.62
CA GLN A 156 -12.05 -7.31 -3.93
C GLN A 156 -11.85 -8.83 -3.84
N MET A 1 -11.22 6.79 -23.63
CA MET A 1 -12.24 5.95 -24.28
C MET A 1 -11.96 4.51 -23.89
N GLN A 2 -12.44 3.53 -24.68
CA GLN A 2 -12.07 2.13 -24.48
C GLN A 2 -10.57 2.00 -24.77
N SER A 3 -9.75 1.99 -23.71
CA SER A 3 -8.30 1.98 -23.83
C SER A 3 -7.73 1.38 -22.55
N HIS A 4 -6.87 0.36 -22.67
CA HIS A 4 -6.22 -0.33 -21.56
C HIS A 4 -4.98 -1.03 -22.13
N SER A 5 -4.13 -1.55 -21.25
CA SER A 5 -2.93 -2.31 -21.59
C SER A 5 -2.46 -3.00 -20.30
N ALA A 6 -1.38 -3.78 -20.37
CA ALA A 6 -0.76 -4.43 -19.23
C ALA A 6 0.73 -4.58 -19.54
N LEU A 7 1.55 -4.83 -18.52
CA LEU A 7 2.98 -4.96 -18.62
C LEU A 7 3.36 -5.98 -17.54
N THR A 8 4.27 -6.91 -17.84
CA THR A 8 4.80 -7.86 -16.87
C THR A 8 5.97 -7.19 -16.13
N ALA A 9 6.08 -7.42 -14.82
CA ALA A 9 7.16 -6.89 -14.01
C ALA A 9 8.44 -7.73 -14.20
N PHE A 10 9.53 -7.26 -13.60
CA PHE A 10 10.79 -7.96 -13.48
C PHE A 10 11.66 -7.14 -12.53
N GLN A 11 12.71 -7.75 -11.96
CA GLN A 11 13.50 -7.16 -10.87
C GLN A 11 12.62 -7.06 -9.61
N THR A 12 13.21 -6.61 -8.49
CA THR A 12 12.53 -6.51 -7.20
C THR A 12 11.96 -7.88 -6.80
N GLU A 13 11.10 -7.93 -5.78
CA GLU A 13 10.66 -9.14 -5.11
C GLU A 13 9.73 -9.98 -5.99
N GLN A 14 10.32 -10.59 -7.02
CA GLN A 14 9.70 -11.55 -7.92
C GLN A 14 9.35 -12.85 -7.18
N ILE A 15 8.72 -13.78 -7.89
CA ILE A 15 8.45 -15.15 -7.43
C ILE A 15 8.90 -16.10 -8.54
N GLN A 16 9.28 -17.34 -8.16
CA GLN A 16 9.67 -18.41 -9.07
C GLN A 16 11.09 -18.16 -9.61
N ASP A 17 12.09 -18.83 -9.03
CA ASP A 17 13.52 -18.71 -9.33
C ASP A 17 14.04 -17.31 -9.05
N SER A 18 13.61 -16.33 -9.85
CA SER A 18 13.85 -14.91 -9.68
C SER A 18 13.68 -14.47 -8.22
N GLU A 19 12.74 -15.10 -7.51
CA GLU A 19 12.55 -15.06 -6.06
C GLU A 19 13.89 -14.85 -5.33
N HIS A 20 14.87 -15.73 -5.58
CA HIS A 20 16.15 -15.69 -4.90
C HIS A 20 16.82 -14.33 -5.07
N SER A 21 16.82 -13.81 -6.30
CA SER A 21 17.38 -12.50 -6.60
C SER A 21 16.57 -11.43 -5.87
N GLY A 22 15.26 -11.40 -6.17
CA GLY A 22 14.35 -10.36 -5.72
C GLY A 22 14.35 -10.20 -4.21
N LYS A 23 14.11 -11.30 -3.49
CA LYS A 23 13.87 -11.34 -2.07
C LYS A 23 14.99 -10.65 -1.29
N MET A 24 16.25 -10.84 -1.70
CA MET A 24 17.43 -10.05 -1.30
C MET A 24 18.75 -10.69 -1.75
N VAL A 25 18.75 -11.36 -2.91
CA VAL A 25 19.92 -12.01 -3.51
C VAL A 25 20.40 -13.25 -2.75
N ALA A 26 20.65 -13.14 -1.44
CA ALA A 26 21.20 -14.25 -0.65
C ALA A 26 20.86 -14.06 0.82
N LYS A 27 21.41 -14.92 1.68
CA LYS A 27 21.42 -14.79 3.13
C LYS A 27 22.88 -14.82 3.59
N ARG A 28 23.13 -14.46 4.85
CA ARG A 28 24.44 -14.17 5.44
C ARG A 28 24.87 -12.77 4.96
N GLN A 29 25.02 -12.62 3.65
CA GLN A 29 25.15 -11.35 2.96
C GLN A 29 23.96 -11.26 2.01
N PHE A 30 23.59 -10.05 1.60
CA PHE A 30 22.37 -9.81 0.84
C PHE A 30 22.47 -8.46 0.14
N ARG A 31 21.49 -8.20 -0.73
CA ARG A 31 21.39 -6.97 -1.50
C ARG A 31 20.89 -5.83 -0.62
N ILE A 32 21.81 -5.36 0.23
CA ILE A 32 21.67 -4.14 0.98
C ILE A 32 21.18 -2.95 0.14
N GLY A 33 20.56 -1.97 0.81
CA GLY A 33 20.12 -0.70 0.22
C GLY A 33 19.33 -0.93 -1.06
N ASP A 34 18.25 -1.71 -0.95
CA ASP A 34 17.42 -2.20 -2.04
C ASP A 34 16.20 -2.87 -1.38
N ILE A 35 15.32 -3.50 -2.17
CA ILE A 35 14.17 -4.28 -1.72
C ILE A 35 13.11 -3.36 -1.08
N ALA A 36 11.86 -3.82 -1.02
CA ALA A 36 10.81 -3.13 -0.30
C ALA A 36 9.89 -4.14 0.39
N GLY A 37 8.92 -4.68 -0.33
CA GLY A 37 7.76 -5.34 0.24
C GLY A 37 8.00 -6.83 0.47
N GLU A 38 9.11 -7.19 1.11
CA GLU A 38 9.53 -8.59 1.29
C GLU A 38 8.35 -9.48 1.68
N HIS A 39 7.87 -9.42 2.93
CA HIS A 39 6.79 -10.26 3.37
C HIS A 39 5.43 -9.89 2.77
N THR A 40 5.31 -8.77 2.02
CA THR A 40 4.18 -8.65 1.11
C THR A 40 4.36 -9.72 0.04
N SER A 41 5.22 -9.43 -0.92
CA SER A 41 5.41 -10.25 -2.11
C SER A 41 5.55 -11.74 -1.74
N PHE A 42 6.50 -12.03 -0.83
CA PHE A 42 6.77 -13.38 -0.36
C PHE A 42 5.58 -14.06 0.32
N ASP A 43 4.70 -13.34 1.03
CA ASP A 43 3.59 -13.96 1.76
C ASP A 43 2.83 -14.90 0.82
N LYS A 44 2.31 -14.29 -0.24
CA LYS A 44 1.60 -14.91 -1.36
C LYS A 44 0.97 -13.79 -2.19
N LEU A 45 1.79 -12.82 -2.62
CA LEU A 45 1.34 -11.71 -3.46
C LEU A 45 2.18 -11.68 -4.73
N PRO A 46 1.56 -11.54 -5.91
CA PRO A 46 2.27 -11.60 -7.18
C PRO A 46 3.16 -10.36 -7.35
N GLU A 47 4.10 -10.40 -8.28
CA GLU A 47 4.81 -9.21 -8.74
C GLU A 47 3.94 -8.41 -9.71
N GLY A 48 2.68 -8.17 -9.31
CA GLY A 48 1.66 -7.56 -10.12
C GLY A 48 1.70 -6.04 -10.00
N GLY A 49 1.33 -5.36 -11.08
CA GLY A 49 1.38 -3.91 -11.21
C GLY A 49 0.25 -3.20 -10.49
N ARG A 50 -0.92 -3.85 -10.35
CA ARG A 50 -2.06 -3.30 -9.64
C ARG A 50 -2.85 -4.42 -8.97
N ALA A 51 -3.44 -4.11 -7.82
CA ALA A 51 -4.54 -4.85 -7.22
C ALA A 51 -5.84 -4.47 -7.93
N THR A 52 -6.96 -5.07 -7.54
CA THR A 52 -8.28 -4.71 -8.02
C THR A 52 -9.17 -4.49 -6.81
N TYR A 53 -9.58 -3.24 -6.53
CA TYR A 53 -10.60 -2.98 -5.51
C TYR A 53 -11.37 -1.67 -5.69
N ARG A 54 -12.49 -1.58 -4.98
CA ARG A 54 -13.45 -0.49 -5.03
C ARG A 54 -13.71 -0.08 -3.59
N GLY A 55 -12.78 0.67 -2.99
CA GLY A 55 -12.82 0.90 -1.55
C GLY A 55 -13.67 2.10 -1.19
N THR A 56 -14.23 2.07 0.02
CA THR A 56 -15.06 3.12 0.57
C THR A 56 -14.40 3.60 1.84
N ALA A 57 -14.06 4.90 1.91
CA ALA A 57 -13.61 5.54 3.12
C ALA A 57 -14.72 6.47 3.59
N PHE A 58 -14.96 6.49 4.90
CA PHE A 58 -15.97 7.33 5.52
C PHE A 58 -15.32 8.16 6.62
N GLY A 59 -15.54 9.47 6.58
CA GLY A 59 -15.17 10.39 7.64
C GLY A 59 -16.24 10.41 8.72
N SER A 60 -15.95 11.07 9.85
CA SER A 60 -16.96 11.35 10.87
C SER A 60 -18.19 12.03 10.25
N ASP A 61 -17.98 12.99 9.35
CA ASP A 61 -19.03 13.71 8.63
C ASP A 61 -19.67 12.87 7.49
N ASP A 62 -19.21 11.63 7.30
CA ASP A 62 -18.77 11.19 5.98
C ASP A 62 -18.40 12.33 5.05
N ALA A 63 -17.21 12.88 5.33
CA ALA A 63 -16.39 13.46 4.29
C ALA A 63 -15.14 12.60 4.20
N GLY A 64 -15.33 11.30 3.99
CA GLY A 64 -14.26 10.38 3.68
C GLY A 64 -14.25 10.19 2.17
N GLY A 65 -13.20 9.59 1.63
CA GLY A 65 -13.00 9.42 0.19
C GLY A 65 -13.57 8.11 -0.33
N LYS A 66 -13.48 7.87 -1.64
CA LYS A 66 -13.73 6.55 -2.18
C LYS A 66 -12.43 6.07 -2.84
N LEU A 67 -11.90 4.96 -2.32
CA LEU A 67 -10.52 4.56 -2.46
C LEU A 67 -10.32 3.79 -3.76
N THR A 68 -9.58 4.41 -4.67
CA THR A 68 -9.23 3.86 -5.96
C THR A 68 -8.07 2.89 -5.79
N TYR A 69 -8.13 1.72 -6.45
CA TYR A 69 -7.05 0.76 -6.32
C TYR A 69 -5.83 1.26 -7.10
N THR A 70 -4.68 1.31 -6.43
CA THR A 70 -3.37 1.46 -7.03
C THR A 70 -2.37 0.89 -6.01
N ILE A 71 -2.05 -0.40 -6.13
CA ILE A 71 -0.97 -1.03 -5.37
C ILE A 71 -0.10 -1.91 -6.28
N ASP A 72 1.17 -1.58 -6.42
CA ASP A 72 2.18 -2.36 -7.13
C ASP A 72 2.59 -3.55 -6.26
N PHE A 73 1.79 -4.62 -6.22
CA PHE A 73 2.03 -5.78 -5.36
C PHE A 73 3.49 -6.20 -5.15
N ALA A 74 4.34 -6.04 -6.16
CA ALA A 74 5.76 -6.40 -6.09
C ALA A 74 6.49 -5.73 -4.92
N ALA A 75 6.02 -4.55 -4.52
CA ALA A 75 6.61 -3.74 -3.46
C ALA A 75 5.51 -3.07 -2.63
N LYS A 76 4.48 -2.56 -3.30
CA LYS A 76 3.17 -2.28 -2.76
C LYS A 76 3.13 -0.93 -2.07
N GLN A 77 3.33 0.12 -2.87
CA GLN A 77 3.17 1.50 -2.42
C GLN A 77 1.68 1.83 -2.50
N GLY A 78 0.89 1.02 -1.80
CA GLY A 78 -0.55 0.96 -1.96
C GLY A 78 -1.17 2.27 -1.52
N ASN A 79 -1.95 2.90 -2.40
CA ASN A 79 -2.57 4.18 -2.10
C ASN A 79 -3.81 4.30 -2.94
N GLY A 80 -4.68 5.22 -2.53
CA GLY A 80 -5.84 5.61 -3.31
C GLY A 80 -6.20 6.99 -2.84
N LYS A 81 -6.52 7.89 -3.75
CA LYS A 81 -6.77 9.27 -3.37
C LYS A 81 -8.16 9.40 -2.76
N ILE A 82 -8.29 10.21 -1.72
CA ILE A 82 -9.58 10.54 -1.11
C ILE A 82 -10.21 11.64 -1.97
N GLU A 83 -10.54 11.27 -3.20
CA GLU A 83 -11.53 11.96 -4.00
C GLU A 83 -12.88 11.43 -3.46
N HIS A 84 -14.02 12.11 -3.62
CA HIS A 84 -14.47 13.01 -4.68
C HIS A 84 -15.53 13.90 -4.00
N LEU A 85 -15.05 14.78 -3.13
CA LEU A 85 -15.86 15.35 -2.06
C LEU A 85 -16.51 16.65 -2.49
N LYS A 86 -17.45 17.09 -1.65
CA LYS A 86 -18.32 18.25 -1.85
C LYS A 86 -17.55 19.51 -2.25
N SER A 87 -16.24 19.56 -1.97
CA SER A 87 -15.43 20.71 -2.39
C SER A 87 -14.02 20.27 -2.77
N PRO A 88 -13.42 20.83 -3.83
CA PRO A 88 -12.14 20.39 -4.37
C PRO A 88 -11.05 20.37 -3.31
N GLU A 89 -11.08 21.33 -2.39
CA GLU A 89 -10.17 21.42 -1.25
C GLU A 89 -10.19 20.11 -0.45
N LEU A 90 -11.38 19.50 -0.29
CA LEU A 90 -11.54 18.26 0.44
C LEU A 90 -11.04 17.07 -0.36
N ASN A 91 -11.02 17.15 -1.70
CA ASN A 91 -10.56 16.06 -2.55
C ASN A 91 -9.05 15.89 -2.33
N VAL A 92 -8.69 14.91 -1.50
CA VAL A 92 -7.36 14.66 -0.98
C VAL A 92 -6.64 13.66 -1.87
N ASP A 93 -5.35 13.86 -2.10
CA ASP A 93 -4.45 12.82 -2.63
C ASP A 93 -3.49 12.44 -1.51
N LEU A 94 -2.91 11.23 -1.57
CA LEU A 94 -1.98 10.76 -0.55
C LEU A 94 -0.67 10.24 -1.16
N ALA A 95 0.35 10.15 -0.31
CA ALA A 95 1.68 9.71 -0.68
C ALA A 95 1.71 8.19 -0.79
N ALA A 96 2.23 7.69 -1.92
CA ALA A 96 2.34 6.27 -2.21
C ALA A 96 3.50 5.71 -1.42
N ALA A 97 3.21 5.38 -0.15
CA ALA A 97 4.16 4.99 0.86
C ALA A 97 4.24 3.48 1.01
N ASP A 98 5.35 3.00 1.56
CA ASP A 98 5.67 1.58 1.63
C ASP A 98 4.92 0.89 2.78
N ILE A 99 5.05 -0.44 2.78
CA ILE A 99 4.67 -1.36 3.83
C ILE A 99 5.95 -1.96 4.42
N LYS A 100 6.73 -2.69 3.62
CA LYS A 100 7.98 -3.32 4.02
C LYS A 100 7.77 -4.40 5.08
N PRO A 101 8.78 -5.26 5.36
CA PRO A 101 8.60 -6.42 6.21
C PRO A 101 8.40 -6.04 7.69
N ASP A 102 7.18 -5.62 8.03
CA ASP A 102 6.56 -5.92 9.31
C ASP A 102 6.77 -7.42 9.60
N GLY A 103 6.50 -8.25 8.59
CA GLY A 103 6.81 -9.68 8.59
C GLY A 103 5.57 -10.55 8.68
N LYS A 104 4.46 -10.02 9.20
CA LYS A 104 3.38 -10.81 9.78
C LYS A 104 2.36 -11.22 8.72
N ARG A 105 2.87 -11.90 7.72
CA ARG A 105 2.18 -12.00 6.45
C ARG A 105 1.63 -10.65 5.97
N HIS A 106 2.44 -9.60 6.18
CA HIS A 106 2.25 -8.25 5.69
C HIS A 106 1.06 -7.52 6.33
N ALA A 107 1.38 -6.49 7.12
CA ALA A 107 0.42 -5.85 8.00
C ALA A 107 -0.19 -4.61 7.36
N VAL A 108 0.53 -3.48 7.35
CA VAL A 108 -0.01 -2.18 6.96
C VAL A 108 1.04 -1.31 6.28
N ILE A 109 0.54 -0.36 5.49
CA ILE A 109 1.24 0.79 4.96
C ILE A 109 1.17 1.93 5.98
N SER A 110 2.11 2.87 5.89
CA SER A 110 2.09 4.13 6.64
C SER A 110 2.19 5.29 5.64
N GLY A 111 1.06 5.74 5.11
CA GLY A 111 0.98 6.87 4.18
C GLY A 111 0.66 8.18 4.91
N SER A 112 0.63 9.27 4.17
CA SER A 112 0.21 10.58 4.66
C SER A 112 -0.45 11.32 3.50
N VAL A 113 -1.31 12.29 3.82
CA VAL A 113 -2.26 12.87 2.87
C VAL A 113 -2.04 14.36 2.67
N LEU A 114 -2.45 14.83 1.48
CA LEU A 114 -2.45 16.22 1.06
C LEU A 114 -3.89 16.61 0.73
N TYR A 115 -4.39 17.57 1.51
CA TYR A 115 -5.70 18.20 1.37
C TYR A 115 -5.58 19.25 0.28
N ASN A 116 -5.44 18.77 -0.96
CA ASN A 116 -5.49 19.56 -2.19
C ASN A 116 -4.30 20.52 -2.34
N GLN A 117 -4.10 21.41 -1.38
CA GLN A 117 -2.99 22.36 -1.30
C GLN A 117 -2.47 22.53 0.14
N ALA A 118 -2.86 21.65 1.08
CA ALA A 118 -2.45 21.71 2.48
C ALA A 118 -2.11 20.32 2.98
N GLU A 119 -0.91 20.10 3.50
CA GLU A 119 -0.52 18.82 4.08
C GLU A 119 -0.63 18.91 5.60
N LYS A 120 -1.60 18.19 6.20
CA LYS A 120 -1.48 17.48 7.48
C LYS A 120 -2.53 16.37 7.58
N GLY A 121 -2.17 15.16 7.16
CA GLY A 121 -2.86 13.96 7.59
C GLY A 121 -1.96 12.75 7.45
N SER A 122 -2.15 11.76 8.32
CA SER A 122 -1.55 10.43 8.25
C SER A 122 -2.61 9.42 7.78
N TYR A 123 -2.19 8.35 7.08
CA TYR A 123 -3.08 7.28 6.63
C TYR A 123 -2.39 5.94 6.79
N SER A 124 -3.17 4.86 6.99
CA SER A 124 -2.64 3.52 7.11
C SER A 124 -3.67 2.57 6.51
N LEU A 125 -3.19 1.58 5.77
CA LEU A 125 -4.00 0.67 5.00
C LEU A 125 -3.35 -0.70 5.03
N GLY A 126 -4.16 -1.75 5.20
CA GLY A 126 -3.74 -3.15 5.22
C GLY A 126 -4.67 -3.94 4.31
N ILE A 127 -4.12 -4.91 3.58
CA ILE A 127 -4.79 -5.62 2.50
C ILE A 127 -4.51 -7.10 2.72
N PHE A 128 -5.55 -7.93 2.60
CA PHE A 128 -5.52 -9.29 3.12
C PHE A 128 -6.14 -10.26 2.12
N GLY A 129 -5.79 -11.55 2.29
CA GLY A 129 -6.09 -12.61 1.33
C GLY A 129 -5.03 -12.69 0.22
N GLY A 130 -4.04 -11.80 0.26
CA GLY A 130 -2.87 -11.85 -0.61
C GLY A 130 -3.22 -11.29 -1.98
N LYS A 131 -4.03 -12.02 -2.75
CA LYS A 131 -4.45 -11.56 -4.07
C LYS A 131 -5.27 -10.26 -4.02
N ALA A 132 -5.65 -9.81 -2.81
CA ALA A 132 -6.49 -8.68 -2.48
C ALA A 132 -7.90 -9.26 -2.43
N GLN A 133 -8.40 -9.50 -1.22
CA GLN A 133 -9.71 -10.08 -0.97
C GLN A 133 -10.53 -9.08 -0.19
N GLU A 134 -9.96 -8.56 0.89
CA GLU A 134 -10.47 -7.39 1.57
C GLU A 134 -9.29 -6.48 1.87
N VAL A 135 -9.55 -5.19 2.04
CA VAL A 135 -8.60 -4.28 2.67
C VAL A 135 -9.35 -3.57 3.79
N ALA A 136 -8.60 -3.15 4.81
CA ALA A 136 -9.07 -2.33 5.92
C ALA A 136 -8.06 -1.22 6.12
N GLY A 137 -8.51 0.01 6.39
CA GLY A 137 -7.62 1.13 6.56
C GLY A 137 -8.26 2.20 7.42
N SER A 138 -7.49 3.25 7.71
CA SER A 138 -8.00 4.48 8.29
C SER A 138 -7.08 5.62 7.86
N ALA A 139 -7.58 6.85 7.93
CA ALA A 139 -6.77 8.04 7.86
C ALA A 139 -7.15 8.98 8.99
N GLU A 140 -6.15 9.63 9.55
CA GLU A 140 -6.34 10.74 10.47
C GLU A 140 -5.78 11.98 9.81
N VAL A 141 -6.70 12.74 9.23
CA VAL A 141 -6.43 13.90 8.42
C VAL A 141 -6.98 15.10 9.15
N LYS A 142 -6.21 16.19 9.30
CA LYS A 142 -6.58 17.27 10.19
C LYS A 142 -6.34 18.62 9.52
N THR A 143 -7.43 19.37 9.29
CA THR A 143 -7.36 20.77 8.94
C THR A 143 -8.59 21.42 9.59
N VAL A 144 -8.81 22.70 9.31
CA VAL A 144 -10.10 23.37 9.54
C VAL A 144 -11.26 22.50 9.03
N ASN A 145 -11.03 21.68 7.99
CA ASN A 145 -11.99 20.70 7.51
C ASN A 145 -11.24 19.41 7.20
N GLY A 146 -10.54 18.87 8.20
CA GLY A 146 -9.90 17.57 8.12
C GLY A 146 -10.42 16.70 9.25
N ILE A 147 -10.93 15.53 8.87
CA ILE A 147 -11.59 14.60 9.75
C ILE A 147 -10.55 13.60 10.29
N ARG A 148 -10.11 13.82 11.53
CA ARG A 148 -9.10 12.98 12.18
C ARG A 148 -9.56 11.53 12.41
N HIS A 149 -10.79 11.19 12.05
CA HIS A 149 -11.26 9.81 11.91
C HIS A 149 -11.89 9.67 10.53
N ILE A 150 -11.11 9.17 9.58
CA ILE A 150 -11.60 8.45 8.42
C ILE A 150 -11.34 6.97 8.68
N GLY A 151 -12.37 6.12 8.59
CA GLY A 151 -12.20 4.68 8.54
C GLY A 151 -12.40 4.25 7.09
N LEU A 152 -11.81 3.15 6.63
CA LEU A 152 -12.06 2.66 5.28
C LEU A 152 -11.95 1.15 5.18
N ALA A 153 -12.58 0.60 4.14
CA ALA A 153 -12.44 -0.79 3.77
C ALA A 153 -12.64 -0.93 2.26
N ALA A 154 -12.25 -2.08 1.70
CA ALA A 154 -12.47 -2.38 0.29
C ALA A 154 -12.61 -3.87 0.07
N LYS A 155 -13.07 -4.18 -1.15
CA LYS A 155 -13.02 -5.47 -1.80
C LYS A 155 -13.12 -5.19 -3.31
N GLN A 156 -13.02 -6.26 -4.11
CA GLN A 156 -12.92 -6.26 -5.55
C GLN A 156 -14.13 -5.57 -6.18
N MET A 1 7.97 -12.98 -42.93
CA MET A 1 7.23 -14.09 -42.31
C MET A 1 8.12 -14.80 -41.26
N GLN A 2 8.55 -14.05 -40.24
CA GLN A 2 9.33 -14.56 -39.12
C GLN A 2 9.32 -13.46 -38.06
N SER A 3 9.67 -13.80 -36.81
CA SER A 3 9.86 -12.86 -35.72
C SER A 3 10.51 -13.65 -34.57
N HIS A 4 10.77 -12.96 -33.46
CA HIS A 4 11.36 -13.49 -32.23
C HIS A 4 11.23 -12.40 -31.17
N SER A 5 11.49 -12.74 -29.90
CA SER A 5 11.53 -11.79 -28.79
C SER A 5 12.21 -12.50 -27.63
N ALA A 6 12.54 -11.76 -26.56
CA ALA A 6 13.13 -12.28 -25.33
C ALA A 6 12.87 -11.25 -24.23
N LEU A 7 13.00 -11.65 -22.98
CA LEU A 7 12.77 -10.84 -21.80
C LEU A 7 13.56 -11.52 -20.69
N THR A 8 14.12 -10.76 -19.74
CA THR A 8 14.78 -11.28 -18.56
C THR A 8 14.81 -10.16 -17.50
N ALA A 9 15.21 -10.51 -16.28
CA ALA A 9 15.27 -9.62 -15.13
C ALA A 9 15.88 -10.40 -13.97
N PHE A 10 16.49 -9.70 -13.01
CA PHE A 10 16.80 -10.25 -11.70
C PHE A 10 16.91 -9.07 -10.72
N GLN A 11 16.37 -9.25 -9.51
CA GLN A 11 16.14 -8.21 -8.52
C GLN A 11 16.50 -8.75 -7.14
N THR A 12 16.11 -8.09 -6.06
CA THR A 12 16.31 -8.61 -4.72
C THR A 12 15.11 -8.29 -3.84
N GLU A 13 15.08 -8.86 -2.63
CA GLU A 13 13.99 -8.74 -1.67
C GLU A 13 14.44 -9.42 -0.36
N GLN A 14 15.65 -9.09 0.11
CA GLN A 14 16.29 -9.78 1.22
C GLN A 14 16.89 -8.79 2.21
N ILE A 15 16.18 -8.55 3.31
CA ILE A 15 16.61 -7.68 4.40
C ILE A 15 17.28 -8.51 5.49
N GLN A 16 16.59 -9.54 6.00
CA GLN A 16 17.14 -10.50 6.94
C GLN A 16 16.33 -11.79 6.82
N ASP A 17 15.44 -12.09 7.77
CA ASP A 17 14.45 -13.17 7.68
C ASP A 17 13.77 -13.16 6.31
N SER A 18 13.44 -11.93 5.87
CA SER A 18 12.86 -11.60 4.58
C SER A 18 13.53 -12.30 3.38
N GLU A 19 14.83 -12.60 3.49
CA GLU A 19 15.57 -13.42 2.52
C GLU A 19 14.82 -14.71 2.21
N HIS A 20 14.31 -15.38 3.25
CA HIS A 20 13.51 -16.58 3.06
C HIS A 20 12.17 -16.17 2.44
N SER A 21 11.26 -15.59 3.22
CA SER A 21 9.88 -15.44 2.82
C SER A 21 9.72 -14.44 1.67
N GLY A 22 10.31 -13.25 1.79
CA GLY A 22 10.13 -12.18 0.83
C GLY A 22 10.72 -12.55 -0.52
N LYS A 23 12.02 -12.82 -0.54
CA LYS A 23 12.75 -13.14 -1.74
C LYS A 23 12.36 -14.54 -2.25
N MET A 24 12.21 -15.53 -1.36
CA MET A 24 11.89 -16.92 -1.69
C MET A 24 12.61 -17.37 -2.95
N VAL A 25 13.94 -17.42 -2.83
CA VAL A 25 14.88 -17.74 -3.89
C VAL A 25 14.89 -16.62 -4.92
N ALA A 26 13.78 -16.39 -5.63
CA ALA A 26 13.62 -15.26 -6.52
C ALA A 26 12.13 -15.01 -6.80
N LYS A 27 11.54 -14.09 -6.05
CA LYS A 27 10.23 -13.52 -6.33
C LYS A 27 10.28 -12.74 -7.65
N ARG A 28 10.20 -13.48 -8.77
CA ARG A 28 10.02 -12.94 -10.11
C ARG A 28 8.70 -12.15 -10.17
N GLN A 29 8.79 -10.82 -10.25
CA GLN A 29 7.68 -9.91 -10.44
C GLN A 29 7.95 -9.10 -11.71
N PHE A 30 8.85 -8.12 -11.58
CA PHE A 30 9.52 -7.39 -12.65
C PHE A 30 10.95 -7.22 -12.14
N ARG A 31 11.79 -6.41 -12.78
CA ARG A 31 13.05 -6.02 -12.16
C ARG A 31 12.81 -4.94 -11.11
N ILE A 32 11.97 -5.24 -10.11
CA ILE A 32 11.60 -4.37 -9.00
C ILE A 32 11.44 -5.28 -7.79
N GLY A 33 11.50 -4.69 -6.60
CA GLY A 33 11.51 -5.32 -5.30
C GLY A 33 12.41 -4.41 -4.48
N ASP A 34 13.42 -4.99 -3.82
CA ASP A 34 14.65 -4.35 -3.39
C ASP A 34 14.44 -3.46 -2.16
N ILE A 35 13.51 -2.51 -2.24
CA ILE A 35 13.10 -1.61 -1.18
C ILE A 35 12.71 -2.42 0.06
N ALA A 36 11.60 -3.15 -0.06
CA ALA A 36 10.90 -3.86 1.00
C ALA A 36 9.52 -4.22 0.43
N GLY A 37 8.78 -5.08 1.12
CA GLY A 37 7.45 -5.51 0.68
C GLY A 37 7.22 -6.92 1.20
N GLU A 38 8.16 -7.78 0.83
CA GLU A 38 8.45 -9.09 1.40
C GLU A 38 7.20 -9.87 1.79
N HIS A 39 6.73 -9.72 3.03
CA HIS A 39 5.75 -10.60 3.64
C HIS A 39 4.41 -10.50 2.92
N THR A 40 4.18 -9.41 2.19
CA THR A 40 3.08 -9.36 1.23
C THR A 40 3.41 -10.29 0.05
N SER A 41 4.25 -9.78 -0.86
CA SER A 41 4.66 -10.37 -2.12
C SER A 41 4.91 -11.88 -2.02
N PHE A 42 5.63 -12.27 -0.97
CA PHE A 42 5.85 -13.61 -0.45
C PHE A 42 4.69 -14.56 -0.72
N ASP A 43 3.56 -14.29 -0.05
CA ASP A 43 2.59 -15.34 0.27
C ASP A 43 2.01 -15.94 -1.01
N LYS A 44 1.12 -15.18 -1.67
CA LYS A 44 0.48 -15.54 -2.93
C LYS A 44 -0.50 -14.45 -3.35
N LEU A 45 -0.07 -13.18 -3.23
CA LEU A 45 -0.90 -12.02 -3.52
C LEU A 45 -0.54 -11.26 -4.81
N PRO A 46 0.73 -11.08 -5.19
CA PRO A 46 1.09 -9.99 -6.08
C PRO A 46 0.86 -10.35 -7.55
N GLU A 47 -0.40 -10.28 -7.97
CA GLU A 47 -0.85 -10.56 -9.34
C GLU A 47 -0.04 -9.84 -10.43
N GLY A 48 0.65 -8.74 -10.13
CA GLY A 48 1.48 -8.09 -11.13
C GLY A 48 1.73 -6.62 -10.78
N GLY A 49 0.86 -5.76 -11.27
CA GLY A 49 0.96 -4.31 -11.13
C GLY A 49 -0.14 -3.79 -10.22
N ARG A 50 -1.12 -3.09 -10.79
CA ARG A 50 -2.08 -2.30 -10.01
C ARG A 50 -3.19 -3.18 -9.43
N ALA A 51 -3.29 -3.24 -8.10
CA ALA A 51 -4.24 -4.11 -7.45
C ALA A 51 -5.66 -3.55 -7.47
N THR A 52 -6.63 -4.45 -7.37
CA THR A 52 -8.05 -4.17 -7.41
C THR A 52 -8.55 -3.64 -6.04
N TYR A 53 -8.03 -2.50 -5.58
CA TYR A 53 -8.42 -1.93 -4.29
C TYR A 53 -9.77 -1.21 -4.37
N ARG A 54 -10.85 -1.98 -4.47
CA ARG A 54 -12.20 -1.46 -4.56
C ARG A 54 -12.66 -1.10 -3.15
N GLY A 55 -12.35 0.13 -2.71
CA GLY A 55 -12.69 0.55 -1.35
C GLY A 55 -12.88 2.05 -1.20
N THR A 56 -13.28 2.44 0.01
CA THR A 56 -13.70 3.78 0.36
C THR A 56 -13.07 4.18 1.68
N ALA A 57 -12.57 5.42 1.73
CA ALA A 57 -12.09 6.06 2.93
C ALA A 57 -13.22 6.97 3.41
N PHE A 58 -14.26 6.38 3.99
CA PHE A 58 -15.48 7.10 4.36
C PHE A 58 -15.27 7.81 5.69
N GLY A 59 -15.73 9.05 5.79
CA GLY A 59 -15.54 9.83 7.00
C GLY A 59 -16.55 9.37 8.04
N SER A 60 -16.31 9.67 9.32
CA SER A 60 -17.37 9.66 10.31
C SER A 60 -18.56 10.50 9.81
N ASP A 61 -18.26 11.63 9.13
CA ASP A 61 -19.24 12.49 8.49
C ASP A 61 -19.80 11.92 7.17
N ASP A 62 -19.23 10.81 6.68
CA ASP A 62 -19.26 10.37 5.30
C ASP A 62 -19.10 11.54 4.32
N ALA A 63 -18.04 12.29 4.56
CA ALA A 63 -17.43 13.18 3.59
C ALA A 63 -16.06 12.60 3.29
N GLY A 64 -16.04 11.34 2.86
CA GLY A 64 -14.83 10.59 2.63
C GLY A 64 -14.94 9.82 1.31
N GLY A 65 -14.02 10.12 0.40
CA GLY A 65 -13.96 9.62 -0.95
C GLY A 65 -13.41 8.20 -1.05
N LYS A 66 -13.33 7.76 -2.30
CA LYS A 66 -13.00 6.40 -2.69
C LYS A 66 -11.49 6.24 -2.55
N LEU A 67 -11.02 5.10 -2.05
CA LEU A 67 -9.59 4.80 -2.12
C LEU A 67 -9.33 4.33 -3.54
N THR A 68 -9.26 5.25 -4.50
CA THR A 68 -9.39 4.83 -5.89
C THR A 68 -8.10 4.17 -6.35
N TYR A 69 -8.21 2.96 -6.91
CA TYR A 69 -7.25 1.92 -6.57
C TYR A 69 -5.88 2.16 -7.19
N THR A 70 -4.86 2.11 -6.34
CA THR A 70 -3.46 2.05 -6.74
C THR A 70 -2.66 1.45 -5.61
N ILE A 71 -2.30 0.18 -5.77
CA ILE A 71 -1.03 -0.31 -5.25
C ILE A 71 -0.39 -1.06 -6.39
N ASP A 72 0.85 -0.72 -6.71
CA ASP A 72 1.64 -1.42 -7.71
C ASP A 72 2.39 -2.52 -6.98
N PHE A 73 1.96 -3.79 -7.11
CA PHE A 73 2.48 -4.94 -6.38
C PHE A 73 3.99 -5.09 -6.51
N ALA A 74 4.58 -4.48 -7.53
CA ALA A 74 6.01 -4.36 -7.68
C ALA A 74 6.70 -4.03 -6.35
N ALA A 75 6.15 -3.08 -5.57
CA ALA A 75 6.58 -2.82 -4.19
C ALA A 75 5.49 -2.31 -3.24
N LYS A 76 4.22 -2.34 -3.65
CA LYS A 76 3.09 -2.08 -2.79
C LYS A 76 3.11 -0.67 -2.19
N GLN A 77 3.03 0.32 -3.08
CA GLN A 77 2.87 1.72 -2.74
C GLN A 77 1.37 1.93 -2.64
N GLY A 78 0.83 1.54 -1.48
CA GLY A 78 -0.59 1.35 -1.31
C GLY A 78 -1.40 2.65 -1.22
N ASN A 79 -1.49 3.39 -2.32
CA ASN A 79 -1.76 4.82 -2.29
C ASN A 79 -2.75 5.18 -3.39
N GLY A 80 -4.05 5.13 -3.08
CA GLY A 80 -5.15 5.34 -4.01
C GLY A 80 -5.94 6.59 -3.64
N LYS A 81 -6.09 7.52 -4.56
CA LYS A 81 -6.46 8.89 -4.20
C LYS A 81 -7.95 9.07 -3.92
N ILE A 82 -8.25 9.98 -2.99
CA ILE A 82 -9.57 10.27 -2.44
C ILE A 82 -10.07 11.55 -3.12
N GLU A 83 -10.29 11.45 -4.44
CA GLU A 83 -10.77 12.52 -5.28
C GLU A 83 -12.22 12.21 -5.68
N HIS A 84 -13.15 12.99 -5.13
CA HIS A 84 -14.59 12.92 -5.41
C HIS A 84 -15.42 14.17 -5.04
N LEU A 85 -14.91 15.09 -4.22
CA LEU A 85 -15.73 15.64 -3.14
C LEU A 85 -16.38 16.98 -3.48
N LYS A 86 -17.44 17.28 -2.72
CA LYS A 86 -18.32 18.41 -2.87
C LYS A 86 -17.60 19.76 -2.93
N SER A 87 -16.44 19.86 -2.28
CA SER A 87 -15.66 21.09 -2.17
C SER A 87 -14.20 20.73 -2.51
N PRO A 88 -13.44 21.62 -3.17
CA PRO A 88 -12.16 21.27 -3.76
C PRO A 88 -11.16 20.77 -2.73
N GLU A 89 -10.90 21.57 -1.68
CA GLU A 89 -9.94 21.27 -0.64
C GLU A 89 -10.15 19.87 -0.02
N LEU A 90 -11.39 19.45 0.18
CA LEU A 90 -11.75 18.13 0.68
C LEU A 90 -11.14 16.99 -0.15
N ASN A 91 -10.84 17.19 -1.43
CA ASN A 91 -10.23 16.16 -2.26
C ASN A 91 -8.83 15.88 -1.78
N VAL A 92 -8.58 14.64 -1.35
CA VAL A 92 -7.33 14.22 -0.76
C VAL A 92 -6.57 13.35 -1.75
N ASP A 93 -5.28 13.60 -1.92
CA ASP A 93 -4.39 12.63 -2.56
C ASP A 93 -3.44 12.09 -1.50
N LEU A 94 -2.92 10.90 -1.74
CA LEU A 94 -2.13 10.14 -0.78
C LEU A 94 -0.68 10.13 -1.24
N ALA A 95 0.26 10.26 -0.31
CA ALA A 95 1.68 10.23 -0.67
C ALA A 95 2.09 8.79 -0.94
N ALA A 96 3.16 8.59 -1.70
CA ALA A 96 3.62 7.26 -2.02
C ALA A 96 4.33 6.67 -0.80
N ALA A 97 3.97 5.46 -0.39
CA ALA A 97 4.47 4.85 0.83
C ALA A 97 4.41 3.33 0.71
N ASP A 98 5.57 2.69 0.90
CA ASP A 98 5.79 1.26 0.85
C ASP A 98 5.32 0.63 2.17
N ILE A 99 5.39 -0.70 2.21
CA ILE A 99 5.01 -1.53 3.34
C ILE A 99 6.28 -2.22 3.87
N LYS A 100 6.99 -1.48 4.71
CA LYS A 100 8.12 -1.93 5.51
C LYS A 100 7.78 -3.19 6.31
N PRO A 101 8.74 -4.09 6.56
CA PRO A 101 8.48 -5.41 7.12
C PRO A 101 8.11 -5.36 8.60
N ASP A 102 6.82 -5.11 8.90
CA ASP A 102 6.22 -5.43 10.20
C ASP A 102 6.20 -6.95 10.46
N GLY A 103 6.51 -7.77 9.44
CA GLY A 103 6.70 -9.20 9.59
C GLY A 103 5.44 -9.87 10.14
N LYS A 104 4.33 -9.81 9.40
CA LYS A 104 3.05 -10.26 9.93
C LYS A 104 2.10 -10.74 8.83
N ARG A 105 2.51 -11.77 8.11
CA ARG A 105 1.81 -12.31 6.95
C ARG A 105 1.57 -11.27 5.84
N HIS A 106 2.30 -10.16 5.93
CA HIS A 106 2.11 -8.85 5.34
C HIS A 106 2.69 -7.90 6.39
N ALA A 107 2.21 -6.67 6.42
CA ALA A 107 2.65 -5.59 7.28
C ALA A 107 1.66 -4.43 7.04
N VAL A 108 2.01 -3.18 7.35
CA VAL A 108 1.25 -2.01 6.91
C VAL A 108 2.13 -0.99 6.21
N ILE A 109 1.51 -0.15 5.37
CA ILE A 109 2.08 1.13 5.00
C ILE A 109 1.72 2.14 6.09
N SER A 110 2.49 3.24 6.17
CA SER A 110 2.27 4.35 7.09
C SER A 110 2.44 5.65 6.32
N GLY A 111 1.51 5.96 5.40
CA GLY A 111 1.67 7.08 4.48
C GLY A 111 1.14 8.40 5.07
N SER A 112 1.43 9.51 4.40
CA SER A 112 0.82 10.82 4.64
C SER A 112 -0.23 11.08 3.55
N VAL A 113 -1.12 12.04 3.80
CA VAL A 113 -2.09 12.49 2.80
C VAL A 113 -1.98 14.01 2.65
N LEU A 114 -2.17 14.48 1.42
CA LEU A 114 -2.31 15.88 1.07
C LEU A 114 -3.79 16.16 0.84
N TYR A 115 -4.33 17.01 1.71
CA TYR A 115 -5.65 17.58 1.58
C TYR A 115 -5.55 18.72 0.58
N ASN A 116 -5.38 18.36 -0.70
CA ASN A 116 -5.30 19.24 -1.87
C ASN A 116 -4.11 20.21 -1.82
N GLN A 117 -4.09 21.11 -0.83
CA GLN A 117 -2.97 21.97 -0.50
C GLN A 117 -2.18 21.44 0.70
N ALA A 118 -2.82 20.72 1.63
CA ALA A 118 -2.40 20.71 3.03
C ALA A 118 -2.07 19.29 3.51
N GLU A 119 -0.79 19.00 3.74
CA GLU A 119 -0.37 17.68 4.22
C GLU A 119 -0.52 17.57 5.76
N LYS A 120 -1.74 17.73 6.29
CA LYS A 120 -2.03 17.44 7.68
C LYS A 120 -2.96 16.23 7.73
N GLY A 121 -2.40 15.12 7.27
CA GLY A 121 -3.01 13.83 7.45
C GLY A 121 -1.99 12.70 7.36
N SER A 122 -2.19 11.68 8.19
CA SER A 122 -1.44 10.44 8.19
C SER A 122 -2.42 9.29 8.00
N TYR A 123 -1.94 8.12 7.54
CA TYR A 123 -2.79 6.94 7.51
C TYR A 123 -1.97 5.66 7.54
N SER A 124 -2.64 4.59 7.95
CA SER A 124 -2.11 3.25 8.10
C SER A 124 -2.95 2.36 7.19
N LEU A 125 -2.33 1.47 6.41
CA LEU A 125 -3.09 0.61 5.52
C LEU A 125 -2.39 -0.74 5.26
N GLY A 126 -3.19 -1.80 5.33
CA GLY A 126 -2.88 -3.22 5.26
C GLY A 126 -2.99 -3.78 3.84
N ILE A 127 -2.80 -5.10 3.69
CA ILE A 127 -3.38 -5.84 2.58
C ILE A 127 -3.96 -7.13 3.17
N PHE A 128 -5.08 -7.63 2.64
CA PHE A 128 -5.83 -8.76 3.18
C PHE A 128 -5.00 -9.90 3.76
N GLY A 129 -3.96 -10.33 3.03
CA GLY A 129 -3.20 -11.51 3.40
C GLY A 129 -3.98 -12.79 3.10
N GLY A 130 -4.71 -12.82 1.98
CA GLY A 130 -5.25 -14.06 1.43
C GLY A 130 -5.13 -14.01 -0.09
N LYS A 131 -5.88 -13.09 -0.71
CA LYS A 131 -5.76 -12.77 -2.14
C LYS A 131 -6.38 -11.39 -2.41
N ALA A 132 -6.00 -10.40 -1.59
CA ALA A 132 -6.31 -8.99 -1.73
C ALA A 132 -7.83 -8.76 -1.74
N GLN A 133 -8.55 -9.37 -0.79
CA GLN A 133 -10.00 -9.33 -0.78
C GLN A 133 -10.49 -7.99 -0.23
N GLU A 134 -9.85 -7.54 0.84
CA GLU A 134 -10.16 -6.30 1.53
C GLU A 134 -8.84 -5.66 1.94
N VAL A 135 -8.87 -4.39 2.36
CA VAL A 135 -7.70 -3.70 2.84
C VAL A 135 -8.11 -2.94 4.11
N ALA A 136 -7.66 -3.43 5.27
CA ALA A 136 -7.92 -2.78 6.54
C ALA A 136 -6.95 -1.61 6.69
N GLY A 137 -7.44 -0.44 7.11
CA GLY A 137 -6.61 0.72 7.32
C GLY A 137 -7.27 1.67 8.30
N SER A 138 -6.58 2.75 8.64
CA SER A 138 -7.13 3.88 9.37
C SER A 138 -6.35 5.12 8.95
N ALA A 139 -7.04 6.09 8.35
CA ALA A 139 -6.52 7.42 8.08
C ALA A 139 -7.00 8.41 9.14
N GLU A 140 -6.14 9.39 9.45
CA GLU A 140 -6.40 10.53 10.30
C GLU A 140 -5.97 11.80 9.59
N VAL A 141 -6.92 12.35 8.82
CA VAL A 141 -6.75 13.57 8.04
C VAL A 141 -7.41 14.71 8.80
N LYS A 142 -6.63 15.66 9.32
CA LYS A 142 -7.14 16.72 10.18
C LYS A 142 -6.99 18.07 9.48
N THR A 143 -8.11 18.76 9.24
CA THR A 143 -8.04 20.19 8.95
C THR A 143 -9.19 20.86 9.69
N VAL A 144 -9.28 22.19 9.54
CA VAL A 144 -10.45 22.99 9.92
C VAL A 144 -11.78 22.32 9.52
N ASN A 145 -11.77 21.52 8.46
CA ASN A 145 -12.89 20.66 8.12
C ASN A 145 -12.35 19.45 7.38
N GLY A 146 -11.44 18.73 8.06
CA GLY A 146 -10.82 17.51 7.57
C GLY A 146 -11.10 16.45 8.63
N ILE A 147 -11.71 15.36 8.21
CA ILE A 147 -12.28 14.36 9.08
C ILE A 147 -11.17 13.47 9.58
N ARG A 148 -10.86 13.51 10.88
CA ARG A 148 -9.85 12.60 11.40
C ARG A 148 -10.36 11.17 11.31
N HIS A 149 -11.50 10.88 11.93
CA HIS A 149 -11.99 9.50 12.00
C HIS A 149 -12.58 9.09 10.65
N ILE A 150 -11.71 8.60 9.77
CA ILE A 150 -12.06 8.03 8.48
C ILE A 150 -11.95 6.50 8.55
N GLY A 151 -13.05 5.82 8.24
CA GLY A 151 -13.07 4.38 8.07
C GLY A 151 -12.52 4.04 6.69
N LEU A 152 -11.31 3.48 6.65
CA LEU A 152 -10.74 2.91 5.45
C LEU A 152 -11.24 1.47 5.35
N ALA A 153 -12.17 1.21 4.44
CA ALA A 153 -12.69 -0.13 4.17
C ALA A 153 -12.58 -0.42 2.68
N ALA A 154 -12.53 -1.70 2.31
CA ALA A 154 -12.57 -2.13 0.92
C ALA A 154 -13.22 -3.48 0.85
N LYS A 155 -13.75 -3.80 -0.33
CA LYS A 155 -13.98 -5.17 -0.72
C LYS A 155 -14.01 -5.27 -2.23
N GLN A 156 -13.14 -6.11 -2.79
CA GLN A 156 -13.19 -6.54 -4.17
C GLN A 156 -13.77 -7.95 -4.11
N MET A 1 26.25 31.14 3.24
CA MET A 1 26.15 30.42 4.53
C MET A 1 24.99 29.44 4.45
N GLN A 2 25.05 28.34 5.22
CA GLN A 2 24.03 27.30 5.27
C GLN A 2 24.41 26.38 6.42
N SER A 3 23.71 25.25 6.55
CA SER A 3 24.16 24.07 7.28
C SER A 3 23.56 22.87 6.56
N HIS A 4 23.73 21.69 7.12
CA HIS A 4 23.34 20.39 6.56
C HIS A 4 23.65 19.31 7.59
N SER A 5 23.09 18.12 7.42
CA SER A 5 23.47 16.93 8.16
C SER A 5 23.12 15.71 7.30
N ALA A 6 23.21 14.52 7.89
CA ALA A 6 22.95 13.24 7.24
C ALA A 6 21.71 12.60 7.84
N LEU A 7 20.94 11.89 7.03
CA LEU A 7 19.84 11.06 7.50
C LEU A 7 20.41 9.78 8.11
N THR A 8 19.67 9.18 9.06
CA THR A 8 20.05 7.90 9.62
C THR A 8 19.83 6.78 8.58
N ALA A 9 20.51 5.66 8.78
CA ALA A 9 20.12 4.40 8.15
C ALA A 9 18.86 3.89 8.85
N PHE A 10 18.20 2.91 8.24
CA PHE A 10 16.99 2.26 8.74
C PHE A 10 17.16 0.75 8.60
N GLN A 11 16.20 -0.02 9.12
CA GLN A 11 16.25 -1.48 9.13
C GLN A 11 16.55 -2.00 7.73
N THR A 12 15.63 -1.68 6.81
CA THR A 12 15.75 -1.96 5.39
C THR A 12 15.63 -3.47 5.11
N GLU A 13 15.28 -3.81 3.86
CA GLU A 13 15.01 -5.15 3.36
C GLU A 13 16.12 -6.11 3.80
N GLN A 14 17.35 -5.77 3.42
CA GLN A 14 18.57 -6.35 3.97
C GLN A 14 19.50 -5.17 4.28
N ILE A 15 20.70 -5.47 4.78
CA ILE A 15 21.75 -4.51 5.09
C ILE A 15 23.02 -5.01 4.39
N GLN A 16 23.91 -4.09 3.99
CA GLN A 16 25.23 -4.38 3.44
C GLN A 16 25.11 -5.07 2.07
N ASP A 17 25.06 -4.27 1.01
CA ASP A 17 25.05 -4.69 -0.40
C ASP A 17 23.75 -5.42 -0.77
N SER A 18 23.51 -6.57 -0.13
CA SER A 18 22.26 -7.31 -0.15
C SER A 18 21.05 -6.38 -0.07
N GLU A 19 21.15 -5.33 0.77
CA GLU A 19 20.21 -4.23 0.86
C GLU A 19 19.68 -3.84 -0.52
N HIS A 20 20.60 -3.52 -1.44
CA HIS A 20 20.27 -3.05 -2.77
C HIS A 20 19.49 -4.12 -3.52
N SER A 21 19.94 -5.38 -3.43
CA SER A 21 19.26 -6.49 -4.08
C SER A 21 17.82 -6.62 -3.56
N GLY A 22 17.64 -6.52 -2.24
CA GLY A 22 16.35 -6.66 -1.60
C GLY A 22 15.45 -5.46 -1.91
N LYS A 23 15.83 -4.28 -1.41
CA LYS A 23 15.07 -3.06 -1.44
C LYS A 23 14.96 -2.47 -2.85
N MET A 24 16.00 -2.65 -3.67
CA MET A 24 16.19 -2.01 -4.96
C MET A 24 15.64 -0.60 -5.09
N VAL A 25 14.77 -0.33 -6.08
CA VAL A 25 13.96 0.89 -6.08
C VAL A 25 14.89 2.12 -5.94
N ALA A 26 15.84 2.24 -6.87
CA ALA A 26 16.87 3.27 -6.87
C ALA A 26 17.64 3.12 -8.18
N LYS A 27 16.97 3.54 -9.24
CA LYS A 27 17.21 3.07 -10.60
C LYS A 27 16.80 1.59 -10.68
N ARG A 28 16.74 1.06 -11.91
CA ARG A 28 16.70 -0.36 -12.21
C ARG A 28 17.50 -0.48 -13.52
N GLN A 29 18.26 -1.56 -13.69
CA GLN A 29 19.19 -1.70 -14.80
C GLN A 29 19.65 -3.16 -14.88
N PHE A 30 20.34 -3.62 -13.84
CA PHE A 30 20.89 -4.96 -13.77
C PHE A 30 19.77 -5.98 -13.53
N ARG A 31 20.12 -7.27 -13.47
CA ARG A 31 19.18 -8.37 -13.31
C ARG A 31 18.68 -8.43 -11.86
N ILE A 32 17.97 -7.39 -11.44
CA ILE A 32 17.38 -7.26 -10.11
C ILE A 32 16.02 -7.98 -10.14
N GLY A 33 15.62 -8.58 -9.02
CA GLY A 33 14.37 -9.30 -8.93
C GLY A 33 13.18 -8.35 -8.82
N ASP A 34 12.11 -8.86 -8.22
CA ASP A 34 10.83 -8.22 -7.92
C ASP A 34 10.89 -7.56 -6.55
N ILE A 35 11.57 -8.23 -5.61
CA ILE A 35 11.74 -7.92 -4.20
C ILE A 35 11.68 -6.42 -3.87
N ALA A 36 10.90 -6.10 -2.83
CA ALA A 36 10.93 -4.85 -2.06
C ALA A 36 9.92 -5.02 -0.92
N GLY A 37 8.63 -5.17 -1.26
CA GLY A 37 7.58 -5.43 -0.28
C GLY A 37 7.59 -6.89 0.15
N GLU A 38 8.69 -7.34 0.76
CA GLU A 38 9.03 -8.74 0.92
C GLU A 38 7.86 -9.59 1.40
N HIS A 39 7.39 -9.38 2.64
CA HIS A 39 6.40 -10.27 3.23
C HIS A 39 5.10 -10.18 2.43
N THR A 40 4.70 -8.97 2.03
CA THR A 40 3.42 -8.79 1.36
C THR A 40 3.37 -9.47 0.00
N SER A 41 4.47 -9.50 -0.75
CA SER A 41 4.51 -10.31 -1.97
C SER A 41 4.55 -11.79 -1.57
N PHE A 42 5.63 -12.16 -0.85
CA PHE A 42 5.91 -13.48 -0.31
C PHE A 42 4.65 -14.23 0.12
N ASP A 43 3.76 -13.54 0.85
CA ASP A 43 2.53 -14.08 1.41
C ASP A 43 1.90 -15.09 0.47
N LYS A 44 1.69 -14.65 -0.78
CA LYS A 44 1.11 -15.34 -1.94
C LYS A 44 0.50 -14.30 -2.90
N LEU A 45 1.20 -13.20 -3.18
CA LEU A 45 0.73 -12.13 -4.04
C LEU A 45 1.86 -11.79 -5.04
N PRO A 46 1.52 -11.34 -6.25
CA PRO A 46 2.44 -11.26 -7.39
C PRO A 46 3.39 -10.06 -7.32
N GLU A 47 4.09 -9.80 -8.42
CA GLU A 47 4.84 -8.58 -8.69
C GLU A 47 3.93 -7.47 -9.25
N GLY A 48 2.85 -7.86 -9.92
CA GLY A 48 1.93 -7.07 -10.72
C GLY A 48 1.77 -5.59 -10.36
N GLY A 49 2.03 -4.70 -11.31
CA GLY A 49 1.97 -3.26 -11.09
C GLY A 49 0.55 -2.67 -10.99
N ARG A 50 -0.44 -3.46 -10.57
CA ARG A 50 -1.80 -3.03 -10.24
C ARG A 50 -2.41 -4.08 -9.33
N ALA A 51 -3.41 -3.71 -8.52
CA ALA A 51 -4.13 -4.64 -7.67
C ALA A 51 -5.56 -4.16 -7.49
N THR A 52 -6.46 -5.08 -7.14
CA THR A 52 -7.86 -4.79 -6.93
C THR A 52 -8.09 -4.25 -5.51
N TYR A 53 -8.19 -2.92 -5.38
CA TYR A 53 -8.33 -2.19 -4.13
C TYR A 53 -9.61 -1.34 -4.23
N ARG A 54 -10.77 -1.98 -4.31
CA ARG A 54 -12.05 -1.29 -4.50
C ARG A 54 -12.51 -0.73 -3.15
N GLY A 55 -11.78 0.26 -2.63
CA GLY A 55 -11.96 0.71 -1.25
C GLY A 55 -12.81 1.96 -1.11
N THR A 56 -13.48 2.09 0.04
CA THR A 56 -14.36 3.20 0.38
C THR A 56 -13.80 3.87 1.64
N ALA A 57 -13.18 5.05 1.51
CA ALA A 57 -12.58 5.79 2.60
C ALA A 57 -13.57 6.82 3.13
N PHE A 58 -14.37 6.43 4.12
CA PHE A 58 -15.50 7.20 4.62
C PHE A 58 -15.07 8.00 5.85
N GLY A 59 -15.27 9.32 5.78
CA GLY A 59 -14.89 10.26 6.81
C GLY A 59 -15.92 10.26 7.94
N SER A 60 -15.56 10.83 9.10
CA SER A 60 -16.51 11.03 10.18
C SER A 60 -17.74 11.87 9.78
N ASP A 61 -17.62 12.69 8.72
CA ASP A 61 -18.71 13.50 8.17
C ASP A 61 -19.40 12.78 7.00
N ASP A 62 -18.92 11.58 6.63
CA ASP A 62 -19.13 10.95 5.33
C ASP A 62 -18.79 11.88 4.18
N ALA A 63 -17.95 12.88 4.45
CA ALA A 63 -17.20 13.61 3.47
C ALA A 63 -15.99 12.76 3.13
N GLY A 64 -16.26 11.55 2.65
CA GLY A 64 -15.26 10.56 2.37
C GLY A 64 -15.06 10.46 0.86
N GLY A 65 -14.12 9.63 0.44
CA GLY A 65 -13.83 9.39 -0.97
C GLY A 65 -13.55 7.91 -1.20
N LYS A 66 -13.36 7.56 -2.47
CA LYS A 66 -13.13 6.18 -2.85
C LYS A 66 -11.63 5.98 -2.91
N LEU A 67 -11.11 4.94 -2.26
CA LEU A 67 -9.71 4.60 -2.35
C LEU A 67 -9.57 3.95 -3.72
N THR A 68 -9.35 4.78 -4.72
CA THR A 68 -9.49 4.36 -6.10
C THR A 68 -8.23 3.57 -6.46
N TYR A 69 -8.39 2.40 -7.07
CA TYR A 69 -7.43 1.33 -6.84
C TYR A 69 -6.13 1.58 -7.59
N THR A 70 -5.03 1.69 -6.84
CA THR A 70 -3.68 1.77 -7.38
C THR A 70 -2.70 1.30 -6.31
N ILE A 71 -1.99 0.21 -6.60
CA ILE A 71 -0.74 -0.16 -5.94
C ILE A 71 0.15 -0.63 -7.09
N ASP A 72 1.46 -0.77 -6.85
CA ASP A 72 2.30 -1.67 -7.63
C ASP A 72 2.74 -2.76 -6.67
N PHE A 73 2.50 -4.03 -6.95
CA PHE A 73 2.73 -5.07 -5.95
C PHE A 73 4.20 -5.18 -5.53
N ALA A 74 5.16 -4.74 -6.34
CA ALA A 74 6.57 -5.01 -6.05
C ALA A 74 6.97 -4.44 -4.69
N ALA A 75 6.55 -3.20 -4.41
CA ALA A 75 6.72 -2.55 -3.11
C ALA A 75 5.37 -2.22 -2.43
N LYS A 76 4.27 -2.36 -3.16
CA LYS A 76 2.92 -2.41 -2.61
C LYS A 76 2.55 -1.09 -1.96
N GLN A 77 2.77 -0.03 -2.72
CA GLN A 77 2.63 1.36 -2.29
C GLN A 77 1.17 1.79 -2.36
N GLY A 78 0.29 1.00 -1.75
CA GLY A 78 -1.12 0.99 -2.08
C GLY A 78 -1.83 2.25 -1.61
N ASN A 79 -2.27 3.09 -2.55
CA ASN A 79 -2.79 4.41 -2.25
C ASN A 79 -3.79 4.80 -3.33
N GLY A 80 -4.87 5.48 -2.93
CA GLY A 80 -6.00 5.76 -3.80
C GLY A 80 -6.71 7.02 -3.34
N LYS A 81 -6.77 8.03 -4.20
CA LYS A 81 -7.02 9.39 -3.76
C LYS A 81 -8.49 9.62 -3.42
N ILE A 82 -8.73 10.36 -2.34
CA ILE A 82 -10.05 10.56 -1.76
C ILE A 82 -10.69 11.75 -2.49
N GLU A 83 -10.83 11.61 -3.82
CA GLU A 83 -11.36 12.63 -4.69
C GLU A 83 -12.82 12.32 -4.95
N HIS A 84 -13.72 13.10 -4.33
CA HIS A 84 -15.17 12.94 -4.43
C HIS A 84 -15.99 14.20 -4.10
N LEU A 85 -15.37 15.27 -3.55
CA LEU A 85 -15.95 15.97 -2.41
C LEU A 85 -16.41 17.38 -2.66
N LYS A 86 -17.34 17.79 -1.79
CA LYS A 86 -18.05 19.05 -1.69
C LYS A 86 -17.16 20.27 -1.86
N SER A 87 -15.86 20.15 -1.59
CA SER A 87 -14.96 21.30 -1.75
C SER A 87 -13.56 20.83 -2.14
N PRO A 88 -12.81 21.58 -2.97
CA PRO A 88 -11.51 21.17 -3.46
C PRO A 88 -10.60 20.75 -2.31
N GLU A 89 -10.48 21.60 -1.29
CA GLU A 89 -9.83 21.32 -0.01
C GLU A 89 -10.05 19.88 0.48
N LEU A 90 -11.30 19.41 0.44
CA LEU A 90 -11.69 18.12 0.99
C LEU A 90 -11.23 16.98 0.09
N ASN A 91 -10.99 17.21 -1.20
CA ASN A 91 -10.54 16.19 -2.14
C ASN A 91 -9.09 15.82 -1.83
N VAL A 92 -8.92 15.04 -0.76
CA VAL A 92 -7.65 14.57 -0.25
C VAL A 92 -6.97 13.67 -1.27
N ASP A 93 -5.64 13.80 -1.35
CA ASP A 93 -4.81 12.86 -2.09
C ASP A 93 -3.81 12.20 -1.13
N LEU A 94 -3.30 11.05 -1.55
CA LEU A 94 -2.48 10.10 -0.80
C LEU A 94 -1.14 9.90 -1.50
N ALA A 95 -0.04 9.85 -0.73
CA ALA A 95 1.29 9.70 -1.29
C ALA A 95 1.52 8.23 -1.65
N ALA A 96 2.26 7.95 -2.73
CA ALA A 96 2.52 6.58 -3.16
C ALA A 96 3.59 5.97 -2.26
N ALA A 97 3.14 5.49 -1.11
CA ALA A 97 3.95 5.13 0.05
C ALA A 97 3.85 3.63 0.37
N ASP A 98 4.99 3.03 0.71
CA ASP A 98 5.23 1.60 0.79
C ASP A 98 4.69 0.96 2.07
N ILE A 99 4.82 -0.36 2.10
CA ILE A 99 4.82 -1.22 3.27
C ILE A 99 6.25 -1.75 3.37
N LYS A 100 6.86 -1.62 4.55
CA LYS A 100 8.20 -2.10 4.80
C LYS A 100 8.20 -3.64 4.85
N PRO A 101 9.36 -4.28 5.05
CA PRO A 101 9.42 -5.58 5.68
C PRO A 101 8.86 -5.49 7.11
N ASP A 102 7.53 -5.35 7.24
CA ASP A 102 6.82 -5.26 8.52
C ASP A 102 7.17 -6.48 9.37
N GLY A 103 6.92 -7.65 8.77
CA GLY A 103 7.06 -8.97 9.35
C GLY A 103 5.71 -9.68 9.28
N LYS A 104 5.73 -11.00 9.46
CA LYS A 104 4.55 -11.79 9.81
C LYS A 104 3.52 -11.74 8.66
N ARG A 105 3.96 -12.14 7.47
CA ARG A 105 3.20 -12.05 6.23
C ARG A 105 3.00 -10.61 5.77
N HIS A 106 2.61 -9.66 6.63
CA HIS A 106 2.53 -8.22 6.37
C HIS A 106 1.72 -7.56 7.50
N ALA A 107 1.83 -6.24 7.67
CA ALA A 107 0.89 -5.46 8.47
C ALA A 107 0.24 -4.37 7.62
N VAL A 108 0.97 -3.31 7.26
CA VAL A 108 0.38 -2.10 6.68
C VAL A 108 1.34 -1.36 5.76
N ILE A 109 0.77 -0.73 4.73
CA ILE A 109 1.37 0.37 4.02
C ILE A 109 1.10 1.61 4.86
N SER A 110 2.03 2.56 4.88
CA SER A 110 1.92 3.77 5.71
C SER A 110 2.08 5.00 4.82
N GLY A 111 0.96 5.64 4.42
CA GLY A 111 0.95 6.79 3.54
C GLY A 111 0.66 8.10 4.26
N SER A 112 1.39 9.15 3.88
CA SER A 112 1.04 10.53 4.19
C SER A 112 -0.07 10.95 3.21
N VAL A 113 -0.98 11.81 3.65
CA VAL A 113 -2.07 12.32 2.84
C VAL A 113 -2.05 13.83 2.95
N LEU A 114 -2.59 14.54 1.96
CA LEU A 114 -2.76 15.99 2.05
C LEU A 114 -4.21 16.39 1.81
N TYR A 115 -4.64 17.43 2.52
CA TYR A 115 -5.93 18.09 2.41
C TYR A 115 -5.87 18.96 1.16
N ASN A 116 -5.79 18.26 0.02
CA ASN A 116 -5.72 18.76 -1.34
C ASN A 116 -4.49 19.63 -1.61
N GLN A 117 -4.34 20.75 -0.88
CA GLN A 117 -3.15 21.57 -0.88
C GLN A 117 -2.27 21.28 0.35
N ALA A 118 -2.87 21.11 1.54
CA ALA A 118 -2.14 21.21 2.81
C ALA A 118 -1.90 19.84 3.45
N GLU A 119 -0.65 19.49 3.77
CA GLU A 119 -0.41 18.27 4.53
C GLU A 119 -0.68 18.53 6.01
N LYS A 120 -1.72 17.90 6.57
CA LYS A 120 -1.69 17.19 7.84
C LYS A 120 -2.69 16.04 7.83
N GLY A 121 -2.27 14.92 7.24
CA GLY A 121 -2.91 13.65 7.47
C GLY A 121 -1.96 12.50 7.20
N SER A 122 -2.23 11.38 7.84
CA SER A 122 -1.50 10.12 7.72
C SER A 122 -2.50 8.99 7.77
N TYR A 123 -2.27 7.91 7.00
CA TYR A 123 -3.11 6.72 7.06
C TYR A 123 -2.30 5.44 7.07
N SER A 124 -2.96 4.36 7.46
CA SER A 124 -2.39 3.05 7.60
C SER A 124 -3.41 2.11 6.94
N LEU A 125 -2.97 1.36 5.94
CA LEU A 125 -3.85 0.51 5.15
C LEU A 125 -3.15 -0.83 4.96
N GLY A 126 -3.88 -1.93 5.15
CA GLY A 126 -3.36 -3.28 5.12
C GLY A 126 -4.15 -4.10 4.11
N ILE A 127 -3.76 -5.36 3.90
CA ILE A 127 -4.36 -6.25 2.92
C ILE A 127 -4.94 -7.45 3.66
N PHE A 128 -6.21 -7.81 3.38
CA PHE A 128 -6.77 -9.02 3.98
C PHE A 128 -6.11 -10.22 3.32
N GLY A 129 -5.08 -10.76 3.97
CA GLY A 129 -4.20 -11.80 3.45
C GLY A 129 -4.84 -13.18 3.30
N GLY A 130 -6.07 -13.25 2.78
CA GLY A 130 -6.58 -14.42 2.09
C GLY A 130 -6.23 -14.24 0.62
N LYS A 131 -7.10 -13.58 -0.14
CA LYS A 131 -6.91 -13.29 -1.57
C LYS A 131 -6.77 -11.78 -1.85
N ALA A 132 -6.74 -10.94 -0.80
CA ALA A 132 -6.83 -9.48 -0.86
C ALA A 132 -8.31 -9.08 -0.88
N GLN A 133 -9.09 -9.72 -0.01
CA GLN A 133 -10.55 -9.69 -0.02
C GLN A 133 -11.01 -8.26 0.23
N GLU A 134 -10.40 -7.66 1.25
CA GLU A 134 -10.59 -6.28 1.64
C GLU A 134 -9.19 -5.71 1.81
N VAL A 135 -9.10 -4.38 1.81
CA VAL A 135 -7.92 -3.67 2.24
C VAL A 135 -8.38 -2.79 3.39
N ALA A 136 -8.22 -3.26 4.63
CA ALA A 136 -8.72 -2.56 5.80
C ALA A 136 -7.76 -1.43 6.14
N GLY A 137 -8.29 -0.23 6.44
CA GLY A 137 -7.45 0.90 6.72
C GLY A 137 -8.14 1.95 7.59
N SER A 138 -7.29 2.81 8.15
CA SER A 138 -7.71 3.96 8.95
C SER A 138 -6.81 5.12 8.58
N ALA A 139 -7.40 6.30 8.39
CA ALA A 139 -6.66 7.55 8.29
C ALA A 139 -7.02 8.51 9.43
N GLU A 140 -6.01 9.25 9.87
CA GLU A 140 -6.16 10.49 10.63
C GLU A 140 -5.80 11.61 9.67
N VAL A 141 -6.80 12.39 9.24
CA VAL A 141 -6.61 13.52 8.33
C VAL A 141 -7.26 14.74 8.95
N LYS A 142 -6.46 15.73 9.38
CA LYS A 142 -6.94 16.78 10.28
C LYS A 142 -6.55 18.16 9.77
N THR A 143 -7.54 19.02 9.53
CA THR A 143 -7.31 20.43 9.27
C THR A 143 -8.54 21.17 9.77
N VAL A 144 -8.64 22.47 9.46
CA VAL A 144 -9.86 23.25 9.57
C VAL A 144 -11.08 22.44 9.11
N ASN A 145 -10.94 21.60 8.07
CA ASN A 145 -11.98 20.62 7.77
C ASN A 145 -11.32 19.33 7.31
N GLY A 146 -10.38 18.82 8.10
CA GLY A 146 -9.81 17.51 7.85
C GLY A 146 -10.59 16.56 8.73
N ILE A 147 -11.23 15.58 8.09
CA ILE A 147 -12.31 14.83 8.69
C ILE A 147 -11.79 13.71 9.59
N ARG A 148 -11.00 14.09 10.61
CA ARG A 148 -10.08 13.27 11.38
C ARG A 148 -10.14 11.79 11.01
N HIS A 149 -11.06 11.07 11.64
CA HIS A 149 -11.27 9.65 11.45
C HIS A 149 -11.84 9.40 10.06
N ILE A 150 -11.01 8.88 9.16
CA ILE A 150 -11.49 8.26 7.93
C ILE A 150 -11.33 6.76 8.13
N GLY A 151 -12.45 6.03 8.18
CA GLY A 151 -12.42 4.58 8.21
C GLY A 151 -12.43 4.07 6.78
N LEU A 152 -11.75 2.96 6.49
CA LEU A 152 -11.83 2.40 5.15
C LEU A 152 -11.73 0.87 5.14
N ALA A 153 -12.45 0.28 4.18
CA ALA A 153 -12.38 -1.13 3.83
C ALA A 153 -12.51 -1.17 2.31
N ALA A 154 -12.38 -2.37 1.73
CA ALA A 154 -12.61 -2.62 0.31
C ALA A 154 -13.25 -3.97 0.19
N LYS A 155 -13.71 -4.32 -1.01
CA LYS A 155 -14.32 -5.62 -1.29
C LYS A 155 -14.04 -6.05 -2.72
N GLN A 156 -13.23 -7.11 -2.91
CA GLN A 156 -13.02 -7.73 -4.19
C GLN A 156 -12.84 -9.24 -4.03
N MET A 1 44.78 -14.02 -23.29
CA MET A 1 45.73 -15.05 -23.75
C MET A 1 45.43 -16.41 -23.09
N GLN A 2 45.57 -16.50 -21.78
CA GLN A 2 45.27 -17.70 -21.01
C GLN A 2 44.77 -17.25 -19.64
N SER A 3 43.72 -16.41 -19.65
CA SER A 3 43.18 -15.75 -18.48
C SER A 3 41.79 -15.25 -18.85
N HIS A 4 40.84 -15.29 -17.91
CA HIS A 4 39.48 -14.81 -18.09
C HIS A 4 38.84 -14.71 -16.70
N SER A 5 37.81 -13.87 -16.56
CA SER A 5 36.90 -13.84 -15.43
C SER A 5 35.67 -13.04 -15.88
N ALA A 6 34.56 -13.17 -15.16
CA ALA A 6 33.31 -12.48 -15.47
C ALA A 6 32.41 -12.50 -14.22
N LEU A 7 32.93 -12.02 -13.09
CA LEU A 7 32.23 -11.99 -11.83
C LEU A 7 31.28 -10.80 -11.82
N THR A 8 30.01 -11.03 -11.46
CA THR A 8 29.03 -9.99 -11.21
C THR A 8 27.93 -10.61 -10.34
N ALA A 9 26.92 -9.84 -9.96
CA ALA A 9 25.84 -10.25 -9.05
C ALA A 9 24.78 -9.13 -9.01
N PHE A 10 23.71 -9.36 -8.24
CA PHE A 10 22.66 -8.40 -7.92
C PHE A 10 21.99 -8.90 -6.64
N GLN A 11 20.99 -8.19 -6.12
CA GLN A 11 20.26 -8.60 -4.93
C GLN A 11 18.86 -8.02 -4.93
N THR A 12 17.94 -8.69 -4.22
CA THR A 12 16.53 -8.44 -3.99
C THR A 12 15.97 -9.81 -3.59
N GLU A 13 14.69 -10.05 -3.86
CA GLU A 13 13.92 -11.18 -3.42
C GLU A 13 12.62 -11.32 -4.24
N GLN A 14 12.63 -10.77 -5.46
CA GLN A 14 11.56 -10.86 -6.43
C GLN A 14 12.09 -11.64 -7.63
N ILE A 15 11.67 -12.90 -7.73
CA ILE A 15 12.12 -13.89 -8.69
C ILE A 15 13.65 -13.90 -8.89
N GLN A 16 14.11 -13.99 -10.14
CA GLN A 16 15.49 -14.15 -10.59
C GLN A 16 16.50 -14.58 -9.53
N ASP A 17 16.62 -15.90 -9.28
CA ASP A 17 17.49 -16.56 -8.30
C ASP A 17 17.07 -16.25 -6.87
N SER A 18 17.09 -14.97 -6.52
CA SER A 18 16.73 -14.43 -5.23
C SER A 18 15.42 -14.99 -4.68
N GLU A 19 14.52 -15.38 -5.59
CA GLU A 19 13.39 -16.28 -5.37
C GLU A 19 13.69 -17.31 -4.28
N HIS A 20 14.76 -18.08 -4.45
CA HIS A 20 15.29 -18.99 -3.46
C HIS A 20 15.90 -18.19 -2.33
N SER A 21 17.01 -17.52 -2.65
CA SER A 21 18.01 -17.05 -1.71
C SER A 21 17.51 -15.89 -0.84
N GLY A 22 17.09 -14.80 -1.49
CA GLY A 22 16.67 -13.56 -0.83
C GLY A 22 15.32 -13.73 -0.15
N LYS A 23 14.33 -14.21 -0.90
CA LYS A 23 12.96 -14.43 -0.46
C LYS A 23 12.86 -15.63 0.50
N MET A 24 13.97 -16.36 0.64
CA MET A 24 14.15 -17.46 1.58
C MET A 24 13.07 -18.53 1.41
N VAL A 25 13.23 -19.35 0.37
CA VAL A 25 12.53 -20.60 0.26
C VAL A 25 12.89 -21.47 1.48
N ALA A 26 12.07 -21.39 2.51
CA ALA A 26 12.19 -22.14 3.75
C ALA A 26 13.39 -21.66 4.57
N LYS A 27 13.53 -22.22 5.77
CA LYS A 27 14.59 -21.88 6.72
C LYS A 27 14.70 -20.37 6.93
N ARG A 28 13.56 -19.68 7.11
CA ARG A 28 13.56 -18.27 7.47
C ARG A 28 13.97 -18.12 8.95
N GLN A 29 15.24 -18.37 9.23
CA GLN A 29 15.85 -18.34 10.55
C GLN A 29 17.27 -17.76 10.41
N PHE A 30 17.35 -16.56 9.83
CA PHE A 30 18.59 -15.84 9.57
C PHE A 30 18.34 -14.35 9.83
N ARG A 31 19.27 -13.48 9.42
CA ARG A 31 19.16 -12.03 9.59
C ARG A 31 18.09 -11.46 8.64
N ILE A 32 16.83 -11.78 8.88
CA ILE A 32 15.71 -11.21 8.14
C ILE A 32 15.47 -9.80 8.70
N GLY A 33 16.40 -8.91 8.38
CA GLY A 33 16.40 -7.51 8.80
C GLY A 33 17.37 -6.77 7.89
N ASP A 34 17.10 -6.86 6.59
CA ASP A 34 17.92 -6.37 5.49
C ASP A 34 17.08 -6.47 4.21
N ILE A 35 16.74 -7.70 3.84
CA ILE A 35 15.81 -8.01 2.76
C ILE A 35 14.48 -7.28 3.03
N ALA A 36 13.88 -6.73 1.97
CA ALA A 36 12.62 -6.00 2.02
C ALA A 36 11.47 -6.88 1.54
N GLY A 37 10.24 -6.40 1.71
CA GLY A 37 9.05 -7.02 1.12
C GLY A 37 8.62 -8.26 1.92
N GLU A 38 9.43 -9.32 1.89
CA GLU A 38 9.21 -10.61 2.51
C GLU A 38 7.74 -10.98 2.69
N HIS A 39 7.15 -10.64 3.84
CA HIS A 39 5.85 -11.09 4.26
C HIS A 39 4.77 -10.60 3.29
N THR A 40 4.93 -9.39 2.74
CA THR A 40 4.03 -8.90 1.72
C THR A 40 4.04 -9.87 0.54
N SER A 41 5.16 -9.88 -0.18
CA SER A 41 5.33 -10.72 -1.36
C SER A 41 4.82 -12.14 -1.10
N PHE A 42 5.30 -12.75 -0.01
CA PHE A 42 4.92 -14.05 0.52
C PHE A 42 3.40 -14.23 0.67
N ASP A 43 2.68 -13.22 1.18
CA ASP A 43 1.22 -13.28 1.28
C ASP A 43 0.54 -13.44 -0.09
N LYS A 44 1.27 -13.15 -1.17
CA LYS A 44 1.00 -13.40 -2.59
C LYS A 44 0.81 -12.07 -3.32
N LEU A 45 1.86 -11.27 -3.28
CA LEU A 45 1.98 -10.01 -4.01
C LEU A 45 3.16 -10.12 -4.97
N PRO A 46 2.92 -10.36 -6.28
CA PRO A 46 3.98 -10.56 -7.27
C PRO A 46 4.57 -9.22 -7.74
N GLU A 47 5.39 -9.24 -8.79
CA GLU A 47 5.91 -8.05 -9.46
C GLU A 47 4.84 -7.38 -10.36
N GLY A 48 3.60 -7.31 -9.89
CA GLY A 48 2.46 -6.79 -10.63
C GLY A 48 2.28 -5.28 -10.40
N GLY A 49 1.80 -4.58 -11.43
CA GLY A 49 1.73 -3.12 -11.47
C GLY A 49 0.53 -2.51 -10.75
N ARG A 50 -0.65 -3.13 -10.81
CA ARG A 50 -1.88 -2.62 -10.21
C ARG A 50 -2.71 -3.81 -9.73
N ALA A 51 -2.93 -3.93 -8.42
CA ALA A 51 -3.90 -4.87 -7.88
C ALA A 51 -5.32 -4.31 -7.99
N THR A 52 -6.29 -5.14 -7.61
CA THR A 52 -7.71 -4.88 -7.71
C THR A 52 -8.29 -4.68 -6.30
N TYR A 53 -9.04 -3.60 -6.08
CA TYR A 53 -9.86 -3.38 -4.88
C TYR A 53 -11.11 -2.58 -5.26
N ARG A 54 -12.07 -2.49 -4.34
CA ARG A 54 -13.08 -1.44 -4.31
C ARG A 54 -13.22 -1.04 -2.84
N GLY A 55 -13.25 0.25 -2.52
CA GLY A 55 -13.33 0.64 -1.12
C GLY A 55 -13.62 2.11 -0.92
N THR A 56 -13.75 2.46 0.37
CA THR A 56 -14.26 3.71 0.86
C THR A 56 -13.36 4.18 2.02
N ALA A 57 -13.15 5.49 2.06
CA ALA A 57 -12.55 6.22 3.17
C ALA A 57 -13.62 7.19 3.67
N PHE A 58 -14.66 6.64 4.29
CA PHE A 58 -15.82 7.40 4.77
C PHE A 58 -15.48 8.08 6.08
N GLY A 59 -15.99 9.30 6.27
CA GLY A 59 -15.75 10.04 7.49
C GLY A 59 -16.63 9.47 8.59
N SER A 60 -16.26 9.62 9.87
CA SER A 60 -17.23 9.43 10.94
C SER A 60 -18.45 10.36 10.76
N ASP A 61 -18.27 11.48 10.05
CA ASP A 61 -19.31 12.42 9.69
C ASP A 61 -19.84 12.16 8.26
N ASP A 62 -19.43 11.05 7.64
CA ASP A 62 -19.18 10.94 6.21
C ASP A 62 -19.17 12.22 5.39
N ALA A 63 -18.10 12.99 5.60
CA ALA A 63 -17.56 13.86 4.57
C ALA A 63 -16.25 13.23 4.12
N GLY A 64 -16.30 11.96 3.73
CA GLY A 64 -15.17 11.14 3.33
C GLY A 64 -15.23 10.88 1.83
N GLY A 65 -14.26 10.12 1.32
CA GLY A 65 -14.04 9.91 -0.10
C GLY A 65 -13.87 8.42 -0.40
N LYS A 66 -13.66 8.09 -1.67
CA LYS A 66 -13.47 6.71 -2.13
C LYS A 66 -12.06 6.24 -1.82
N LEU A 67 -11.81 4.94 -1.98
CA LEU A 67 -10.48 4.42 -2.21
C LEU A 67 -10.48 3.69 -3.55
N THR A 68 -9.89 4.31 -4.57
CA THR A 68 -9.70 3.70 -5.88
C THR A 68 -8.52 2.73 -5.82
N TYR A 69 -8.57 1.66 -6.61
CA TYR A 69 -7.57 0.60 -6.54
C TYR A 69 -6.30 1.05 -7.27
N THR A 70 -5.20 1.23 -6.51
CA THR A 70 -3.94 1.65 -7.07
C THR A 70 -2.82 1.16 -6.14
N ILE A 71 -2.37 -0.08 -6.31
CA ILE A 71 -1.26 -0.66 -5.56
C ILE A 71 -0.40 -1.47 -6.51
N ASP A 72 0.90 -1.16 -6.60
CA ASP A 72 1.88 -1.95 -7.31
C ASP A 72 2.37 -3.04 -6.36
N PHE A 73 2.09 -4.29 -6.69
CA PHE A 73 2.32 -5.45 -5.82
C PHE A 73 3.78 -5.58 -5.41
N ALA A 74 4.71 -5.16 -6.28
CA ALA A 74 6.15 -5.21 -6.05
C ALA A 74 6.56 -4.69 -4.66
N ALA A 75 5.81 -3.72 -4.13
CA ALA A 75 6.01 -3.25 -2.74
C ALA A 75 4.77 -2.63 -2.07
N LYS A 76 3.60 -2.75 -2.70
CA LYS A 76 2.31 -2.28 -2.24
C LYS A 76 2.32 -0.82 -1.79
N GLN A 77 2.40 0.06 -2.78
CA GLN A 77 2.21 1.49 -2.62
C GLN A 77 0.72 1.74 -2.81
N GLY A 78 -0.05 1.18 -1.88
CA GLY A 78 -1.49 1.11 -1.98
C GLY A 78 -2.12 2.44 -1.62
N ASN A 79 -2.21 3.32 -2.61
CA ASN A 79 -2.47 4.74 -2.39
C ASN A 79 -3.52 5.20 -3.40
N GLY A 80 -4.79 5.22 -2.97
CA GLY A 80 -5.96 5.49 -3.78
C GLY A 80 -6.59 6.81 -3.35
N LYS A 81 -6.95 7.65 -4.32
CA LYS A 81 -7.24 9.05 -4.07
C LYS A 81 -8.65 9.30 -3.51
N ILE A 82 -8.72 10.07 -2.42
CA ILE A 82 -9.94 10.35 -1.66
C ILE A 82 -10.65 11.50 -2.37
N GLU A 83 -11.17 11.21 -3.56
CA GLU A 83 -11.40 12.20 -4.61
C GLU A 83 -12.81 12.07 -5.20
N HIS A 84 -13.80 12.74 -4.60
CA HIS A 84 -15.01 13.21 -5.27
C HIS A 84 -15.71 14.35 -4.49
N LEU A 85 -14.97 15.14 -3.71
CA LEU A 85 -15.59 16.03 -2.74
C LEU A 85 -15.84 17.41 -3.33
N LYS A 86 -16.99 17.99 -2.98
CA LYS A 86 -17.48 19.26 -3.44
C LYS A 86 -16.49 20.40 -3.17
N SER A 87 -15.78 20.29 -2.05
CA SER A 87 -14.80 21.29 -1.64
C SER A 87 -13.47 20.87 -2.25
N PRO A 88 -12.86 21.67 -3.15
CA PRO A 88 -11.74 21.22 -3.96
C PRO A 88 -10.63 20.63 -3.09
N GLU A 89 -10.19 21.39 -2.09
CA GLU A 89 -9.15 21.01 -1.16
C GLU A 89 -9.37 19.63 -0.53
N LEU A 90 -10.64 19.27 -0.26
CA LEU A 90 -10.97 18.02 0.41
C LEU A 90 -10.65 16.81 -0.48
N ASN A 91 -10.40 17.00 -1.77
CA ASN A 91 -10.05 15.90 -2.66
C ASN A 91 -8.62 15.45 -2.34
N VAL A 92 -8.48 14.75 -1.21
CA VAL A 92 -7.21 14.35 -0.66
C VAL A 92 -6.58 13.30 -1.56
N ASP A 93 -5.37 13.60 -2.07
CA ASP A 93 -4.58 12.62 -2.80
C ASP A 93 -3.60 12.01 -1.81
N LEU A 94 -3.29 10.74 -1.97
CA LEU A 94 -2.42 10.01 -1.06
C LEU A 94 -1.01 9.98 -1.63
N ALA A 95 0.02 10.13 -0.79
CA ALA A 95 1.39 10.01 -1.27
C ALA A 95 1.72 8.53 -1.46
N ALA A 96 2.63 8.20 -2.38
CA ALA A 96 2.98 6.81 -2.64
C ALA A 96 3.91 6.36 -1.52
N ALA A 97 3.54 5.30 -0.80
CA ALA A 97 4.24 4.89 0.41
C ALA A 97 4.22 3.39 0.59
N ASP A 98 5.39 2.81 0.87
CA ASP A 98 5.65 1.38 0.84
C ASP A 98 5.12 0.70 2.10
N ILE A 99 5.23 -0.63 2.09
CA ILE A 99 5.23 -1.49 3.25
C ILE A 99 6.46 -2.39 3.10
N LYS A 100 7.42 -2.26 4.03
CA LYS A 100 8.63 -3.08 4.09
C LYS A 100 8.83 -3.83 5.41
N PRO A 101 8.60 -3.24 6.61
CA PRO A 101 9.04 -3.84 7.86
C PRO A 101 7.96 -4.71 8.52
N ASP A 102 6.97 -5.22 7.78
CA ASP A 102 5.92 -6.05 8.34
C ASP A 102 6.47 -7.44 8.63
N GLY A 103 6.96 -7.66 9.85
CA GLY A 103 7.40 -8.96 10.32
C GLY A 103 6.21 -9.90 10.60
N LYS A 104 5.30 -10.05 9.64
CA LYS A 104 4.01 -10.71 9.70
C LYS A 104 3.31 -10.39 8.38
N ARG A 105 2.47 -11.28 7.84
CA ARG A 105 1.79 -11.07 6.56
C ARG A 105 1.13 -9.69 6.44
N HIS A 106 1.85 -8.71 5.89
CA HIS A 106 1.25 -7.54 5.28
C HIS A 106 0.41 -6.76 6.27
N ALA A 107 1.10 -6.19 7.27
CA ALA A 107 0.49 -5.37 8.29
C ALA A 107 -0.20 -4.16 7.66
N VAL A 108 0.58 -3.17 7.22
CA VAL A 108 0.06 -1.91 6.69
C VAL A 108 1.15 -1.11 5.99
N ILE A 109 0.72 -0.15 5.19
CA ILE A 109 1.52 0.96 4.71
C ILE A 109 1.69 1.98 5.84
N SER A 110 2.65 2.90 5.70
CA SER A 110 2.74 4.12 6.49
C SER A 110 2.84 5.32 5.54
N GLY A 111 1.70 5.84 5.09
CA GLY A 111 1.59 6.94 4.14
C GLY A 111 1.15 8.25 4.79
N SER A 112 1.10 9.32 4.01
CA SER A 112 0.58 10.63 4.41
C SER A 112 -0.07 11.28 3.20
N VAL A 113 -0.99 12.24 3.45
CA VAL A 113 -2.08 12.52 2.53
C VAL A 113 -2.36 14.02 2.42
N LEU A 114 -2.69 14.46 1.20
CA LEU A 114 -2.48 15.82 0.72
C LEU A 114 -3.77 16.41 0.18
N TYR A 115 -4.19 17.51 0.81
CA TYR A 115 -5.43 18.23 0.53
C TYR A 115 -5.25 19.13 -0.69
N ASN A 116 -4.85 18.55 -1.82
CA ASN A 116 -4.42 19.28 -3.02
C ASN A 116 -3.13 20.10 -2.81
N GLN A 117 -2.97 20.77 -1.65
CA GLN A 117 -1.93 21.76 -1.38
C GLN A 117 -1.21 21.53 -0.04
N ALA A 118 -1.86 20.90 0.95
CA ALA A 118 -1.37 20.84 2.33
C ALA A 118 -1.51 19.41 2.86
N GLU A 119 -0.45 18.88 3.48
CA GLU A 119 -0.39 17.49 3.91
C GLU A 119 -0.64 17.39 5.43
N LYS A 120 -1.88 17.63 5.89
CA LYS A 120 -2.26 17.47 7.28
C LYS A 120 -3.14 16.25 7.36
N GLY A 121 -2.55 15.15 6.94
CA GLY A 121 -3.10 13.84 7.21
C GLY A 121 -2.05 12.74 7.11
N SER A 122 -2.22 11.68 7.89
CA SER A 122 -1.39 10.49 7.91
C SER A 122 -2.28 9.28 7.60
N TYR A 123 -1.73 8.17 7.11
CA TYR A 123 -2.55 7.03 6.69
C TYR A 123 -1.77 5.72 6.77
N SER A 124 -2.47 4.62 7.01
CA SER A 124 -1.88 3.30 7.07
C SER A 124 -2.91 2.28 6.59
N LEU A 125 -2.54 1.45 5.61
CA LEU A 125 -3.46 0.57 4.90
C LEU A 125 -2.84 -0.79 4.56
N GLY A 126 -3.57 -1.86 4.88
CA GLY A 126 -3.14 -3.26 4.85
C GLY A 126 -4.10 -4.08 3.99
N ILE A 127 -3.58 -5.11 3.30
CA ILE A 127 -4.38 -6.04 2.49
C ILE A 127 -4.54 -7.32 3.26
N PHE A 128 -5.72 -7.96 3.14
CA PHE A 128 -5.98 -9.22 3.81
C PHE A 128 -6.81 -10.15 2.94
N GLY A 129 -6.90 -11.41 3.40
CA GLY A 129 -7.65 -12.47 2.75
C GLY A 129 -6.73 -13.39 1.94
N GLY A 130 -5.52 -12.92 1.61
CA GLY A 130 -4.45 -13.80 1.13
C GLY A 130 -4.59 -14.12 -0.35
N LYS A 131 -5.33 -13.29 -1.08
CA LYS A 131 -5.27 -13.13 -2.51
C LYS A 131 -5.95 -11.82 -2.87
N ALA A 132 -5.62 -10.75 -2.13
CA ALA A 132 -6.15 -9.39 -2.27
C ALA A 132 -7.65 -9.38 -2.47
N GLN A 133 -8.40 -9.34 -1.36
CA GLN A 133 -9.85 -9.35 -1.40
C GLN A 133 -10.34 -8.04 -0.80
N GLU A 134 -9.94 -7.83 0.46
CA GLU A 134 -10.28 -6.69 1.27
C GLU A 134 -8.99 -5.98 1.69
N VAL A 135 -9.06 -4.66 1.88
CA VAL A 135 -8.00 -3.90 2.53
C VAL A 135 -8.63 -3.16 3.71
N ALA A 136 -7.89 -3.09 4.81
CA ALA A 136 -8.31 -2.45 6.05
C ALA A 136 -7.19 -1.50 6.48
N GLY A 137 -7.57 -0.31 6.92
CA GLY A 137 -6.64 0.78 7.15
C GLY A 137 -7.23 1.78 8.12
N SER A 138 -6.48 2.84 8.40
CA SER A 138 -7.05 4.07 8.89
C SER A 138 -6.31 5.22 8.21
N ALA A 139 -7.04 6.29 7.87
CA ALA A 139 -6.47 7.59 7.62
C ALA A 139 -6.83 8.46 8.81
N GLU A 140 -5.89 9.30 9.24
CA GLU A 140 -6.22 10.55 9.88
C GLU A 140 -6.03 11.63 8.84
N VAL A 141 -7.13 12.17 8.35
CA VAL A 141 -7.10 13.49 7.75
C VAL A 141 -7.45 14.45 8.89
N LYS A 142 -6.52 15.33 9.27
CA LYS A 142 -6.61 16.07 10.51
C LYS A 142 -6.46 17.55 10.18
N THR A 143 -7.56 18.27 10.07
CA THR A 143 -7.51 19.63 9.53
C THR A 143 -8.71 20.36 10.10
N VAL A 144 -8.76 21.68 9.93
CA VAL A 144 -9.98 22.48 10.10
C VAL A 144 -11.16 21.79 9.41
N ASN A 145 -10.89 21.03 8.35
CA ASN A 145 -11.85 20.18 7.66
C ASN A 145 -11.23 18.79 7.50
N GLY A 146 -10.82 18.18 8.61
CA GLY A 146 -10.22 16.85 8.59
C GLY A 146 -10.85 15.95 9.64
N ILE A 147 -11.68 15.03 9.14
CA ILE A 147 -12.38 14.05 9.91
C ILE A 147 -11.41 12.92 10.26
N ARG A 148 -10.55 13.14 11.25
CA ARG A 148 -9.57 12.16 11.74
C ARG A 148 -10.11 10.75 11.72
N HIS A 149 -11.29 10.54 12.31
CA HIS A 149 -11.92 9.23 12.35
C HIS A 149 -12.51 8.92 10.97
N ILE A 150 -11.66 8.55 10.01
CA ILE A 150 -12.08 7.95 8.74
C ILE A 150 -12.15 6.43 8.91
N GLY A 151 -13.27 5.85 8.49
CA GLY A 151 -13.41 4.41 8.31
C GLY A 151 -12.90 4.05 6.92
N LEU A 152 -11.70 3.46 6.86
CA LEU A 152 -11.16 2.90 5.64
C LEU A 152 -11.67 1.47 5.52
N ALA A 153 -12.68 1.25 4.66
CA ALA A 153 -13.29 -0.05 4.44
C ALA A 153 -13.28 -0.38 2.96
N ALA A 154 -12.59 -1.46 2.57
CA ALA A 154 -12.55 -1.94 1.19
C ALA A 154 -12.82 -3.44 1.13
N LYS A 155 -13.63 -3.84 0.15
CA LYS A 155 -13.81 -5.22 -0.27
C LYS A 155 -14.33 -5.15 -1.71
N GLN A 156 -13.75 -5.92 -2.62
CA GLN A 156 -14.20 -5.96 -4.00
C GLN A 156 -15.66 -6.37 -4.10
N MET A 1 -4.03 -22.26 26.09
CA MET A 1 -2.68 -22.27 26.68
C MET A 1 -1.77 -22.86 25.62
N GLN A 2 -0.50 -22.44 25.58
CA GLN A 2 0.45 -22.76 24.51
C GLN A 2 -0.07 -22.24 23.15
N SER A 3 0.75 -22.39 22.11
CA SER A 3 0.46 -22.08 20.72
C SER A 3 1.63 -22.65 19.91
N HIS A 4 1.43 -22.89 18.61
CA HIS A 4 2.47 -23.24 17.67
C HIS A 4 1.91 -23.01 16.27
N SER A 5 2.79 -22.73 15.30
CA SER A 5 2.41 -22.45 13.92
C SER A 5 3.69 -22.32 13.10
N ALA A 6 4.04 -23.34 12.32
CA ALA A 6 5.24 -23.35 11.49
C ALA A 6 5.01 -24.32 10.33
N LEU A 7 5.83 -24.20 9.29
CA LEU A 7 5.82 -25.00 8.09
C LEU A 7 7.25 -25.07 7.56
N THR A 8 7.46 -25.70 6.40
CA THR A 8 8.70 -25.60 5.66
C THR A 8 8.30 -25.37 4.20
N ALA A 9 8.99 -24.44 3.53
CA ALA A 9 8.71 -23.98 2.17
C ALA A 9 9.76 -22.91 1.87
N PHE A 10 9.66 -22.27 0.70
CA PHE A 10 10.43 -21.08 0.40
C PHE A 10 10.01 -19.94 1.33
N GLN A 11 10.52 -19.94 2.56
CA GLN A 11 10.31 -18.86 3.51
C GLN A 11 11.13 -17.63 3.09
N THR A 12 10.78 -17.03 1.94
CA THR A 12 11.48 -15.92 1.35
C THR A 12 10.68 -15.37 0.17
N GLU A 13 11.01 -14.14 -0.20
CA GLU A 13 10.47 -13.39 -1.31
C GLU A 13 10.81 -14.10 -2.62
N GLN A 14 9.94 -15.01 -3.08
CA GLN A 14 10.08 -15.64 -4.38
C GLN A 14 10.10 -14.58 -5.48
N ILE A 15 8.91 -14.11 -5.92
CA ILE A 15 8.79 -13.06 -6.94
C ILE A 15 9.40 -13.61 -8.26
N GLN A 16 9.33 -12.89 -9.39
CA GLN A 16 9.90 -13.32 -10.67
C GLN A 16 11.01 -12.38 -11.12
N ASP A 17 10.74 -11.08 -11.17
CA ASP A 17 11.64 -10.09 -11.76
C ASP A 17 11.99 -9.06 -10.70
N SER A 18 10.95 -8.47 -10.10
CA SER A 18 11.03 -7.57 -8.95
C SER A 18 11.76 -8.14 -7.74
N GLU A 19 12.14 -9.43 -7.71
CA GLU A 19 12.68 -10.08 -6.53
C GLU A 19 13.80 -9.25 -5.90
N HIS A 20 14.72 -8.81 -6.75
CA HIS A 20 15.87 -8.01 -6.38
C HIS A 20 15.44 -6.73 -5.66
N SER A 21 14.37 -6.10 -6.15
CA SER A 21 13.79 -4.89 -5.59
C SER A 21 13.14 -5.21 -4.25
N GLY A 22 12.36 -6.30 -4.23
CA GLY A 22 11.50 -6.68 -3.13
C GLY A 22 12.30 -7.06 -1.89
N LYS A 23 13.02 -8.19 -1.95
CA LYS A 23 13.78 -8.65 -0.79
C LYS A 23 15.01 -7.76 -0.56
N MET A 24 16.12 -8.16 -1.17
CA MET A 24 17.40 -7.50 -1.05
C MET A 24 18.34 -8.06 -2.09
N VAL A 25 19.29 -7.21 -2.46
CA VAL A 25 20.40 -7.52 -3.35
C VAL A 25 21.52 -8.09 -2.47
N ALA A 26 21.69 -9.41 -2.52
CA ALA A 26 22.69 -10.15 -1.74
C ALA A 26 22.40 -10.07 -0.23
N LYS A 27 23.35 -10.52 0.60
CA LYS A 27 23.20 -10.51 2.05
C LYS A 27 23.33 -9.07 2.57
N ARG A 28 22.28 -8.27 2.43
CA ARG A 28 22.27 -6.90 2.90
C ARG A 28 20.88 -6.53 3.39
N GLN A 29 20.68 -6.45 4.71
CA GLN A 29 19.49 -5.83 5.30
C GLN A 29 19.84 -5.26 6.66
N PHE A 30 19.13 -4.21 7.06
CA PHE A 30 19.27 -3.56 8.36
C PHE A 30 17.93 -3.02 8.85
N ARG A 31 17.27 -2.18 8.04
CA ARG A 31 16.00 -1.49 8.28
C ARG A 31 16.08 -0.06 7.73
N ILE A 32 17.25 0.57 7.89
CA ILE A 32 17.55 1.89 7.35
C ILE A 32 17.14 1.98 5.88
N GLY A 33 17.46 0.92 5.12
CA GLY A 33 17.04 0.72 3.75
C GLY A 33 17.07 -0.78 3.51
N ASP A 34 17.17 -1.17 2.23
CA ASP A 34 17.26 -2.55 1.77
C ASP A 34 15.98 -3.32 2.12
N ILE A 35 14.82 -2.69 1.94
CA ILE A 35 13.50 -3.22 2.28
C ILE A 35 12.49 -2.78 1.22
N ALA A 36 11.41 -3.53 1.05
CA ALA A 36 10.33 -3.25 0.09
C ALA A 36 9.27 -4.35 0.13
N GLY A 37 8.28 -4.23 1.03
CA GLY A 37 7.12 -5.12 1.06
C GLY A 37 7.45 -6.47 1.68
N GLU A 38 8.24 -7.26 0.97
CA GLU A 38 8.69 -8.58 1.38
C GLU A 38 7.51 -9.52 1.71
N HIS A 39 7.01 -9.44 2.94
CA HIS A 39 6.07 -10.38 3.53
C HIS A 39 4.83 -10.50 2.65
N THR A 40 4.35 -9.35 2.19
CA THR A 40 3.21 -9.24 1.30
C THR A 40 3.41 -10.13 0.07
N SER A 41 4.52 -9.96 -0.63
CA SER A 41 4.78 -10.77 -1.81
C SER A 41 4.89 -12.24 -1.40
N PHE A 42 5.73 -12.51 -0.39
CA PHE A 42 5.97 -13.83 0.17
C PHE A 42 4.66 -14.59 0.43
N ASP A 43 3.60 -13.92 0.91
CA ASP A 43 2.29 -14.56 1.06
C ASP A 43 1.85 -15.34 -0.17
N LYS A 44 2.15 -14.76 -1.34
CA LYS A 44 1.88 -15.19 -2.72
C LYS A 44 1.10 -14.08 -3.40
N LEU A 45 1.69 -12.87 -3.37
CA LEU A 45 1.21 -11.72 -4.11
C LEU A 45 2.27 -11.37 -5.15
N PRO A 46 1.87 -11.16 -6.42
CA PRO A 46 2.77 -11.00 -7.55
C PRO A 46 3.47 -9.64 -7.51
N GLU A 47 3.93 -9.18 -8.68
CA GLU A 47 4.57 -7.91 -8.94
C GLU A 47 3.81 -7.11 -10.02
N GLY A 48 2.49 -7.35 -10.14
CA GLY A 48 1.62 -6.65 -11.06
C GLY A 48 1.39 -5.19 -10.66
N GLY A 49 1.41 -4.30 -11.65
CA GLY A 49 1.43 -2.84 -11.45
C GLY A 49 0.17 -2.23 -10.83
N ARG A 50 -0.87 -3.01 -10.50
CA ARG A 50 -2.05 -2.52 -9.82
C ARG A 50 -2.75 -3.67 -9.11
N ALA A 51 -2.96 -3.56 -7.79
CA ALA A 51 -3.95 -4.41 -7.12
C ALA A 51 -5.35 -3.85 -7.35
N THR A 52 -6.34 -4.59 -6.84
CA THR A 52 -7.75 -4.22 -6.86
C THR A 52 -8.16 -3.78 -5.44
N TYR A 53 -7.49 -2.76 -4.90
CA TYR A 53 -7.86 -2.15 -3.62
C TYR A 53 -9.04 -1.20 -3.85
N ARG A 54 -10.14 -1.76 -4.35
CA ARG A 54 -11.30 -1.04 -4.81
C ARG A 54 -12.22 -0.82 -3.60
N GLY A 55 -12.34 0.40 -3.06
CA GLY A 55 -12.95 0.56 -1.76
C GLY A 55 -13.52 1.94 -1.50
N THR A 56 -13.88 2.18 -0.24
CA THR A 56 -14.49 3.42 0.18
C THR A 56 -14.05 3.76 1.60
N ALA A 57 -13.98 5.07 1.86
CA ALA A 57 -13.60 5.68 3.12
C ALA A 57 -14.79 6.45 3.68
N PHE A 58 -15.07 6.31 4.97
CA PHE A 58 -16.11 7.05 5.67
C PHE A 58 -15.47 7.94 6.70
N GLY A 59 -15.90 9.20 6.72
CA GLY A 59 -15.40 10.18 7.67
C GLY A 59 -16.05 9.96 9.04
N SER A 60 -15.47 10.55 10.09
CA SER A 60 -16.09 10.58 11.41
C SER A 60 -17.50 11.18 11.32
N ASP A 61 -17.64 12.20 10.48
CA ASP A 61 -18.88 12.90 10.19
C ASP A 61 -19.48 12.39 8.87
N ASP A 62 -19.13 11.17 8.44
CA ASP A 62 -19.07 10.76 7.06
C ASP A 62 -19.19 11.82 5.98
N ALA A 63 -18.06 12.49 5.75
CA ALA A 63 -17.75 13.09 4.47
C ALA A 63 -16.47 12.45 3.96
N GLY A 64 -16.46 11.11 3.86
CA GLY A 64 -15.26 10.36 3.54
C GLY A 64 -15.15 10.10 2.04
N GLY A 65 -13.95 9.73 1.59
CA GLY A 65 -13.62 9.51 0.21
C GLY A 65 -14.05 8.16 -0.35
N LYS A 66 -13.80 7.98 -1.64
CA LYS A 66 -14.07 6.77 -2.38
C LYS A 66 -12.72 6.36 -2.94
N LEU A 67 -12.23 5.17 -2.57
CA LEU A 67 -10.81 4.83 -2.66
C LEU A 67 -10.52 4.18 -4.01
N THR A 68 -9.67 4.84 -4.80
CA THR A 68 -9.23 4.28 -6.07
C THR A 68 -8.14 3.23 -5.80
N TYR A 69 -8.16 2.13 -6.55
CA TYR A 69 -7.18 1.06 -6.40
C TYR A 69 -5.88 1.47 -7.09
N THR A 70 -4.78 1.60 -6.34
CA THR A 70 -3.53 2.13 -6.90
C THR A 70 -2.30 1.65 -6.12
N ILE A 71 -1.99 0.35 -6.19
CA ILE A 71 -0.87 -0.21 -5.45
C ILE A 71 -0.08 -1.08 -6.42
N ASP A 72 1.14 -0.66 -6.76
CA ASP A 72 2.00 -1.43 -7.63
C ASP A 72 2.55 -2.59 -6.82
N PHE A 73 2.15 -3.83 -7.13
CA PHE A 73 2.60 -4.99 -6.40
C PHE A 73 4.12 -5.20 -6.48
N ALA A 74 4.89 -4.45 -7.28
CA ALA A 74 6.34 -4.58 -7.26
C ALA A 74 6.86 -4.41 -5.83
N ALA A 75 6.23 -3.51 -5.06
CA ALA A 75 6.54 -3.27 -3.66
C ALA A 75 5.34 -2.82 -2.82
N LYS A 76 4.13 -2.88 -3.38
CA LYS A 76 2.87 -2.57 -2.73
C LYS A 76 2.80 -1.11 -2.26
N GLN A 77 2.58 -0.19 -3.22
CA GLN A 77 2.44 1.24 -2.95
C GLN A 77 1.01 1.45 -2.43
N GLY A 78 0.74 0.91 -1.25
CA GLY A 78 -0.59 0.64 -0.76
C GLY A 78 -1.44 1.88 -0.49
N ASN A 79 -1.82 2.61 -1.54
CA ASN A 79 -2.35 3.96 -1.49
C ASN A 79 -3.49 4.04 -2.50
N GLY A 80 -4.38 5.01 -2.33
CA GLY A 80 -5.48 5.23 -3.25
C GLY A 80 -5.96 6.65 -3.10
N LYS A 81 -6.01 7.42 -4.20
CA LYS A 81 -6.42 8.81 -4.10
C LYS A 81 -7.93 8.88 -3.93
N ILE A 82 -8.40 9.82 -3.12
CA ILE A 82 -9.81 10.06 -2.85
C ILE A 82 -10.20 11.29 -3.66
N GLU A 83 -11.24 11.16 -4.47
CA GLU A 83 -11.67 12.21 -5.35
C GLU A 83 -13.14 12.04 -5.76
N HIS A 84 -14.08 12.38 -4.88
CA HIS A 84 -15.41 12.80 -5.30
C HIS A 84 -16.06 13.56 -4.15
N LEU A 85 -15.47 14.69 -3.73
CA LEU A 85 -15.99 15.50 -2.63
C LEU A 85 -16.14 16.95 -3.07
N LYS A 86 -17.25 17.55 -2.66
CA LYS A 86 -17.68 18.88 -3.07
C LYS A 86 -16.73 19.97 -2.57
N SER A 87 -15.98 19.68 -1.50
CA SER A 87 -15.03 20.62 -0.94
C SER A 87 -13.68 20.27 -1.56
N PRO A 88 -12.87 21.24 -1.99
CA PRO A 88 -11.64 20.97 -2.71
C PRO A 88 -10.70 20.10 -1.87
N GLU A 89 -10.29 20.62 -0.70
CA GLU A 89 -9.35 20.00 0.20
C GLU A 89 -9.69 18.54 0.51
N LEU A 90 -10.99 18.23 0.63
CA LEU A 90 -11.49 16.89 0.89
C LEU A 90 -11.03 15.85 -0.13
N ASN A 91 -10.69 16.24 -1.36
CA ASN A 91 -10.28 15.29 -2.40
C ASN A 91 -8.83 14.90 -2.15
N VAL A 92 -8.63 14.14 -1.08
CA VAL A 92 -7.32 13.82 -0.55
C VAL A 92 -6.54 12.91 -1.50
N ASP A 93 -5.45 13.42 -2.08
CA ASP A 93 -4.53 12.60 -2.82
C ASP A 93 -3.52 12.00 -1.84
N LEU A 94 -2.94 10.87 -2.22
CA LEU A 94 -2.23 9.95 -1.36
C LEU A 94 -0.86 9.65 -1.96
N ALA A 95 0.21 9.83 -1.19
CA ALA A 95 1.55 9.67 -1.73
C ALA A 95 1.87 8.18 -1.84
N ALA A 96 2.71 7.83 -2.81
CA ALA A 96 3.11 6.45 -3.05
C ALA A 96 4.14 6.07 -1.99
N ALA A 97 3.70 5.28 -1.00
CA ALA A 97 4.50 4.80 0.11
C ALA A 97 4.43 3.28 0.08
N ASP A 98 5.58 2.62 0.15
CA ASP A 98 5.68 1.17 0.16
C ASP A 98 5.35 0.65 1.55
N ILE A 99 5.32 -0.67 1.67
CA ILE A 99 5.11 -1.36 2.93
C ILE A 99 6.45 -1.84 3.46
N LYS A 100 6.92 -1.20 4.53
CA LYS A 100 8.05 -1.68 5.30
C LYS A 100 7.74 -3.07 5.89
N PRO A 101 8.71 -3.99 5.98
CA PRO A 101 8.53 -5.28 6.63
C PRO A 101 8.25 -5.05 8.12
N ASP A 102 7.48 -5.97 8.74
CA ASP A 102 6.70 -5.84 9.98
C ASP A 102 5.22 -6.05 9.63
N GLY A 103 4.30 -5.77 10.55
CA GLY A 103 2.87 -5.84 10.32
C GLY A 103 2.37 -7.27 10.43
N LYS A 104 2.88 -8.16 9.56
CA LYS A 104 2.51 -9.56 9.37
C LYS A 104 1.68 -9.70 8.09
N ARG A 105 2.36 -9.81 6.94
CA ARG A 105 1.73 -10.01 5.64
C ARG A 105 0.73 -8.89 5.31
N HIS A 106 1.28 -7.68 5.23
CA HIS A 106 0.57 -6.48 4.83
C HIS A 106 -0.51 -6.06 5.82
N ALA A 107 -0.25 -6.24 7.12
CA ALA A 107 -1.16 -5.77 8.14
C ALA A 107 -1.39 -4.26 8.04
N VAL A 108 -0.34 -3.47 7.75
CA VAL A 108 -0.45 -2.03 7.54
C VAL A 108 0.77 -1.48 6.78
N ILE A 109 0.59 -0.43 5.97
CA ILE A 109 1.63 0.53 5.62
C ILE A 109 1.67 1.66 6.66
N SER A 110 2.64 2.56 6.53
CA SER A 110 2.65 3.87 7.16
C SER A 110 2.90 4.91 6.07
N GLY A 111 1.82 5.47 5.49
CA GLY A 111 1.89 6.43 4.39
C GLY A 111 1.46 7.83 4.83
N SER A 112 1.55 8.81 3.92
CA SER A 112 1.18 10.20 4.14
C SER A 112 0.38 10.71 2.94
N VAL A 113 -0.50 11.70 3.18
CA VAL A 113 -1.49 12.16 2.22
C VAL A 113 -1.52 13.68 2.21
N LEU A 114 -2.26 14.29 1.27
CA LEU A 114 -2.54 15.72 1.35
C LEU A 114 -3.98 16.05 0.98
N TYR A 115 -4.63 16.89 1.79
CA TYR A 115 -5.96 17.39 1.54
C TYR A 115 -5.84 18.51 0.51
N ASN A 116 -5.51 18.10 -0.73
CA ASN A 116 -5.19 18.89 -1.92
C ASN A 116 -4.05 19.90 -1.70
N GLN A 117 -4.25 20.87 -0.81
CA GLN A 117 -3.19 21.74 -0.30
C GLN A 117 -2.57 21.12 0.94
N ALA A 118 -3.41 20.63 1.86
CA ALA A 118 -3.04 20.47 3.26
C ALA A 118 -2.39 19.11 3.51
N GLU A 119 -1.06 19.06 3.43
CA GLU A 119 -0.29 17.88 3.77
C GLU A 119 -0.17 17.78 5.29
N LYS A 120 -1.31 17.57 5.98
CA LYS A 120 -1.35 17.23 7.39
C LYS A 120 -2.29 16.05 7.58
N GLY A 121 -1.81 14.94 7.03
CA GLY A 121 -2.45 13.65 7.17
C GLY A 121 -1.47 12.52 6.97
N SER A 122 -1.29 11.72 8.01
CA SER A 122 -0.68 10.40 7.94
C SER A 122 -1.80 9.39 7.67
N TYR A 123 -1.45 8.18 7.23
CA TYR A 123 -2.42 7.18 6.81
C TYR A 123 -1.86 5.77 6.96
N SER A 124 -2.73 4.83 7.35
CA SER A 124 -2.38 3.45 7.62
C SER A 124 -3.41 2.59 6.92
N LEU A 125 -2.97 1.78 5.97
CA LEU A 125 -3.81 0.92 5.15
C LEU A 125 -3.19 -0.46 5.14
N GLY A 126 -4.03 -1.49 5.25
CA GLY A 126 -3.63 -2.88 5.37
C GLY A 126 -4.48 -3.74 4.46
N ILE A 127 -3.94 -4.90 4.07
CA ILE A 127 -4.61 -5.86 3.21
C ILE A 127 -4.95 -7.11 4.01
N PHE A 128 -5.96 -7.88 3.57
CA PHE A 128 -6.08 -9.24 4.05
C PHE A 128 -6.78 -10.19 3.08
N GLY A 129 -6.72 -11.47 3.44
CA GLY A 129 -7.42 -12.57 2.79
C GLY A 129 -6.46 -13.48 2.02
N GLY A 130 -5.25 -13.01 1.75
CA GLY A 130 -4.24 -13.70 0.96
C GLY A 130 -4.14 -13.00 -0.38
N LYS A 131 -4.96 -13.40 -1.35
CA LYS A 131 -4.98 -12.79 -2.68
C LYS A 131 -5.71 -11.42 -2.69
N ALA A 132 -5.30 -10.52 -1.80
CA ALA A 132 -5.69 -9.13 -1.71
C ALA A 132 -7.19 -8.91 -1.91
N GLN A 133 -8.01 -9.45 -1.00
CA GLN A 133 -9.44 -9.52 -1.19
C GLN A 133 -10.12 -8.29 -0.63
N GLU A 134 -9.84 -8.01 0.64
CA GLU A 134 -10.41 -6.91 1.37
C GLU A 134 -9.26 -6.15 2.01
N VAL A 135 -9.24 -4.82 1.85
CA VAL A 135 -8.31 -3.94 2.53
C VAL A 135 -9.08 -3.32 3.69
N ALA A 136 -8.37 -2.92 4.73
CA ALA A 136 -8.89 -2.15 5.84
C ALA A 136 -7.91 -1.01 6.08
N GLY A 137 -8.39 0.20 6.37
CA GLY A 137 -7.50 1.33 6.55
C GLY A 137 -8.11 2.42 7.41
N SER A 138 -7.29 3.41 7.76
CA SER A 138 -7.74 4.69 8.24
C SER A 138 -6.70 5.73 7.86
N ALA A 139 -7.13 6.97 7.62
CA ALA A 139 -6.22 8.10 7.66
C ALA A 139 -6.18 8.66 9.09
N GLU A 140 -5.30 9.63 9.35
CA GLU A 140 -5.50 10.57 10.44
C GLU A 140 -5.29 12.01 9.93
N VAL A 141 -6.10 12.38 8.95
CA VAL A 141 -6.06 13.66 8.28
C VAL A 141 -6.67 14.76 9.15
N LYS A 142 -5.99 15.90 9.28
CA LYS A 142 -6.61 17.08 9.86
C LYS A 142 -6.42 18.27 8.92
N THR A 143 -7.47 19.06 8.75
CA THR A 143 -7.36 20.39 8.19
C THR A 143 -8.64 21.12 8.54
N VAL A 144 -8.89 22.27 7.90
CA VAL A 144 -10.06 23.10 8.10
C VAL A 144 -11.32 22.22 8.11
N ASN A 145 -11.36 21.24 7.22
CA ASN A 145 -12.38 20.20 7.21
C ASN A 145 -11.70 18.86 6.98
N GLY A 146 -10.71 18.51 7.81
CA GLY A 146 -10.00 17.24 7.71
C GLY A 146 -10.46 16.32 8.84
N ILE A 147 -11.15 15.25 8.46
CA ILE A 147 -11.76 14.33 9.39
C ILE A 147 -10.77 13.24 9.82
N ARG A 148 -10.11 13.42 10.96
CA ARG A 148 -9.07 12.51 11.46
C ARG A 148 -9.54 11.07 11.38
N HIS A 149 -10.60 10.72 12.09
CA HIS A 149 -11.04 9.34 12.18
C HIS A 149 -11.86 8.97 10.94
N ILE A 150 -11.24 9.09 9.77
CA ILE A 150 -11.76 8.57 8.52
C ILE A 150 -11.30 7.11 8.42
N GLY A 151 -12.24 6.17 8.52
CA GLY A 151 -11.96 4.75 8.40
C GLY A 151 -12.25 4.33 6.96
N LEU A 152 -11.71 3.20 6.49
CA LEU A 152 -11.97 2.76 5.13
C LEU A 152 -11.82 1.25 4.99
N ALA A 153 -12.43 0.70 3.93
CA ALA A 153 -12.29 -0.69 3.58
C ALA A 153 -12.46 -0.86 2.07
N ALA A 154 -12.01 -2.00 1.52
CA ALA A 154 -12.14 -2.33 0.11
C ALA A 154 -12.66 -3.73 -0.08
N LYS A 155 -13.02 -4.02 -1.34
CA LYS A 155 -13.37 -5.34 -1.81
C LYS A 155 -12.96 -5.43 -3.28
N GLN A 156 -12.18 -6.45 -3.65
CA GLN A 156 -12.11 -6.83 -5.05
C GLN A 156 -13.54 -7.21 -5.50
N MET A 1 5.22 -25.77 -5.71
CA MET A 1 4.11 -26.73 -5.86
C MET A 1 4.61 -27.82 -6.82
N GLN A 2 4.24 -29.08 -6.59
CA GLN A 2 4.90 -30.25 -7.16
C GLN A 2 6.36 -30.26 -6.73
N SER A 3 7.20 -29.49 -7.41
CA SER A 3 8.45 -28.99 -6.87
C SER A 3 8.18 -28.29 -5.53
N HIS A 4 8.88 -28.69 -4.47
CA HIS A 4 8.81 -28.07 -3.16
C HIS A 4 10.16 -28.32 -2.48
N SER A 5 10.57 -27.39 -1.62
CA SER A 5 11.94 -27.30 -1.08
C SER A 5 12.91 -26.86 -2.18
N ALA A 6 13.89 -26.03 -1.83
CA ALA A 6 14.96 -25.61 -2.72
C ALA A 6 15.99 -24.88 -1.86
N LEU A 7 15.61 -23.69 -1.37
CA LEU A 7 16.28 -23.08 -0.25
C LEU A 7 15.89 -23.86 1.00
N THR A 8 16.72 -23.80 2.04
CA THR A 8 16.48 -24.49 3.31
C THR A 8 15.59 -23.67 4.23
N ALA A 9 15.49 -24.07 5.49
CA ALA A 9 14.82 -23.38 6.59
C ALA A 9 13.31 -23.20 6.37
N PHE A 10 12.90 -22.30 5.49
CA PHE A 10 11.51 -21.97 5.22
C PHE A 10 10.73 -21.68 6.51
N GLN A 11 11.12 -20.63 7.25
CA GLN A 11 10.31 -20.12 8.34
C GLN A 11 9.24 -19.20 7.76
N THR A 12 9.59 -17.95 7.42
CA THR A 12 8.73 -17.02 6.69
C THR A 12 9.55 -15.77 6.37
N GLU A 13 8.91 -14.81 5.67
CA GLU A 13 9.48 -13.51 5.33
C GLU A 13 9.54 -12.69 6.62
N GLN A 14 10.59 -12.94 7.42
CA GLN A 14 10.90 -12.16 8.61
C GLN A 14 12.26 -12.56 9.18
N ILE A 15 12.50 -13.87 9.31
CA ILE A 15 13.67 -14.38 10.02
C ILE A 15 14.93 -14.21 9.15
N GLN A 16 16.04 -13.82 9.76
CA GLN A 16 17.32 -13.63 9.06
C GLN A 16 17.62 -14.84 8.16
N ASP A 17 18.01 -14.58 6.91
CA ASP A 17 18.29 -15.53 5.85
C ASP A 17 17.03 -16.30 5.41
N SER A 18 16.37 -17.00 6.34
CA SER A 18 15.16 -17.76 6.00
C SER A 18 14.07 -16.88 5.39
N GLU A 19 14.14 -15.56 5.57
CA GLU A 19 13.48 -14.58 4.72
C GLU A 19 13.44 -15.08 3.27
N HIS A 20 14.61 -15.35 2.69
CA HIS A 20 14.79 -15.82 1.32
C HIS A 20 13.87 -17.00 1.03
N SER A 21 13.98 -18.05 1.84
CA SER A 21 13.18 -19.25 1.67
C SER A 21 11.69 -18.92 1.78
N GLY A 22 11.33 -18.14 2.79
CA GLY A 22 9.96 -17.76 3.09
C GLY A 22 9.32 -17.11 1.87
N LYS A 23 9.93 -16.04 1.37
CA LYS A 23 9.38 -15.32 0.22
C LYS A 23 9.49 -16.11 -1.08
N MET A 24 10.64 -16.74 -1.37
CA MET A 24 10.87 -17.33 -2.68
C MET A 24 11.73 -18.58 -2.64
N VAL A 25 11.12 -19.70 -2.23
CA VAL A 25 11.59 -21.04 -2.55
C VAL A 25 11.84 -21.12 -4.07
N ALA A 26 10.87 -20.66 -4.87
CA ALA A 26 11.00 -20.57 -6.31
C ALA A 26 12.02 -19.47 -6.65
N LYS A 27 13.21 -19.88 -7.10
CA LYS A 27 14.32 -18.99 -7.43
C LYS A 27 14.00 -18.10 -8.63
N ARG A 28 13.14 -17.10 -8.42
CA ARG A 28 12.71 -16.16 -9.45
C ARG A 28 13.88 -15.27 -9.89
N GLN A 29 13.96 -14.99 -11.20
CA GLN A 29 14.92 -14.12 -11.86
C GLN A 29 15.22 -12.87 -11.01
N PHE A 30 16.49 -12.59 -10.73
CA PHE A 30 16.89 -11.44 -9.94
C PHE A 30 16.50 -10.11 -10.59
N ARG A 31 16.73 -9.02 -9.85
CA ARG A 31 16.18 -7.71 -10.16
C ARG A 31 16.98 -6.64 -9.41
N ILE A 32 17.10 -6.81 -8.09
CA ILE A 32 17.94 -5.99 -7.23
C ILE A 32 17.47 -4.52 -7.22
N GLY A 33 16.27 -4.30 -6.71
CA GLY A 33 15.71 -2.97 -6.49
C GLY A 33 14.36 -3.16 -5.78
N ASP A 34 13.44 -3.82 -6.47
CA ASP A 34 12.10 -4.20 -6.03
C ASP A 34 12.21 -5.27 -4.94
N ILE A 35 12.74 -4.88 -3.77
CA ILE A 35 13.08 -5.77 -2.66
C ILE A 35 12.06 -5.62 -1.52
N ALA A 36 11.32 -4.52 -1.51
CA ALA A 36 10.32 -4.24 -0.49
C ALA A 36 9.07 -5.08 -0.69
N GLY A 37 8.14 -5.03 0.28
CA GLY A 37 6.81 -5.60 0.14
C GLY A 37 6.81 -7.10 -0.10
N GLU A 38 7.73 -7.85 0.51
CA GLU A 38 7.83 -9.26 0.24
C GLU A 38 6.73 -9.99 1.00
N HIS A 39 6.64 -9.88 2.34
CA HIS A 39 5.66 -10.66 3.09
C HIS A 39 4.20 -10.41 2.67
N THR A 40 3.87 -9.27 2.07
CA THR A 40 2.58 -9.09 1.41
C THR A 40 2.54 -9.93 0.13
N SER A 41 3.37 -9.55 -0.85
CA SER A 41 3.40 -10.14 -2.18
C SER A 41 3.43 -11.67 -2.12
N PHE A 42 4.30 -12.18 -1.25
CA PHE A 42 4.41 -13.54 -0.72
C PHE A 42 3.09 -14.29 -0.66
N ASP A 43 2.03 -13.65 -0.14
CA ASP A 43 0.81 -14.35 0.28
C ASP A 43 0.24 -15.19 -0.85
N LYS A 44 0.34 -14.64 -2.07
CA LYS A 44 -0.02 -15.20 -3.37
C LYS A 44 -0.39 -14.08 -4.36
N LEU A 45 0.34 -12.96 -4.34
CA LEU A 45 -0.12 -11.75 -5.02
C LEU A 45 1.04 -10.83 -5.42
N PRO A 46 1.88 -11.27 -6.36
CA PRO A 46 2.76 -10.42 -7.14
C PRO A 46 1.92 -9.80 -8.26
N GLU A 47 2.21 -10.05 -9.55
CA GLU A 47 1.60 -9.40 -10.71
C GLU A 47 1.66 -7.87 -10.59
N GLY A 48 2.84 -7.38 -10.20
CA GLY A 48 3.22 -5.98 -10.14
C GLY A 48 2.69 -5.17 -11.32
N GLY A 49 1.69 -4.30 -11.07
CA GLY A 49 1.11 -3.47 -12.11
C GLY A 49 -0.02 -2.61 -11.56
N ARG A 50 -1.10 -3.26 -11.10
CA ARG A 50 -2.20 -2.60 -10.41
C ARG A 50 -2.98 -3.63 -9.61
N ALA A 51 -2.97 -3.56 -8.27
CA ALA A 51 -3.81 -4.42 -7.47
C ALA A 51 -5.23 -3.87 -7.44
N THR A 52 -6.22 -4.76 -7.28
CA THR A 52 -7.62 -4.41 -7.39
C THR A 52 -8.12 -3.77 -6.09
N TYR A 53 -7.49 -2.71 -5.62
CA TYR A 53 -7.78 -2.14 -4.31
C TYR A 53 -9.02 -1.25 -4.32
N ARG A 54 -10.21 -1.86 -4.45
CA ARG A 54 -11.45 -1.12 -4.29
C ARG A 54 -11.69 -0.95 -2.78
N GLY A 55 -11.91 0.29 -2.31
CA GLY A 55 -12.31 0.50 -0.93
C GLY A 55 -12.98 1.84 -0.70
N THR A 56 -13.48 2.04 0.51
CA THR A 56 -14.31 3.16 0.92
C THR A 56 -13.61 3.90 2.06
N ALA A 57 -12.97 5.03 1.76
CA ALA A 57 -12.38 5.91 2.75
C ALA A 57 -13.46 6.86 3.26
N PHE A 58 -14.44 6.30 3.97
CA PHE A 58 -15.59 7.06 4.46
C PHE A 58 -15.19 7.88 5.68
N GLY A 59 -15.64 9.13 5.71
CA GLY A 59 -15.19 10.09 6.71
C GLY A 59 -15.89 9.81 8.04
N SER A 60 -15.40 10.41 9.13
CA SER A 60 -16.08 10.34 10.42
C SER A 60 -17.54 10.78 10.30
N ASP A 61 -17.78 11.78 9.45
CA ASP A 61 -19.07 12.37 9.15
C ASP A 61 -19.60 11.86 7.79
N ASP A 62 -19.03 10.77 7.27
CA ASP A 62 -18.87 10.55 5.85
C ASP A 62 -19.00 11.75 4.92
N ALA A 63 -18.00 12.62 5.02
CA ALA A 63 -17.56 13.44 3.90
C ALA A 63 -16.24 12.83 3.42
N GLY A 64 -16.28 11.54 3.08
CA GLY A 64 -15.12 10.72 2.72
C GLY A 64 -15.12 10.42 1.22
N GLY A 65 -14.11 9.67 0.78
CA GLY A 65 -13.85 9.37 -0.61
C GLY A 65 -13.57 7.87 -0.80
N LYS A 66 -13.32 7.45 -2.04
CA LYS A 66 -12.98 6.07 -2.32
C LYS A 66 -11.48 5.87 -2.06
N LEU A 67 -11.08 4.66 -1.66
CA LEU A 67 -9.72 4.21 -1.95
C LEU A 67 -9.75 3.76 -3.40
N THR A 68 -9.27 4.62 -4.30
CA THR A 68 -9.21 4.33 -5.73
C THR A 68 -7.97 3.46 -6.03
N TYR A 69 -8.09 2.40 -6.83
CA TYR A 69 -7.15 1.28 -6.79
C TYR A 69 -5.82 1.56 -7.50
N THR A 70 -4.70 1.55 -6.77
CA THR A 70 -3.34 1.69 -7.31
C THR A 70 -2.30 1.10 -6.33
N ILE A 71 -1.61 -0.01 -6.67
CA ILE A 71 -0.34 -0.43 -6.05
C ILE A 71 0.52 -1.13 -7.12
N ASP A 72 1.79 -1.39 -6.82
CA ASP A 72 2.76 -2.08 -7.66
C ASP A 72 3.38 -3.30 -6.95
N PHE A 73 2.66 -4.44 -6.93
CA PHE A 73 3.00 -5.64 -6.14
C PHE A 73 4.42 -6.20 -6.28
N ALA A 74 5.21 -5.73 -7.24
CA ALA A 74 6.64 -6.02 -7.29
C ALA A 74 7.32 -5.55 -6.01
N ALA A 75 6.81 -4.47 -5.40
CA ALA A 75 7.38 -3.86 -4.20
C ALA A 75 6.36 -3.19 -3.27
N LYS A 76 5.16 -2.84 -3.75
CA LYS A 76 4.03 -2.49 -2.90
C LYS A 76 4.15 -1.12 -2.26
N GLN A 77 3.96 -0.08 -3.07
CA GLN A 77 3.86 1.29 -2.63
C GLN A 77 2.69 1.92 -3.35
N GLY A 78 1.51 1.51 -2.90
CA GLY A 78 0.26 1.91 -3.48
C GLY A 78 -0.55 2.73 -2.50
N ASN A 79 -1.65 3.30 -2.99
CA ASN A 79 -2.40 4.36 -2.35
C ASN A 79 -3.68 4.53 -3.17
N GLY A 80 -4.64 5.34 -2.71
CA GLY A 80 -5.87 5.53 -3.46
C GLY A 80 -6.52 6.87 -3.13
N LYS A 81 -6.77 7.68 -4.15
CA LYS A 81 -7.07 9.08 -3.94
C LYS A 81 -8.51 9.21 -3.45
N ILE A 82 -8.67 9.91 -2.31
CA ILE A 82 -9.92 10.21 -1.66
C ILE A 82 -10.49 11.45 -2.34
N GLU A 83 -10.74 11.30 -3.64
CA GLU A 83 -11.30 12.30 -4.52
C GLU A 83 -12.74 11.91 -4.81
N HIS A 84 -13.70 12.63 -4.23
CA HIS A 84 -15.12 12.33 -4.36
C HIS A 84 -16.04 13.55 -4.14
N LEU A 85 -15.53 14.68 -3.66
CA LEU A 85 -16.31 15.62 -2.86
C LEU A 85 -16.44 16.96 -3.58
N LYS A 86 -17.57 17.64 -3.37
CA LYS A 86 -17.88 18.92 -3.97
C LYS A 86 -16.87 20.02 -3.56
N SER A 87 -16.21 19.78 -2.42
CA SER A 87 -15.28 20.68 -1.79
C SER A 87 -13.90 20.32 -2.33
N PRO A 88 -13.27 21.12 -3.21
CA PRO A 88 -11.95 20.80 -3.73
C PRO A 88 -10.97 20.54 -2.58
N GLU A 89 -11.02 21.35 -1.52
CA GLU A 89 -10.20 21.21 -0.33
C GLU A 89 -10.34 19.83 0.31
N LEU A 90 -11.53 19.23 0.25
CA LEU A 90 -11.78 17.89 0.76
C LEU A 90 -11.21 16.81 -0.16
N ASN A 91 -10.95 17.10 -1.45
CA ASN A 91 -10.39 16.10 -2.36
C ASN A 91 -8.98 15.77 -1.87
N VAL A 92 -8.85 14.66 -1.14
CA VAL A 92 -7.61 14.25 -0.51
C VAL A 92 -6.88 13.30 -1.45
N ASP A 93 -5.65 13.65 -1.82
CA ASP A 93 -4.73 12.69 -2.41
C ASP A 93 -3.86 12.17 -1.26
N LEU A 94 -3.23 11.02 -1.43
CA LEU A 94 -2.30 10.49 -0.44
C LEU A 94 -1.05 9.83 -1.03
N ALA A 95 0.02 9.85 -0.23
CA ALA A 95 1.38 9.57 -0.67
C ALA A 95 1.68 8.09 -0.61
N ALA A 96 2.39 7.60 -1.63
CA ALA A 96 2.78 6.20 -1.76
C ALA A 96 3.94 5.93 -0.80
N ALA A 97 3.90 4.80 -0.10
CA ALA A 97 4.83 4.50 0.98
C ALA A 97 5.10 3.00 1.08
N ASP A 98 6.22 2.63 1.71
CA ASP A 98 6.74 1.27 1.81
C ASP A 98 5.98 0.51 2.91
N ILE A 99 5.94 -0.83 2.82
CA ILE A 99 5.40 -1.79 3.74
C ILE A 99 6.43 -2.91 3.80
N LYS A 100 7.26 -2.91 4.84
CA LYS A 100 8.48 -3.68 4.86
C LYS A 100 9.03 -3.89 6.27
N PRO A 101 9.11 -2.88 7.17
CA PRO A 101 9.53 -3.14 8.54
C PRO A 101 8.30 -3.66 9.29
N ASP A 102 7.80 -4.81 8.84
CA ASP A 102 6.45 -5.29 9.12
C ASP A 102 6.46 -6.81 9.10
N GLY A 103 5.55 -7.44 9.81
CA GLY A 103 5.65 -8.84 10.19
C GLY A 103 4.30 -9.46 10.48
N LYS A 104 3.91 -10.39 9.59
CA LYS A 104 2.87 -11.43 9.72
C LYS A 104 1.89 -11.32 8.55
N ARG A 105 2.38 -11.67 7.36
CA ARG A 105 1.80 -11.34 6.05
C ARG A 105 1.97 -9.84 5.79
N HIS A 106 2.99 -9.24 6.42
CA HIS A 106 3.09 -7.80 6.65
C HIS A 106 1.76 -7.31 7.26
N ALA A 107 1.49 -6.00 7.24
CA ALA A 107 0.30 -5.42 7.82
C ALA A 107 -0.07 -4.14 7.08
N VAL A 108 0.82 -3.14 6.97
CA VAL A 108 0.44 -1.80 6.49
C VAL A 108 1.55 -1.05 5.76
N ILE A 109 1.15 -0.30 4.71
CA ILE A 109 1.87 0.90 4.31
C ILE A 109 1.43 2.02 5.25
N SER A 110 2.29 3.00 5.51
CA SER A 110 1.98 4.19 6.29
C SER A 110 2.37 5.41 5.47
N GLY A 111 1.37 6.13 4.92
CA GLY A 111 1.60 7.28 4.05
C GLY A 111 1.04 8.57 4.65
N SER A 112 1.48 9.74 4.15
CA SER A 112 0.87 11.01 4.47
C SER A 112 -0.32 11.24 3.53
N VAL A 113 -1.18 12.19 3.87
CA VAL A 113 -2.22 12.66 2.95
C VAL A 113 -2.08 14.15 2.74
N LEU A 114 -2.49 14.63 1.56
CA LEU A 114 -2.61 16.04 1.26
C LEU A 114 -4.06 16.41 1.00
N TYR A 115 -4.54 17.33 1.84
CA TYR A 115 -5.88 17.88 1.79
C TYR A 115 -5.87 18.93 0.69
N ASN A 116 -5.79 18.44 -0.56
CA ASN A 116 -5.71 19.19 -1.81
C ASN A 116 -4.37 19.95 -1.93
N GLN A 117 -4.07 20.81 -0.94
CA GLN A 117 -2.77 21.44 -0.76
C GLN A 117 -2.10 20.97 0.54
N ALA A 118 -2.87 20.90 1.63
CA ALA A 118 -2.30 20.91 2.98
C ALA A 118 -2.01 19.50 3.48
N GLU A 119 -0.73 19.17 3.71
CA GLU A 119 -0.34 17.83 4.15
C GLU A 119 -0.56 17.66 5.66
N LYS A 120 -1.80 17.85 6.15
CA LYS A 120 -2.15 17.64 7.55
C LYS A 120 -3.01 16.40 7.65
N GLY A 121 -2.41 15.30 7.20
CA GLY A 121 -2.94 13.99 7.51
C GLY A 121 -1.90 12.88 7.37
N SER A 122 -2.15 11.79 8.10
CA SER A 122 -1.39 10.56 8.08
C SER A 122 -2.38 9.41 7.97
N TYR A 123 -2.13 8.42 7.11
CA TYR A 123 -2.97 7.23 7.03
C TYR A 123 -2.11 5.99 6.87
N SER A 124 -2.73 4.82 7.04
CA SER A 124 -2.06 3.56 6.85
C SER A 124 -3.08 2.59 6.28
N LEU A 125 -2.60 1.72 5.40
CA LEU A 125 -3.46 0.86 4.59
C LEU A 125 -2.78 -0.50 4.41
N GLY A 126 -3.57 -1.56 4.57
CA GLY A 126 -3.13 -2.93 4.72
C GLY A 126 -3.78 -3.84 3.68
N ILE A 127 -3.45 -5.13 3.70
CA ILE A 127 -3.97 -6.13 2.79
C ILE A 127 -4.21 -7.40 3.60
N PHE A 128 -5.44 -7.92 3.56
CA PHE A 128 -5.85 -9.02 4.41
C PHE A 128 -6.77 -9.99 3.68
N GLY A 129 -7.20 -11.02 4.41
CA GLY A 129 -8.07 -12.08 3.91
C GLY A 129 -7.23 -13.15 3.23
N GLY A 130 -6.26 -12.73 2.42
CA GLY A 130 -5.21 -13.60 1.92
C GLY A 130 -5.47 -14.04 0.49
N LYS A 131 -6.01 -13.12 -0.31
CA LYS A 131 -5.83 -13.07 -1.76
C LYS A 131 -6.07 -11.65 -2.28
N ALA A 132 -5.68 -10.63 -1.49
CA ALA A 132 -5.94 -9.23 -1.79
C ALA A 132 -7.43 -9.01 -2.02
N GLN A 133 -8.20 -9.11 -0.93
CA GLN A 133 -9.67 -9.10 -0.94
C GLN A 133 -10.23 -8.01 -0.02
N GLU A 134 -9.55 -7.74 1.11
CA GLU A 134 -9.92 -6.70 2.06
C GLU A 134 -8.66 -5.90 2.38
N VAL A 135 -8.60 -4.66 1.90
CA VAL A 135 -7.52 -3.72 2.21
C VAL A 135 -7.98 -2.76 3.30
N ALA A 136 -7.97 -3.23 4.55
CA ALA A 136 -8.39 -2.41 5.67
C ALA A 136 -7.26 -1.43 6.00
N GLY A 137 -7.63 -0.25 6.51
CA GLY A 137 -6.72 0.84 6.77
C GLY A 137 -7.31 1.74 7.85
N SER A 138 -6.61 2.80 8.20
CA SER A 138 -7.19 3.91 8.94
C SER A 138 -6.47 5.20 8.53
N ALA A 139 -7.15 6.34 8.63
CA ALA A 139 -6.51 7.65 8.51
C ALA A 139 -6.79 8.51 9.74
N GLU A 140 -5.89 9.48 9.94
CA GLU A 140 -6.17 10.73 10.62
C GLU A 140 -5.86 11.84 9.63
N VAL A 141 -6.89 12.54 9.13
CA VAL A 141 -6.75 13.74 8.32
C VAL A 141 -7.38 14.89 9.11
N LYS A 142 -6.73 16.04 9.18
CA LYS A 142 -7.22 17.11 10.05
C LYS A 142 -6.97 18.46 9.40
N THR A 143 -8.05 19.20 9.20
CA THR A 143 -7.97 20.58 8.77
C THR A 143 -9.15 21.29 9.45
N VAL A 144 -9.30 22.60 9.21
CA VAL A 144 -10.42 23.40 9.68
C VAL A 144 -11.78 22.69 9.51
N ASN A 145 -11.87 21.81 8.50
CA ASN A 145 -12.94 20.85 8.37
C ASN A 145 -12.41 19.66 7.58
N GLY A 146 -11.37 19.03 8.12
CA GLY A 146 -10.78 17.79 7.63
C GLY A 146 -11.11 16.69 8.63
N ILE A 147 -11.56 15.54 8.13
CA ILE A 147 -12.16 14.48 8.94
C ILE A 147 -11.10 13.52 9.46
N ARG A 148 -11.00 13.41 10.78
CA ARG A 148 -9.99 12.59 11.44
C ARG A 148 -10.22 11.11 11.15
N HIS A 149 -11.15 10.49 11.88
CA HIS A 149 -11.31 9.04 11.85
C HIS A 149 -11.96 8.64 10.52
N ILE A 150 -11.15 8.53 9.45
CA ILE A 150 -11.63 8.01 8.19
C ILE A 150 -11.67 6.49 8.31
N GLY A 151 -12.87 5.92 8.18
CA GLY A 151 -13.08 4.49 8.26
C GLY A 151 -12.67 3.88 6.94
N LEU A 152 -11.37 3.65 6.77
CA LEU A 152 -10.81 3.07 5.56
C LEU A 152 -11.08 1.56 5.60
N ALA A 153 -12.34 1.22 5.34
CA ALA A 153 -12.80 -0.13 5.07
C ALA A 153 -12.68 -0.38 3.57
N ALA A 154 -12.58 -1.65 3.16
CA ALA A 154 -12.43 -1.98 1.76
C ALA A 154 -12.94 -3.38 1.47
N LYS A 155 -13.27 -3.64 0.20
CA LYS A 155 -13.56 -4.97 -0.29
C LYS A 155 -13.32 -4.95 -1.80
N GLN A 156 -12.72 -6.00 -2.36
CA GLN A 156 -12.52 -6.12 -3.78
C GLN A 156 -12.74 -7.57 -4.20
N MET A 1 -17.04 -17.76 -29.13
CA MET A 1 -16.62 -17.88 -30.55
C MET A 1 -15.24 -18.51 -30.49
N GLN A 2 -14.31 -18.15 -31.39
CA GLN A 2 -12.90 -18.42 -31.14
C GLN A 2 -12.50 -17.78 -29.82
N SER A 3 -12.89 -16.51 -29.63
CA SER A 3 -12.78 -15.80 -28.37
C SER A 3 -11.35 -15.90 -27.81
N HIS A 4 -11.19 -16.02 -26.49
CA HIS A 4 -9.90 -16.16 -25.80
C HIS A 4 -10.21 -16.68 -24.40
N SER A 5 -9.17 -17.08 -23.65
CA SER A 5 -9.31 -17.56 -22.28
C SER A 5 -8.00 -17.39 -21.51
N ALA A 6 -6.90 -17.90 -22.07
CA ALA A 6 -5.60 -17.83 -21.43
C ALA A 6 -5.14 -16.37 -21.28
N LEU A 7 -4.55 -16.04 -20.13
CA LEU A 7 -3.99 -14.74 -19.82
C LEU A 7 -2.70 -14.98 -19.03
N THR A 8 -1.76 -14.03 -19.09
CA THR A 8 -0.47 -14.10 -18.43
C THR A 8 -0.50 -13.35 -17.09
N ALA A 9 0.42 -13.70 -16.18
CA ALA A 9 0.68 -13.01 -14.94
C ALA A 9 2.12 -13.30 -14.54
N PHE A 10 2.69 -12.55 -13.60
CA PHE A 10 4.05 -12.77 -13.12
C PHE A 10 4.16 -12.33 -11.66
N GLN A 11 5.02 -13.01 -10.90
CA GLN A 11 5.20 -12.86 -9.47
C GLN A 11 6.53 -12.11 -9.22
N THR A 12 7.28 -12.52 -8.20
CA THR A 12 8.57 -11.96 -7.81
C THR A 12 8.41 -10.58 -7.17
N GLU A 13 9.53 -9.99 -6.73
CA GLU A 13 9.57 -8.59 -6.32
C GLU A 13 9.89 -7.68 -7.52
N GLN A 14 9.91 -8.24 -8.74
CA GLN A 14 10.46 -7.61 -9.93
C GLN A 14 11.96 -7.31 -9.75
N ILE A 15 12.54 -6.60 -10.72
CA ILE A 15 13.96 -6.27 -10.79
C ILE A 15 14.74 -7.54 -11.11
N GLN A 16 14.96 -7.77 -12.41
CA GLN A 16 15.65 -8.94 -12.94
C GLN A 16 16.96 -9.20 -12.20
N ASP A 17 17.28 -10.47 -11.96
CA ASP A 17 18.36 -10.99 -11.11
C ASP A 17 18.17 -10.64 -9.63
N SER A 18 17.91 -9.38 -9.29
CA SER A 18 17.60 -9.01 -7.91
C SER A 18 16.44 -9.84 -7.35
N GLU A 19 15.52 -10.28 -8.20
CA GLU A 19 14.54 -11.31 -7.90
C GLU A 19 15.11 -12.45 -7.04
N HIS A 20 16.29 -12.97 -7.40
CA HIS A 20 16.95 -14.09 -6.72
C HIS A 20 17.20 -13.78 -5.24
N SER A 21 17.65 -12.56 -4.97
CA SER A 21 17.84 -12.06 -3.63
C SER A 21 16.48 -11.83 -2.98
N GLY A 22 15.60 -11.06 -3.62
CA GLY A 22 14.35 -10.60 -3.05
C GLY A 22 13.36 -11.75 -2.82
N LYS A 23 12.80 -12.31 -3.90
CA LYS A 23 11.70 -13.25 -3.76
C LYS A 23 12.12 -14.60 -3.19
N MET A 24 13.42 -14.87 -3.17
CA MET A 24 14.04 -16.06 -2.62
C MET A 24 13.65 -17.38 -3.29
N VAL A 25 14.62 -18.29 -3.22
CA VAL A 25 14.56 -19.66 -3.66
C VAL A 25 15.41 -20.44 -2.66
N ALA A 26 16.67 -20.03 -2.54
CA ALA A 26 17.61 -20.52 -1.55
C ALA A 26 18.65 -19.42 -1.29
N LYS A 27 19.87 -19.83 -0.92
CA LYS A 27 20.98 -18.98 -0.51
C LYS A 27 20.77 -18.50 0.92
N ARG A 28 19.66 -17.79 1.15
CA ARG A 28 19.47 -16.85 2.27
C ARG A 28 20.35 -15.60 2.13
N GLN A 29 21.26 -15.57 1.15
CA GLN A 29 21.88 -14.33 0.69
C GLN A 29 20.83 -13.53 -0.08
N PHE A 30 20.49 -12.36 0.46
CA PHE A 30 19.82 -11.27 -0.23
C PHE A 30 20.91 -10.40 -0.86
N ARG A 31 20.57 -9.30 -1.54
CA ARG A 31 21.53 -8.37 -2.11
C ARG A 31 22.10 -7.43 -1.03
N ILE A 32 22.46 -8.01 0.13
CA ILE A 32 23.11 -7.38 1.26
C ILE A 32 22.60 -5.96 1.59
N GLY A 33 21.27 -5.74 1.58
CA GLY A 33 20.71 -4.51 2.15
C GLY A 33 19.41 -4.08 1.48
N ASP A 34 18.50 -5.04 1.31
CA ASP A 34 17.45 -5.00 0.30
C ASP A 34 16.19 -5.70 0.80
N ILE A 35 16.06 -5.81 2.13
CA ILE A 35 14.95 -6.52 2.76
C ILE A 35 13.70 -5.65 2.68
N ALA A 36 13.05 -5.61 1.53
CA ALA A 36 11.85 -4.83 1.29
C ALA A 36 10.91 -5.62 0.40
N GLY A 37 9.61 -5.54 0.68
CA GLY A 37 8.58 -6.21 -0.11
C GLY A 37 8.31 -7.59 0.47
N GLU A 38 8.93 -8.62 -0.11
CA GLU A 38 8.98 -9.98 0.39
C GLU A 38 7.60 -10.49 0.80
N HIS A 39 7.28 -10.53 2.11
CA HIS A 39 6.09 -11.21 2.60
C HIS A 39 4.79 -10.56 2.10
N THR A 40 4.86 -9.39 1.46
CA THR A 40 3.80 -8.93 0.59
C THR A 40 3.75 -9.82 -0.67
N SER A 41 4.48 -9.41 -1.71
CA SER A 41 4.44 -10.04 -3.04
C SER A 41 4.55 -11.58 -2.97
N PHE A 42 5.45 -12.08 -2.12
CA PHE A 42 5.68 -13.50 -1.88
C PHE A 42 4.39 -14.30 -1.74
N ASP A 43 3.44 -13.82 -0.90
CA ASP A 43 2.35 -14.66 -0.39
C ASP A 43 1.63 -15.39 -1.52
N LYS A 44 0.78 -14.66 -2.24
CA LYS A 44 -0.05 -15.13 -3.34
C LYS A 44 -0.49 -13.91 -4.12
N LEU A 45 0.52 -13.17 -4.59
CA LEU A 45 0.36 -11.85 -5.20
C LEU A 45 1.33 -11.69 -6.37
N PRO A 46 1.00 -10.86 -7.37
CA PRO A 46 1.84 -10.63 -8.53
C PRO A 46 3.01 -9.69 -8.24
N GLU A 47 3.75 -9.36 -9.30
CA GLU A 47 4.84 -8.39 -9.30
C GLU A 47 4.38 -7.01 -8.81
N GLY A 48 3.34 -6.45 -9.42
CA GLY A 48 3.12 -5.02 -9.35
C GLY A 48 1.95 -4.58 -10.22
N GLY A 49 1.79 -3.26 -10.35
CA GLY A 49 1.01 -2.62 -11.40
C GLY A 49 -0.11 -1.74 -10.84
N ARG A 50 -1.15 -2.37 -10.29
CA ARG A 50 -2.25 -1.71 -9.62
C ARG A 50 -2.86 -2.71 -8.64
N ALA A 51 -3.66 -2.21 -7.71
CA ALA A 51 -4.50 -3.06 -6.89
C ALA A 51 -5.70 -3.51 -7.71
N THR A 52 -6.54 -4.35 -7.10
CA THR A 52 -7.92 -4.49 -7.52
C THR A 52 -8.76 -4.42 -6.25
N TYR A 53 -9.07 -3.20 -5.83
CA TYR A 53 -9.90 -2.88 -4.67
C TYR A 53 -11.13 -2.07 -5.10
N ARG A 54 -12.10 -1.97 -4.20
CA ARG A 54 -13.08 -0.91 -4.13
C ARG A 54 -13.27 -0.67 -2.63
N GLY A 55 -13.56 0.55 -2.18
CA GLY A 55 -13.72 0.78 -0.76
C GLY A 55 -14.17 2.18 -0.41
N THR A 56 -14.66 2.34 0.83
CA THR A 56 -15.08 3.59 1.40
C THR A 56 -13.97 4.08 2.33
N ALA A 57 -13.66 5.38 2.23
CA ALA A 57 -12.81 6.07 3.18
C ALA A 57 -13.74 6.99 3.96
N PHE A 58 -14.61 6.39 4.78
CA PHE A 58 -15.76 7.06 5.37
C PHE A 58 -15.33 7.80 6.63
N GLY A 59 -15.82 9.03 6.81
CA GLY A 59 -15.48 9.84 7.95
C GLY A 59 -16.27 9.38 9.17
N SER A 60 -15.84 9.79 10.38
CA SER A 60 -16.70 9.77 11.54
C SER A 60 -18.03 10.47 11.26
N ASP A 61 -17.99 11.50 10.40
CA ASP A 61 -19.15 12.28 9.95
C ASP A 61 -19.73 11.71 8.64
N ASP A 62 -19.18 10.61 8.11
CA ASP A 62 -19.44 10.04 6.80
C ASP A 62 -19.18 10.94 5.60
N ALA A 63 -18.67 12.13 5.85
CA ALA A 63 -18.25 13.08 4.86
C ALA A 63 -16.87 12.71 4.34
N GLY A 64 -16.72 11.47 3.87
CA GLY A 64 -15.43 10.84 3.67
C GLY A 64 -15.16 10.62 2.18
N GLY A 65 -13.97 10.11 1.86
CA GLY A 65 -13.55 9.78 0.51
C GLY A 65 -14.12 8.44 0.05
N LYS A 66 -13.83 8.07 -1.19
CA LYS A 66 -13.89 6.69 -1.62
C LYS A 66 -12.51 6.28 -2.11
N LEU A 67 -12.10 5.04 -1.86
CA LEU A 67 -10.77 4.56 -2.13
C LEU A 67 -10.70 4.02 -3.56
N THR A 68 -9.69 4.44 -4.31
CA THR A 68 -9.40 3.93 -5.64
C THR A 68 -8.25 2.92 -5.60
N TYR A 69 -8.23 2.01 -6.58
CA TYR A 69 -7.34 0.88 -6.59
C TYR A 69 -5.97 1.28 -7.14
N THR A 70 -4.98 1.49 -6.26
CA THR A 70 -3.64 1.87 -6.70
C THR A 70 -2.59 1.42 -5.68
N ILE A 71 -2.02 0.21 -5.89
CA ILE A 71 -0.83 -0.27 -5.19
C ILE A 71 0.00 -1.05 -6.21
N ASP A 72 1.32 -1.18 -5.99
CA ASP A 72 2.18 -2.09 -6.74
C ASP A 72 2.77 -3.07 -5.75
N PHE A 73 2.39 -4.33 -5.91
CA PHE A 73 2.62 -5.44 -5.00
C PHE A 73 4.04 -5.52 -4.45
N ALA A 74 5.04 -5.39 -5.34
CA ALA A 74 6.45 -5.56 -5.05
C ALA A 74 6.84 -4.93 -3.71
N ALA A 75 6.41 -3.68 -3.50
CA ALA A 75 6.75 -2.91 -2.32
C ALA A 75 5.51 -2.37 -1.58
N LYS A 76 4.35 -2.32 -2.26
CA LYS A 76 3.03 -2.14 -1.68
C LYS A 76 2.78 -0.69 -1.30
N GLN A 77 2.74 0.17 -2.33
CA GLN A 77 2.49 1.59 -2.23
C GLN A 77 0.97 1.76 -2.11
N GLY A 78 0.47 1.38 -0.94
CA GLY A 78 -0.94 1.25 -0.64
C GLY A 78 -1.73 2.56 -0.66
N ASN A 79 -1.87 3.20 -1.82
CA ASN A 79 -2.13 4.64 -1.87
C ASN A 79 -3.12 4.97 -2.98
N GLY A 80 -4.40 4.74 -2.68
CA GLY A 80 -5.50 5.13 -3.54
C GLY A 80 -5.85 6.60 -3.30
N LYS A 81 -6.30 7.29 -4.35
CA LYS A 81 -6.71 8.68 -4.23
C LYS A 81 -8.12 8.74 -3.64
N ILE A 82 -8.33 9.68 -2.72
CA ILE A 82 -9.62 10.04 -2.12
C ILE A 82 -10.16 11.25 -2.89
N GLU A 83 -11.04 10.95 -3.83
CA GLU A 83 -12.05 11.87 -4.32
C GLU A 83 -13.29 11.61 -3.45
N HIS A 84 -14.41 12.34 -3.53
CA HIS A 84 -15.18 12.88 -4.65
C HIS A 84 -15.98 14.06 -4.10
N LEU A 85 -15.30 14.91 -3.31
CA LEU A 85 -15.98 15.75 -2.34
C LEU A 85 -16.56 16.99 -3.01
N LYS A 86 -17.47 17.69 -2.33
CA LYS A 86 -18.14 18.87 -2.87
C LYS A 86 -17.14 19.96 -3.28
N SER A 87 -15.96 19.92 -2.66
CA SER A 87 -14.87 20.84 -2.85
C SER A 87 -13.82 20.04 -3.61
N PRO A 88 -13.62 20.23 -4.92
CA PRO A 88 -12.50 19.59 -5.61
C PRO A 88 -11.17 19.82 -4.88
N GLU A 89 -10.98 21.00 -4.28
CA GLU A 89 -9.80 21.30 -3.48
C GLU A 89 -9.57 20.16 -2.50
N LEU A 90 -10.64 19.73 -1.83
CA LEU A 90 -10.60 18.85 -0.70
C LEU A 90 -10.23 17.42 -1.07
N ASN A 91 -10.26 17.04 -2.35
CA ASN A 91 -9.88 15.69 -2.74
C ASN A 91 -8.43 15.45 -2.30
N VAL A 92 -8.21 14.36 -1.57
CA VAL A 92 -6.96 14.01 -0.91
C VAL A 92 -6.26 12.94 -1.73
N ASP A 93 -4.98 13.13 -2.03
CA ASP A 93 -4.13 12.07 -2.57
C ASP A 93 -3.28 11.55 -1.44
N LEU A 94 -3.21 10.24 -1.30
CA LEU A 94 -2.35 9.61 -0.30
C LEU A 94 -0.92 9.64 -0.84
N ALA A 95 0.08 9.89 0.03
CA ALA A 95 1.46 9.94 -0.43
C ALA A 95 1.96 8.52 -0.63
N ALA A 96 2.91 8.29 -1.53
CA ALA A 96 3.29 6.93 -1.88
C ALA A 96 4.15 6.37 -0.75
N ALA A 97 3.79 5.20 -0.23
CA ALA A 97 4.41 4.65 0.97
C ALA A 97 4.32 3.14 0.97
N ASP A 98 5.49 2.52 0.92
CA ASP A 98 5.74 1.08 0.79
C ASP A 98 5.95 0.46 2.16
N ILE A 99 6.09 -0.87 2.23
CA ILE A 99 6.32 -1.56 3.50
C ILE A 99 7.66 -2.28 3.56
N LYS A 100 8.40 -1.91 4.61
CA LYS A 100 9.70 -2.32 5.05
C LYS A 100 9.65 -3.22 6.30
N PRO A 101 8.84 -2.91 7.34
CA PRO A 101 8.81 -3.74 8.54
C PRO A 101 7.86 -4.91 8.30
N ASP A 102 7.53 -5.64 9.37
CA ASP A 102 6.61 -6.78 9.35
C ASP A 102 7.20 -7.94 8.52
N GLY A 103 6.54 -9.10 8.61
CA GLY A 103 6.84 -10.27 7.82
C GLY A 103 5.85 -11.38 8.13
N LYS A 104 4.56 -11.07 8.29
CA LYS A 104 3.51 -12.04 8.60
C LYS A 104 2.38 -11.96 7.57
N ARG A 105 2.70 -12.21 6.30
CA ARG A 105 1.78 -12.07 5.17
C ARG A 105 1.14 -10.68 5.17
N HIS A 106 2.00 -9.67 5.30
CA HIS A 106 1.67 -8.25 5.22
C HIS A 106 0.87 -7.75 6.43
N ALA A 107 1.38 -6.71 7.09
CA ALA A 107 0.68 -5.97 8.13
C ALA A 107 -0.01 -4.74 7.57
N VAL A 108 0.74 -3.65 7.33
CA VAL A 108 0.19 -2.34 6.97
C VAL A 108 1.25 -1.51 6.26
N ILE A 109 0.79 -0.49 5.52
CA ILE A 109 1.53 0.67 5.13
C ILE A 109 1.26 1.75 6.18
N SER A 110 2.19 2.71 6.31
CA SER A 110 1.99 3.92 7.09
C SER A 110 2.40 5.07 6.19
N GLY A 111 1.43 5.82 5.65
CA GLY A 111 1.67 6.89 4.69
C GLY A 111 1.16 8.24 5.20
N SER A 112 1.76 9.33 4.74
CA SER A 112 1.19 10.66 4.89
C SER A 112 0.11 10.85 3.82
N VAL A 113 -0.72 11.89 3.95
CA VAL A 113 -1.63 12.27 2.88
C VAL A 113 -1.46 13.74 2.56
N LEU A 114 -1.79 14.13 1.33
CA LEU A 114 -1.85 15.53 0.99
C LEU A 114 -3.16 16.06 1.53
N TYR A 115 -3.07 17.01 2.46
CA TYR A 115 -4.15 17.93 2.78
C TYR A 115 -4.11 18.94 1.63
N ASN A 116 -4.42 18.45 0.42
CA ASN A 116 -4.81 19.21 -0.76
C ASN A 116 -3.70 20.09 -1.32
N GLN A 117 -3.33 21.14 -0.57
CA GLN A 117 -2.26 22.08 -0.84
C GLN A 117 -1.29 22.14 0.35
N ALA A 118 -1.33 21.14 1.24
CA ALA A 118 -0.55 20.99 2.45
C ALA A 118 -0.50 19.49 2.76
N GLU A 119 0.21 19.07 3.81
CA GLU A 119 0.37 17.64 4.14
C GLU A 119 0.15 17.42 5.63
N LYS A 120 -1.03 17.75 6.18
CA LYS A 120 -1.35 17.54 7.59
C LYS A 120 -2.51 16.57 7.67
N GLY A 121 -2.16 15.37 7.24
CA GLY A 121 -2.94 14.17 7.44
C GLY A 121 -2.02 12.97 7.31
N SER A 122 -2.41 11.86 7.93
CA SER A 122 -1.64 10.62 7.92
C SER A 122 -2.60 9.46 7.87
N TYR A 123 -2.13 8.29 7.47
CA TYR A 123 -2.99 7.18 7.14
C TYR A 123 -2.21 5.87 7.33
N SER A 124 -2.90 4.81 7.75
CA SER A 124 -2.32 3.49 7.80
C SER A 124 -3.35 2.51 7.27
N LEU A 125 -2.89 1.58 6.43
CA LEU A 125 -3.76 0.68 5.67
C LEU A 125 -3.05 -0.63 5.38
N GLY A 126 -3.74 -1.77 5.42
CA GLY A 126 -3.16 -3.04 5.01
C GLY A 126 -4.12 -3.90 4.19
N ILE A 127 -3.55 -4.82 3.40
CA ILE A 127 -4.22 -5.67 2.42
C ILE A 127 -4.38 -7.08 2.99
N PHE A 128 -5.60 -7.64 2.91
CA PHE A 128 -5.90 -8.91 3.54
C PHE A 128 -6.75 -9.84 2.66
N GLY A 129 -6.74 -11.10 3.07
CA GLY A 129 -7.27 -12.24 2.32
C GLY A 129 -6.13 -12.96 1.58
N GLY A 130 -4.94 -12.35 1.55
CA GLY A 130 -3.74 -12.95 0.98
C GLY A 130 -3.75 -12.69 -0.52
N LYS A 131 -4.66 -13.34 -1.23
CA LYS A 131 -4.89 -13.06 -2.64
C LYS A 131 -5.70 -11.77 -2.84
N ALA A 132 -5.32 -10.70 -2.13
CA ALA A 132 -5.90 -9.35 -2.16
C ALA A 132 -7.41 -9.35 -2.31
N GLN A 133 -8.16 -9.29 -1.21
CA GLN A 133 -9.63 -9.32 -1.28
C GLN A 133 -10.22 -8.09 -0.59
N GLU A 134 -9.75 -7.80 0.63
CA GLU A 134 -10.26 -6.67 1.41
C GLU A 134 -9.07 -5.85 1.91
N VAL A 135 -9.26 -4.54 2.10
CA VAL A 135 -8.24 -3.67 2.70
C VAL A 135 -8.83 -2.91 3.88
N ALA A 136 -8.07 -2.81 4.96
CA ALA A 136 -8.51 -2.27 6.24
C ALA A 136 -7.50 -1.22 6.70
N GLY A 137 -7.98 -0.02 7.02
CA GLY A 137 -7.11 1.09 7.41
C GLY A 137 -7.85 2.14 8.22
N SER A 138 -7.12 3.17 8.64
CA SER A 138 -7.71 4.42 9.05
C SER A 138 -6.86 5.59 8.54
N ALA A 139 -7.52 6.69 8.18
CA ALA A 139 -6.90 7.98 7.91
C ALA A 139 -7.24 8.99 9.02
N GLU A 140 -6.33 9.94 9.24
CA GLU A 140 -6.69 11.26 9.74
C GLU A 140 -6.31 12.33 8.70
N VAL A 141 -7.26 13.21 8.35
CA VAL A 141 -7.06 14.30 7.41
C VAL A 141 -7.64 15.58 8.02
N LYS A 142 -6.83 16.42 8.69
CA LYS A 142 -7.43 17.48 9.48
C LYS A 142 -7.58 18.72 8.62
N THR A 143 -8.32 18.59 7.52
CA THR A 143 -8.41 19.70 6.58
C THR A 143 -9.43 20.70 7.10
N VAL A 144 -9.39 21.92 6.57
CA VAL A 144 -10.44 22.91 6.76
C VAL A 144 -11.85 22.36 6.46
N ASN A 145 -11.98 21.22 5.74
CA ASN A 145 -13.24 20.46 5.74
C ASN A 145 -12.90 18.96 5.80
N GLY A 146 -12.14 18.52 6.81
CA GLY A 146 -11.59 17.18 6.81
C GLY A 146 -11.70 16.55 8.18
N ILE A 147 -11.87 15.23 8.18
CA ILE A 147 -12.16 14.43 9.35
C ILE A 147 -10.88 13.79 9.87
N ARG A 148 -10.68 13.88 11.18
CA ARG A 148 -9.52 13.29 11.84
C ARG A 148 -9.71 11.78 12.02
N HIS A 149 -10.93 11.25 11.86
CA HIS A 149 -11.19 9.83 11.97
C HIS A 149 -11.89 9.39 10.68
N ILE A 150 -11.12 8.81 9.76
CA ILE A 150 -11.63 8.13 8.59
C ILE A 150 -11.49 6.63 8.82
N GLY A 151 -12.59 5.89 8.78
CA GLY A 151 -12.57 4.45 8.68
C GLY A 151 -12.35 4.08 7.23
N LEU A 152 -11.28 3.32 6.94
CA LEU A 152 -10.95 2.89 5.59
C LEU A 152 -11.31 1.42 5.50
N ALA A 153 -12.38 1.11 4.74
CA ALA A 153 -12.90 -0.25 4.57
C ALA A 153 -13.03 -0.53 3.08
N ALA A 154 -12.31 -1.54 2.58
CA ALA A 154 -12.36 -1.94 1.18
C ALA A 154 -12.71 -3.40 1.03
N LYS A 155 -13.48 -3.67 -0.02
CA LYS A 155 -13.80 -4.98 -0.56
C LYS A 155 -14.15 -4.74 -2.02
N GLN A 156 -13.53 -5.50 -2.93
CA GLN A 156 -13.85 -5.52 -4.35
C GLN A 156 -15.36 -5.41 -4.62
N MET A 1 -11.26 -43.34 10.23
CA MET A 1 -11.26 -43.66 8.80
C MET A 1 -10.04 -42.98 8.16
N GLN A 2 -9.80 -43.21 6.87
CA GLN A 2 -8.67 -42.64 6.15
C GLN A 2 -8.95 -41.16 5.87
N SER A 3 -8.53 -40.27 6.78
CA SER A 3 -8.77 -38.85 6.68
C SER A 3 -7.57 -38.07 7.22
N HIS A 4 -6.56 -37.80 6.37
CA HIS A 4 -5.43 -36.96 6.69
C HIS A 4 -4.77 -36.49 5.38
N SER A 5 -4.17 -35.31 5.41
CA SER A 5 -3.25 -34.80 4.40
C SER A 5 -2.57 -33.56 5.01
N ALA A 6 -1.42 -33.14 4.47
CA ALA A 6 -0.68 -31.97 4.96
C ALA A 6 0.43 -31.60 3.97
N LEU A 7 0.08 -31.45 2.68
CA LEU A 7 1.03 -31.15 1.62
C LEU A 7 1.13 -29.63 1.47
N THR A 8 2.36 -29.09 1.58
CA THR A 8 2.68 -27.69 1.32
C THR A 8 4.19 -27.60 1.16
N ALA A 9 4.69 -26.47 0.66
CA ALA A 9 6.12 -26.21 0.50
C ALA A 9 6.43 -24.70 0.38
N PHE A 10 5.52 -23.83 0.84
CA PHE A 10 5.66 -22.39 0.64
C PHE A 10 6.64 -21.79 1.65
N GLN A 11 7.92 -22.12 1.52
CA GLN A 11 9.00 -21.61 2.36
C GLN A 11 10.07 -20.93 1.50
N THR A 12 9.64 -20.32 0.39
CA THR A 12 10.47 -19.65 -0.58
C THR A 12 9.62 -18.52 -1.16
N GLU A 13 10.27 -17.44 -1.62
CA GLU A 13 9.65 -16.16 -1.95
C GLU A 13 8.53 -16.35 -3.00
N GLN A 14 8.92 -16.46 -4.28
CA GLN A 14 8.01 -16.73 -5.39
C GLN A 14 8.31 -18.08 -6.06
N ILE A 15 9.53 -18.61 -5.86
CA ILE A 15 10.03 -19.87 -6.43
C ILE A 15 10.34 -19.69 -7.93
N GLN A 16 11.18 -20.58 -8.46
CA GLN A 16 11.46 -20.79 -9.86
C GLN A 16 12.40 -19.70 -10.37
N ASP A 17 13.55 -19.57 -9.71
CA ASP A 17 14.68 -18.72 -10.11
C ASP A 17 14.42 -17.24 -9.88
N SER A 18 13.22 -16.76 -10.19
CA SER A 18 12.67 -15.48 -9.73
C SER A 18 13.01 -15.21 -8.26
N GLU A 19 12.93 -16.26 -7.44
CA GLU A 19 13.35 -16.29 -6.05
C GLU A 19 14.70 -15.59 -5.82
N HIS A 20 15.68 -15.74 -6.71
CA HIS A 20 16.95 -15.00 -6.61
C HIS A 20 16.70 -13.51 -6.39
N SER A 21 15.76 -12.91 -7.13
CA SER A 21 15.40 -11.52 -6.94
C SER A 21 14.70 -11.33 -5.60
N GLY A 22 13.79 -12.25 -5.27
CA GLY A 22 12.98 -12.19 -4.06
C GLY A 22 13.80 -12.42 -2.79
N LYS A 23 14.16 -13.68 -2.51
CA LYS A 23 14.79 -14.06 -1.24
C LYS A 23 16.22 -13.51 -1.12
N MET A 24 16.96 -13.46 -2.25
CA MET A 24 18.33 -12.98 -2.32
C MET A 24 19.33 -13.82 -1.53
N VAL A 25 19.23 -13.81 -0.20
CA VAL A 25 20.02 -14.64 0.70
C VAL A 25 21.49 -14.21 0.67
N ALA A 26 22.21 -14.56 -0.40
CA ALA A 26 23.60 -14.21 -0.64
C ALA A 26 23.91 -14.53 -2.10
N LYS A 27 24.37 -13.53 -2.85
CA LYS A 27 24.71 -13.68 -4.26
C LYS A 27 25.91 -12.77 -4.54
N ARG A 28 27.00 -13.04 -3.80
CA ARG A 28 28.08 -12.07 -3.53
C ARG A 28 27.50 -10.92 -2.71
N GLN A 29 27.30 -11.18 -1.41
CA GLN A 29 26.58 -10.31 -0.49
C GLN A 29 25.14 -10.13 -1.00
N PHE A 30 24.43 -9.10 -0.51
CA PHE A 30 23.10 -8.77 -1.01
C PHE A 30 23.20 -7.87 -2.23
N ARG A 31 22.04 -7.48 -2.77
CA ARG A 31 21.96 -6.62 -3.93
C ARG A 31 20.56 -6.04 -4.06
N ILE A 32 19.55 -6.91 -4.05
CA ILE A 32 18.15 -6.59 -4.28
C ILE A 32 17.96 -6.14 -5.74
N GLY A 33 18.44 -4.94 -6.07
CA GLY A 33 18.32 -4.38 -7.41
C GLY A 33 16.89 -3.90 -7.69
N ASP A 34 15.92 -4.82 -7.65
CA ASP A 34 14.53 -4.59 -7.98
C ASP A 34 13.64 -5.38 -7.00
N ILE A 35 12.33 -5.15 -7.06
CA ILE A 35 11.29 -5.82 -6.28
C ILE A 35 11.41 -5.47 -4.80
N ALA A 36 12.39 -6.04 -4.10
CA ALA A 36 12.60 -5.91 -2.67
C ALA A 36 11.55 -6.62 -1.83
N GLY A 37 10.24 -6.47 -2.13
CA GLY A 37 9.09 -7.11 -1.49
C GLY A 37 9.31 -7.66 -0.09
N GLU A 38 9.53 -8.97 0.03
CA GLU A 38 9.40 -9.81 1.22
C GLU A 38 7.95 -10.21 1.44
N HIS A 39 7.37 -10.19 2.65
CA HIS A 39 6.14 -10.92 2.94
C HIS A 39 4.99 -10.40 2.07
N THR A 40 4.98 -9.08 1.84
CA THR A 40 4.14 -8.45 0.84
C THR A 40 4.04 -9.23 -0.47
N SER A 41 5.18 -9.69 -1.00
CA SER A 41 5.28 -10.65 -2.09
C SER A 41 4.97 -12.11 -1.65
N PHE A 42 5.81 -12.60 -0.73
CA PHE A 42 5.98 -14.02 -0.35
C PHE A 42 4.70 -14.65 0.21
N ASP A 43 3.79 -13.86 0.77
CA ASP A 43 2.47 -14.36 1.16
C ASP A 43 1.77 -15.05 -0.04
N LYS A 44 2.14 -14.66 -1.27
CA LYS A 44 1.91 -15.30 -2.57
C LYS A 44 1.06 -14.35 -3.39
N LEU A 45 1.62 -13.17 -3.61
CA LEU A 45 1.04 -12.12 -4.41
C LEU A 45 2.01 -11.82 -5.56
N PRO A 46 1.48 -11.48 -6.74
CA PRO A 46 2.22 -11.43 -7.99
C PRO A 46 3.22 -10.29 -8.05
N GLU A 47 3.91 -10.16 -9.20
CA GLU A 47 4.75 -9.04 -9.57
C GLU A 47 3.94 -8.00 -10.36
N GLY A 48 2.62 -7.92 -10.13
CA GLY A 48 1.71 -7.13 -10.93
C GLY A 48 1.89 -5.63 -10.73
N GLY A 49 1.21 -4.85 -11.57
CA GLY A 49 1.28 -3.38 -11.61
C GLY A 49 0.14 -2.69 -10.86
N ARG A 50 -0.93 -3.42 -10.52
CA ARG A 50 -2.09 -2.89 -9.80
C ARG A 50 -2.78 -4.01 -9.04
N ALA A 51 -2.82 -3.92 -7.70
CA ALA A 51 -3.85 -4.63 -6.96
C ALA A 51 -5.15 -3.84 -7.04
N THR A 52 -6.23 -4.47 -6.58
CA THR A 52 -7.59 -4.01 -6.77
C THR A 52 -8.07 -3.25 -5.53
N TYR A 53 -7.42 -2.12 -5.18
CA TYR A 53 -7.82 -1.31 -4.03
C TYR A 53 -9.08 -0.51 -4.41
N ARG A 54 -10.21 -1.19 -4.51
CA ARG A 54 -11.52 -0.60 -4.72
C ARG A 54 -12.22 -0.50 -3.37
N GLY A 55 -12.40 0.72 -2.85
CA GLY A 55 -12.91 0.85 -1.51
C GLY A 55 -13.35 2.25 -1.15
N THR A 56 -13.45 2.47 0.16
CA THR A 56 -13.93 3.68 0.79
C THR A 56 -12.88 4.16 1.80
N ALA A 57 -12.70 5.47 1.83
CA ALA A 57 -12.03 6.25 2.85
C ALA A 57 -13.11 7.14 3.45
N PHE A 58 -14.02 6.52 4.21
CA PHE A 58 -15.22 7.18 4.72
C PHE A 58 -14.90 7.94 5.98
N GLY A 59 -15.47 9.14 6.11
CA GLY A 59 -15.14 10.03 7.21
C GLY A 59 -15.83 9.57 8.49
N SER A 60 -15.37 10.06 9.64
CA SER A 60 -16.13 9.92 10.89
C SER A 60 -17.56 10.46 10.71
N ASP A 61 -17.69 11.49 9.85
CA ASP A 61 -18.93 12.16 9.49
C ASP A 61 -19.59 11.52 8.26
N ASP A 62 -18.97 10.48 7.68
CA ASP A 62 -18.82 10.33 6.25
C ASP A 62 -19.04 11.59 5.40
N ALA A 63 -18.10 12.52 5.58
CA ALA A 63 -17.68 13.39 4.50
C ALA A 63 -16.32 12.88 4.04
N GLY A 64 -16.26 11.61 3.67
CA GLY A 64 -15.07 10.93 3.20
C GLY A 64 -15.22 10.59 1.72
N GLY A 65 -14.21 9.94 1.14
CA GLY A 65 -14.03 9.73 -0.28
C GLY A 65 -13.77 8.27 -0.60
N LYS A 66 -13.57 7.98 -1.89
CA LYS A 66 -13.32 6.64 -2.39
C LYS A 66 -11.86 6.23 -2.14
N LEU A 67 -11.56 4.96 -2.39
CA LEU A 67 -10.21 4.43 -2.53
C LEU A 67 -10.10 3.89 -3.95
N THR A 68 -9.15 4.43 -4.72
CA THR A 68 -8.90 4.13 -6.13
C THR A 68 -7.77 3.10 -6.26
N TYR A 69 -7.90 2.14 -7.17
CA TYR A 69 -7.02 0.98 -7.18
C TYR A 69 -5.65 1.28 -7.80
N THR A 70 -4.60 1.33 -6.99
CA THR A 70 -3.21 1.55 -7.42
C THR A 70 -2.24 0.97 -6.38
N ILE A 71 -1.74 -0.27 -6.59
CA ILE A 71 -0.51 -0.77 -5.97
C ILE A 71 0.27 -1.58 -7.01
N ASP A 72 1.46 -1.11 -7.39
CA ASP A 72 2.42 -1.94 -8.09
C ASP A 72 2.93 -2.95 -7.07
N PHE A 73 2.65 -4.24 -7.27
CA PHE A 73 2.92 -5.30 -6.30
C PHE A 73 4.37 -5.39 -5.91
N ALA A 74 5.26 -5.29 -6.89
CA ALA A 74 6.69 -5.55 -6.75
C ALA A 74 7.25 -4.96 -5.46
N ALA A 75 6.83 -3.72 -5.16
CA ALA A 75 7.22 -2.99 -3.95
C ALA A 75 6.01 -2.53 -3.10
N LYS A 76 4.80 -2.53 -3.67
CA LYS A 76 3.55 -2.51 -2.94
C LYS A 76 3.28 -1.16 -2.27
N GLN A 77 3.62 -0.11 -3.02
CA GLN A 77 3.44 1.29 -2.69
C GLN A 77 1.98 1.69 -2.84
N GLY A 78 1.08 0.96 -2.17
CA GLY A 78 -0.34 1.00 -2.44
C GLY A 78 -1.06 2.15 -1.75
N ASN A 79 -1.91 2.89 -2.47
CA ASN A 79 -2.68 4.02 -1.94
C ASN A 79 -3.84 4.27 -2.90
N GLY A 80 -4.81 5.11 -2.49
CA GLY A 80 -5.89 5.54 -3.38
C GLY A 80 -6.48 6.86 -2.91
N LYS A 81 -6.86 7.75 -3.82
CA LYS A 81 -7.20 9.14 -3.51
C LYS A 81 -8.70 9.40 -3.33
N ILE A 82 -9.03 10.28 -2.38
CA ILE A 82 -10.40 10.48 -1.86
C ILE A 82 -11.10 11.51 -2.76
N GLU A 83 -11.19 11.17 -4.05
CA GLU A 83 -11.46 12.15 -5.06
C GLU A 83 -12.90 12.04 -5.56
N HIS A 84 -13.82 12.62 -4.80
CA HIS A 84 -15.09 13.15 -5.31
C HIS A 84 -15.75 14.20 -4.42
N LEU A 85 -15.07 14.77 -3.42
CA LEU A 85 -15.79 15.51 -2.38
C LEU A 85 -16.26 16.86 -2.89
N LYS A 86 -17.46 17.24 -2.43
CA LYS A 86 -18.27 18.34 -2.91
C LYS A 86 -17.51 19.67 -2.98
N SER A 87 -16.63 19.90 -2.01
CA SER A 87 -15.81 21.10 -1.91
C SER A 87 -14.39 20.70 -2.33
N PRO A 88 -13.75 21.43 -3.26
CA PRO A 88 -12.53 21.01 -3.93
C PRO A 88 -11.46 20.57 -2.92
N GLU A 89 -11.21 21.40 -1.91
CA GLU A 89 -10.17 21.23 -0.92
C GLU A 89 -10.33 19.93 -0.12
N LEU A 90 -11.53 19.35 -0.07
CA LEU A 90 -11.75 18.07 0.61
C LEU A 90 -11.17 16.90 -0.17
N ASN A 91 -10.90 17.04 -1.47
CA ASN A 91 -10.39 15.96 -2.28
C ASN A 91 -8.94 15.68 -1.90
N VAL A 92 -8.76 14.91 -0.84
CA VAL A 92 -7.48 14.44 -0.35
C VAL A 92 -6.86 13.50 -1.38
N ASP A 93 -5.56 13.63 -1.58
CA ASP A 93 -4.74 12.61 -2.21
C ASP A 93 -3.93 11.90 -1.12
N LEU A 94 -3.53 10.68 -1.38
CA LEU A 94 -3.05 9.68 -0.43
C LEU A 94 -1.65 9.22 -0.89
N ALA A 95 -0.62 9.49 -0.08
CA ALA A 95 0.76 9.37 -0.53
C ALA A 95 1.25 7.93 -0.53
N ALA A 96 1.88 7.51 -1.63
CA ALA A 96 2.27 6.12 -1.87
C ALA A 96 3.48 5.79 -0.99
N ALA A 97 3.47 4.60 -0.37
CA ALA A 97 4.44 4.22 0.64
C ALA A 97 4.57 2.70 0.69
N ASP A 98 5.80 2.20 0.66
CA ASP A 98 6.15 0.82 0.45
C ASP A 98 5.98 0.00 1.73
N ILE A 99 5.21 -1.08 1.69
CA ILE A 99 5.12 -2.03 2.78
C ILE A 99 6.40 -2.88 2.84
N LYS A 100 7.43 -2.29 3.42
CA LYS A 100 8.56 -2.96 4.05
C LYS A 100 8.35 -3.29 5.52
N PRO A 101 7.61 -2.53 6.35
CA PRO A 101 7.15 -3.08 7.61
C PRO A 101 6.10 -4.15 7.31
N ASP A 102 6.54 -5.34 6.89
CA ASP A 102 5.71 -6.52 6.72
C ASP A 102 5.19 -6.94 8.09
N GLY A 103 4.20 -6.23 8.63
CA GLY A 103 3.69 -6.47 9.97
C GLY A 103 2.79 -7.69 10.03
N LYS A 104 3.34 -8.88 9.70
CA LYS A 104 2.66 -10.17 9.72
C LYS A 104 1.77 -10.29 8.48
N ARG A 105 2.09 -11.26 7.61
CA ARG A 105 1.50 -11.41 6.29
C ARG A 105 1.92 -10.23 5.43
N HIS A 106 1.31 -9.07 5.67
CA HIS A 106 1.57 -7.79 5.02
C HIS A 106 0.50 -6.80 5.48
N ALA A 107 0.33 -6.65 6.80
CA ALA A 107 -0.84 -5.98 7.35
C ALA A 107 -0.70 -4.46 7.55
N VAL A 108 0.34 -3.81 7.03
CA VAL A 108 0.50 -2.35 7.20
C VAL A 108 1.38 -1.68 6.12
N ILE A 109 0.72 -1.01 5.19
CA ILE A 109 1.15 0.23 4.57
C ILE A 109 0.92 1.33 5.61
N SER A 110 1.77 2.35 5.63
CA SER A 110 1.41 3.62 6.24
C SER A 110 2.04 4.72 5.42
N GLY A 111 1.29 5.78 5.15
CA GLY A 111 1.78 6.93 4.38
C GLY A 111 1.04 8.21 4.77
N SER A 112 1.52 9.39 4.33
CA SER A 112 0.83 10.64 4.61
C SER A 112 -0.34 10.84 3.65
N VAL A 113 -1.20 11.83 3.91
CA VAL A 113 -2.22 12.25 2.96
C VAL A 113 -2.11 13.76 2.77
N LEU A 114 -2.31 14.22 1.54
CA LEU A 114 -2.28 15.61 1.15
C LEU A 114 -3.73 16.06 1.01
N TYR A 115 -4.12 17.00 1.85
CA TYR A 115 -5.42 17.65 1.84
C TYR A 115 -5.38 18.69 0.73
N ASN A 116 -5.35 18.19 -0.50
CA ASN A 116 -5.53 18.91 -1.75
C ASN A 116 -4.42 19.91 -2.10
N GLN A 117 -4.07 20.83 -1.18
CA GLN A 117 -2.93 21.74 -1.30
C GLN A 117 -2.12 21.85 0.00
N ALA A 118 -2.39 21.04 1.03
CA ALA A 118 -1.66 21.08 2.30
C ALA A 118 -1.60 19.69 2.90
N GLU A 119 -0.45 19.26 3.41
CA GLU A 119 -0.40 18.04 4.21
C GLU A 119 -0.71 18.42 5.66
N LYS A 120 -1.77 17.86 6.24
CA LYS A 120 -1.80 17.29 7.58
C LYS A 120 -2.87 16.20 7.67
N GLY A 121 -2.50 15.01 7.16
CA GLY A 121 -3.10 13.76 7.58
C GLY A 121 -2.13 12.63 7.30
N SER A 122 -2.39 11.48 7.90
CA SER A 122 -1.61 10.26 7.73
C SER A 122 -2.53 9.06 7.85
N TYR A 123 -2.29 8.02 7.03
CA TYR A 123 -3.04 6.79 7.08
C TYR A 123 -2.19 5.57 7.37
N SER A 124 -2.85 4.58 7.98
CA SER A 124 -2.32 3.28 8.35
C SER A 124 -3.29 2.27 7.74
N LEU A 125 -2.86 1.61 6.66
CA LEU A 125 -3.72 0.70 5.91
C LEU A 125 -3.08 -0.67 5.72
N GLY A 126 -3.80 -1.73 6.03
CA GLY A 126 -3.35 -3.10 5.86
C GLY A 126 -4.09 -3.77 4.71
N ILE A 127 -3.35 -4.26 3.72
CA ILE A 127 -3.94 -5.08 2.67
C ILE A 127 -4.11 -6.49 3.20
N PHE A 128 -5.29 -7.11 3.01
CA PHE A 128 -5.63 -8.30 3.77
C PHE A 128 -6.76 -9.13 3.14
N GLY A 129 -7.36 -9.96 3.99
CA GLY A 129 -8.50 -10.81 3.70
C GLY A 129 -8.01 -12.21 3.38
N GLY A 130 -7.11 -12.35 2.40
CA GLY A 130 -6.61 -13.66 2.03
C GLY A 130 -5.51 -13.59 0.98
N LYS A 131 -5.74 -12.80 -0.08
CA LYS A 131 -4.81 -12.65 -1.19
C LYS A 131 -5.09 -11.33 -1.93
N ALA A 132 -5.19 -10.23 -1.18
CA ALA A 132 -5.57 -8.90 -1.66
C ALA A 132 -7.03 -8.94 -2.07
N GLN A 133 -7.90 -9.16 -1.08
CA GLN A 133 -9.35 -9.23 -1.26
C GLN A 133 -10.06 -8.19 -0.39
N GLU A 134 -9.47 -7.79 0.74
CA GLU A 134 -9.90 -6.64 1.51
C GLU A 134 -8.71 -5.68 1.58
N VAL A 135 -8.96 -4.41 1.87
CA VAL A 135 -7.97 -3.56 2.49
C VAL A 135 -8.65 -2.90 3.70
N ALA A 136 -7.96 -2.89 4.83
CA ALA A 136 -8.51 -2.52 6.13
C ALA A 136 -7.54 -1.58 6.84
N GLY A 137 -7.97 -0.35 7.10
CA GLY A 137 -7.13 0.70 7.65
C GLY A 137 -7.94 1.79 8.33
N SER A 138 -7.23 2.77 8.88
CA SER A 138 -7.81 4.07 9.15
C SER A 138 -6.76 5.14 8.89
N ALA A 139 -7.23 6.35 8.58
CA ALA A 139 -6.44 7.56 8.55
C ALA A 139 -6.87 8.52 9.65
N GLU A 140 -5.91 9.34 10.10
CA GLU A 140 -6.20 10.61 10.75
C GLU A 140 -5.93 11.70 9.72
N VAL A 141 -6.93 12.52 9.40
CA VAL A 141 -6.77 13.70 8.56
C VAL A 141 -7.28 14.89 9.35
N LYS A 142 -6.46 15.92 9.58
CA LYS A 142 -6.78 16.98 10.52
C LYS A 142 -6.50 18.33 9.85
N THR A 143 -7.56 19.00 9.39
CA THR A 143 -7.42 20.32 8.82
C THR A 143 -8.69 21.09 9.16
N VAL A 144 -8.79 22.32 8.67
CA VAL A 144 -10.03 23.06 8.58
C VAL A 144 -11.21 22.18 8.13
N ASN A 145 -10.96 21.15 7.30
CA ASN A 145 -11.97 20.11 7.09
C ASN A 145 -11.26 18.76 6.93
N GLY A 146 -10.47 18.40 7.93
CA GLY A 146 -9.86 17.07 8.01
C GLY A 146 -10.68 16.31 9.03
N ILE A 147 -11.46 15.34 8.57
CA ILE A 147 -12.48 14.71 9.38
C ILE A 147 -11.86 13.56 10.18
N ARG A 148 -10.85 13.89 11.00
CA ARG A 148 -9.95 12.99 11.72
C ARG A 148 -10.04 11.53 11.30
N HIS A 149 -10.80 10.73 12.06
CA HIS A 149 -10.90 9.30 11.85
C HIS A 149 -11.60 9.02 10.52
N ILE A 150 -10.82 8.80 9.46
CA ILE A 150 -11.33 8.31 8.20
C ILE A 150 -11.16 6.79 8.21
N GLY A 151 -12.26 6.04 8.15
CA GLY A 151 -12.23 4.60 8.10
C GLY A 151 -11.90 4.15 6.69
N LEU A 152 -10.86 3.33 6.55
CA LEU A 152 -10.33 2.90 5.26
C LEU A 152 -10.76 1.44 5.07
N ALA A 153 -11.78 1.20 4.25
CA ALA A 153 -12.38 -0.11 4.08
C ALA A 153 -12.59 -0.39 2.60
N ALA A 154 -11.94 -1.43 2.07
CA ALA A 154 -12.08 -1.85 0.68
C ALA A 154 -12.56 -3.29 0.59
N LYS A 155 -13.16 -3.61 -0.56
CA LYS A 155 -13.43 -4.96 -0.98
C LYS A 155 -12.99 -5.03 -2.42
N GLN A 156 -11.92 -5.77 -2.66
CA GLN A 156 -11.24 -5.78 -3.93
C GLN A 156 -11.98 -6.65 -4.94
N MET A 1 41.97 -1.28 -26.94
CA MET A 1 42.25 0.16 -27.09
C MET A 1 40.93 0.94 -27.23
N GLN A 2 40.09 0.90 -26.20
CA GLN A 2 38.76 1.51 -26.25
C GLN A 2 38.24 1.67 -24.82
N SER A 3 37.42 2.69 -24.60
CA SER A 3 36.63 2.86 -23.39
C SER A 3 35.67 1.68 -23.22
N HIS A 4 35.13 1.52 -22.02
CA HIS A 4 34.31 0.38 -21.63
C HIS A 4 33.68 0.73 -20.28
N SER A 5 32.73 -0.07 -19.81
CA SER A 5 31.90 0.24 -18.65
C SER A 5 31.19 -1.04 -18.22
N ALA A 6 30.51 -1.00 -17.07
CA ALA A 6 29.72 -2.10 -16.54
C ALA A 6 28.50 -1.51 -15.83
N LEU A 7 27.58 -2.38 -15.40
CA LEU A 7 26.35 -2.03 -14.72
C LEU A 7 26.23 -2.89 -13.44
N THR A 8 25.08 -2.86 -12.77
CA THR A 8 24.78 -3.70 -11.62
C THR A 8 23.27 -3.87 -11.54
N ALA A 9 22.77 -4.50 -10.48
CA ALA A 9 21.36 -4.83 -10.26
C ALA A 9 21.17 -5.19 -8.79
N PHE A 10 19.92 -5.49 -8.41
CA PHE A 10 19.54 -5.95 -7.08
C PHE A 10 18.96 -7.36 -7.18
N GLN A 11 18.72 -8.00 -6.03
CA GLN A 11 18.44 -9.43 -5.94
C GLN A 11 17.19 -9.66 -5.10
N THR A 12 16.20 -8.80 -5.31
CA THR A 12 15.06 -8.62 -4.44
C THR A 12 13.76 -9.01 -5.15
N GLU A 13 12.63 -8.96 -4.43
CA GLU A 13 11.36 -9.47 -4.93
C GLU A 13 10.89 -8.72 -6.19
N GLN A 14 11.19 -7.43 -6.33
CA GLN A 14 10.84 -6.72 -7.55
C GLN A 14 11.71 -7.16 -8.73
N ILE A 15 11.08 -7.50 -9.86
CA ILE A 15 11.63 -7.75 -11.18
C ILE A 15 12.03 -9.22 -11.33
N GLN A 16 11.18 -10.04 -11.95
CA GLN A 16 11.38 -11.41 -12.43
C GLN A 16 12.75 -12.02 -12.10
N ASP A 17 13.81 -11.58 -12.78
CA ASP A 17 15.14 -12.15 -12.63
C ASP A 17 15.59 -12.09 -11.17
N SER A 18 15.47 -10.89 -10.58
CA SER A 18 15.72 -10.64 -9.18
C SER A 18 14.70 -11.35 -8.30
N GLU A 19 13.42 -11.37 -8.74
CA GLU A 19 12.28 -11.90 -7.99
C GLU A 19 12.63 -13.24 -7.37
N HIS A 20 13.13 -14.16 -8.19
CA HIS A 20 13.60 -15.48 -7.80
C HIS A 20 14.52 -15.40 -6.57
N SER A 21 15.67 -14.74 -6.70
CA SER A 21 16.63 -14.61 -5.62
C SER A 21 16.00 -13.98 -4.38
N GLY A 22 15.19 -12.93 -4.58
CA GLY A 22 14.57 -12.21 -3.49
C GLY A 22 13.67 -13.11 -2.67
N LYS A 23 12.62 -13.64 -3.30
CA LYS A 23 11.61 -14.43 -2.60
C LYS A 23 12.23 -15.66 -1.97
N MET A 24 13.02 -16.42 -2.75
CA MET A 24 13.69 -17.64 -2.35
C MET A 24 14.25 -18.33 -3.60
N VAL A 25 15.57 -18.50 -3.63
CA VAL A 25 16.27 -19.26 -4.66
C VAL A 25 15.61 -20.63 -4.83
N ALA A 26 15.41 -21.32 -3.70
CA ALA A 26 14.71 -22.60 -3.53
C ALA A 26 15.23 -23.18 -2.23
N LYS A 27 16.54 -23.41 -2.20
CA LYS A 27 17.27 -23.47 -0.95
C LYS A 27 17.18 -22.11 -0.26
N ARG A 28 17.37 -22.10 1.06
CA ARG A 28 17.30 -20.91 1.90
C ARG A 28 18.31 -19.87 1.41
N GLN A 29 17.84 -18.70 0.96
CA GLN A 29 18.69 -17.55 0.73
C GLN A 29 19.11 -16.93 2.07
N PHE A 30 20.18 -16.14 2.07
CA PHE A 30 20.71 -15.54 3.29
C PHE A 30 19.72 -14.60 3.95
N ARG A 31 19.00 -13.81 3.15
CA ARG A 31 18.10 -12.75 3.62
C ARG A 31 18.89 -11.59 4.26
N ILE A 32 20.17 -11.45 3.88
CA ILE A 32 21.10 -10.49 4.46
C ILE A 32 20.69 -9.04 4.18
N GLY A 33 20.03 -8.80 3.05
CA GLY A 33 19.60 -7.49 2.59
C GLY A 33 18.62 -7.75 1.46
N ASP A 34 18.36 -6.73 0.62
CA ASP A 34 17.46 -6.81 -0.52
C ASP A 34 16.05 -7.21 -0.07
N ILE A 35 15.60 -6.67 1.07
CA ILE A 35 14.31 -7.00 1.66
C ILE A 35 13.32 -5.86 1.46
N ALA A 36 12.12 -6.21 0.99
CA ALA A 36 10.93 -5.35 0.92
C ALA A 36 9.77 -6.31 0.63
N GLY A 37 8.54 -5.96 1.02
CA GLY A 37 7.38 -6.80 0.74
C GLY A 37 7.37 -8.05 1.63
N GLU A 38 8.12 -9.09 1.23
CA GLU A 38 8.16 -10.39 1.86
C GLU A 38 6.77 -11.01 2.03
N HIS A 39 6.09 -10.70 3.13
CA HIS A 39 4.93 -11.44 3.53
C HIS A 39 3.78 -11.18 2.54
N THR A 40 3.55 -9.91 2.19
CA THR A 40 2.46 -9.56 1.29
C THR A 40 2.57 -10.27 -0.06
N SER A 41 3.80 -10.40 -0.56
CA SER A 41 4.15 -11.08 -1.79
C SER A 41 3.96 -12.59 -1.59
N PHE A 42 4.68 -13.13 -0.61
CA PHE A 42 4.67 -14.52 -0.17
C PHE A 42 3.26 -15.10 -0.07
N ASP A 43 2.31 -14.35 0.51
CA ASP A 43 0.92 -14.76 0.64
C ASP A 43 0.35 -15.32 -0.67
N LYS A 44 0.85 -14.85 -1.82
CA LYS A 44 0.80 -15.40 -3.17
C LYS A 44 0.24 -14.33 -4.08
N LEU A 45 0.95 -13.21 -4.13
CA LEU A 45 0.67 -12.10 -5.00
C LEU A 45 1.78 -11.97 -6.05
N PRO A 46 1.43 -11.57 -7.29
CA PRO A 46 2.37 -11.38 -8.39
C PRO A 46 3.21 -10.12 -8.18
N GLU A 47 4.17 -9.86 -9.08
CA GLU A 47 4.72 -8.53 -9.28
C GLU A 47 3.93 -7.80 -10.39
N GLY A 48 2.61 -7.83 -10.30
CA GLY A 48 1.73 -7.06 -11.15
C GLY A 48 1.89 -5.56 -10.88
N GLY A 49 1.09 -4.72 -11.55
CA GLY A 49 1.28 -3.27 -11.51
C GLY A 49 0.06 -2.46 -11.06
N ARG A 50 -1.08 -3.11 -10.78
CA ARG A 50 -2.33 -2.51 -10.31
C ARG A 50 -3.14 -3.61 -9.62
N ALA A 51 -3.38 -3.50 -8.31
CA ALA A 51 -4.25 -4.40 -7.59
C ALA A 51 -5.61 -3.75 -7.40
N THR A 52 -6.62 -4.57 -7.16
CA THR A 52 -8.00 -4.14 -7.10
C THR A 52 -8.33 -3.51 -5.74
N TYR A 53 -7.59 -2.49 -5.31
CA TYR A 53 -7.75 -1.85 -4.00
C TYR A 53 -8.95 -0.90 -4.01
N ARG A 54 -10.16 -1.40 -4.29
CA ARG A 54 -11.36 -0.59 -4.30
C ARG A 54 -11.88 -0.45 -2.87
N GLY A 55 -12.29 0.76 -2.47
CA GLY A 55 -12.87 0.93 -1.14
C GLY A 55 -13.55 2.27 -0.94
N THR A 56 -14.10 2.44 0.25
CA THR A 56 -14.83 3.61 0.70
C THR A 56 -14.12 4.12 1.95
N ALA A 57 -13.31 5.16 1.80
CA ALA A 57 -12.63 5.83 2.88
C ALA A 57 -13.66 6.74 3.55
N PHE A 58 -14.58 6.12 4.28
CA PHE A 58 -15.74 6.75 4.89
C PHE A 58 -15.33 7.47 6.17
N GLY A 59 -15.84 8.68 6.36
CA GLY A 59 -15.43 9.52 7.47
C GLY A 59 -16.12 9.06 8.76
N SER A 60 -15.63 9.53 9.91
CA SER A 60 -16.38 9.49 11.16
C SER A 60 -17.83 9.97 10.91
N ASP A 61 -17.95 11.03 10.12
CA ASP A 61 -19.21 11.68 9.76
C ASP A 61 -19.88 11.04 8.54
N ASP A 62 -19.27 9.99 7.95
CA ASP A 62 -19.51 9.52 6.60
C ASP A 62 -19.66 10.66 5.59
N ALA A 63 -18.72 11.60 5.70
CA ALA A 63 -18.44 12.63 4.71
C ALA A 63 -17.07 12.28 4.14
N GLY A 64 -16.96 11.07 3.59
CA GLY A 64 -15.70 10.44 3.23
C GLY A 64 -15.61 10.22 1.73
N GLY A 65 -14.49 9.68 1.27
CA GLY A 65 -14.16 9.54 -0.14
C GLY A 65 -14.09 8.09 -0.59
N LYS A 66 -13.89 7.90 -1.89
CA LYS A 66 -13.67 6.59 -2.50
C LYS A 66 -12.16 6.36 -2.54
N LEU A 67 -11.70 5.19 -2.09
CA LEU A 67 -10.31 4.82 -2.22
C LEU A 67 -10.08 4.35 -3.64
N THR A 68 -9.24 5.06 -4.41
CA THR A 68 -8.91 4.64 -5.76
C THR A 68 -7.88 3.51 -5.72
N TYR A 69 -8.02 2.52 -6.59
CA TYR A 69 -7.25 1.30 -6.52
C TYR A 69 -5.85 1.43 -7.12
N THR A 70 -4.86 1.83 -6.32
CA THR A 70 -3.49 1.99 -6.77
C THR A 70 -2.50 1.27 -5.85
N ILE A 71 -1.96 0.13 -6.29
CA ILE A 71 -0.65 -0.33 -5.86
C ILE A 71 0.13 -0.56 -7.14
N ASP A 72 1.44 -0.77 -7.03
CA ASP A 72 2.18 -1.62 -7.94
C ASP A 72 2.69 -2.75 -7.08
N PHE A 73 2.62 -4.01 -7.50
CA PHE A 73 2.95 -5.13 -6.63
C PHE A 73 4.45 -5.30 -6.48
N ALA A 74 5.27 -4.73 -7.38
CA ALA A 74 6.72 -4.89 -7.32
C ALA A 74 7.23 -4.53 -5.92
N ALA A 75 6.62 -3.52 -5.31
CA ALA A 75 6.85 -3.19 -3.89
C ALA A 75 5.58 -2.92 -3.09
N LYS A 76 4.40 -3.02 -3.71
CA LYS A 76 3.14 -3.22 -3.04
C LYS A 76 2.76 -1.99 -2.19
N GLN A 77 2.97 -0.84 -2.81
CA GLN A 77 2.80 0.49 -2.28
C GLN A 77 1.33 0.86 -2.33
N GLY A 78 0.59 0.21 -1.43
CA GLY A 78 -0.83 0.43 -1.21
C GLY A 78 -1.18 1.90 -1.07
N ASN A 79 -1.96 2.47 -1.99
CA ASN A 79 -2.33 3.88 -1.95
C ASN A 79 -3.64 4.08 -2.71
N GLY A 80 -4.38 5.14 -2.39
CA GLY A 80 -5.53 5.52 -3.17
C GLY A 80 -5.90 6.98 -2.93
N LYS A 81 -5.97 7.80 -3.98
CA LYS A 81 -6.43 9.16 -3.80
C LYS A 81 -7.96 9.16 -3.67
N ILE A 82 -8.51 10.22 -3.08
CA ILE A 82 -9.94 10.44 -3.02
C ILE A 82 -10.28 11.53 -4.02
N GLU A 83 -11.40 11.39 -4.71
CA GLU A 83 -11.86 12.39 -5.65
C GLU A 83 -13.37 12.33 -5.85
N HIS A 84 -14.07 13.29 -5.22
CA HIS A 84 -15.53 13.35 -5.29
C HIS A 84 -16.16 14.71 -4.95
N LEU A 85 -15.42 15.66 -4.39
CA LEU A 85 -15.95 16.53 -3.34
C LEU A 85 -16.12 17.95 -3.85
N LYS A 86 -17.09 18.65 -3.24
CA LYS A 86 -17.47 20.01 -3.60
C LYS A 86 -16.38 21.04 -3.32
N SER A 87 -15.31 20.64 -2.63
CA SER A 87 -14.20 21.51 -2.31
C SER A 87 -12.92 20.98 -2.95
N PRO A 88 -12.18 21.78 -3.73
CA PRO A 88 -10.83 21.42 -4.12
C PRO A 88 -10.01 21.07 -2.87
N GLU A 89 -10.21 21.78 -1.75
CA GLU A 89 -9.47 21.66 -0.50
C GLU A 89 -9.93 20.45 0.33
N LEU A 90 -10.19 19.33 -0.35
CA LEU A 90 -10.88 18.16 0.18
C LEU A 90 -10.78 16.95 -0.73
N ASN A 91 -10.71 17.13 -2.06
CA ASN A 91 -10.31 16.06 -2.98
C ASN A 91 -8.86 15.65 -2.70
N VAL A 92 -8.68 14.91 -1.61
CA VAL A 92 -7.41 14.60 -1.00
C VAL A 92 -6.63 13.57 -1.82
N ASP A 93 -5.33 13.82 -2.02
CA ASP A 93 -4.46 12.83 -2.62
C ASP A 93 -3.57 12.22 -1.54
N LEU A 94 -2.97 11.07 -1.83
CA LEU A 94 -2.32 10.16 -0.91
C LEU A 94 -0.88 9.91 -1.34
N ALA A 95 0.07 9.99 -0.39
CA ALA A 95 1.48 9.78 -0.65
C ALA A 95 1.79 8.28 -0.73
N ALA A 96 2.52 7.88 -1.77
CA ALA A 96 2.86 6.48 -2.01
C ALA A 96 3.97 6.09 -1.04
N ALA A 97 3.73 5.03 -0.27
CA ALA A 97 4.64 4.51 0.73
C ALA A 97 4.75 2.99 0.51
N ASP A 98 5.92 2.44 0.83
CA ASP A 98 6.27 1.04 0.62
C ASP A 98 5.68 0.17 1.73
N ILE A 99 5.86 -1.15 1.59
CA ILE A 99 5.59 -2.13 2.62
C ILE A 99 6.87 -2.90 2.98
N LYS A 100 7.67 -2.21 3.77
CA LYS A 100 8.69 -2.70 4.68
C LYS A 100 8.23 -3.96 5.41
N PRO A 101 9.15 -4.87 5.80
CA PRO A 101 8.82 -6.16 6.39
C PRO A 101 8.37 -6.01 7.86
N ASP A 102 7.24 -5.34 8.09
CA ASP A 102 6.50 -5.39 9.34
C ASP A 102 6.15 -6.86 9.66
N GLY A 103 5.75 -7.59 8.61
CA GLY A 103 5.67 -9.03 8.58
C GLY A 103 4.64 -9.63 9.54
N LYS A 104 3.64 -8.85 9.97
CA LYS A 104 2.70 -9.25 11.02
C LYS A 104 1.55 -10.06 10.43
N ARG A 105 1.90 -11.05 9.60
CA ARG A 105 1.10 -11.44 8.45
C ARG A 105 1.08 -10.26 7.48
N HIS A 106 1.53 -10.50 6.25
CA HIS A 106 1.43 -9.61 5.11
C HIS A 106 1.82 -8.13 5.31
N ALA A 107 2.48 -7.78 6.42
CA ALA A 107 3.06 -6.47 6.65
C ALA A 107 2.03 -5.31 6.55
N VAL A 108 2.50 -4.07 6.41
CA VAL A 108 1.74 -2.82 6.57
C VAL A 108 2.40 -1.69 5.76
N ILE A 109 1.59 -0.72 5.30
CA ILE A 109 1.94 0.56 4.70
C ILE A 109 1.50 1.68 5.64
N SER A 110 2.22 2.80 5.65
CA SER A 110 1.69 4.05 6.16
C SER A 110 2.23 5.21 5.33
N GLY A 111 1.36 6.14 4.92
CA GLY A 111 1.75 7.33 4.15
C GLY A 111 0.98 8.58 4.57
N SER A 112 1.46 9.77 4.17
CA SER A 112 0.76 11.04 4.39
C SER A 112 -0.38 11.20 3.39
N VAL A 113 -1.31 12.10 3.66
CA VAL A 113 -2.32 12.55 2.70
C VAL A 113 -2.32 14.08 2.64
N LEU A 114 -2.78 14.63 1.52
CA LEU A 114 -2.72 16.05 1.22
C LEU A 114 -4.06 16.49 0.65
N TYR A 115 -4.72 17.38 1.38
CA TYR A 115 -6.03 17.95 1.04
C TYR A 115 -5.81 19.04 -0.01
N ASN A 116 -5.24 18.66 -1.15
CA ASN A 116 -4.97 19.50 -2.31
C ASN A 116 -3.88 20.55 -2.05
N GLN A 117 -4.04 21.39 -1.03
CA GLN A 117 -3.07 22.42 -0.64
C GLN A 117 -2.72 22.38 0.85
N ALA A 118 -3.18 21.37 1.61
CA ALA A 118 -2.91 21.26 3.04
C ALA A 118 -2.57 19.81 3.40
N GLU A 119 -1.33 19.55 3.84
CA GLU A 119 -1.00 18.31 4.52
C GLU A 119 -1.20 18.58 6.01
N LYS A 120 -2.10 17.83 6.65
CA LYS A 120 -2.00 17.29 8.01
C LYS A 120 -2.99 16.16 8.16
N GLY A 121 -2.66 15.09 7.45
CA GLY A 121 -3.29 13.81 7.59
C GLY A 121 -2.32 12.74 7.11
N SER A 122 -2.51 11.52 7.59
CA SER A 122 -1.77 10.35 7.21
C SER A 122 -2.67 9.13 7.41
N TYR A 123 -2.28 7.99 6.85
CA TYR A 123 -3.01 6.76 7.04
C TYR A 123 -2.09 5.59 7.30
N SER A 124 -2.66 4.55 7.90
CA SER A 124 -2.04 3.29 8.23
C SER A 124 -2.89 2.26 7.53
N LEU A 125 -2.36 1.68 6.46
CA LEU A 125 -3.09 0.75 5.60
C LEU A 125 -2.37 -0.58 5.57
N GLY A 126 -3.12 -1.66 5.68
CA GLY A 126 -2.63 -3.03 5.58
C GLY A 126 -3.42 -3.74 4.50
N ILE A 127 -2.81 -4.73 3.86
CA ILE A 127 -3.57 -5.69 3.07
C ILE A 127 -4.19 -6.70 4.05
N PHE A 128 -5.33 -7.30 3.71
CA PHE A 128 -5.82 -8.46 4.43
C PHE A 128 -6.75 -9.31 3.55
N GLY A 129 -6.90 -10.56 3.97
CA GLY A 129 -7.44 -11.65 3.17
C GLY A 129 -6.30 -12.39 2.45
N GLY A 130 -5.10 -11.80 2.43
CA GLY A 130 -3.92 -12.38 1.83
C GLY A 130 -3.95 -12.15 0.33
N LYS A 131 -4.90 -12.80 -0.36
CA LYS A 131 -5.17 -12.52 -1.76
C LYS A 131 -5.98 -11.22 -1.92
N ALA A 132 -5.52 -10.14 -1.28
CA ALA A 132 -6.06 -8.78 -1.30
C ALA A 132 -7.58 -8.75 -1.40
N GLN A 133 -8.29 -8.93 -0.28
CA GLN A 133 -9.75 -8.84 -0.28
C GLN A 133 -10.24 -7.64 0.52
N GLU A 134 -9.59 -7.38 1.66
CA GLU A 134 -9.94 -6.29 2.55
C GLU A 134 -8.66 -5.54 2.88
N VAL A 135 -8.40 -4.40 2.24
CA VAL A 135 -7.24 -3.61 2.58
C VAL A 135 -7.56 -2.84 3.86
N ALA A 136 -7.34 -3.50 5.01
CA ALA A 136 -7.78 -3.00 6.29
C ALA A 136 -6.84 -1.87 6.74
N GLY A 137 -7.40 -0.69 7.02
CA GLY A 137 -6.62 0.48 7.37
C GLY A 137 -7.46 1.48 8.16
N SER A 138 -6.83 2.58 8.56
CA SER A 138 -7.54 3.78 9.01
C SER A 138 -6.67 5.00 8.67
N ALA A 139 -7.31 6.16 8.50
CA ALA A 139 -6.62 7.44 8.31
C ALA A 139 -7.00 8.45 9.38
N GLU A 140 -6.06 9.33 9.72
CA GLU A 140 -6.25 10.55 10.48
C GLU A 140 -6.02 11.71 9.52
N VAL A 141 -6.92 12.69 9.48
CA VAL A 141 -6.90 13.80 8.54
C VAL A 141 -7.53 15.03 9.19
N LYS A 142 -6.74 15.84 9.91
CA LYS A 142 -7.28 17.02 10.56
C LYS A 142 -7.17 18.19 9.59
N THR A 143 -8.28 18.83 9.28
CA THR A 143 -8.27 20.09 8.54
C THR A 143 -9.49 20.87 9.01
N VAL A 144 -9.56 22.16 8.70
CA VAL A 144 -10.73 22.99 8.95
C VAL A 144 -12.00 22.27 8.48
N ASN A 145 -11.87 21.48 7.41
CA ASN A 145 -12.90 20.54 6.97
C ASN A 145 -12.23 19.20 6.68
N GLY A 146 -11.55 18.63 7.68
CA GLY A 146 -10.89 17.33 7.61
C GLY A 146 -11.48 16.46 8.70
N ILE A 147 -12.19 15.42 8.30
CA ILE A 147 -13.07 14.65 9.16
C ILE A 147 -12.27 13.55 9.87
N ARG A 148 -11.27 13.99 10.63
CA ARG A 148 -10.22 13.22 11.30
C ARG A 148 -10.26 11.71 11.06
N HIS A 149 -10.98 10.96 11.92
CA HIS A 149 -11.00 9.51 11.80
C HIS A 149 -11.72 9.12 10.51
N ILE A 150 -11.00 8.60 9.52
CA ILE A 150 -11.58 8.01 8.33
C ILE A 150 -11.34 6.51 8.38
N GLY A 151 -12.43 5.74 8.30
CA GLY A 151 -12.41 4.29 8.26
C GLY A 151 -12.07 3.84 6.85
N LEU A 152 -10.88 3.26 6.68
CA LEU A 152 -10.40 2.81 5.39
C LEU A 152 -11.06 1.45 5.08
N ALA A 153 -12.39 1.46 4.88
CA ALA A 153 -13.13 0.26 4.54
C ALA A 153 -12.92 -0.03 3.06
N ALA A 154 -12.70 -1.30 2.70
CA ALA A 154 -12.40 -1.68 1.34
C ALA A 154 -12.93 -3.07 1.04
N LYS A 155 -13.18 -3.35 -0.24
CA LYS A 155 -13.72 -4.61 -0.67
C LYS A 155 -13.35 -4.82 -2.13
N GLN A 156 -12.90 -6.03 -2.48
CA GLN A 156 -12.52 -6.42 -3.81
C GLN A 156 -12.51 -7.95 -3.80
N MET A 1 44.73 -39.15 -11.09
CA MET A 1 45.71 -39.31 -10.01
C MET A 1 45.11 -38.90 -8.66
N GLN A 2 44.86 -37.61 -8.45
CA GLN A 2 44.26 -37.08 -7.23
C GLN A 2 43.71 -35.70 -7.57
N SER A 3 42.55 -35.35 -7.02
CA SER A 3 41.93 -34.03 -7.01
C SER A 3 40.63 -34.17 -6.21
N HIS A 4 39.97 -33.05 -5.94
CA HIS A 4 38.73 -32.95 -5.16
C HIS A 4 38.46 -31.47 -4.85
N SER A 5 37.22 -31.03 -5.04
CA SER A 5 36.72 -29.74 -4.57
C SER A 5 35.19 -29.81 -4.67
N ALA A 6 34.49 -29.02 -3.85
CA ALA A 6 33.03 -28.97 -3.76
C ALA A 6 32.64 -27.94 -2.70
N LEU A 7 32.52 -26.66 -3.09
CA LEU A 7 32.18 -25.57 -2.20
C LEU A 7 31.13 -24.69 -2.89
N THR A 8 30.22 -24.12 -2.11
CA THR A 8 29.26 -23.10 -2.50
C THR A 8 28.64 -22.53 -1.23
N ALA A 9 27.85 -21.47 -1.34
CA ALA A 9 27.21 -20.75 -0.24
C ALA A 9 26.41 -19.58 -0.79
N PHE A 10 25.17 -19.80 -1.24
CA PHE A 10 24.28 -18.72 -1.64
C PHE A 10 22.83 -19.20 -1.61
N GLN A 11 21.96 -18.45 -0.93
CA GLN A 11 20.51 -18.62 -0.92
C GLN A 11 19.94 -17.33 -0.32
N THR A 12 18.83 -16.82 -0.84
CA THR A 12 18.20 -15.56 -0.45
C THR A 12 16.94 -15.40 -1.31
N GLU A 13 16.03 -14.50 -0.95
CA GLU A 13 14.68 -14.43 -1.49
C GLU A 13 14.70 -13.85 -2.91
N GLN A 14 15.26 -14.60 -3.88
CA GLN A 14 15.48 -14.14 -5.24
C GLN A 14 14.95 -15.14 -6.28
N ILE A 15 15.81 -16.02 -6.81
CA ILE A 15 15.44 -16.97 -7.87
C ILE A 15 16.28 -18.24 -7.76
N GLN A 16 15.67 -19.39 -8.06
CA GLN A 16 16.23 -20.72 -8.13
C GLN A 16 16.27 -21.34 -6.73
N ASP A 17 15.12 -21.84 -6.28
CA ASP A 17 14.81 -22.35 -4.93
C ASP A 17 14.81 -21.20 -3.92
N SER A 18 15.94 -20.51 -3.88
CA SER A 18 16.20 -19.24 -3.25
C SER A 18 14.93 -18.37 -3.16
N GLU A 19 14.23 -18.19 -4.29
CA GLU A 19 12.94 -17.51 -4.40
C GLU A 19 12.06 -17.65 -3.17
N HIS A 20 11.58 -18.87 -2.90
CA HIS A 20 10.95 -19.16 -1.62
C HIS A 20 11.99 -19.28 -0.52
N SER A 21 12.98 -20.15 -0.72
CA SER A 21 13.71 -20.72 0.39
C SER A 21 14.65 -19.77 1.14
N GLY A 22 14.88 -18.56 0.63
CA GLY A 22 15.71 -17.58 1.32
C GLY A 22 15.10 -17.12 2.64
N LYS A 23 14.23 -16.11 2.55
CA LYS A 23 13.44 -15.65 3.68
C LYS A 23 12.34 -16.63 4.04
N MET A 24 11.77 -17.38 3.09
CA MET A 24 10.63 -18.26 3.34
C MET A 24 10.97 -19.72 2.99
N VAL A 25 12.00 -20.24 3.66
CA VAL A 25 12.45 -21.64 3.70
C VAL A 25 11.41 -22.65 3.16
N ALA A 26 11.68 -23.24 1.98
CA ALA A 26 10.94 -24.37 1.41
C ALA A 26 9.42 -24.20 1.45
N LYS A 27 8.92 -23.37 0.54
CA LYS A 27 7.51 -23.19 0.23
C LYS A 27 7.33 -23.41 -1.28
N ARG A 28 6.10 -23.32 -1.77
CA ARG A 28 5.83 -23.38 -3.20
C ARG A 28 5.98 -21.99 -3.81
N GLN A 29 6.41 -21.93 -5.08
CA GLN A 29 6.31 -20.72 -5.87
C GLN A 29 4.85 -20.37 -6.13
N PHE A 30 4.62 -19.12 -6.50
CA PHE A 30 3.38 -18.63 -7.08
C PHE A 30 3.77 -17.77 -8.29
N ARG A 31 4.34 -16.60 -8.04
CA ARG A 31 5.06 -15.80 -9.01
C ARG A 31 5.87 -14.76 -8.24
N ILE A 32 6.69 -15.23 -7.30
CA ILE A 32 7.53 -14.40 -6.46
C ILE A 32 8.90 -14.35 -7.11
N GLY A 33 9.14 -13.37 -7.97
CA GLY A 33 10.42 -13.20 -8.63
C GLY A 33 11.46 -12.61 -7.68
N ASP A 34 12.35 -11.78 -8.22
CA ASP A 34 13.43 -11.15 -7.47
C ASP A 34 12.90 -9.98 -6.63
N ILE A 35 11.94 -10.27 -5.73
CA ILE A 35 11.16 -9.26 -5.04
C ILE A 35 11.73 -9.03 -3.64
N ALA A 36 12.82 -8.27 -3.57
CA ALA A 36 13.21 -7.60 -2.34
C ALA A 36 11.97 -6.86 -1.80
N GLY A 37 11.54 -7.17 -0.59
CA GLY A 37 10.16 -6.99 -0.17
C GLY A 37 9.71 -8.26 0.57
N GLU A 38 9.98 -9.40 -0.04
CA GLU A 38 9.64 -10.73 0.46
C GLU A 38 8.18 -10.84 0.91
N HIS A 39 7.89 -10.65 2.20
CA HIS A 39 6.63 -10.95 2.84
C HIS A 39 5.49 -10.25 2.10
N THR A 40 5.66 -8.95 1.84
CA THR A 40 4.69 -8.13 1.13
C THR A 40 4.14 -8.86 -0.10
N SER A 41 5.01 -9.29 -1.01
CA SER A 41 4.64 -10.03 -2.21
C SER A 41 4.20 -11.46 -1.88
N PHE A 42 5.02 -12.16 -1.09
CA PHE A 42 4.95 -13.59 -0.76
C PHE A 42 3.54 -14.05 -0.40
N ASP A 43 2.78 -13.24 0.37
CA ASP A 43 1.40 -13.54 0.74
C ASP A 43 0.50 -13.87 -0.45
N LYS A 44 0.91 -13.46 -1.65
CA LYS A 44 0.46 -13.85 -3.00
C LYS A 44 -0.11 -12.63 -3.70
N LEU A 45 0.76 -11.63 -3.85
CA LEU A 45 0.54 -10.46 -4.67
C LEU A 45 1.73 -10.38 -5.64
N PRO A 46 1.49 -10.45 -6.96
CA PRO A 46 2.53 -10.71 -7.94
C PRO A 46 3.43 -9.52 -8.21
N GLU A 47 4.33 -9.67 -9.19
CA GLU A 47 5.09 -8.62 -9.85
C GLU A 47 4.17 -7.69 -10.69
N GLY A 48 3.03 -7.28 -10.13
CA GLY A 48 2.05 -6.41 -10.77
C GLY A 48 2.22 -4.97 -10.29
N GLY A 49 1.65 -4.04 -11.06
CA GLY A 49 1.85 -2.61 -10.87
C GLY A 49 0.55 -1.86 -10.54
N ARG A 50 -0.49 -2.53 -10.02
CA ARG A 50 -1.68 -1.89 -9.51
C ARG A 50 -2.36 -2.87 -8.55
N ALA A 51 -3.26 -2.37 -7.70
CA ALA A 51 -3.99 -3.16 -6.73
C ALA A 51 -5.16 -3.88 -7.38
N THR A 52 -5.93 -4.61 -6.58
CA THR A 52 -7.20 -5.15 -7.00
C THR A 52 -8.20 -4.99 -5.84
N TYR A 53 -8.85 -3.82 -5.75
CA TYR A 53 -9.83 -3.55 -4.70
C TYR A 53 -10.86 -2.47 -5.03
N ARG A 54 -11.80 -2.25 -4.12
CA ARG A 54 -12.77 -1.17 -4.10
C ARG A 54 -12.98 -0.83 -2.62
N GLY A 55 -12.51 0.33 -2.16
CA GLY A 55 -12.60 0.69 -0.75
C GLY A 55 -13.45 1.93 -0.51
N THR A 56 -13.97 2.02 0.71
CA THR A 56 -14.66 3.18 1.25
C THR A 56 -13.70 3.83 2.24
N ALA A 57 -13.63 5.17 2.26
CA ALA A 57 -12.90 5.92 3.26
C ALA A 57 -13.90 6.86 3.92
N PHE A 58 -14.81 6.28 4.70
CA PHE A 58 -16.00 6.99 5.17
C PHE A 58 -15.64 7.89 6.33
N GLY A 59 -16.21 9.08 6.34
CA GLY A 59 -15.98 10.04 7.40
C GLY A 59 -16.78 9.61 8.63
N SER A 60 -16.37 10.06 9.83
CA SER A 60 -17.16 9.85 11.03
C SER A 60 -18.61 10.32 10.82
N ASP A 61 -18.79 11.36 10.00
CA ASP A 61 -20.09 11.89 9.60
C ASP A 61 -20.33 11.66 8.11
N ASP A 62 -19.87 10.50 7.57
CA ASP A 62 -19.51 10.31 6.18
C ASP A 62 -19.66 11.48 5.22
N ALA A 63 -18.68 12.37 5.28
CA ALA A 63 -18.32 13.22 4.17
C ALA A 63 -16.90 12.83 3.75
N GLY A 64 -16.71 11.54 3.51
CA GLY A 64 -15.41 10.92 3.41
C GLY A 64 -15.13 10.49 1.97
N GLY A 65 -13.94 9.96 1.74
CA GLY A 65 -13.47 9.48 0.47
C GLY A 65 -13.98 8.09 0.11
N LYS A 66 -13.59 7.64 -1.08
CA LYS A 66 -13.59 6.24 -1.44
C LYS A 66 -12.20 5.99 -2.02
N LEU A 67 -11.70 4.76 -1.89
CA LEU A 67 -10.32 4.39 -2.13
C LEU A 67 -10.29 3.46 -3.33
N THR A 68 -9.76 3.94 -4.46
CA THR A 68 -9.61 3.13 -5.66
C THR A 68 -8.30 2.34 -5.62
N TYR A 69 -8.24 1.27 -6.40
CA TYR A 69 -7.19 0.28 -6.32
C TYR A 69 -5.89 0.79 -6.94
N THR A 70 -4.90 1.10 -6.09
CA THR A 70 -3.59 1.52 -6.54
C THR A 70 -2.51 1.14 -5.51
N ILE A 71 -1.97 -0.08 -5.65
CA ILE A 71 -0.80 -0.54 -4.93
C ILE A 71 0.02 -1.40 -5.89
N ASP A 72 1.25 -0.98 -6.19
CA ASP A 72 2.09 -1.70 -7.13
C ASP A 72 2.66 -2.95 -6.45
N PHE A 73 1.86 -4.04 -6.46
CA PHE A 73 2.14 -5.37 -5.90
C PHE A 73 3.61 -5.78 -5.92
N ALA A 74 4.34 -5.43 -6.98
CA ALA A 74 5.76 -5.73 -7.16
C ALA A 74 6.64 -5.32 -5.97
N ALA A 75 6.17 -4.35 -5.18
CA ALA A 75 6.81 -3.94 -3.92
C ALA A 75 5.72 -3.62 -2.91
N LYS A 76 4.70 -2.88 -3.36
CA LYS A 76 3.43 -2.61 -2.73
C LYS A 76 3.46 -1.27 -2.02
N GLN A 77 2.78 -0.28 -2.63
CA GLN A 77 2.85 1.09 -2.15
C GLN A 77 1.79 1.33 -1.09
N GLY A 78 0.52 1.19 -1.50
CA GLY A 78 -0.62 1.26 -0.61
C GLY A 78 -1.46 2.53 -0.75
N ASN A 79 -1.59 3.09 -1.97
CA ASN A 79 -1.94 4.50 -2.11
C ASN A 79 -2.93 4.75 -3.23
N GLY A 80 -4.23 4.61 -2.92
CA GLY A 80 -5.34 5.03 -3.77
C GLY A 80 -5.78 6.43 -3.35
N LYS A 81 -5.96 7.34 -4.30
CA LYS A 81 -6.36 8.70 -3.98
C LYS A 81 -7.86 8.80 -3.71
N ILE A 82 -8.23 9.69 -2.79
CA ILE A 82 -9.59 9.96 -2.36
C ILE A 82 -10.04 11.26 -3.03
N GLU A 83 -11.09 11.15 -3.85
CA GLU A 83 -11.74 12.25 -4.52
C GLU A 83 -13.21 11.87 -4.63
N HIS A 84 -14.07 12.51 -3.84
CA HIS A 84 -15.52 12.61 -4.12
C HIS A 84 -16.05 13.82 -3.38
N LEU A 85 -15.27 14.90 -3.36
CA LEU A 85 -15.37 15.90 -2.29
C LEU A 85 -15.95 17.19 -2.81
N LYS A 86 -16.68 17.88 -1.93
CA LYS A 86 -17.44 19.08 -2.25
C LYS A 86 -16.53 20.28 -2.56
N SER A 87 -15.23 20.13 -2.34
CA SER A 87 -14.24 21.14 -2.70
C SER A 87 -13.06 20.47 -3.40
N PRO A 88 -12.42 21.12 -4.38
CA PRO A 88 -11.10 20.71 -4.81
C PRO A 88 -10.17 20.66 -3.59
N GLU A 89 -10.19 21.71 -2.75
CA GLU A 89 -9.29 21.91 -1.61
C GLU A 89 -9.60 20.97 -0.44
N LEU A 90 -9.43 19.67 -0.71
CA LEU A 90 -9.83 18.58 0.14
C LEU A 90 -9.27 17.26 -0.40
N ASN A 91 -9.42 17.02 -1.71
CA ASN A 91 -8.98 15.83 -2.44
C ASN A 91 -7.74 15.19 -1.81
N VAL A 92 -7.92 14.03 -1.17
CA VAL A 92 -6.90 13.43 -0.33
C VAL A 92 -6.11 12.42 -1.17
N ASP A 93 -5.04 12.88 -1.81
CA ASP A 93 -4.11 11.98 -2.48
C ASP A 93 -3.14 11.48 -1.40
N LEU A 94 -3.06 10.16 -1.23
CA LEU A 94 -2.20 9.57 -0.23
C LEU A 94 -0.77 9.58 -0.80
N ALA A 95 0.21 9.98 0.01
CA ALA A 95 1.58 10.07 -0.47
C ALA A 95 2.16 8.66 -0.56
N ALA A 96 3.12 8.44 -1.46
CA ALA A 96 3.52 7.10 -1.82
C ALA A 96 4.37 6.51 -0.69
N ALA A 97 3.86 5.42 -0.11
CA ALA A 97 4.48 4.66 0.96
C ALA A 97 5.04 3.36 0.37
N ASP A 98 5.70 2.56 1.20
CA ASP A 98 6.09 1.19 0.92
C ASP A 98 5.60 0.33 2.07
N ILE A 99 4.88 -0.76 1.79
CA ILE A 99 4.56 -1.75 2.79
C ILE A 99 5.71 -2.77 2.81
N LYS A 100 6.68 -2.50 3.67
CA LYS A 100 7.95 -3.22 3.80
C LYS A 100 7.72 -4.52 4.59
N PRO A 101 8.63 -5.51 4.58
CA PRO A 101 8.42 -6.74 5.33
C PRO A 101 8.45 -6.55 6.86
N ASP A 102 7.43 -7.08 7.54
CA ASP A 102 7.48 -7.47 8.95
C ASP A 102 7.12 -8.95 9.02
N GLY A 103 5.86 -9.27 9.30
CA GLY A 103 5.35 -10.62 9.44
C GLY A 103 4.32 -10.89 8.35
N LYS A 104 4.43 -12.03 7.67
CA LYS A 104 3.50 -12.57 6.67
C LYS A 104 3.42 -11.72 5.40
N ARG A 105 2.97 -10.47 5.57
CA ARG A 105 2.80 -9.45 4.56
C ARG A 105 3.02 -8.02 5.05
N HIS A 106 3.33 -7.79 6.35
CA HIS A 106 3.24 -6.48 6.98
C HIS A 106 1.81 -5.97 6.85
N ALA A 107 0.94 -6.38 7.76
CA ALA A 107 -0.49 -6.12 7.69
C ALA A 107 -0.84 -4.67 8.07
N VAL A 108 -0.09 -3.70 7.54
CA VAL A 108 -0.14 -2.28 7.86
C VAL A 108 0.65 -1.52 6.79
N ILE A 109 0.37 -0.23 6.65
CA ILE A 109 1.07 0.80 5.88
C ILE A 109 1.07 2.01 6.80
N SER A 110 1.87 3.03 6.52
CA SER A 110 1.82 4.30 7.24
C SER A 110 2.12 5.44 6.28
N GLY A 111 1.09 5.89 5.56
CA GLY A 111 1.24 6.95 4.57
C GLY A 111 0.97 8.32 5.19
N SER A 112 1.64 9.36 4.70
CA SER A 112 1.20 10.74 4.88
C SER A 112 0.16 11.03 3.79
N VAL A 113 -0.73 12.01 3.98
CA VAL A 113 -1.78 12.29 3.01
C VAL A 113 -1.89 13.78 2.67
N LEU A 114 -1.94 14.07 1.36
CA LEU A 114 -2.02 15.41 0.82
C LEU A 114 -3.46 15.70 0.44
N TYR A 115 -4.03 16.72 1.07
CA TYR A 115 -5.35 17.25 0.80
C TYR A 115 -5.19 18.37 -0.21
N ASN A 116 -5.13 18.00 -1.50
CA ASN A 116 -5.07 18.87 -2.68
C ASN A 116 -3.82 19.75 -2.77
N GLN A 117 -3.59 20.61 -1.78
CA GLN A 117 -2.46 21.54 -1.70
C GLN A 117 -1.90 21.67 -0.27
N ALA A 118 -2.34 20.82 0.67
CA ALA A 118 -1.87 20.85 2.05
C ALA A 118 -1.74 19.43 2.56
N GLU A 119 -0.56 19.04 3.06
CA GLU A 119 -0.32 17.74 3.66
C GLU A 119 -0.07 17.94 5.15
N LYS A 120 -1.05 17.63 5.99
CA LYS A 120 -0.83 17.51 7.41
C LYS A 120 -1.74 16.44 7.99
N GLY A 121 -1.66 15.25 7.43
CA GLY A 121 -2.45 14.11 7.88
C GLY A 121 -1.75 12.82 7.49
N SER A 122 -2.28 11.70 7.99
CA SER A 122 -1.71 10.39 7.74
C SER A 122 -2.81 9.34 7.61
N TYR A 123 -2.43 8.16 7.13
CA TYR A 123 -3.31 7.04 6.87
C TYR A 123 -2.57 5.76 7.23
N SER A 124 -3.24 4.89 8.00
CA SER A 124 -2.72 3.62 8.46
C SER A 124 -3.67 2.55 7.98
N LEU A 125 -3.23 1.72 7.03
CA LEU A 125 -4.07 0.77 6.32
C LEU A 125 -3.34 -0.56 6.21
N GLY A 126 -4.04 -1.67 6.40
CA GLY A 126 -3.51 -3.02 6.37
C GLY A 126 -4.32 -3.90 5.43
N ILE A 127 -3.74 -5.04 5.03
CA ILE A 127 -4.11 -5.78 3.82
C ILE A 127 -4.42 -7.24 4.13
N PHE A 128 -5.45 -7.80 3.47
CA PHE A 128 -5.88 -9.16 3.72
C PHE A 128 -6.33 -9.91 2.47
N GLY A 129 -5.83 -11.14 2.32
CA GLY A 129 -6.45 -12.20 1.52
C GLY A 129 -5.63 -12.62 0.31
N GLY A 130 -4.34 -12.26 0.28
CA GLY A 130 -3.49 -12.51 -0.85
C GLY A 130 -3.63 -11.27 -1.71
N LYS A 131 -4.39 -11.38 -2.80
CA LYS A 131 -4.65 -10.27 -3.71
C LYS A 131 -5.64 -9.24 -3.13
N ALA A 132 -5.40 -8.76 -1.91
CA ALA A 132 -6.11 -7.66 -1.27
C ALA A 132 -7.61 -7.88 -1.36
N GLN A 133 -8.08 -8.98 -0.79
CA GLN A 133 -9.49 -9.33 -0.81
C GLN A 133 -10.27 -8.39 0.08
N GLU A 134 -9.62 -7.92 1.16
CA GLU A 134 -10.07 -6.84 2.00
C GLU A 134 -8.86 -6.00 2.39
N VAL A 135 -9.07 -4.70 2.64
CA VAL A 135 -8.08 -3.83 3.26
C VAL A 135 -8.80 -3.01 4.36
N ALA A 136 -8.14 -2.78 5.50
CA ALA A 136 -8.77 -2.17 6.68
C ALA A 136 -7.81 -1.15 7.30
N GLY A 137 -8.28 0.08 7.54
CA GLY A 137 -7.44 1.19 7.97
C GLY A 137 -8.21 2.31 8.65
N SER A 138 -7.46 3.33 9.08
CA SER A 138 -7.99 4.61 9.52
C SER A 138 -7.13 5.70 8.89
N ALA A 139 -7.76 6.79 8.42
CA ALA A 139 -7.04 8.02 8.05
C ALA A 139 -7.39 9.19 8.98
N GLU A 140 -6.35 9.93 9.38
CA GLU A 140 -6.42 11.12 10.23
C GLU A 140 -5.98 12.37 9.45
N VAL A 141 -6.84 12.68 8.51
CA VAL A 141 -6.92 13.98 7.85
C VAL A 141 -7.40 15.01 8.88
N LYS A 142 -7.09 16.30 8.70
CA LYS A 142 -7.74 17.37 9.46
C LYS A 142 -7.72 18.63 8.61
N THR A 143 -8.40 18.57 7.46
CA THR A 143 -8.54 19.76 6.67
C THR A 143 -9.43 20.72 7.47
N VAL A 144 -9.39 22.02 7.16
CA VAL A 144 -10.27 23.02 7.78
C VAL A 144 -11.72 22.53 7.80
N ASN A 145 -12.09 21.72 6.80
CA ASN A 145 -13.34 20.97 6.77
C ASN A 145 -13.05 19.53 6.33
N GLY A 146 -12.18 18.82 7.06
CA GLY A 146 -11.83 17.44 6.76
C GLY A 146 -11.79 16.63 8.04
N ILE A 147 -12.39 15.45 8.02
CA ILE A 147 -12.62 14.60 9.17
C ILE A 147 -11.36 13.81 9.55
N ARG A 148 -11.17 13.58 10.85
CA ARG A 148 -9.98 12.95 11.43
C ARG A 148 -10.21 11.50 11.84
N HIS A 149 -11.42 10.98 11.62
CA HIS A 149 -11.74 9.60 11.97
C HIS A 149 -12.31 8.95 10.71
N ILE A 150 -11.51 8.94 9.65
CA ILE A 150 -11.95 8.39 8.38
C ILE A 150 -11.76 6.87 8.46
N GLY A 151 -12.86 6.13 8.50
CA GLY A 151 -12.85 4.69 8.57
C GLY A 151 -12.59 4.14 7.17
N LEU A 152 -11.47 3.43 7.01
CA LEU A 152 -11.03 2.91 5.73
C LEU A 152 -11.37 1.43 5.67
N ALA A 153 -12.27 1.03 4.77
CA ALA A 153 -12.70 -0.35 4.64
C ALA A 153 -12.88 -0.70 3.16
N ALA A 154 -12.08 -1.64 2.66
CA ALA A 154 -12.28 -2.29 1.37
C ALA A 154 -12.53 -3.76 1.58
N LYS A 155 -13.37 -4.32 0.72
CA LYS A 155 -13.62 -5.74 0.57
C LYS A 155 -14.20 -5.92 -0.82
N GLN A 156 -13.66 -6.81 -1.64
CA GLN A 156 -13.97 -6.67 -3.06
C GLN A 156 -15.32 -7.28 -3.46
N MET A 1 -9.08 -26.06 -40.74
CA MET A 1 -8.72 -26.17 -39.31
C MET A 1 -8.86 -24.79 -38.67
N GLN A 2 -8.96 -24.72 -37.35
CA GLN A 2 -8.96 -23.49 -36.58
C GLN A 2 -8.60 -23.85 -35.14
N SER A 3 -7.70 -23.08 -34.52
CA SER A 3 -7.21 -23.33 -33.17
C SER A 3 -6.21 -22.22 -32.85
N HIS A 4 -6.00 -21.95 -31.55
CA HIS A 4 -4.99 -21.05 -31.02
C HIS A 4 -5.01 -21.20 -29.50
N SER A 5 -3.91 -20.86 -28.82
CA SER A 5 -3.79 -20.80 -27.37
C SER A 5 -2.43 -20.19 -27.06
N ALA A 6 -2.34 -19.35 -26.02
CA ALA A 6 -1.12 -18.69 -25.60
C ALA A 6 -1.37 -18.01 -24.25
N LEU A 7 -0.85 -18.57 -23.16
CA LEU A 7 -1.01 -18.04 -21.83
C LEU A 7 0.19 -18.51 -21.02
N THR A 8 0.99 -17.57 -20.48
CA THR A 8 2.07 -17.85 -19.55
C THR A 8 2.51 -16.51 -18.95
N ALA A 9 2.70 -16.45 -17.62
CA ALA A 9 3.18 -15.29 -16.88
C ALA A 9 3.26 -15.69 -15.41
N PHE A 10 4.35 -15.32 -14.71
CA PHE A 10 4.47 -15.46 -13.27
C PHE A 10 5.71 -14.69 -12.80
N GLN A 11 5.61 -13.93 -11.72
CA GLN A 11 6.74 -13.29 -11.09
C GLN A 11 6.35 -12.75 -9.71
N THR A 12 7.20 -12.99 -8.72
CA THR A 12 7.15 -12.52 -7.33
C THR A 12 8.39 -13.09 -6.66
N GLU A 13 8.67 -12.71 -5.42
CA GLU A 13 9.90 -13.06 -4.72
C GLU A 13 9.94 -14.56 -4.36
N GLN A 14 10.18 -15.42 -5.36
CA GLN A 14 10.19 -16.88 -5.28
C GLN A 14 11.49 -17.44 -5.91
N ILE A 15 11.71 -18.76 -5.84
CA ILE A 15 12.80 -19.49 -6.49
C ILE A 15 14.17 -18.91 -6.07
N GLN A 16 15.26 -19.25 -6.77
CA GLN A 16 16.55 -18.62 -6.62
C GLN A 16 17.36 -18.82 -7.91
N ASP A 17 16.67 -18.66 -9.04
CA ASP A 17 17.15 -18.94 -10.39
C ASP A 17 16.19 -18.20 -11.33
N SER A 18 14.99 -18.74 -11.49
CA SER A 18 13.89 -18.23 -12.28
C SER A 18 13.41 -16.87 -11.73
N GLU A 19 12.44 -16.89 -10.81
CA GLU A 19 11.93 -15.72 -10.14
C GLU A 19 12.97 -14.90 -9.37
N HIS A 20 14.22 -15.39 -9.23
CA HIS A 20 15.31 -14.60 -8.66
C HIS A 20 15.32 -13.18 -9.23
N SER A 21 15.07 -13.09 -10.54
CA SER A 21 14.88 -11.86 -11.28
C SER A 21 14.04 -10.84 -10.47
N GLY A 22 12.84 -11.22 -10.05
CA GLY A 22 12.01 -10.42 -9.16
C GLY A 22 12.58 -10.39 -7.75
N LYS A 23 12.91 -11.57 -7.20
CA LYS A 23 13.34 -11.79 -5.84
C LYS A 23 14.42 -10.82 -5.36
N MET A 24 15.39 -10.52 -6.22
CA MET A 24 16.50 -9.64 -5.86
C MET A 24 17.25 -10.25 -4.68
N VAL A 25 17.78 -11.45 -4.89
CA VAL A 25 18.60 -12.21 -3.95
C VAL A 25 17.79 -12.64 -2.73
N ALA A 26 17.47 -11.69 -1.84
CA ALA A 26 16.75 -11.89 -0.60
C ALA A 26 17.39 -12.97 0.28
N LYS A 27 18.37 -12.55 1.09
CA LYS A 27 19.03 -13.40 2.06
C LYS A 27 18.06 -13.71 3.22
N ARG A 28 18.46 -14.65 4.09
CA ARG A 28 17.61 -15.14 5.17
C ARG A 28 17.22 -14.03 6.15
N GLN A 29 16.19 -14.31 6.97
CA GLN A 29 15.66 -13.44 8.02
C GLN A 29 14.99 -12.21 7.41
N PHE A 30 15.79 -11.29 6.87
CA PHE A 30 15.33 -10.08 6.21
C PHE A 30 16.42 -9.56 5.28
N ARG A 31 17.59 -9.29 5.86
CA ARG A 31 18.57 -8.36 5.32
C ARG A 31 17.92 -7.00 5.09
N ILE A 32 17.69 -6.27 6.19
CA ILE A 32 17.25 -4.88 6.15
C ILE A 32 18.17 -4.12 5.19
N GLY A 33 17.58 -3.37 4.27
CA GLY A 33 18.28 -2.76 3.15
C GLY A 33 17.24 -2.65 2.04
N ASP A 34 17.68 -2.81 0.79
CA ASP A 34 16.94 -2.55 -0.43
C ASP A 34 15.89 -3.64 -0.73
N ILE A 35 15.17 -4.11 0.28
CA ILE A 35 14.08 -5.05 0.13
C ILE A 35 12.78 -4.28 -0.11
N ALA A 36 11.84 -4.91 -0.82
CA ALA A 36 10.56 -4.33 -1.22
C ALA A 36 9.43 -5.12 -0.56
N GLY A 37 8.43 -5.58 -1.33
CA GLY A 37 7.24 -6.22 -0.80
C GLY A 37 7.56 -7.43 0.08
N GLU A 38 8.37 -8.36 -0.41
CA GLU A 38 8.91 -9.47 0.36
C GLU A 38 7.77 -10.36 0.89
N HIS A 39 7.37 -10.13 2.13
CA HIS A 39 6.49 -10.97 2.91
C HIS A 39 5.07 -10.92 2.35
N THR A 40 4.66 -9.75 1.85
CA THR A 40 3.36 -9.60 1.24
C THR A 40 3.35 -10.35 -0.09
N SER A 41 4.38 -10.11 -0.90
CA SER A 41 4.51 -10.66 -2.23
C SER A 41 4.52 -12.19 -2.22
N PHE A 42 5.54 -12.78 -1.56
CA PHE A 42 5.87 -14.19 -1.76
C PHE A 42 4.70 -15.11 -1.41
N ASP A 43 3.86 -14.68 -0.46
CA ASP A 43 2.82 -15.50 0.12
C ASP A 43 1.90 -16.07 -0.96
N LYS A 44 1.52 -15.25 -1.95
CA LYS A 44 0.71 -15.63 -3.11
C LYS A 44 0.30 -14.38 -3.92
N LEU A 45 1.17 -13.38 -4.07
CA LEU A 45 0.84 -12.15 -4.79
C LEU A 45 1.94 -11.81 -5.80
N PRO A 46 1.59 -11.38 -7.03
CA PRO A 46 2.54 -11.07 -8.08
C PRO A 46 3.32 -9.80 -7.77
N GLU A 47 4.39 -9.52 -8.52
CA GLU A 47 4.95 -8.17 -8.63
C GLU A 47 4.20 -7.35 -9.70
N GLY A 48 2.86 -7.41 -9.70
CA GLY A 48 2.03 -6.63 -10.61
C GLY A 48 2.11 -5.13 -10.32
N GLY A 49 1.38 -4.33 -11.11
CA GLY A 49 1.47 -2.88 -11.11
C GLY A 49 0.24 -2.15 -10.51
N ARG A 50 -0.87 -2.85 -10.30
CA ARG A 50 -2.12 -2.23 -9.86
C ARG A 50 -3.07 -3.23 -9.20
N ALA A 51 -2.93 -3.46 -7.89
CA ALA A 51 -3.83 -4.38 -7.20
C ALA A 51 -5.19 -3.72 -6.91
N THR A 52 -6.22 -4.55 -6.80
CA THR A 52 -7.62 -4.15 -6.77
C THR A 52 -8.06 -3.65 -5.38
N TYR A 53 -7.41 -2.61 -4.85
CA TYR A 53 -7.79 -2.02 -3.56
C TYR A 53 -9.02 -1.12 -3.77
N ARG A 54 -10.17 -1.74 -4.03
CA ARG A 54 -11.45 -1.08 -4.28
C ARG A 54 -12.16 -0.79 -2.95
N GLY A 55 -12.28 0.47 -2.52
CA GLY A 55 -12.92 0.72 -1.23
C GLY A 55 -13.46 2.13 -1.05
N THR A 56 -13.94 2.41 0.16
CA THR A 56 -14.45 3.70 0.59
C THR A 56 -13.61 4.19 1.76
N ALA A 57 -13.48 5.53 1.86
CA ALA A 57 -12.75 6.21 2.92
C ALA A 57 -13.77 7.10 3.63
N PHE A 58 -14.58 6.49 4.50
CA PHE A 58 -15.74 7.14 5.10
C PHE A 58 -15.31 7.97 6.30
N GLY A 59 -15.76 9.22 6.36
CA GLY A 59 -15.31 10.16 7.38
C GLY A 59 -16.01 9.89 8.71
N SER A 60 -15.54 10.55 9.77
CA SER A 60 -16.22 10.53 11.06
C SER A 60 -17.68 10.98 10.95
N ASP A 61 -17.97 11.79 9.92
CA ASP A 61 -19.26 12.37 9.59
C ASP A 61 -19.84 11.74 8.32
N ASP A 62 -19.21 10.68 7.79
CA ASP A 62 -19.47 10.09 6.48
C ASP A 62 -19.29 11.04 5.29
N ALA A 63 -18.77 12.23 5.56
CA ALA A 63 -18.36 13.18 4.55
C ALA A 63 -16.98 12.76 4.03
N GLY A 64 -16.90 11.54 3.49
CA GLY A 64 -15.65 10.87 3.20
C GLY A 64 -15.50 10.57 1.71
N GLY A 65 -14.30 10.19 1.29
CA GLY A 65 -13.91 9.98 -0.09
C GLY A 65 -14.04 8.51 -0.49
N LYS A 66 -13.75 8.18 -1.74
CA LYS A 66 -13.70 6.81 -2.22
C LYS A 66 -12.28 6.42 -2.61
N LEU A 67 -11.85 5.22 -2.23
CA LEU A 67 -10.49 4.74 -2.46
C LEU A 67 -10.38 4.21 -3.88
N THR A 68 -9.58 4.87 -4.71
CA THR A 68 -9.20 4.30 -5.99
C THR A 68 -8.09 3.28 -5.75
N TYR A 69 -8.11 2.20 -6.53
CA TYR A 69 -7.17 1.11 -6.39
C TYR A 69 -5.85 1.52 -7.03
N THR A 70 -4.76 1.52 -6.26
CA THR A 70 -3.48 2.07 -6.71
C THR A 70 -2.33 1.44 -5.92
N ILE A 71 -2.00 0.17 -6.18
CA ILE A 71 -0.83 -0.43 -5.56
C ILE A 71 -0.01 -1.22 -6.59
N ASP A 72 1.21 -0.75 -6.82
CA ASP A 72 2.27 -1.44 -7.51
C ASP A 72 2.80 -2.50 -6.54
N PHE A 73 2.61 -3.77 -6.86
CA PHE A 73 2.73 -4.90 -5.94
C PHE A 73 4.15 -5.10 -5.46
N ALA A 74 5.12 -4.92 -6.35
CA ALA A 74 6.53 -5.17 -6.09
C ALA A 74 6.95 -4.54 -4.76
N ALA A 75 6.38 -3.36 -4.47
CA ALA A 75 6.68 -2.57 -3.29
C ALA A 75 5.44 -2.29 -2.42
N LYS A 76 4.23 -2.43 -2.99
CA LYS A 76 2.94 -2.24 -2.35
C LYS A 76 2.71 -0.83 -1.85
N GLN A 77 2.24 0.04 -2.75
CA GLN A 77 2.14 1.46 -2.43
C GLN A 77 0.93 1.73 -1.54
N GLY A 78 -0.23 1.19 -1.90
CA GLY A 78 -1.37 1.06 -1.00
C GLY A 78 -1.89 2.39 -0.50
N ASN A 79 -1.83 3.43 -1.35
CA ASN A 79 -2.30 4.77 -1.05
C ASN A 79 -3.04 5.28 -2.28
N GLY A 80 -4.36 5.26 -2.21
CA GLY A 80 -5.19 5.67 -3.33
C GLY A 80 -5.27 7.18 -3.45
N LYS A 81 -5.64 7.61 -4.64
CA LYS A 81 -6.10 8.96 -4.92
C LYS A 81 -7.59 8.98 -4.56
N ILE A 82 -8.05 9.93 -3.74
CA ILE A 82 -9.40 9.91 -3.19
C ILE A 82 -10.10 11.22 -3.52
N GLU A 83 -11.18 11.12 -4.28
CA GLU A 83 -12.15 12.18 -4.54
C GLU A 83 -13.44 11.72 -3.86
N HIS A 84 -14.51 12.52 -3.78
CA HIS A 84 -15.28 13.17 -4.85
C HIS A 84 -16.02 14.34 -4.20
N LEU A 85 -15.28 15.21 -3.52
CA LEU A 85 -15.82 15.86 -2.34
C LEU A 85 -16.32 17.26 -2.60
N LYS A 86 -17.21 17.73 -1.73
CA LYS A 86 -17.97 18.97 -1.89
C LYS A 86 -17.05 20.19 -1.96
N SER A 87 -15.79 20.05 -1.54
CA SER A 87 -14.78 21.09 -1.65
C SER A 87 -13.52 20.48 -2.27
N PRO A 88 -12.87 21.15 -3.22
CA PRO A 88 -11.66 20.64 -3.86
C PRO A 88 -10.56 20.37 -2.84
N GLU A 89 -10.57 21.12 -1.73
CA GLU A 89 -9.68 20.93 -0.58
C GLU A 89 -9.55 19.45 -0.21
N LEU A 90 -10.68 18.74 -0.29
CA LEU A 90 -10.79 17.37 0.19
C LEU A 90 -10.45 16.36 -0.90
N ASN A 91 -10.11 16.77 -2.12
CA ASN A 91 -9.73 15.80 -3.15
C ASN A 91 -8.30 15.39 -2.77
N VAL A 92 -8.20 14.28 -2.05
CA VAL A 92 -7.06 13.96 -1.20
C VAL A 92 -6.22 12.88 -1.87
N ASP A 93 -4.97 13.21 -2.15
CA ASP A 93 -4.01 12.24 -2.66
C ASP A 93 -3.45 11.52 -1.45
N LEU A 94 -3.64 10.21 -1.32
CA LEU A 94 -2.84 9.49 -0.34
C LEU A 94 -1.46 9.30 -0.98
N ALA A 95 -0.37 9.66 -0.29
CA ALA A 95 0.95 9.73 -0.88
C ALA A 95 1.54 8.32 -0.98
N ALA A 96 2.51 8.11 -1.88
CA ALA A 96 3.00 6.76 -2.11
C ALA A 96 3.93 6.34 -0.97
N ALA A 97 4.09 5.04 -0.80
CA ALA A 97 4.79 4.38 0.29
C ALA A 97 5.29 3.03 -0.25
N ASP A 98 5.98 2.25 0.57
CA ASP A 98 6.22 0.84 0.33
C ASP A 98 6.08 0.09 1.63
N ILE A 99 5.98 -1.25 1.56
CA ILE A 99 5.93 -2.10 2.71
C ILE A 99 7.00 -3.19 2.64
N LYS A 100 8.23 -2.79 2.99
CA LYS A 100 9.23 -3.67 3.60
C LYS A 100 9.07 -3.86 5.12
N PRO A 101 8.74 -2.85 5.95
CA PRO A 101 8.56 -3.06 7.39
C PRO A 101 7.27 -3.84 7.67
N ASP A 102 6.88 -3.88 8.96
CA ASP A 102 5.74 -4.63 9.50
C ASP A 102 5.98 -6.13 9.40
N GLY A 103 6.10 -6.64 8.18
CA GLY A 103 6.32 -8.05 7.93
C GLY A 103 5.00 -8.82 7.90
N LYS A 104 5.14 -10.14 8.09
CA LYS A 104 4.09 -11.12 8.23
C LYS A 104 3.42 -11.29 6.88
N ARG A 105 2.48 -10.38 6.60
CA ARG A 105 1.61 -10.43 5.45
C ARG A 105 0.95 -9.06 5.23
N HIS A 106 1.73 -7.98 5.27
CA HIS A 106 1.24 -6.62 5.04
C HIS A 106 0.21 -6.26 6.11
N ALA A 107 0.65 -6.36 7.37
CA ALA A 107 -0.14 -5.98 8.54
C ALA A 107 -0.64 -4.54 8.36
N VAL A 108 0.25 -3.55 8.29
CA VAL A 108 -0.08 -2.25 7.71
C VAL A 108 1.08 -1.64 6.93
N ILE A 109 0.71 -0.88 5.89
CA ILE A 109 1.49 0.20 5.33
C ILE A 109 1.27 1.41 6.22
N SER A 110 2.32 2.22 6.41
CA SER A 110 2.25 3.54 7.02
C SER A 110 2.40 4.55 5.89
N GLY A 111 1.38 5.40 5.68
CA GLY A 111 1.35 6.43 4.65
C GLY A 111 0.93 7.79 5.23
N SER A 112 0.88 8.82 4.40
CA SER A 112 0.38 10.14 4.78
C SER A 112 -0.27 10.76 3.54
N VAL A 113 -1.02 11.86 3.71
CA VAL A 113 -1.94 12.35 2.69
C VAL A 113 -1.69 13.81 2.35
N LEU A 114 -1.97 14.19 1.09
CA LEU A 114 -2.11 15.57 0.66
C LEU A 114 -3.59 15.84 0.47
N TYR A 115 -4.12 16.66 1.37
CA TYR A 115 -5.43 17.28 1.31
C TYR A 115 -5.28 18.42 0.29
N ASN A 116 -5.24 18.02 -0.99
CA ASN A 116 -5.28 18.89 -2.15
C ASN A 116 -4.04 19.81 -2.25
N GLN A 117 -3.89 20.79 -1.36
CA GLN A 117 -2.77 21.72 -1.31
C GLN A 117 -2.15 21.84 0.09
N ALA A 118 -2.47 20.94 1.04
CA ALA A 118 -1.83 20.90 2.36
C ALA A 118 -1.97 19.48 2.89
N GLU A 119 -1.21 19.07 3.91
CA GLU A 119 -1.01 17.64 4.18
C GLU A 119 -0.96 17.32 5.67
N LYS A 120 -1.97 17.73 6.43
CA LYS A 120 -1.97 17.51 7.87
C LYS A 120 -2.79 16.26 8.14
N GLY A 121 -2.25 15.17 7.61
CA GLY A 121 -2.85 13.86 7.75
C GLY A 121 -1.88 12.70 7.53
N SER A 122 -1.73 11.85 8.54
CA SER A 122 -1.13 10.53 8.42
C SER A 122 -2.20 9.52 8.00
N TYR A 123 -1.77 8.33 7.59
CA TYR A 123 -2.65 7.26 7.12
C TYR A 123 -2.00 5.91 7.39
N SER A 124 -2.80 4.86 7.53
CA SER A 124 -2.27 3.51 7.62
C SER A 124 -3.32 2.54 7.09
N LEU A 125 -2.87 1.50 6.37
CA LEU A 125 -3.74 0.59 5.65
C LEU A 125 -3.11 -0.78 5.51
N GLY A 126 -3.88 -1.85 5.72
CA GLY A 126 -3.44 -3.24 5.65
C GLY A 126 -4.38 -4.06 4.74
N ILE A 127 -3.86 -5.11 4.11
CA ILE A 127 -4.64 -6.01 3.25
C ILE A 127 -5.12 -7.20 4.08
N PHE A 128 -6.16 -7.90 3.62
CA PHE A 128 -6.44 -9.22 4.14
C PHE A 128 -7.21 -10.11 3.17
N GLY A 129 -7.25 -11.39 3.56
CA GLY A 129 -7.79 -12.51 2.79
C GLY A 129 -6.67 -13.26 2.07
N GLY A 130 -5.45 -12.73 2.09
CA GLY A 130 -4.26 -13.37 1.56
C GLY A 130 -4.23 -13.13 0.06
N LYS A 131 -5.16 -13.74 -0.66
CA LYS A 131 -5.42 -13.41 -2.06
C LYS A 131 -6.22 -12.10 -2.15
N ALA A 132 -5.73 -11.05 -1.49
CA ALA A 132 -6.15 -9.65 -1.58
C ALA A 132 -7.65 -9.48 -1.80
N GLN A 133 -8.46 -9.63 -0.74
CA GLN A 133 -9.90 -9.53 -0.84
C GLN A 133 -10.45 -8.31 -0.08
N GLU A 134 -9.92 -8.07 1.11
CA GLU A 134 -10.29 -6.95 1.96
C GLU A 134 -9.08 -6.04 2.05
N VAL A 135 -9.28 -4.73 2.23
CA VAL A 135 -8.25 -3.87 2.79
C VAL A 135 -8.92 -2.99 3.86
N ALA A 136 -8.21 -2.76 4.98
CA ALA A 136 -8.72 -2.11 6.18
C ALA A 136 -7.66 -1.12 6.68
N GLY A 137 -8.05 0.13 6.89
CA GLY A 137 -7.14 1.21 7.22
C GLY A 137 -7.85 2.36 7.92
N SER A 138 -7.10 3.41 8.26
CA SER A 138 -7.70 4.72 8.42
C SER A 138 -6.75 5.79 7.90
N ALA A 139 -7.30 6.93 7.45
CA ALA A 139 -6.57 8.19 7.44
C ALA A 139 -6.94 8.95 8.72
N GLU A 140 -5.97 9.65 9.32
CA GLU A 140 -6.14 10.44 10.52
C GLU A 140 -5.80 11.90 10.21
N VAL A 141 -6.64 12.50 9.38
CA VAL A 141 -6.44 13.85 8.89
C VAL A 141 -6.87 14.89 9.93
N LYS A 142 -6.54 16.17 9.73
CA LYS A 142 -7.16 17.27 10.45
C LYS A 142 -6.94 18.56 9.68
N THR A 143 -8.02 19.22 9.24
CA THR A 143 -7.88 20.47 8.50
C THR A 143 -9.20 21.22 8.64
N VAL A 144 -9.29 22.38 7.99
CA VAL A 144 -10.53 23.12 7.79
C VAL A 144 -11.66 22.18 7.34
N ASN A 145 -11.33 21.08 6.64
CA ASN A 145 -12.31 20.02 6.42
C ASN A 145 -11.62 18.67 6.53
N GLY A 146 -10.97 18.41 7.67
CA GLY A 146 -10.27 17.16 7.89
C GLY A 146 -11.03 16.35 8.91
N ILE A 147 -11.95 15.52 8.42
CA ILE A 147 -12.87 14.78 9.25
C ILE A 147 -12.16 13.55 9.84
N ARG A 148 -11.33 13.81 10.86
CA ARG A 148 -10.30 12.95 11.41
C ARG A 148 -10.49 11.45 11.19
N HIS A 149 -11.52 10.84 11.77
CA HIS A 149 -11.70 9.39 11.72
C HIS A 149 -12.13 8.95 10.31
N ILE A 150 -11.23 9.02 9.33
CA ILE A 150 -11.53 8.50 8.01
C ILE A 150 -11.28 6.99 8.03
N GLY A 151 -12.35 6.21 8.17
CA GLY A 151 -12.31 4.77 8.18
C GLY A 151 -12.17 4.28 6.75
N LEU A 152 -11.10 3.54 6.47
CA LEU A 152 -10.78 3.05 5.15
C LEU A 152 -11.19 1.57 5.11
N ALA A 153 -12.19 1.23 4.30
CA ALA A 153 -12.73 -0.11 4.20
C ALA A 153 -12.91 -0.48 2.73
N ALA A 154 -12.36 -1.63 2.30
CA ALA A 154 -12.42 -2.07 0.91
C ALA A 154 -13.04 -3.44 0.75
N LYS A 155 -13.55 -3.68 -0.46
CA LYS A 155 -13.92 -4.98 -0.95
C LYS A 155 -13.87 -4.95 -2.48
N GLN A 156 -12.86 -5.61 -3.04
CA GLN A 156 -12.86 -6.09 -4.40
C GLN A 156 -13.91 -7.20 -4.47
N MET A 1 44.36 -14.21 -30.57
CA MET A 1 44.78 -13.01 -29.83
C MET A 1 44.44 -13.27 -28.37
N GLN A 2 44.45 -12.27 -27.49
CA GLN A 2 43.93 -12.44 -26.14
C GLN A 2 42.42 -12.73 -26.23
N SER A 3 41.89 -13.49 -25.28
CA SER A 3 40.46 -13.64 -25.07
C SER A 3 40.27 -13.91 -23.58
N HIS A 4 39.13 -13.47 -23.01
CA HIS A 4 38.76 -13.71 -21.63
C HIS A 4 37.26 -13.49 -21.53
N SER A 5 36.63 -13.91 -20.44
CA SER A 5 35.23 -13.67 -20.11
C SER A 5 35.05 -13.97 -18.63
N ALA A 6 34.07 -13.34 -17.99
CA ALA A 6 33.67 -13.58 -16.62
C ALA A 6 32.27 -12.98 -16.46
N LEU A 7 31.45 -13.52 -15.56
CA LEU A 7 30.09 -13.10 -15.34
C LEU A 7 29.74 -13.57 -13.93
N THR A 8 29.07 -12.73 -13.14
CA THR A 8 28.46 -13.10 -11.88
C THR A 8 27.43 -12.01 -11.55
N ALA A 9 26.42 -12.33 -10.77
CA ALA A 9 25.38 -11.44 -10.29
C ALA A 9 24.62 -12.19 -9.21
N PHE A 10 24.00 -11.48 -8.26
CA PHE A 10 23.24 -12.09 -7.18
C PHE A 10 22.33 -11.02 -6.58
N GLN A 11 21.25 -11.44 -5.92
CA GLN A 11 20.22 -10.59 -5.35
C GLN A 11 19.26 -11.48 -4.56
N THR A 12 18.49 -10.88 -3.66
CA THR A 12 17.39 -11.52 -2.97
C THR A 12 16.58 -10.45 -2.25
N GLU A 13 15.52 -10.87 -1.57
CA GLU A 13 14.66 -10.00 -0.78
C GLU A 13 15.27 -9.91 0.62
N GLN A 14 16.06 -8.85 0.86
CA GLN A 14 16.55 -8.41 2.17
C GLN A 14 17.45 -9.39 2.94
N ILE A 15 16.91 -10.52 3.41
CA ILE A 15 17.65 -11.55 4.14
C ILE A 15 17.61 -12.81 3.28
N GLN A 16 18.78 -13.38 2.98
CA GLN A 16 18.89 -14.52 2.07
C GLN A 16 18.46 -15.84 2.74
N ASP A 17 17.52 -15.79 3.68
CA ASP A 17 17.11 -16.90 4.53
C ASP A 17 15.64 -16.70 4.84
N SER A 18 15.35 -15.64 5.60
CA SER A 18 14.01 -15.25 6.00
C SER A 18 13.22 -14.75 4.79
N GLU A 19 13.35 -13.45 4.47
CA GLU A 19 12.56 -12.79 3.45
C GLU A 19 12.76 -13.43 2.07
N HIS A 20 13.98 -13.93 1.79
CA HIS A 20 14.23 -14.89 0.73
C HIS A 20 13.06 -15.86 0.58
N SER A 21 12.78 -16.65 1.61
CA SER A 21 11.79 -17.70 1.51
C SER A 21 10.37 -17.14 1.41
N GLY A 22 10.19 -15.86 1.74
CA GLY A 22 8.98 -15.13 1.44
C GLY A 22 8.83 -14.94 -0.07
N LYS A 23 9.79 -14.25 -0.69
CA LYS A 23 9.81 -13.91 -2.08
C LYS A 23 10.07 -15.13 -2.97
N MET A 24 11.27 -15.69 -2.83
CA MET A 24 11.80 -16.84 -3.52
C MET A 24 11.26 -18.12 -2.87
N VAL A 25 9.92 -18.24 -2.90
CA VAL A 25 9.20 -19.48 -2.67
C VAL A 25 9.84 -20.61 -3.47
N ALA A 26 10.17 -20.33 -4.73
CA ALA A 26 10.90 -21.21 -5.63
C ALA A 26 11.90 -20.35 -6.40
N LYS A 27 12.82 -21.03 -7.08
CA LYS A 27 13.91 -20.41 -7.83
C LYS A 27 13.40 -19.36 -8.83
N ARG A 28 14.17 -18.29 -8.97
CA ARG A 28 14.07 -17.31 -10.05
C ARG A 28 15.49 -17.18 -10.59
N GLN A 29 15.65 -16.82 -11.87
CA GLN A 29 16.98 -16.72 -12.48
C GLN A 29 17.80 -15.64 -11.77
N PHE A 30 17.27 -14.42 -11.78
CA PHE A 30 17.89 -13.26 -11.15
C PHE A 30 16.77 -12.36 -10.64
N ARG A 31 15.97 -11.83 -11.58
CA ARG A 31 14.76 -11.08 -11.30
C ARG A 31 15.04 -9.91 -10.36
N ILE A 32 16.06 -9.13 -10.71
CA ILE A 32 16.44 -7.91 -10.01
C ILE A 32 15.29 -6.91 -10.07
N GLY A 33 15.15 -6.11 -9.01
CA GLY A 33 14.14 -5.10 -8.85
C GLY A 33 13.43 -5.35 -7.52
N ASP A 34 12.44 -4.51 -7.26
CA ASP A 34 11.23 -4.88 -6.53
C ASP A 34 11.51 -5.41 -5.12
N ILE A 35 12.49 -4.82 -4.43
CA ILE A 35 12.78 -5.13 -3.04
C ILE A 35 11.86 -4.27 -2.16
N ALA A 36 11.48 -4.79 -0.99
CA ALA A 36 10.49 -4.25 -0.07
C ALA A 36 9.11 -4.78 -0.47
N GLY A 37 9.02 -6.10 -0.61
CA GLY A 37 7.79 -6.78 -0.92
C GLY A 37 8.00 -8.27 -0.67
N GLU A 38 8.01 -8.64 0.61
CA GLU A 38 8.31 -9.97 1.11
C GLU A 38 7.02 -10.59 1.64
N HIS A 39 6.51 -10.06 2.75
CA HIS A 39 5.40 -10.55 3.50
C HIS A 39 4.17 -10.41 2.63
N THR A 40 3.91 -9.19 2.12
CA THR A 40 2.76 -8.95 1.26
C THR A 40 2.69 -9.95 0.11
N SER A 41 3.82 -10.18 -0.56
CA SER A 41 3.89 -11.12 -1.66
C SER A 41 3.62 -12.54 -1.16
N PHE A 42 4.44 -13.00 -0.21
CA PHE A 42 4.35 -14.29 0.44
C PHE A 42 2.90 -14.65 0.83
N ASP A 43 2.19 -13.70 1.45
CA ASP A 43 0.85 -13.90 1.97
C ASP A 43 -0.19 -14.16 0.87
N LYS A 44 0.19 -14.01 -0.41
CA LYS A 44 -0.38 -14.62 -1.62
C LYS A 44 -0.75 -13.52 -2.59
N LEU A 45 0.25 -12.71 -2.94
CA LEU A 45 0.20 -11.70 -3.97
C LEU A 45 1.42 -11.88 -4.88
N PRO A 46 1.27 -11.64 -6.20
CA PRO A 46 2.32 -11.78 -7.19
C PRO A 46 3.34 -10.65 -7.09
N GLU A 47 4.27 -10.58 -8.05
CA GLU A 47 5.11 -9.43 -8.32
C GLU A 47 4.51 -8.63 -9.48
N GLY A 48 3.20 -8.40 -9.40
CA GLY A 48 2.35 -7.86 -10.47
C GLY A 48 1.97 -6.39 -10.33
N GLY A 49 1.79 -5.73 -11.47
CA GLY A 49 1.74 -4.28 -11.63
C GLY A 49 0.61 -3.52 -10.93
N ARG A 50 -0.53 -4.15 -10.67
CA ARG A 50 -1.74 -3.49 -10.17
C ARG A 50 -2.57 -4.51 -9.38
N ALA A 51 -2.99 -4.15 -8.18
CA ALA A 51 -4.05 -4.83 -7.46
C ALA A 51 -5.42 -4.42 -8.00
N THR A 52 -6.49 -5.02 -7.45
CA THR A 52 -7.87 -4.75 -7.85
C THR A 52 -8.75 -4.54 -6.61
N TYR A 53 -8.54 -3.45 -5.87
CA TYR A 53 -9.38 -3.02 -4.75
C TYR A 53 -10.13 -1.73 -5.05
N ARG A 54 -11.44 -1.82 -5.27
CA ARG A 54 -12.34 -0.68 -5.25
C ARG A 54 -12.73 -0.46 -3.78
N GLY A 55 -12.79 0.78 -3.29
CA GLY A 55 -13.07 0.95 -1.88
C GLY A 55 -13.58 2.32 -1.50
N THR A 56 -13.59 2.61 -0.20
CA THR A 56 -14.15 3.83 0.35
C THR A 56 -13.43 4.15 1.65
N ALA A 57 -13.14 5.44 1.83
CA ALA A 57 -12.63 6.06 3.03
C ALA A 57 -13.78 6.92 3.55
N PHE A 58 -14.60 6.43 4.48
CA PHE A 58 -15.77 7.17 4.99
C PHE A 58 -15.43 7.84 6.31
N GLY A 59 -15.60 9.17 6.35
CA GLY A 59 -15.29 9.97 7.52
C GLY A 59 -16.41 9.84 8.55
N SER A 60 -16.13 10.22 9.80
CA SER A 60 -17.18 10.46 10.79
C SER A 60 -18.18 11.50 10.27
N ASP A 61 -17.68 12.50 9.52
CA ASP A 61 -18.52 13.50 8.86
C ASP A 61 -19.26 12.94 7.64
N ASP A 62 -18.98 11.68 7.24
CA ASP A 62 -18.94 11.24 5.86
C ASP A 62 -18.71 12.38 4.88
N ALA A 63 -17.58 13.04 5.11
CA ALA A 63 -16.83 13.65 4.05
C ALA A 63 -15.86 12.57 3.59
N GLY A 64 -16.38 11.41 3.18
CA GLY A 64 -15.52 10.33 2.76
C GLY A 64 -15.27 10.42 1.26
N GLY A 65 -14.43 9.52 0.73
CA GLY A 65 -14.20 9.42 -0.69
C GLY A 65 -13.99 7.98 -1.13
N LYS A 66 -13.86 7.78 -2.44
CA LYS A 66 -13.86 6.50 -3.10
C LYS A 66 -12.41 6.07 -3.36
N LEU A 67 -11.96 5.01 -2.68
CA LEU A 67 -10.60 4.51 -2.80
C LEU A 67 -10.47 3.69 -4.08
N THR A 68 -9.32 3.78 -4.74
CA THR A 68 -9.07 3.19 -6.05
C THR A 68 -7.82 2.31 -6.02
N TYR A 69 -7.81 1.28 -6.88
CA TYR A 69 -6.78 0.28 -6.96
C TYR A 69 -5.53 0.80 -7.69
N THR A 70 -4.46 1.07 -6.94
CA THR A 70 -3.18 1.47 -7.48
C THR A 70 -2.08 1.11 -6.49
N ILE A 71 -1.59 -0.13 -6.56
CA ILE A 71 -0.37 -0.57 -5.91
C ILE A 71 0.32 -1.53 -6.89
N ASP A 72 1.63 -1.42 -7.07
CA ASP A 72 2.39 -2.46 -7.75
C ASP A 72 2.83 -3.47 -6.70
N PHE A 73 2.31 -4.70 -6.80
CA PHE A 73 2.63 -5.80 -5.90
C PHE A 73 4.13 -6.11 -5.87
N ALA A 74 4.92 -5.61 -6.85
CA ALA A 74 6.37 -5.60 -6.78
C ALA A 74 6.85 -5.17 -5.38
N ALA A 75 6.28 -4.07 -4.86
CA ALA A 75 6.72 -3.49 -3.60
C ALA A 75 5.64 -2.71 -2.86
N LYS A 76 4.37 -2.86 -3.25
CA LYS A 76 3.20 -2.21 -2.68
C LYS A 76 3.44 -0.84 -2.08
N GLN A 77 3.69 0.07 -3.00
CA GLN A 77 4.05 1.44 -2.72
C GLN A 77 2.74 2.22 -2.74
N GLY A 78 1.79 1.70 -1.95
CA GLY A 78 0.42 1.60 -2.42
C GLY A 78 -0.42 2.78 -2.00
N ASN A 79 -1.39 3.21 -2.82
CA ASN A 79 -2.14 4.42 -2.54
C ASN A 79 -3.52 4.45 -3.18
N GLY A 80 -4.35 5.40 -2.76
CA GLY A 80 -5.60 5.72 -3.41
C GLY A 80 -6.01 7.15 -3.05
N LYS A 81 -6.20 7.99 -4.06
CA LYS A 81 -6.60 9.38 -3.89
C LYS A 81 -8.12 9.50 -3.93
N ILE A 82 -8.68 10.57 -3.36
CA ILE A 82 -10.12 10.83 -3.34
C ILE A 82 -10.42 12.23 -3.88
N GLU A 83 -11.54 12.36 -4.59
CA GLU A 83 -11.85 13.52 -5.40
C GLU A 83 -13.37 13.64 -5.62
N HIS A 84 -14.14 13.75 -4.54
CA HIS A 84 -15.60 13.66 -4.67
C HIS A 84 -16.33 14.34 -3.52
N LEU A 85 -15.62 15.10 -2.70
CA LEU A 85 -16.12 15.53 -1.41
C LEU A 85 -16.85 16.86 -1.52
N LYS A 86 -17.63 17.20 -0.48
CA LYS A 86 -18.59 18.30 -0.51
C LYS A 86 -17.94 19.67 -0.61
N SER A 87 -16.63 19.74 -0.39
CA SER A 87 -15.84 20.93 -0.70
C SER A 87 -14.59 20.50 -1.48
N PRO A 88 -14.20 21.19 -2.57
CA PRO A 88 -13.15 20.74 -3.48
C PRO A 88 -11.79 20.60 -2.77
N GLU A 89 -11.54 21.41 -1.75
CA GLU A 89 -10.34 21.37 -0.94
C GLU A 89 -10.18 19.99 -0.27
N LEU A 90 -11.30 19.32 -0.02
CA LEU A 90 -11.31 17.97 0.55
C LEU A 90 -11.03 16.89 -0.50
N ASN A 91 -10.79 17.24 -1.78
CA ASN A 91 -10.30 16.29 -2.78
C ASN A 91 -8.86 15.91 -2.42
N VAL A 92 -8.74 15.08 -1.38
CA VAL A 92 -7.51 14.64 -0.76
C VAL A 92 -6.76 13.69 -1.69
N ASP A 93 -5.50 14.01 -1.97
CA ASP A 93 -4.57 13.04 -2.53
C ASP A 93 -3.67 12.54 -1.41
N LEU A 94 -3.00 11.43 -1.65
CA LEU A 94 -1.98 10.91 -0.74
C LEU A 94 -0.69 10.49 -1.44
N ALA A 95 0.38 10.40 -0.65
CA ALA A 95 1.71 10.06 -1.09
C ALA A 95 1.94 8.56 -0.95
N ALA A 96 2.72 7.99 -1.87
CA ALA A 96 3.03 6.57 -1.89
C ALA A 96 4.05 6.28 -0.78
N ALA A 97 4.01 5.07 -0.23
CA ALA A 97 4.82 4.69 0.92
C ALA A 97 5.01 3.17 0.93
N ASP A 98 6.20 2.75 1.36
CA ASP A 98 6.71 1.39 1.24
C ASP A 98 6.13 0.50 2.35
N ILE A 99 6.43 -0.79 2.26
CA ILE A 99 5.92 -1.80 3.15
C ILE A 99 6.92 -2.96 3.22
N LYS A 100 7.54 -3.13 4.39
CA LYS A 100 8.37 -4.29 4.71
C LYS A 100 8.66 -4.38 6.23
N PRO A 101 9.12 -3.32 6.93
CA PRO A 101 9.60 -3.50 8.30
C PRO A 101 8.44 -3.56 9.30
N ASP A 102 7.67 -4.65 9.25
CA ASP A 102 6.56 -4.98 10.12
C ASP A 102 6.20 -6.46 9.92
N GLY A 103 5.94 -6.80 8.66
CA GLY A 103 5.73 -8.16 8.21
C GLY A 103 4.55 -8.83 8.90
N LYS A 104 4.87 -9.78 9.77
CA LYS A 104 3.98 -10.66 10.52
C LYS A 104 3.36 -11.70 9.60
N ARG A 105 2.72 -11.23 8.53
CA ARG A 105 2.28 -12.02 7.40
C ARG A 105 2.40 -11.18 6.13
N HIS A 106 1.84 -9.96 6.16
CA HIS A 106 1.73 -9.12 4.97
C HIS A 106 2.23 -7.68 5.14
N ALA A 107 2.54 -7.23 6.36
CA ALA A 107 2.97 -5.87 6.66
C ALA A 107 1.87 -4.84 6.33
N VAL A 108 2.22 -3.55 6.40
CA VAL A 108 1.34 -2.42 6.13
C VAL A 108 2.12 -1.34 5.40
N ILE A 109 1.40 -0.46 4.69
CA ILE A 109 1.94 0.83 4.28
C ILE A 109 1.47 1.89 5.27
N SER A 110 2.18 3.03 5.30
CA SER A 110 1.95 4.13 6.22
C SER A 110 2.28 5.44 5.52
N GLY A 111 1.35 5.93 4.68
CA GLY A 111 1.58 7.10 3.85
C GLY A 111 1.05 8.40 4.45
N SER A 112 1.40 9.52 3.82
CA SER A 112 0.96 10.88 4.16
C SER A 112 -0.21 11.25 3.25
N VAL A 113 -1.15 12.08 3.70
CA VAL A 113 -2.24 12.58 2.87
C VAL A 113 -2.28 14.10 2.96
N LEU A 114 -2.77 14.76 1.89
CA LEU A 114 -2.91 16.21 1.92
C LEU A 114 -4.33 16.67 1.58
N TYR A 115 -4.76 17.74 2.24
CA TYR A 115 -6.04 18.43 2.06
C TYR A 115 -5.90 19.26 0.78
N ASN A 116 -5.82 18.52 -0.33
CA ASN A 116 -5.63 18.94 -1.71
C ASN A 116 -4.38 19.78 -1.93
N GLN A 117 -4.29 20.96 -1.29
CA GLN A 117 -3.09 21.78 -1.27
C GLN A 117 -2.25 21.50 -0.01
N ALA A 118 -2.88 21.38 1.15
CA ALA A 118 -2.18 21.50 2.44
C ALA A 118 -2.01 20.15 3.13
N GLU A 119 -0.79 19.75 3.46
CA GLU A 119 -0.60 18.55 4.28
C GLU A 119 -0.89 18.90 5.73
N LYS A 120 -1.94 18.30 6.33
CA LYS A 120 -1.90 17.66 7.63
C LYS A 120 -2.89 16.51 7.67
N GLY A 121 -2.46 15.38 7.11
CA GLY A 121 -3.06 14.10 7.41
C GLY A 121 -2.07 12.99 7.11
N SER A 122 -2.32 11.82 7.68
CA SER A 122 -1.54 10.61 7.45
C SER A 122 -2.49 9.42 7.45
N TYR A 123 -2.03 8.25 7.00
CA TYR A 123 -2.83 7.04 7.09
C TYR A 123 -1.94 5.81 7.19
N SER A 124 -2.55 4.64 7.38
CA SER A 124 -1.87 3.37 7.29
C SER A 124 -2.88 2.31 6.86
N LEU A 125 -2.40 1.36 6.05
CA LEU A 125 -3.25 0.43 5.32
C LEU A 125 -2.58 -0.94 5.18
N GLY A 126 -3.39 -1.99 5.32
CA GLY A 126 -3.02 -3.41 5.30
C GLY A 126 -4.00 -4.20 4.43
N ILE A 127 -3.58 -5.37 3.96
CA ILE A 127 -4.20 -6.08 2.83
C ILE A 127 -4.65 -7.47 3.28
N PHE A 128 -5.82 -7.93 2.82
CA PHE A 128 -6.35 -9.25 3.16
C PHE A 128 -5.58 -10.36 2.42
N GLY A 129 -4.92 -11.22 3.19
CA GLY A 129 -4.08 -12.33 2.74
C GLY A 129 -4.82 -13.37 1.91
N GLY A 130 -5.19 -13.02 0.68
CA GLY A 130 -5.80 -13.92 -0.28
C GLY A 130 -5.81 -13.28 -1.65
N LYS A 131 -6.41 -12.08 -1.76
CA LYS A 131 -6.67 -11.42 -3.03
C LYS A 131 -7.11 -9.97 -2.78
N ALA A 132 -6.54 -9.31 -1.78
CA ALA A 132 -6.85 -7.90 -1.43
C ALA A 132 -8.34 -7.72 -1.18
N GLN A 133 -8.95 -8.78 -0.67
CA GLN A 133 -10.39 -8.99 -0.61
C GLN A 133 -11.07 -7.88 0.17
N GLU A 134 -10.42 -7.50 1.25
CA GLU A 134 -10.97 -6.67 2.29
C GLU A 134 -9.80 -5.93 2.93
N VAL A 135 -9.36 -4.83 2.30
CA VAL A 135 -8.19 -4.12 2.82
C VAL A 135 -8.65 -3.35 4.05
N ALA A 136 -7.78 -3.22 5.05
CA ALA A 136 -8.10 -2.63 6.33
C ALA A 136 -7.08 -1.52 6.59
N GLY A 137 -7.56 -0.31 6.91
CA GLY A 137 -6.68 0.81 7.19
C GLY A 137 -7.41 1.83 8.06
N SER A 138 -6.68 2.87 8.45
CA SER A 138 -7.29 4.10 8.94
C SER A 138 -6.45 5.23 8.38
N ALA A 139 -7.10 6.36 8.12
CA ALA A 139 -6.42 7.64 8.04
C ALA A 139 -6.67 8.40 9.34
N GLU A 140 -5.88 9.47 9.52
CA GLU A 140 -6.24 10.63 10.31
C GLU A 140 -5.86 11.85 9.47
N VAL A 141 -6.87 12.60 9.02
CA VAL A 141 -6.69 13.91 8.41
C VAL A 141 -7.14 14.92 9.44
N LYS A 142 -6.48 16.07 9.55
CA LYS A 142 -6.85 17.08 10.53
C LYS A 142 -6.68 18.47 9.93
N THR A 143 -7.78 19.07 9.50
CA THR A 143 -7.77 20.49 9.14
C THR A 143 -9.00 21.13 9.78
N VAL A 144 -9.23 22.41 9.46
CA VAL A 144 -10.51 23.07 9.69
C VAL A 144 -11.70 22.20 9.26
N ASN A 145 -11.49 21.29 8.30
CA ASN A 145 -12.50 20.31 7.92
C ASN A 145 -11.76 19.11 7.29
N GLY A 146 -10.89 18.49 8.08
CA GLY A 146 -10.13 17.32 7.71
C GLY A 146 -10.51 16.20 8.68
N ILE A 147 -10.92 15.06 8.13
CA ILE A 147 -11.55 13.99 8.87
C ILE A 147 -10.52 13.11 9.61
N ARG A 148 -10.54 13.21 10.94
CA ARG A 148 -9.68 12.43 11.81
C ARG A 148 -10.15 10.98 11.86
N HIS A 149 -11.39 10.78 12.31
CA HIS A 149 -11.95 9.45 12.44
C HIS A 149 -12.55 9.09 11.08
N ILE A 150 -11.91 8.17 10.35
CA ILE A 150 -12.33 7.72 9.03
C ILE A 150 -12.08 6.22 8.93
N GLY A 151 -13.04 5.48 8.36
CA GLY A 151 -12.94 4.05 8.11
C GLY A 151 -12.53 3.82 6.66
N LEU A 152 -11.35 3.22 6.47
CA LEU A 152 -10.81 2.83 5.17
C LEU A 152 -11.15 1.36 4.95
N ALA A 153 -11.94 1.05 3.91
CA ALA A 153 -12.20 -0.32 3.49
C ALA A 153 -12.14 -0.41 1.97
N ALA A 154 -11.92 -1.60 1.42
CA ALA A 154 -12.00 -1.85 -0.01
C ALA A 154 -12.42 -3.28 -0.26
N LYS A 155 -13.29 -3.51 -1.24
CA LYS A 155 -13.55 -4.83 -1.79
C LYS A 155 -14.10 -4.74 -3.21
N GLN A 156 -13.94 -5.82 -3.97
CA GLN A 156 -14.05 -5.89 -5.42
C GLN A 156 -14.97 -7.04 -5.80
N MET A 1 9.33 -34.06 -28.88
CA MET A 1 8.84 -32.71 -28.57
C MET A 1 10.07 -31.88 -28.22
N GLN A 2 10.01 -30.56 -28.39
CA GLN A 2 11.02 -29.62 -27.94
C GLN A 2 10.29 -28.32 -27.59
N SER A 3 10.87 -27.49 -26.73
CA SER A 3 10.38 -26.16 -26.36
C SER A 3 11.53 -25.47 -25.63
N HIS A 4 11.43 -24.15 -25.46
CA HIS A 4 12.32 -23.36 -24.62
C HIS A 4 11.46 -22.71 -23.53
N SER A 5 11.98 -22.62 -22.30
CA SER A 5 11.25 -22.00 -21.20
C SER A 5 11.29 -20.48 -21.35
N ALA A 6 10.46 -19.82 -20.54
CA ALA A 6 10.60 -18.40 -20.19
C ALA A 6 11.04 -18.34 -18.72
N LEU A 7 11.28 -17.14 -18.20
CA LEU A 7 11.64 -16.90 -16.82
C LEU A 7 10.94 -15.62 -16.37
N THR A 8 10.74 -15.47 -15.06
CA THR A 8 10.46 -14.18 -14.43
C THR A 8 11.79 -13.43 -14.28
N ALA A 9 11.77 -12.26 -13.64
CA ALA A 9 12.97 -11.48 -13.36
C ALA A 9 13.83 -12.21 -12.31
N PHE A 10 13.33 -12.27 -11.07
CA PHE A 10 14.07 -12.79 -9.93
C PHE A 10 13.10 -13.39 -8.91
N GLN A 11 12.45 -14.50 -9.27
CA GLN A 11 11.51 -15.21 -8.42
C GLN A 11 10.44 -14.22 -7.89
N THR A 12 10.39 -14.02 -6.57
CA THR A 12 9.70 -12.93 -5.92
C THR A 12 10.30 -12.85 -4.52
N GLU A 13 9.88 -11.86 -3.73
CA GLU A 13 10.45 -11.63 -2.41
C GLU A 13 10.12 -12.79 -1.48
N GLN A 14 10.98 -13.04 -0.48
CA GLN A 14 10.99 -14.20 0.39
C GLN A 14 12.24 -14.15 1.28
N ILE A 15 13.39 -13.80 0.67
CA ILE A 15 14.68 -13.75 1.32
C ILE A 15 15.30 -12.37 1.05
N GLN A 16 15.18 -11.47 2.04
CA GLN A 16 15.80 -10.16 2.07
C GLN A 16 17.30 -10.22 1.73
N ASP A 17 17.86 -9.05 1.42
CA ASP A 17 19.14 -8.87 0.73
C ASP A 17 19.07 -9.44 -0.69
N SER A 18 18.95 -10.77 -0.80
CA SER A 18 18.93 -11.51 -2.05
C SER A 18 17.73 -11.08 -2.92
N GLU A 19 16.54 -11.65 -2.68
CA GLU A 19 15.35 -11.32 -3.44
C GLU A 19 14.88 -9.88 -3.16
N HIS A 20 15.36 -9.24 -2.10
CA HIS A 20 15.29 -7.78 -1.98
C HIS A 20 15.92 -7.15 -3.23
N SER A 21 17.19 -7.49 -3.52
CA SER A 21 17.83 -7.08 -4.76
C SER A 21 16.94 -7.52 -5.93
N GLY A 22 16.46 -8.77 -5.88
CA GLY A 22 15.47 -9.32 -6.80
C GLY A 22 14.42 -8.31 -7.25
N LYS A 23 13.59 -7.84 -6.32
CA LYS A 23 12.49 -6.92 -6.61
C LYS A 23 12.94 -5.49 -6.94
N MET A 24 14.22 -5.15 -6.77
CA MET A 24 14.72 -3.79 -6.88
C MET A 24 15.20 -3.53 -8.30
N VAL A 25 14.87 -2.34 -8.83
CA VAL A 25 15.15 -1.91 -10.18
C VAL A 25 15.52 -0.44 -10.11
N ALA A 26 14.57 0.41 -9.71
CA ALA A 26 14.84 1.80 -9.40
C ALA A 26 15.76 1.84 -8.18
N LYS A 27 17.03 2.19 -8.39
CA LYS A 27 18.06 2.18 -7.36
C LYS A 27 17.64 2.97 -6.10
N ARG A 28 16.87 4.05 -6.28
CA ARG A 28 16.34 4.87 -5.20
C ARG A 28 17.50 5.47 -4.40
N GLN A 29 18.32 6.28 -5.08
CA GLN A 29 19.55 6.88 -4.56
C GLN A 29 19.25 7.98 -3.53
N PHE A 30 18.65 7.61 -2.40
CA PHE A 30 18.42 8.49 -1.25
C PHE A 30 19.33 8.02 -0.11
N ARG A 31 18.82 7.10 0.71
CA ARG A 31 19.41 6.68 1.96
C ARG A 31 18.76 5.37 2.35
N ILE A 32 17.46 5.42 2.68
CA ILE A 32 16.62 4.27 2.90
C ILE A 32 15.25 4.63 2.35
N GLY A 33 14.74 3.83 1.41
CA GLY A 33 13.41 3.98 0.83
C GLY A 33 12.62 2.69 0.99
N ASP A 34 11.87 2.32 -0.05
CA ASP A 34 11.09 1.10 -0.15
C ASP A 34 12.02 -0.11 -0.30
N ILE A 35 12.71 -0.47 0.78
CA ILE A 35 13.64 -1.61 0.81
C ILE A 35 12.97 -2.84 0.19
N ALA A 36 11.96 -3.37 0.85
CA ALA A 36 11.30 -4.59 0.42
C ALA A 36 9.95 -4.74 1.10
N GLY A 37 9.11 -5.56 0.49
CA GLY A 37 7.85 -6.03 1.03
C GLY A 37 8.08 -7.34 1.79
N GLU A 38 8.84 -8.26 1.18
CA GLU A 38 9.05 -9.62 1.64
C GLU A 38 7.74 -10.34 1.92
N HIS A 39 7.21 -10.22 3.14
CA HIS A 39 6.17 -11.10 3.62
C HIS A 39 4.89 -10.82 2.84
N THR A 40 4.58 -9.53 2.65
CA THR A 40 3.43 -9.10 1.87
C THR A 40 3.43 -9.74 0.47
N SER A 41 4.58 -9.71 -0.20
CA SER A 41 4.72 -10.27 -1.54
C SER A 41 4.69 -11.79 -1.52
N PHE A 42 5.58 -12.39 -0.73
CA PHE A 42 5.70 -13.82 -0.45
C PHE A 42 4.35 -14.45 -0.13
N ASP A 43 3.46 -13.71 0.55
CA ASP A 43 2.09 -14.12 0.78
C ASP A 43 1.45 -14.72 -0.47
N LYS A 44 1.71 -14.10 -1.63
CA LYS A 44 1.47 -14.49 -3.01
C LYS A 44 0.78 -13.35 -3.74
N LEU A 45 1.46 -12.20 -3.77
CA LEU A 45 1.15 -11.06 -4.63
C LEU A 45 2.43 -10.82 -5.46
N PRO A 46 2.35 -10.88 -6.81
CA PRO A 46 3.49 -11.15 -7.69
C PRO A 46 4.49 -10.00 -7.83
N GLU A 47 5.42 -10.14 -8.78
CA GLU A 47 6.55 -9.25 -8.98
C GLU A 47 6.14 -7.78 -9.23
N GLY A 48 5.00 -7.53 -9.87
CA GLY A 48 4.59 -6.17 -10.19
C GLY A 48 3.18 -6.09 -10.76
N GLY A 49 2.53 -4.94 -10.60
CA GLY A 49 1.22 -4.61 -11.16
C GLY A 49 0.23 -4.15 -10.10
N ARG A 50 -0.72 -3.28 -10.46
CA ARG A 50 -1.66 -2.66 -9.53
C ARG A 50 -2.73 -3.69 -9.15
N ALA A 51 -3.09 -3.75 -7.86
CA ALA A 51 -4.13 -4.66 -7.41
C ALA A 51 -5.51 -4.12 -7.78
N THR A 52 -6.54 -4.92 -7.49
CA THR A 52 -7.91 -4.71 -7.90
C THR A 52 -8.75 -4.54 -6.64
N TYR A 53 -9.40 -3.38 -6.44
CA TYR A 53 -10.49 -3.23 -5.48
C TYR A 53 -11.39 -2.03 -5.79
N ARG A 54 -12.45 -1.86 -5.01
CA ARG A 54 -13.20 -0.62 -4.86
C ARG A 54 -13.45 -0.45 -3.37
N GLY A 55 -13.26 0.74 -2.78
CA GLY A 55 -13.48 0.88 -1.34
C GLY A 55 -14.14 2.19 -0.93
N THR A 56 -14.61 2.23 0.30
CA THR A 56 -15.38 3.33 0.87
C THR A 56 -14.55 3.94 1.99
N ALA A 57 -14.07 5.17 1.79
CA ALA A 57 -13.24 5.90 2.73
C ALA A 57 -13.96 7.17 3.16
N PHE A 58 -15.04 6.95 3.92
CA PHE A 58 -15.84 7.99 4.57
C PHE A 58 -15.12 8.44 5.83
N GLY A 59 -15.18 9.75 6.11
CA GLY A 59 -14.62 10.29 7.33
C GLY A 59 -15.57 10.00 8.49
N SER A 60 -15.14 10.24 9.72
CA SER A 60 -16.00 10.23 10.91
C SER A 60 -17.30 11.00 10.64
N ASP A 61 -17.19 12.13 9.94
CA ASP A 61 -18.30 13.01 9.60
C ASP A 61 -19.16 12.50 8.43
N ASP A 62 -18.85 11.31 7.88
CA ASP A 62 -19.29 10.84 6.58
C ASP A 62 -19.04 11.91 5.52
N ALA A 63 -17.79 12.35 5.52
CA ALA A 63 -17.24 13.36 4.63
C ALA A 63 -15.90 12.83 4.20
N GLY A 64 -15.94 11.84 3.30
CA GLY A 64 -14.78 11.16 2.78
C GLY A 64 -15.19 10.59 1.41
N GLY A 65 -14.28 9.94 0.70
CA GLY A 65 -14.38 9.59 -0.71
C GLY A 65 -14.30 8.08 -0.91
N LYS A 66 -14.36 7.62 -2.15
CA LYS A 66 -14.16 6.22 -2.48
C LYS A 66 -12.66 5.97 -2.60
N LEU A 67 -12.14 4.90 -1.98
CA LEU A 67 -10.74 4.53 -2.09
C LEU A 67 -10.52 3.79 -3.42
N THR A 68 -9.58 4.29 -4.22
CA THR A 68 -9.21 3.70 -5.50
C THR A 68 -8.13 2.63 -5.33
N TYR A 69 -8.14 1.65 -6.23
CA TYR A 69 -7.24 0.51 -6.27
C TYR A 69 -5.87 0.88 -6.81
N THR A 70 -4.92 1.08 -5.89
CA THR A 70 -3.56 1.44 -6.25
C THR A 70 -2.57 0.85 -5.25
N ILE A 71 -2.24 -0.43 -5.44
CA ILE A 71 -1.13 -1.10 -4.77
C ILE A 71 -0.39 -1.85 -5.88
N ASP A 72 0.74 -1.34 -6.36
CA ASP A 72 1.54 -2.08 -7.31
C ASP A 72 2.36 -3.12 -6.55
N PHE A 73 2.17 -4.39 -6.90
CA PHE A 73 2.84 -5.51 -6.26
C PHE A 73 4.35 -5.32 -6.13
N ALA A 74 4.98 -4.49 -6.97
CA ALA A 74 6.40 -4.18 -6.86
C ALA A 74 6.81 -3.68 -5.46
N ALA A 75 5.90 -2.99 -4.76
CA ALA A 75 6.16 -2.51 -3.39
C ALA A 75 4.91 -2.34 -2.51
N LYS A 76 3.72 -2.66 -3.00
CA LYS A 76 2.47 -2.64 -2.24
C LYS A 76 2.18 -1.25 -1.62
N GLN A 77 1.90 -0.25 -2.45
CA GLN A 77 1.78 1.12 -1.97
C GLN A 77 0.48 1.27 -1.17
N GLY A 78 -0.66 1.00 -1.82
CA GLY A 78 -1.94 0.92 -1.15
C GLY A 78 -2.46 2.30 -0.83
N ASN A 79 -2.50 3.16 -1.85
CA ASN A 79 -2.76 4.59 -1.68
C ASN A 79 -3.70 5.05 -2.78
N GLY A 80 -5.00 4.97 -2.50
CA GLY A 80 -6.05 5.38 -3.40
C GLY A 80 -6.31 6.86 -3.24
N LYS A 81 -6.53 7.56 -4.35
CA LYS A 81 -6.93 8.96 -4.33
C LYS A 81 -8.43 9.00 -4.04
N ILE A 82 -8.83 9.91 -3.15
CA ILE A 82 -10.18 9.96 -2.57
C ILE A 82 -10.95 11.17 -3.12
N GLU A 83 -11.10 11.21 -4.45
CA GLU A 83 -11.80 12.28 -5.12
C GLU A 83 -13.31 12.03 -5.05
N HIS A 84 -14.06 12.88 -4.33
CA HIS A 84 -15.51 12.84 -4.43
C HIS A 84 -16.25 14.14 -4.05
N LEU A 85 -15.62 15.10 -3.38
CA LEU A 85 -16.39 15.99 -2.53
C LEU A 85 -16.54 17.38 -3.12
N LYS A 86 -17.65 18.04 -2.76
CA LYS A 86 -17.99 19.38 -3.19
C LYS A 86 -16.88 20.38 -2.84
N SER A 87 -16.24 20.18 -1.68
CA SER A 87 -15.16 21.01 -1.20
C SER A 87 -13.87 20.49 -1.81
N PRO A 88 -13.22 21.22 -2.73
CA PRO A 88 -12.12 20.69 -3.52
C PRO A 88 -10.99 20.14 -2.65
N GLU A 89 -10.67 20.79 -1.53
CA GLU A 89 -9.60 20.35 -0.66
C GLU A 89 -9.86 18.93 -0.12
N LEU A 90 -11.13 18.57 0.03
CA LEU A 90 -11.53 17.28 0.56
C LEU A 90 -11.31 16.18 -0.48
N ASN A 91 -11.00 16.52 -1.73
CA ASN A 91 -10.65 15.54 -2.75
C ASN A 91 -9.22 15.07 -2.46
N VAL A 92 -9.07 14.32 -1.36
CA VAL A 92 -7.78 13.99 -0.77
C VAL A 92 -6.97 13.09 -1.70
N ASP A 93 -5.64 13.21 -1.60
CA ASP A 93 -4.71 12.22 -2.12
C ASP A 93 -4.02 11.54 -0.95
N LEU A 94 -3.56 10.32 -1.17
CA LEU A 94 -2.81 9.49 -0.27
C LEU A 94 -1.43 9.27 -0.91
N ALA A 95 -0.34 9.54 -0.20
CA ALA A 95 0.99 9.53 -0.80
C ALA A 95 1.46 8.09 -0.98
N ALA A 96 2.31 7.84 -1.98
CA ALA A 96 2.68 6.48 -2.36
C ALA A 96 3.70 5.93 -1.37
N ALA A 97 3.20 5.23 -0.36
CA ALA A 97 3.92 4.69 0.77
C ALA A 97 4.56 3.32 0.43
N ASP A 98 5.31 2.78 1.39
CA ASP A 98 5.84 1.43 1.40
C ASP A 98 5.03 0.57 2.39
N ILE A 99 5.30 -0.74 2.38
CA ILE A 99 5.16 -1.58 3.55
C ILE A 99 6.48 -2.33 3.75
N LYS A 100 7.38 -1.71 4.51
CA LYS A 100 8.48 -2.34 5.23
C LYS A 100 8.10 -3.74 5.72
N PRO A 101 9.06 -4.68 5.79
CA PRO A 101 8.77 -6.08 6.09
C PRO A 101 8.40 -6.24 7.56
N ASP A 102 7.13 -6.02 7.90
CA ASP A 102 6.57 -6.04 9.27
C ASP A 102 6.60 -7.42 9.94
N GLY A 103 7.47 -8.35 9.51
CA GLY A 103 7.57 -9.71 10.03
C GLY A 103 6.19 -10.36 10.12
N LYS A 104 5.40 -10.26 9.05
CA LYS A 104 4.01 -10.67 8.99
C LYS A 104 3.56 -10.47 7.54
N ARG A 105 2.71 -11.36 7.03
CA ARG A 105 2.08 -11.30 5.71
C ARG A 105 1.27 -10.00 5.56
N HIS A 106 1.97 -8.88 5.35
CA HIS A 106 1.41 -7.56 5.26
C HIS A 106 0.70 -7.17 6.56
N ALA A 107 1.45 -6.67 7.55
CA ALA A 107 0.80 -5.90 8.60
C ALA A 107 0.33 -4.58 7.99
N VAL A 108 1.16 -3.53 7.95
CA VAL A 108 0.62 -2.20 7.59
C VAL A 108 1.58 -1.29 6.82
N ILE A 109 0.94 -0.53 5.93
CA ILE A 109 1.45 0.59 5.19
C ILE A 109 1.20 1.83 6.04
N SER A 110 2.22 2.66 6.24
CA SER A 110 2.14 3.92 6.97
C SER A 110 2.45 5.06 6.01
N GLY A 111 1.44 5.81 5.54
CA GLY A 111 1.60 6.85 4.52
C GLY A 111 1.24 8.25 5.01
N SER A 112 1.80 9.28 4.36
CA SER A 112 1.31 10.65 4.41
C SER A 112 0.12 10.78 3.45
N VAL A 113 -0.62 11.88 3.56
CA VAL A 113 -1.79 12.19 2.74
C VAL A 113 -1.84 13.69 2.53
N LEU A 114 -2.65 14.16 1.58
CA LEU A 114 -2.62 15.53 1.08
C LEU A 114 -4.06 16.01 0.81
N TYR A 115 -4.43 17.09 1.49
CA TYR A 115 -5.74 17.73 1.48
C TYR A 115 -5.80 18.66 0.27
N ASN A 116 -5.58 18.07 -0.92
CA ASN A 116 -5.38 18.72 -2.22
C ASN A 116 -4.20 19.70 -2.28
N GLN A 117 -4.05 20.60 -1.30
CA GLN A 117 -2.94 21.56 -1.21
C GLN A 117 -2.08 21.43 0.05
N ALA A 118 -2.52 20.71 1.09
CA ALA A 118 -1.86 20.72 2.40
C ALA A 118 -1.64 19.30 2.94
N GLU A 119 -0.39 18.95 3.25
CA GLU A 119 -0.05 17.71 3.92
C GLU A 119 -0.12 17.92 5.43
N LYS A 120 -1.29 17.74 6.07
CA LYS A 120 -1.40 17.45 7.48
C LYS A 120 -2.44 16.36 7.68
N GLY A 121 -2.01 15.15 7.38
CA GLY A 121 -2.75 13.95 7.64
C GLY A 121 -1.75 12.80 7.69
N SER A 122 -2.25 11.61 7.98
CA SER A 122 -1.49 10.38 7.97
C SER A 122 -2.44 9.23 7.67
N TYR A 123 -1.93 8.07 7.27
CA TYR A 123 -2.77 6.95 6.88
C TYR A 123 -2.10 5.63 7.27
N SER A 124 -2.90 4.69 7.78
CA SER A 124 -2.48 3.36 8.19
C SER A 124 -3.38 2.41 7.39
N LEU A 125 -2.79 1.63 6.49
CA LEU A 125 -3.55 0.74 5.60
C LEU A 125 -3.03 -0.68 5.74
N GLY A 126 -3.92 -1.66 5.75
CA GLY A 126 -3.59 -3.09 5.84
C GLY A 126 -4.41 -3.84 4.79
N ILE A 127 -3.84 -4.92 4.24
CA ILE A 127 -4.43 -5.67 3.13
C ILE A 127 -4.98 -7.00 3.64
N PHE A 128 -6.10 -7.48 3.09
CA PHE A 128 -6.45 -8.88 3.24
C PHE A 128 -5.46 -9.68 2.39
N GLY A 129 -4.35 -10.06 3.03
CA GLY A 129 -3.34 -10.98 2.52
C GLY A 129 -3.98 -12.33 2.18
N GLY A 130 -4.64 -12.36 1.04
CA GLY A 130 -5.24 -13.53 0.43
C GLY A 130 -5.34 -13.28 -1.07
N LYS A 131 -6.01 -12.19 -1.48
CA LYS A 131 -5.89 -11.67 -2.84
C LYS A 131 -6.15 -10.16 -2.93
N ALA A 132 -5.85 -9.40 -1.86
CA ALA A 132 -6.15 -7.98 -1.75
C ALA A 132 -7.66 -7.73 -1.92
N GLN A 133 -8.43 -8.74 -1.50
CA GLN A 133 -9.86 -8.88 -1.71
C GLN A 133 -10.62 -7.82 -0.97
N GLU A 134 -10.17 -7.53 0.24
CA GLU A 134 -10.54 -6.36 0.98
C GLU A 134 -9.22 -5.73 1.44
N VAL A 135 -9.26 -4.42 1.69
CA VAL A 135 -8.24 -3.75 2.47
C VAL A 135 -9.00 -3.14 3.64
N ALA A 136 -8.32 -2.95 4.77
CA ALA A 136 -8.87 -2.34 5.97
C ALA A 136 -7.94 -1.20 6.33
N GLY A 137 -8.48 0.00 6.56
CA GLY A 137 -7.64 1.18 6.71
C GLY A 137 -8.19 2.16 7.73
N SER A 138 -7.32 3.06 8.18
CA SER A 138 -7.68 4.19 9.01
C SER A 138 -6.75 5.34 8.65
N ALA A 139 -7.30 6.41 8.07
CA ALA A 139 -6.55 7.65 7.85
C ALA A 139 -7.01 8.75 8.77
N GLU A 140 -6.19 9.81 8.82
CA GLU A 140 -6.58 11.12 9.30
C GLU A 140 -6.07 12.19 8.33
N VAL A 141 -6.82 13.28 8.19
CA VAL A 141 -6.54 14.39 7.29
C VAL A 141 -6.96 15.65 8.04
N LYS A 142 -6.19 16.02 9.07
CA LYS A 142 -6.62 17.06 9.99
C LYS A 142 -6.33 18.43 9.38
N THR A 143 -7.35 19.26 9.18
CA THR A 143 -7.14 20.67 8.89
C THR A 143 -8.19 21.47 9.67
N VAL A 144 -8.24 22.77 9.44
CA VAL A 144 -9.33 23.62 9.90
C VAL A 144 -10.68 23.02 9.49
N ASN A 145 -10.74 22.32 8.35
CA ASN A 145 -11.96 21.64 7.92
C ASN A 145 -11.57 20.29 7.32
N GLY A 146 -10.86 19.48 8.10
CA GLY A 146 -10.30 18.23 7.64
C GLY A 146 -10.60 17.15 8.66
N ILE A 147 -11.10 16.02 8.19
CA ILE A 147 -11.58 14.93 8.99
C ILE A 147 -10.39 14.13 9.50
N ARG A 148 -10.42 13.75 10.79
CA ARG A 148 -9.53 12.71 11.26
C ARG A 148 -10.08 11.37 10.80
N HIS A 149 -10.51 10.49 11.72
CA HIS A 149 -10.76 9.08 11.44
C HIS A 149 -11.55 8.84 10.15
N ILE A 150 -10.82 8.50 9.07
CA ILE A 150 -11.35 7.92 7.85
C ILE A 150 -11.13 6.40 8.00
N GLY A 151 -12.03 5.76 8.75
CA GLY A 151 -12.00 4.32 8.94
C GLY A 151 -12.62 3.69 7.70
N LEU A 152 -11.82 2.95 6.92
CA LEU A 152 -12.21 2.54 5.58
C LEU A 152 -12.08 1.04 5.37
N ALA A 153 -12.76 0.56 4.33
CA ALA A 153 -12.68 -0.82 3.87
C ALA A 153 -12.80 -0.84 2.35
N ALA A 154 -12.27 -1.89 1.71
CA ALA A 154 -12.47 -2.16 0.29
C ALA A 154 -13.08 -3.52 0.03
N LYS A 155 -13.49 -3.74 -1.22
CA LYS A 155 -13.95 -5.02 -1.77
C LYS A 155 -13.52 -5.14 -3.22
N GLN A 156 -13.10 -6.34 -3.60
CA GLN A 156 -13.38 -6.91 -4.90
C GLN A 156 -14.81 -7.44 -4.90
N MET A 1 51.84 -11.87 8.97
CA MET A 1 51.86 -10.39 8.90
C MET A 1 50.93 -9.93 7.78
N GLN A 2 49.62 -10.15 7.93
CA GLN A 2 48.64 -9.83 6.91
C GLN A 2 47.25 -9.81 7.57
N SER A 3 46.32 -9.09 6.96
CA SER A 3 44.94 -8.92 7.42
C SER A 3 44.06 -10.06 6.89
N HIS A 4 42.76 -9.98 7.15
CA HIS A 4 41.71 -10.83 6.59
C HIS A 4 40.42 -10.00 6.65
N SER A 5 39.27 -10.58 6.27
CA SER A 5 37.98 -9.91 6.33
C SER A 5 36.87 -10.97 6.36
N ALA A 6 35.62 -10.55 6.13
CA ALA A 6 34.43 -11.38 6.18
C ALA A 6 33.34 -10.74 5.32
N LEU A 7 32.19 -11.41 5.19
CA LEU A 7 31.05 -10.98 4.37
C LEU A 7 29.81 -10.85 5.26
N THR A 8 28.82 -10.06 4.82
CA THR A 8 27.61 -9.76 5.54
C THR A 8 26.45 -10.66 5.08
N ALA A 9 25.39 -10.74 5.90
CA ALA A 9 24.10 -11.28 5.49
C ALA A 9 23.26 -10.16 4.84
N PHE A 10 22.11 -10.51 4.26
CA PHE A 10 21.24 -9.59 3.53
C PHE A 10 19.78 -10.00 3.71
N GLN A 11 18.86 -9.03 3.67
CA GLN A 11 17.41 -9.24 3.71
C GLN A 11 16.88 -9.29 2.27
N THR A 12 15.77 -8.59 1.98
CA THR A 12 15.13 -8.55 0.68
C THR A 12 14.48 -9.89 0.35
N GLU A 13 13.87 -10.01 -0.84
CA GLU A 13 13.20 -11.23 -1.27
C GLU A 13 14.24 -12.31 -1.60
N GLN A 14 14.85 -12.87 -0.55
CA GLN A 14 15.87 -13.91 -0.63
C GLN A 14 15.35 -15.09 -1.45
N ILE A 15 16.25 -15.78 -2.17
CA ILE A 15 15.89 -16.73 -3.22
C ILE A 15 15.06 -16.02 -4.30
N GLN A 16 15.52 -14.82 -4.65
CA GLN A 16 15.10 -14.02 -5.79
C GLN A 16 15.33 -14.78 -7.11
N ASP A 17 14.84 -14.19 -8.20
CA ASP A 17 15.02 -14.63 -9.58
C ASP A 17 14.33 -15.94 -9.90
N SER A 18 14.57 -17.01 -9.14
CA SER A 18 13.69 -18.17 -9.18
C SER A 18 12.37 -17.89 -8.44
N GLU A 19 12.27 -18.28 -7.16
CA GLU A 19 11.02 -18.34 -6.41
C GLU A 19 10.52 -16.95 -6.01
N HIS A 20 11.27 -16.27 -5.14
CA HIS A 20 10.91 -14.97 -4.57
C HIS A 20 10.98 -13.82 -5.58
N SER A 21 11.38 -14.10 -6.83
CA SER A 21 11.50 -13.19 -7.96
C SER A 21 10.55 -11.98 -7.94
N GLY A 22 9.31 -12.16 -7.48
CA GLY A 22 8.28 -11.13 -7.36
C GLY A 22 8.80 -9.71 -7.12
N LYS A 23 9.74 -9.50 -6.18
CA LYS A 23 10.30 -8.18 -5.97
C LYS A 23 10.90 -7.58 -7.24
N MET A 24 11.78 -8.35 -7.90
CA MET A 24 12.65 -7.87 -8.96
C MET A 24 12.84 -9.00 -9.99
N VAL A 25 11.79 -9.27 -10.74
CA VAL A 25 11.86 -10.12 -11.91
C VAL A 25 12.85 -9.46 -12.88
N ALA A 26 12.40 -8.43 -13.59
CA ALA A 26 13.25 -7.62 -14.46
C ALA A 26 14.02 -6.64 -13.58
N LYS A 27 15.30 -6.41 -13.90
CA LYS A 27 16.15 -5.51 -13.13
C LYS A 27 15.85 -4.08 -13.58
N ARG A 28 14.64 -3.62 -13.21
CA ARG A 28 13.96 -2.43 -13.71
C ARG A 28 14.89 -1.27 -14.01
N GLN A 29 15.57 -0.71 -12.99
CA GLN A 29 16.60 0.30 -13.19
C GLN A 29 17.48 0.36 -11.95
N PHE A 30 18.79 0.22 -12.14
CA PHE A 30 19.81 0.25 -11.10
C PHE A 30 19.59 -0.86 -10.06
N ARG A 31 20.44 -0.90 -9.03
CA ARG A 31 20.22 -1.77 -7.87
C ARG A 31 19.17 -1.10 -6.97
N ILE A 32 17.99 -0.80 -7.53
CA ILE A 32 16.90 -0.14 -6.83
C ILE A 32 15.60 -0.83 -7.23
N GLY A 33 14.95 -0.38 -8.31
CA GLY A 33 13.59 -0.79 -8.66
C GLY A 33 12.56 -0.30 -7.64
N ASP A 34 12.57 -0.89 -6.44
CA ASP A 34 11.61 -0.69 -5.37
C ASP A 34 12.32 -0.97 -4.04
N ILE A 35 11.81 -0.47 -2.90
CA ILE A 35 12.51 -0.67 -1.64
C ILE A 35 12.48 -2.15 -1.22
N ALA A 36 11.34 -2.63 -0.69
CA ALA A 36 11.28 -3.90 0.02
C ALA A 36 10.01 -4.68 -0.33
N GLY A 37 8.88 -4.33 0.29
CA GLY A 37 7.66 -5.10 0.17
C GLY A 37 7.76 -6.40 0.96
N GLU A 38 8.58 -7.33 0.45
CA GLU A 38 8.84 -8.68 0.92
C GLU A 38 7.56 -9.44 1.27
N HIS A 39 7.05 -9.17 2.47
CA HIS A 39 5.88 -9.77 3.07
C HIS A 39 4.68 -9.71 2.14
N THR A 40 4.50 -8.57 1.47
CA THR A 40 3.39 -8.39 0.53
C THR A 40 3.40 -9.47 -0.54
N SER A 41 4.50 -9.59 -1.27
CA SER A 41 4.71 -10.57 -2.32
C SER A 41 4.53 -11.98 -1.73
N PHE A 42 5.31 -12.24 -0.68
CA PHE A 42 5.34 -13.51 0.04
C PHE A 42 3.94 -13.99 0.45
N ASP A 43 3.05 -13.08 0.87
CA ASP A 43 1.69 -13.42 1.25
C ASP A 43 0.93 -14.16 0.15
N LYS A 44 1.33 -13.95 -1.11
CA LYS A 44 1.01 -14.70 -2.34
C LYS A 44 0.43 -13.73 -3.35
N LEU A 45 1.21 -12.69 -3.64
CA LEU A 45 0.83 -11.60 -4.52
C LEU A 45 1.84 -11.47 -5.66
N PRO A 46 1.39 -11.04 -6.86
CA PRO A 46 2.20 -10.98 -8.08
C PRO A 46 3.30 -9.91 -8.03
N GLU A 47 4.06 -9.80 -9.12
CA GLU A 47 5.13 -8.83 -9.26
C GLU A 47 4.63 -7.41 -8.98
N GLY A 48 3.59 -6.98 -9.70
CA GLY A 48 3.29 -5.55 -9.75
C GLY A 48 1.97 -5.28 -10.45
N GLY A 49 1.70 -4.00 -10.68
CA GLY A 49 0.49 -3.50 -11.30
C GLY A 49 -0.48 -2.97 -10.25
N ARG A 50 -1.58 -3.68 -10.02
CA ARG A 50 -2.74 -3.16 -9.32
C ARG A 50 -3.52 -4.28 -8.62
N ALA A 51 -3.68 -4.17 -7.28
CA ALA A 51 -4.68 -4.93 -6.56
C ALA A 51 -6.03 -4.24 -6.67
N THR A 52 -7.10 -4.99 -6.43
CA THR A 52 -8.46 -4.49 -6.47
C THR A 52 -8.80 -3.72 -5.18
N TYR A 53 -8.09 -2.60 -4.94
CA TYR A 53 -8.39 -1.69 -3.84
C TYR A 53 -9.60 -0.83 -4.23
N ARG A 54 -10.74 -1.48 -4.51
CA ARG A 54 -11.97 -0.81 -4.88
C ARG A 54 -12.72 -0.50 -3.59
N GLY A 55 -12.67 0.73 -3.09
CA GLY A 55 -13.14 0.96 -1.73
C GLY A 55 -13.61 2.36 -1.43
N THR A 56 -13.65 2.69 -0.15
CA THR A 56 -14.06 3.97 0.36
C THR A 56 -13.25 4.30 1.61
N ALA A 57 -13.04 5.60 1.80
CA ALA A 57 -12.38 6.23 2.93
C ALA A 57 -13.38 7.23 3.49
N PHE A 58 -14.40 6.75 4.19
CA PHE A 58 -15.51 7.60 4.61
C PHE A 58 -15.15 8.32 5.90
N GLY A 59 -15.20 9.65 5.88
CA GLY A 59 -14.95 10.45 7.05
C GLY A 59 -16.19 10.39 7.93
N SER A 60 -16.05 10.61 9.23
CA SER A 60 -17.22 10.72 10.11
C SER A 60 -18.19 11.82 9.65
N ASP A 61 -17.70 12.85 8.93
CA ASP A 61 -18.52 13.89 8.34
C ASP A 61 -19.22 13.44 7.05
N ASP A 62 -18.83 12.28 6.49
CA ASP A 62 -19.01 11.96 5.08
C ASP A 62 -18.60 13.15 4.23
N ALA A 63 -17.48 13.76 4.61
CA ALA A 63 -16.52 14.31 3.69
C ALA A 63 -15.59 13.14 3.41
N GLY A 64 -16.14 12.13 2.75
CA GLY A 64 -15.54 10.83 2.63
C GLY A 64 -15.22 10.55 1.16
N GLY A 65 -14.21 9.72 0.91
CA GLY A 65 -13.71 9.45 -0.41
C GLY A 65 -13.98 8.04 -0.88
N LYS A 66 -13.63 7.81 -2.13
CA LYS A 66 -13.48 6.50 -2.71
C LYS A 66 -12.02 6.11 -2.51
N LEU A 67 -11.73 4.81 -2.52
CA LEU A 67 -10.37 4.29 -2.65
C LEU A 67 -10.30 3.71 -4.06
N THR A 68 -9.40 4.26 -4.87
CA THR A 68 -9.16 3.85 -6.24
C THR A 68 -8.15 2.70 -6.24
N TYR A 69 -8.34 1.73 -7.12
CA TYR A 69 -7.62 0.47 -7.07
C TYR A 69 -6.20 0.61 -7.65
N THR A 70 -5.20 0.85 -6.80
CA THR A 70 -3.82 1.08 -7.25
C THR A 70 -2.78 0.63 -6.21
N ILE A 71 -2.22 -0.58 -6.37
CA ILE A 71 -1.07 -1.10 -5.63
C ILE A 71 -0.16 -1.90 -6.57
N ASP A 72 1.08 -1.45 -6.77
CA ASP A 72 2.10 -2.23 -7.46
C ASP A 72 2.83 -3.10 -6.42
N PHE A 73 2.32 -4.32 -6.28
CA PHE A 73 2.71 -5.37 -5.33
C PHE A 73 4.15 -5.38 -4.86
N ALA A 74 5.12 -5.45 -5.79
CA ALA A 74 6.56 -5.57 -5.55
C ALA A 74 6.98 -4.91 -4.24
N ALA A 75 6.54 -3.67 -4.08
CA ALA A 75 6.73 -2.87 -2.86
C ALA A 75 5.40 -2.49 -2.20
N LYS A 76 4.30 -2.50 -2.96
CA LYS A 76 2.95 -2.23 -2.51
C LYS A 76 2.76 -0.77 -2.14
N GLN A 77 2.84 0.09 -3.15
CA GLN A 77 2.50 1.49 -3.03
C GLN A 77 0.97 1.55 -3.16
N GLY A 78 0.29 0.94 -2.19
CA GLY A 78 -1.15 0.74 -2.24
C GLY A 78 -1.84 1.99 -1.73
N ASN A 79 -2.27 2.86 -2.67
CA ASN A 79 -2.66 4.21 -2.37
C ASN A 79 -3.83 4.49 -3.30
N GLY A 80 -4.57 5.57 -3.04
CA GLY A 80 -5.65 5.97 -3.90
C GLY A 80 -5.93 7.45 -3.73
N LYS A 81 -6.85 7.95 -4.54
CA LYS A 81 -7.28 9.35 -4.51
C LYS A 81 -8.72 9.52 -4.05
N ILE A 82 -8.88 10.14 -2.87
CA ILE A 82 -10.12 10.47 -2.21
C ILE A 82 -10.68 11.72 -2.92
N GLU A 83 -11.25 11.51 -4.11
CA GLU A 83 -11.70 12.58 -4.98
C GLU A 83 -13.19 12.45 -5.35
N HIS A 84 -14.07 13.09 -4.57
CA HIS A 84 -15.41 13.47 -5.03
C HIS A 84 -16.12 14.61 -4.27
N LEU A 85 -15.60 15.07 -3.12
CA LEU A 85 -16.33 15.11 -1.84
C LEU A 85 -17.63 15.94 -1.87
N LYS A 86 -17.66 17.05 -1.14
CA LYS A 86 -18.63 18.13 -1.29
C LYS A 86 -17.92 19.41 -1.76
N SER A 87 -16.67 19.61 -1.36
CA SER A 87 -15.91 20.83 -1.65
C SER A 87 -14.56 20.42 -2.26
N PRO A 88 -13.95 21.25 -3.12
CA PRO A 88 -12.67 20.93 -3.76
C PRO A 88 -11.57 20.66 -2.72
N GLU A 89 -11.41 21.57 -1.76
CA GLU A 89 -10.37 21.57 -0.75
C GLU A 89 -10.33 20.24 0.01
N LEU A 90 -11.51 19.64 0.20
CA LEU A 90 -11.66 18.39 0.92
C LEU A 90 -10.97 17.22 0.25
N ASN A 91 -10.78 17.23 -1.07
CA ASN A 91 -10.36 16.04 -1.78
C ASN A 91 -8.91 15.75 -1.45
N VAL A 92 -8.62 14.49 -1.15
CA VAL A 92 -7.35 14.05 -0.61
C VAL A 92 -6.69 13.11 -1.61
N ASP A 93 -5.37 13.22 -1.76
CA ASP A 93 -4.55 12.21 -2.40
C ASP A 93 -3.75 11.53 -1.30
N LEU A 94 -3.71 10.19 -1.34
CA LEU A 94 -2.95 9.38 -0.41
C LEU A 94 -1.55 9.17 -0.98
N ALA A 95 -0.50 9.50 -0.22
CA ALA A 95 0.87 9.39 -0.70
C ALA A 95 1.35 7.94 -0.61
N ALA A 96 2.46 7.68 -1.31
CA ALA A 96 3.08 6.37 -1.44
C ALA A 96 3.90 5.97 -0.22
N ALA A 97 4.00 4.66 -0.02
CA ALA A 97 4.84 4.04 0.98
C ALA A 97 5.12 2.61 0.52
N ASP A 98 6.39 2.20 0.50
CA ASP A 98 6.83 0.85 0.23
C ASP A 98 6.80 0.11 1.57
N ILE A 99 6.16 -1.06 1.66
CA ILE A 99 6.04 -1.70 2.97
C ILE A 99 7.33 -2.42 3.37
N LYS A 100 7.55 -2.57 4.68
CA LYS A 100 8.65 -3.24 5.29
C LYS A 100 8.38 -3.44 6.80
N PRO A 101 8.35 -2.38 7.64
CA PRO A 101 8.31 -2.51 9.08
C PRO A 101 7.17 -3.42 9.54
N ASP A 102 7.54 -4.53 10.20
CA ASP A 102 6.67 -5.51 10.81
C ASP A 102 5.64 -6.13 9.86
N GLY A 103 5.90 -6.04 8.54
CA GLY A 103 4.98 -6.46 7.48
C GLY A 103 4.43 -7.86 7.72
N LYS A 104 5.31 -8.85 7.87
CA LYS A 104 5.03 -10.16 8.43
C LYS A 104 4.24 -11.03 7.45
N ARG A 105 2.99 -10.63 7.19
CA ARG A 105 2.26 -10.97 5.98
C ARG A 105 1.37 -9.78 5.65
N HIS A 106 1.96 -8.76 5.03
CA HIS A 106 1.23 -7.61 4.52
C HIS A 106 0.40 -6.93 5.63
N ALA A 107 1.05 -6.59 6.74
CA ALA A 107 0.40 -5.87 7.83
C ALA A 107 -0.22 -4.57 7.33
N VAL A 108 0.60 -3.64 6.82
CA VAL A 108 0.17 -2.29 6.47
C VAL A 108 1.19 -1.61 5.56
N ILE A 109 0.84 -0.48 4.93
CA ILE A 109 1.75 0.58 4.57
C ILE A 109 1.69 1.64 5.67
N SER A 110 2.52 2.69 5.61
CA SER A 110 2.33 3.88 6.44
C SER A 110 2.71 5.12 5.64
N GLY A 111 1.81 5.58 4.76
CA GLY A 111 2.07 6.78 3.97
C GLY A 111 1.44 8.05 4.57
N SER A 112 1.82 9.21 4.02
CA SER A 112 1.25 10.52 4.32
C SER A 112 0.03 10.77 3.41
N VAL A 113 -0.77 11.81 3.66
CA VAL A 113 -1.83 12.24 2.74
C VAL A 113 -1.94 13.75 2.78
N LEU A 114 -2.58 14.36 1.79
CA LEU A 114 -2.81 15.81 1.81
C LEU A 114 -4.25 16.22 1.53
N TYR A 115 -4.71 17.22 2.29
CA TYR A 115 -6.00 17.89 2.15
C TYR A 115 -5.84 18.86 0.98
N ASN A 116 -5.91 18.34 -0.25
CA ASN A 116 -5.74 19.03 -1.53
C ASN A 116 -4.38 19.73 -1.65
N GLN A 117 -4.11 20.73 -0.81
CA GLN A 117 -2.83 21.43 -0.69
C GLN A 117 -2.13 21.05 0.62
N ALA A 118 -2.89 20.90 1.72
CA ALA A 118 -2.31 20.86 3.06
C ALA A 118 -1.97 19.43 3.48
N GLU A 119 -0.68 19.08 3.47
CA GLU A 119 -0.22 17.77 3.89
C GLU A 119 -0.19 17.68 5.42
N LYS A 120 -1.37 17.60 6.04
CA LYS A 120 -1.53 17.27 7.45
C LYS A 120 -2.54 16.15 7.54
N GLY A 121 -2.10 15.01 7.03
CA GLY A 121 -2.76 13.75 7.26
C GLY A 121 -1.80 12.59 7.01
N SER A 122 -2.16 11.43 7.54
CA SER A 122 -1.36 10.21 7.42
C SER A 122 -2.29 9.01 7.53
N TYR A 123 -1.83 7.82 7.16
CA TYR A 123 -2.67 6.64 7.22
C TYR A 123 -1.86 5.37 7.34
N SER A 124 -2.53 4.28 7.73
CA SER A 124 -1.94 2.96 7.90
C SER A 124 -2.92 1.98 7.29
N LEU A 125 -2.52 1.27 6.24
CA LEU A 125 -3.46 0.45 5.46
C LEU A 125 -2.83 -0.82 4.89
N GLY A 126 -3.53 -1.94 5.05
CA GLY A 126 -3.07 -3.27 4.70
C GLY A 126 -4.14 -4.00 3.88
N ILE A 127 -3.72 -5.05 3.17
CA ILE A 127 -4.63 -6.02 2.56
C ILE A 127 -4.77 -7.18 3.54
N PHE A 128 -5.80 -8.01 3.42
CA PHE A 128 -5.71 -9.36 3.95
C PHE A 128 -6.53 -10.35 3.12
N GLY A 129 -6.34 -11.63 3.41
CA GLY A 129 -7.00 -12.74 2.72
C GLY A 129 -6.12 -13.37 1.64
N GLY A 130 -4.83 -13.02 1.59
CA GLY A 130 -3.79 -13.79 0.92
C GLY A 130 -3.76 -13.48 -0.56
N LYS A 131 -4.82 -13.87 -1.27
CA LYS A 131 -4.96 -13.58 -2.69
C LYS A 131 -5.23 -12.08 -2.94
N ALA A 132 -5.62 -11.37 -1.88
CA ALA A 132 -6.13 -10.02 -1.79
C ALA A 132 -7.63 -10.16 -1.75
N GLN A 133 -8.26 -9.87 -0.60
CA GLN A 133 -9.69 -10.01 -0.45
C GLN A 133 -10.25 -8.65 -0.07
N GLU A 134 -10.05 -8.23 1.17
CA GLU A 134 -10.62 -7.00 1.71
C GLU A 134 -9.50 -6.27 2.45
N VAL A 135 -9.41 -4.95 2.24
CA VAL A 135 -8.36 -4.15 2.84
C VAL A 135 -8.80 -3.69 4.23
N ALA A 136 -7.85 -3.49 5.13
CA ALA A 136 -8.09 -3.02 6.48
C ALA A 136 -7.08 -1.91 6.75
N GLY A 137 -7.57 -0.70 7.08
CA GLY A 137 -6.71 0.42 7.36
C GLY A 137 -7.43 1.47 8.18
N SER A 138 -6.71 2.53 8.53
CA SER A 138 -7.28 3.77 9.02
C SER A 138 -6.39 4.91 8.54
N ALA A 139 -7.00 5.94 7.96
CA ALA A 139 -6.39 7.23 7.74
C ALA A 139 -6.84 8.20 8.81
N GLU A 140 -6.02 9.20 9.11
CA GLU A 140 -6.51 10.44 9.70
C GLU A 140 -5.94 11.65 8.98
N VAL A 141 -6.82 12.59 8.62
CA VAL A 141 -6.46 13.91 8.13
C VAL A 141 -6.87 14.87 9.24
N LYS A 142 -6.13 15.97 9.39
CA LYS A 142 -6.44 16.94 10.43
C LYS A 142 -6.14 18.32 9.87
N THR A 143 -7.18 19.09 9.65
CA THR A 143 -7.04 20.45 9.16
C THR A 143 -8.19 21.22 9.78
N VAL A 144 -8.26 22.54 9.55
CA VAL A 144 -9.40 23.39 9.87
C VAL A 144 -10.74 22.70 9.57
N ASN A 145 -10.74 21.79 8.59
CA ASN A 145 -11.86 20.89 8.33
C ASN A 145 -11.30 19.64 7.64
N GLY A 146 -10.33 19.00 8.31
CA GLY A 146 -9.70 17.77 7.84
C GLY A 146 -10.17 16.63 8.73
N ILE A 147 -10.75 15.59 8.11
CA ILE A 147 -11.43 14.52 8.79
C ILE A 147 -10.43 13.50 9.36
N ARG A 148 -10.42 13.37 10.69
CA ARG A 148 -9.58 12.40 11.37
C ARG A 148 -10.20 11.00 11.30
N HIS A 149 -11.40 10.86 11.84
CA HIS A 149 -12.02 9.54 11.98
C HIS A 149 -12.57 9.10 10.62
N ILE A 150 -11.68 8.51 9.82
CA ILE A 150 -11.97 7.95 8.50
C ILE A 150 -12.05 6.42 8.59
N GLY A 151 -13.20 5.86 8.22
CA GLY A 151 -13.37 4.43 8.01
C GLY A 151 -12.88 4.06 6.61
N LEU A 152 -11.76 3.33 6.53
CA LEU A 152 -11.16 2.86 5.28
C LEU A 152 -11.55 1.40 5.08
N ALA A 153 -12.21 1.07 3.96
CA ALA A 153 -12.51 -0.31 3.59
C ALA A 153 -12.47 -0.45 2.06
N ALA A 154 -12.34 -1.69 1.55
CA ALA A 154 -12.38 -1.99 0.13
C ALA A 154 -12.99 -3.36 -0.07
N LYS A 155 -13.55 -3.59 -1.27
CA LYS A 155 -14.30 -4.79 -1.59
C LYS A 155 -14.33 -5.10 -3.09
N GLN A 156 -13.14 -5.28 -3.67
CA GLN A 156 -12.91 -6.05 -4.89
C GLN A 156 -13.52 -5.52 -6.19
N MET A 1 40.82 -40.30 -9.15
CA MET A 1 40.81 -39.48 -10.37
C MET A 1 39.49 -39.75 -11.07
N GLN A 2 38.76 -38.70 -11.42
CA GLN A 2 37.42 -38.76 -12.00
C GLN A 2 37.05 -37.34 -12.41
N SER A 3 35.95 -37.18 -13.14
CA SER A 3 35.36 -35.89 -13.43
C SER A 3 34.81 -35.27 -12.13
N HIS A 4 34.62 -33.95 -12.14
CA HIS A 4 34.05 -33.17 -11.05
C HIS A 4 33.30 -32.00 -11.68
N SER A 5 32.55 -31.25 -10.85
CA SER A 5 31.76 -30.05 -11.15
C SER A 5 30.29 -30.31 -10.79
N ALA A 6 29.92 -30.04 -9.53
CA ALA A 6 28.55 -30.15 -9.05
C ALA A 6 28.21 -29.01 -8.08
N LEU A 7 28.79 -27.83 -8.32
CA LEU A 7 28.52 -26.64 -7.51
C LEU A 7 27.22 -25.99 -7.97
N THR A 8 26.43 -25.47 -7.03
CA THR A 8 25.13 -24.83 -7.24
C THR A 8 24.66 -24.31 -5.87
N ALA A 9 23.36 -24.02 -5.75
CA ALA A 9 22.64 -23.58 -4.55
C ALA A 9 22.73 -22.07 -4.35
N PHE A 10 21.59 -21.37 -4.45
CA PHE A 10 21.43 -19.96 -4.13
C PHE A 10 19.93 -19.72 -3.98
N GLN A 11 19.53 -18.55 -3.44
CA GLN A 11 18.14 -18.16 -3.27
C GLN A 11 18.06 -16.66 -3.07
N THR A 12 16.93 -16.06 -3.46
CA THR A 12 16.52 -14.73 -3.01
C THR A 12 15.67 -14.93 -1.75
N GLU A 13 14.88 -13.93 -1.35
CA GLU A 13 14.02 -13.79 -0.17
C GLU A 13 13.70 -15.07 0.66
N GLN A 14 14.73 -15.69 1.23
CA GLN A 14 14.69 -16.74 2.24
C GLN A 14 14.17 -18.08 1.71
N ILE A 15 14.72 -19.18 2.27
CA ILE A 15 14.37 -20.56 1.96
C ILE A 15 14.97 -20.94 0.60
N GLN A 16 15.07 -22.23 0.29
CA GLN A 16 15.41 -22.68 -1.06
C GLN A 16 14.18 -22.48 -1.95
N ASP A 17 13.48 -23.55 -2.32
CA ASP A 17 12.39 -23.57 -3.30
C ASP A 17 11.41 -22.42 -3.11
N SER A 18 10.94 -22.23 -1.88
CA SER A 18 9.92 -21.25 -1.54
C SER A 18 10.37 -19.80 -1.83
N GLU A 19 11.66 -19.54 -2.06
CA GLU A 19 12.15 -18.21 -2.41
C GLU A 19 11.37 -17.65 -3.60
N HIS A 20 10.97 -18.52 -4.52
CA HIS A 20 10.23 -18.14 -5.72
C HIS A 20 8.84 -17.60 -5.36
N SER A 21 8.27 -18.01 -4.23
CA SER A 21 7.17 -17.29 -3.60
C SER A 21 7.74 -16.00 -2.99
N GLY A 22 8.70 -16.19 -2.07
CA GLY A 22 9.28 -15.17 -1.22
C GLY A 22 9.48 -13.82 -1.89
N LYS A 23 10.30 -13.79 -2.94
CA LYS A 23 10.71 -12.56 -3.59
C LYS A 23 9.61 -11.84 -4.36
N MET A 24 8.44 -12.46 -4.49
CA MET A 24 7.34 -12.20 -5.42
C MET A 24 7.27 -13.40 -6.34
N VAL A 25 6.02 -13.82 -6.59
CA VAL A 25 5.67 -15.05 -7.26
C VAL A 25 6.32 -15.17 -8.64
N ALA A 26 6.40 -14.04 -9.37
CA ALA A 26 6.80 -14.00 -10.76
C ALA A 26 8.28 -14.36 -10.95
N LYS A 27 8.68 -14.49 -12.22
CA LYS A 27 10.04 -14.71 -12.65
C LYS A 27 10.35 -13.62 -13.67
N ARG A 28 11.57 -13.06 -13.61
CA ARG A 28 11.98 -11.80 -14.24
C ARG A 28 11.47 -10.62 -13.39
N GLN A 29 12.24 -9.54 -13.36
CA GLN A 29 11.84 -8.25 -12.80
C GLN A 29 12.77 -7.20 -13.39
N PHE A 30 12.36 -5.94 -13.38
CA PHE A 30 13.13 -4.85 -13.97
C PHE A 30 14.40 -4.58 -13.14
N ARG A 31 14.21 -4.28 -11.86
CA ARG A 31 15.28 -4.02 -10.89
C ARG A 31 14.63 -3.89 -9.51
N ILE A 32 13.69 -2.95 -9.40
CA ILE A 32 12.98 -2.63 -8.17
C ILE A 32 13.97 -2.11 -7.11
N GLY A 33 14.47 -2.98 -6.23
CA GLY A 33 15.38 -2.62 -5.17
C GLY A 33 15.41 -3.76 -4.16
N ASP A 34 15.84 -3.46 -2.94
CA ASP A 34 15.74 -4.33 -1.77
C ASP A 34 14.28 -4.45 -1.32
N ILE A 35 13.47 -3.43 -1.67
CA ILE A 35 12.02 -3.43 -1.51
C ILE A 35 11.44 -4.55 -2.40
N ALA A 36 11.56 -5.79 -1.93
CA ALA A 36 10.89 -6.96 -2.50
C ALA A 36 9.47 -7.10 -1.93
N GLY A 37 9.13 -6.33 -0.88
CA GLY A 37 7.86 -6.41 -0.20
C GLY A 37 7.73 -7.67 0.67
N GLU A 38 8.88 -8.17 1.15
CA GLU A 38 9.10 -9.37 1.94
C GLU A 38 7.87 -10.27 2.15
N HIS A 39 7.26 -10.25 3.33
CA HIS A 39 6.28 -11.25 3.71
C HIS A 39 5.00 -11.02 2.92
N THR A 40 4.63 -9.76 2.75
CA THR A 40 3.42 -9.42 2.02
C THR A 40 3.48 -9.93 0.57
N SER A 41 4.65 -9.84 -0.05
CA SER A 41 4.89 -10.42 -1.37
C SER A 41 4.89 -11.95 -1.30
N PHE A 42 5.72 -12.49 -0.40
CA PHE A 42 5.88 -13.91 -0.10
C PHE A 42 4.52 -14.61 -0.03
N ASP A 43 3.56 -13.93 0.62
CA ASP A 43 2.17 -14.37 0.76
C ASP A 43 1.70 -15.00 -0.54
N LYS A 44 1.78 -14.28 -1.67
CA LYS A 44 1.79 -14.74 -3.05
C LYS A 44 1.22 -13.62 -3.93
N LEU A 45 2.03 -12.56 -4.14
CA LEU A 45 1.72 -11.54 -5.15
C LEU A 45 2.82 -11.50 -6.24
N PRO A 46 2.46 -11.13 -7.49
CA PRO A 46 3.36 -10.88 -8.62
C PRO A 46 4.39 -9.77 -8.40
N GLU A 47 5.03 -9.33 -9.49
CA GLU A 47 6.15 -8.40 -9.49
C GLU A 47 5.69 -6.95 -9.38
N GLY A 48 4.59 -6.59 -10.03
CA GLY A 48 4.13 -5.20 -10.10
C GLY A 48 2.80 -5.06 -10.83
N GLY A 49 2.16 -3.89 -10.74
CA GLY A 49 0.90 -3.63 -11.41
C GLY A 49 -0.18 -3.14 -10.44
N ARG A 50 -1.25 -3.88 -10.26
CA ARG A 50 -2.45 -3.36 -9.63
C ARG A 50 -3.25 -4.51 -9.02
N ALA A 51 -3.35 -4.53 -7.69
CA ALA A 51 -4.29 -5.43 -7.05
C ALA A 51 -5.69 -4.85 -7.21
N THR A 52 -6.70 -5.72 -7.32
CA THR A 52 -8.06 -5.32 -7.55
C THR A 52 -8.68 -4.83 -6.24
N TYR A 53 -9.31 -3.65 -6.26
CA TYR A 53 -10.24 -3.20 -5.25
C TYR A 53 -11.31 -2.30 -5.89
N ARG A 54 -12.33 -1.99 -5.11
CA ARG A 54 -13.02 -0.72 -5.03
C ARG A 54 -13.20 -0.49 -3.54
N GLY A 55 -13.25 0.75 -3.07
CA GLY A 55 -13.48 0.96 -1.65
C GLY A 55 -13.87 2.39 -1.37
N THR A 56 -13.92 2.73 -0.08
CA THR A 56 -14.15 4.09 0.36
C THR A 56 -13.30 4.38 1.59
N ALA A 57 -13.08 5.67 1.80
CA ALA A 57 -12.47 6.26 2.96
C ALA A 57 -13.55 7.19 3.53
N PHE A 58 -14.46 6.63 4.31
CA PHE A 58 -15.60 7.37 4.84
C PHE A 58 -15.13 8.18 6.03
N GLY A 59 -15.64 9.40 6.12
CA GLY A 59 -15.08 10.39 7.01
C GLY A 59 -15.50 10.10 8.43
N SER A 60 -14.80 10.69 9.40
CA SER A 60 -15.18 10.63 10.80
C SER A 60 -16.63 11.07 11.01
N ASP A 61 -17.13 11.94 10.11
CA ASP A 61 -18.49 12.45 10.08
C ASP A 61 -19.16 12.09 8.74
N ASP A 62 -18.72 11.01 8.09
CA ASP A 62 -18.75 10.84 6.64
C ASP A 62 -19.03 12.05 5.76
N ALA A 63 -18.01 12.91 5.72
CA ALA A 63 -17.70 13.68 4.53
C ALA A 63 -16.36 13.16 4.00
N GLY A 64 -16.32 11.85 3.74
CA GLY A 64 -15.16 11.13 3.26
C GLY A 64 -15.25 10.98 1.74
N GLY A 65 -14.26 10.31 1.13
CA GLY A 65 -14.22 10.09 -0.32
C GLY A 65 -13.79 8.67 -0.65
N LYS A 66 -13.77 8.35 -1.94
CA LYS A 66 -13.65 6.97 -2.42
C LYS A 66 -12.21 6.45 -2.36
N LEU A 67 -12.05 5.14 -2.52
CA LEU A 67 -10.76 4.46 -2.65
C LEU A 67 -10.70 3.82 -4.03
N THR A 68 -9.84 4.34 -4.91
CA THR A 68 -9.49 3.70 -6.17
C THR A 68 -8.48 2.59 -5.90
N TYR A 69 -8.50 1.52 -6.69
CA TYR A 69 -7.53 0.46 -6.53
C TYR A 69 -6.19 0.88 -7.11
N THR A 70 -5.18 0.95 -6.26
CA THR A 70 -3.82 1.22 -6.67
C THR A 70 -2.90 0.60 -5.62
N ILE A 71 -2.43 -0.63 -5.86
CA ILE A 71 -1.30 -1.24 -5.15
C ILE A 71 -0.50 -2.02 -6.20
N ASP A 72 0.74 -1.57 -6.49
CA ASP A 72 1.69 -2.33 -7.28
C ASP A 72 2.35 -3.35 -6.36
N PHE A 73 2.44 -4.58 -6.85
CA PHE A 73 2.94 -5.71 -6.07
C PHE A 73 4.38 -5.48 -5.58
N ALA A 74 5.21 -4.80 -6.37
CA ALA A 74 6.59 -4.46 -6.07
C ALA A 74 6.78 -4.06 -4.60
N ALA A 75 6.00 -3.06 -4.17
CA ALA A 75 6.18 -2.41 -2.88
C ALA A 75 4.88 -2.18 -2.12
N LYS A 76 3.73 -2.54 -2.70
CA LYS A 76 2.43 -2.49 -2.04
C LYS A 76 2.10 -1.09 -1.50
N GLN A 77 2.25 -0.12 -2.39
CA GLN A 77 1.81 1.25 -2.27
C GLN A 77 0.29 1.27 -2.39
N GLY A 78 -0.37 0.68 -1.39
CA GLY A 78 -1.81 0.55 -1.31
C GLY A 78 -2.44 1.90 -0.98
N ASN A 79 -2.86 2.64 -2.02
CA ASN A 79 -3.33 4.01 -1.88
C ASN A 79 -4.61 4.19 -2.70
N GLY A 80 -5.48 5.12 -2.34
CA GLY A 80 -6.64 5.45 -3.16
C GLY A 80 -7.14 6.86 -2.86
N LYS A 81 -7.19 7.73 -3.87
CA LYS A 81 -7.34 9.16 -3.73
C LYS A 81 -8.80 9.55 -3.43
N ILE A 82 -9.02 10.39 -2.41
CA ILE A 82 -10.33 10.74 -1.86
C ILE A 82 -10.95 11.87 -2.70
N GLU A 83 -11.09 11.63 -4.00
CA GLU A 83 -11.67 12.60 -4.91
C GLU A 83 -13.17 12.35 -4.98
N HIS A 84 -13.97 13.07 -4.17
CA HIS A 84 -15.43 12.92 -4.19
C HIS A 84 -16.18 14.24 -3.96
N LEU A 85 -15.53 15.31 -3.51
CA LEU A 85 -16.23 16.37 -2.78
C LEU A 85 -16.21 17.68 -3.54
N LYS A 86 -17.32 18.44 -3.43
CA LYS A 86 -17.53 19.70 -4.12
C LYS A 86 -16.49 20.76 -3.79
N SER A 87 -15.83 20.65 -2.63
CA SER A 87 -14.82 21.60 -2.18
C SER A 87 -13.46 20.99 -2.52
N PRO A 88 -12.67 21.59 -3.43
CA PRO A 88 -11.47 20.96 -3.94
C PRO A 88 -10.50 20.56 -2.83
N GLU A 89 -10.42 21.36 -1.76
CA GLU A 89 -9.64 21.09 -0.56
C GLU A 89 -9.87 19.67 -0.06
N LEU A 90 -11.15 19.25 -0.05
CA LEU A 90 -11.55 17.97 0.49
C LEU A 90 -11.16 16.83 -0.45
N ASN A 91 -10.76 17.11 -1.70
CA ASN A 91 -10.26 16.09 -2.62
C ASN A 91 -8.86 15.66 -2.16
N VAL A 92 -8.81 14.98 -1.02
CA VAL A 92 -7.57 14.54 -0.40
C VAL A 92 -6.88 13.53 -1.32
N ASP A 93 -5.59 13.70 -1.60
CA ASP A 93 -4.81 12.58 -2.11
C ASP A 93 -4.28 11.78 -0.93
N LEU A 94 -4.16 10.47 -1.15
CA LEU A 94 -3.60 9.49 -0.23
C LEU A 94 -2.26 9.05 -0.83
N ALA A 95 -1.15 9.43 -0.21
CA ALA A 95 0.16 9.35 -0.84
C ALA A 95 0.70 7.94 -0.80
N ALA A 96 1.70 7.68 -1.66
CA ALA A 96 2.37 6.40 -1.77
C ALA A 96 3.37 6.19 -0.65
N ALA A 97 3.47 4.94 -0.20
CA ALA A 97 4.42 4.52 0.82
C ALA A 97 4.68 3.03 0.66
N ASP A 98 5.96 2.65 0.68
CA ASP A 98 6.41 1.29 0.45
C ASP A 98 6.22 0.47 1.73
N ILE A 99 5.93 -0.82 1.59
CA ILE A 99 5.89 -1.76 2.69
C ILE A 99 6.77 -2.95 2.33
N LYS A 100 7.97 -2.99 2.93
CA LYS A 100 8.81 -4.18 3.00
C LYS A 100 9.20 -4.64 4.42
N PRO A 101 9.10 -3.84 5.51
CA PRO A 101 9.34 -4.36 6.85
C PRO A 101 8.02 -4.85 7.45
N ASP A 102 7.16 -5.45 6.63
CA ASP A 102 5.82 -5.87 6.98
C ASP A 102 5.84 -6.88 8.13
N GLY A 103 5.09 -6.59 9.20
CA GLY A 103 5.09 -7.36 10.41
C GLY A 103 4.34 -8.68 10.28
N LYS A 104 4.97 -9.67 9.63
CA LYS A 104 4.57 -11.08 9.64
C LYS A 104 3.35 -11.31 8.74
N ARG A 105 3.56 -11.88 7.54
CA ARG A 105 2.61 -11.88 6.43
C ARG A 105 2.36 -10.42 6.01
N HIS A 106 1.62 -9.69 6.83
CA HIS A 106 1.35 -8.28 6.60
C HIS A 106 0.77 -7.68 7.88
N ALA A 107 0.89 -6.36 8.00
CA ALA A 107 0.22 -5.58 9.01
C ALA A 107 -0.38 -4.34 8.34
N VAL A 108 0.44 -3.33 8.06
CA VAL A 108 -0.04 -2.03 7.60
C VAL A 108 1.07 -1.28 6.87
N ILE A 109 0.67 -0.54 5.84
CA ILE A 109 1.43 0.52 5.20
C ILE A 109 1.34 1.76 6.10
N SER A 110 2.12 2.81 5.83
CA SER A 110 2.09 4.02 6.65
C SER A 110 2.35 5.28 5.82
N GLY A 111 1.46 5.61 4.87
CA GLY A 111 1.62 6.80 4.03
C GLY A 111 1.03 8.07 4.65
N SER A 112 1.24 9.20 3.96
CA SER A 112 0.75 10.54 4.28
C SER A 112 -0.52 10.82 3.46
N VAL A 113 -1.27 11.87 3.80
CA VAL A 113 -2.35 12.37 2.95
C VAL A 113 -2.18 13.87 2.73
N LEU A 114 -2.66 14.38 1.59
CA LEU A 114 -2.63 15.78 1.23
C LEU A 114 -4.04 16.26 0.92
N TYR A 115 -4.51 17.23 1.71
CA TYR A 115 -5.76 17.94 1.54
C TYR A 115 -5.52 18.98 0.44
N ASN A 116 -5.44 18.49 -0.80
CA ASN A 116 -5.37 19.25 -2.05
C ASN A 116 -4.10 20.09 -2.17
N GLN A 117 -3.92 21.05 -1.28
CA GLN A 117 -2.73 21.89 -1.15
C GLN A 117 -1.88 21.47 0.05
N ALA A 118 -2.48 20.88 1.09
CA ALA A 118 -1.88 20.88 2.43
C ALA A 118 -1.80 19.47 3.03
N GLU A 119 -0.60 19.04 3.41
CA GLU A 119 -0.44 17.86 4.24
C GLU A 119 -0.70 18.25 5.70
N LYS A 120 -1.75 17.71 6.33
CA LYS A 120 -1.71 17.17 7.69
C LYS A 120 -2.70 16.02 7.83
N GLY A 121 -2.31 14.88 7.28
CA GLY A 121 -2.89 13.61 7.67
C GLY A 121 -1.91 12.48 7.36
N SER A 122 -2.11 11.34 8.00
CA SER A 122 -1.36 10.13 7.74
C SER A 122 -2.31 8.95 7.86
N TYR A 123 -1.93 7.77 7.38
CA TYR A 123 -2.86 6.65 7.38
C TYR A 123 -2.15 5.31 7.49
N SER A 124 -2.92 4.30 7.91
CA SER A 124 -2.48 2.98 8.23
C SER A 124 -3.44 2.04 7.52
N LEU A 125 -3.03 1.48 6.38
CA LEU A 125 -3.86 0.67 5.51
C LEU A 125 -3.22 -0.70 5.36
N GLY A 126 -4.03 -1.75 5.51
CA GLY A 126 -3.61 -3.14 5.58
C GLY A 126 -4.24 -3.94 4.45
N ILE A 127 -3.45 -4.79 3.78
CA ILE A 127 -3.86 -5.63 2.67
C ILE A 127 -4.31 -6.99 3.21
N PHE A 128 -5.44 -7.51 2.71
CA PHE A 128 -5.90 -8.84 3.08
C PHE A 128 -4.96 -9.88 2.47
N GLY A 129 -3.99 -10.33 3.27
CA GLY A 129 -3.02 -11.36 2.92
C GLY A 129 -3.68 -12.73 2.76
N GLY A 130 -4.45 -12.87 1.68
CA GLY A 130 -5.03 -14.11 1.20
C GLY A 130 -4.98 -14.08 -0.31
N LYS A 131 -5.74 -13.16 -0.92
CA LYS A 131 -5.60 -12.77 -2.31
C LYS A 131 -6.23 -11.39 -2.53
N ALA A 132 -5.84 -10.42 -1.70
CA ALA A 132 -6.08 -9.00 -1.87
C ALA A 132 -7.59 -8.71 -1.90
N GLN A 133 -8.32 -9.27 -0.94
CA GLN A 133 -9.77 -9.34 -0.93
C GLN A 133 -10.34 -7.98 -0.54
N GLU A 134 -9.89 -7.48 0.61
CA GLU A 134 -10.44 -6.30 1.26
C GLU A 134 -9.31 -5.57 1.98
N VAL A 135 -8.82 -4.44 1.44
CA VAL A 135 -7.91 -3.64 2.23
C VAL A 135 -8.72 -2.91 3.29
N ALA A 136 -8.16 -2.80 4.50
CA ALA A 136 -8.82 -2.22 5.67
C ALA A 136 -7.82 -1.30 6.35
N GLY A 137 -8.23 -0.07 6.69
CA GLY A 137 -7.33 0.91 7.26
C GLY A 137 -8.05 2.02 8.02
N SER A 138 -7.24 2.91 8.59
CA SER A 138 -7.66 4.18 9.14
C SER A 138 -6.72 5.25 8.62
N ALA A 139 -7.25 6.34 8.04
CA ALA A 139 -6.50 7.58 7.90
C ALA A 139 -6.91 8.55 9.01
N GLU A 140 -5.91 9.26 9.56
CA GLU A 140 -6.11 10.42 10.41
C GLU A 140 -5.75 11.65 9.62
N VAL A 141 -6.77 12.44 9.34
CA VAL A 141 -6.69 13.62 8.49
C VAL A 141 -7.24 14.82 9.23
N LYS A 142 -6.40 15.78 9.61
CA LYS A 142 -6.84 16.96 10.36
C LYS A 142 -6.54 18.21 9.55
N THR A 143 -7.51 19.10 9.40
CA THR A 143 -7.30 20.41 8.80
C THR A 143 -8.59 21.20 9.02
N VAL A 144 -8.71 22.38 8.43
CA VAL A 144 -9.87 23.26 8.50
C VAL A 144 -11.14 22.45 8.21
N ASN A 145 -11.06 21.47 7.30
CA ASN A 145 -12.10 20.46 7.16
C ASN A 145 -11.42 19.11 6.98
N GLY A 146 -10.56 18.74 7.92
CA GLY A 146 -9.96 17.42 7.96
C GLY A 146 -10.72 16.64 9.01
N ILE A 147 -11.55 15.71 8.55
CA ILE A 147 -12.27 14.83 9.42
C ILE A 147 -11.31 13.73 9.86
N ARG A 148 -10.99 13.68 11.16
CA ARG A 148 -9.89 12.87 11.68
C ARG A 148 -9.96 11.42 11.20
N HIS A 149 -10.75 10.60 11.89
CA HIS A 149 -10.77 9.16 11.68
C HIS A 149 -11.52 8.81 10.42
N ILE A 150 -10.85 8.89 9.27
CA ILE A 150 -11.41 8.43 8.02
C ILE A 150 -11.26 6.90 7.97
N GLY A 151 -12.38 6.18 8.00
CA GLY A 151 -12.44 4.73 7.99
C GLY A 151 -12.23 4.22 6.57
N LEU A 152 -11.16 3.46 6.36
CA LEU A 152 -10.70 3.01 5.05
C LEU A 152 -11.13 1.55 4.87
N ALA A 153 -11.94 1.23 3.86
CA ALA A 153 -12.42 -0.14 3.63
C ALA A 153 -12.62 -0.40 2.14
N ALA A 154 -12.20 -1.58 1.66
CA ALA A 154 -12.35 -2.00 0.28
C ALA A 154 -12.98 -3.39 0.14
N LYS A 155 -13.28 -3.75 -1.11
CA LYS A 155 -13.52 -5.11 -1.58
C LYS A 155 -12.97 -5.21 -3.00
N GLN A 156 -12.50 -6.39 -3.41
CA GLN A 156 -12.46 -6.70 -4.84
C GLN A 156 -13.83 -7.20 -5.31
N MET A 1 43.21 -4.81 -33.14
CA MET A 1 42.03 -3.92 -33.16
C MET A 1 40.81 -4.83 -33.06
N GLN A 2 39.76 -4.40 -32.35
CA GLN A 2 38.54 -5.15 -32.10
C GLN A 2 37.65 -4.26 -31.22
N SER A 3 36.45 -4.73 -30.88
CA SER A 3 35.56 -4.11 -29.91
C SER A 3 34.68 -5.22 -29.34
N HIS A 4 34.13 -5.02 -28.14
CA HIS A 4 33.27 -5.95 -27.44
C HIS A 4 32.51 -5.15 -26.38
N SER A 5 31.53 -5.77 -25.72
CA SER A 5 30.68 -5.15 -24.71
C SER A 5 29.95 -6.28 -23.98
N ALA A 6 29.36 -5.99 -22.82
CA ALA A 6 28.56 -6.93 -22.05
C ALA A 6 27.51 -6.13 -21.29
N LEU A 7 26.44 -6.79 -20.86
CA LEU A 7 25.32 -6.23 -20.12
C LEU A 7 24.86 -7.31 -19.13
N THR A 8 23.90 -6.98 -18.27
CA THR A 8 23.19 -7.94 -17.43
C THR A 8 21.81 -7.38 -17.14
N ALA A 9 20.96 -8.22 -16.56
CA ALA A 9 19.73 -7.82 -15.88
C ALA A 9 19.92 -8.11 -14.39
N PHE A 10 18.86 -7.95 -13.60
CA PHE A 10 18.78 -8.34 -12.21
C PHE A 10 17.29 -8.44 -11.86
N GLN A 11 16.95 -9.01 -10.70
CA GLN A 11 15.57 -9.22 -10.27
C GLN A 11 15.56 -9.45 -8.77
N THR A 12 14.37 -9.58 -8.18
CA THR A 12 14.17 -9.87 -6.78
C THR A 12 12.76 -10.42 -6.62
N GLU A 13 12.36 -10.74 -5.39
CA GLU A 13 11.05 -11.20 -4.94
C GLU A 13 10.19 -11.82 -6.05
N GLN A 14 10.58 -13.02 -6.49
CA GLN A 14 9.82 -13.80 -7.46
C GLN A 14 8.95 -14.84 -6.73
N ILE A 15 8.46 -15.86 -7.44
CA ILE A 15 7.54 -16.88 -6.91
C ILE A 15 8.10 -18.29 -7.19
N GLN A 16 7.49 -19.31 -6.58
CA GLN A 16 7.36 -20.69 -7.04
C GLN A 16 8.61 -21.52 -6.76
N ASP A 17 9.77 -21.05 -7.21
CA ASP A 17 11.08 -21.63 -6.94
C ASP A 17 12.10 -20.51 -7.13
N SER A 18 11.98 -19.79 -8.24
CA SER A 18 12.67 -18.53 -8.48
C SER A 18 12.69 -17.65 -7.24
N GLU A 19 11.60 -17.63 -6.46
CA GLU A 19 11.54 -16.95 -5.16
C GLU A 19 12.78 -17.17 -4.30
N HIS A 20 13.30 -18.41 -4.23
CA HIS A 20 14.50 -18.74 -3.48
C HIS A 20 15.65 -17.80 -3.84
N SER A 21 15.88 -17.61 -5.14
CA SER A 21 16.85 -16.64 -5.63
C SER A 21 16.37 -15.21 -5.41
N GLY A 22 15.09 -14.97 -5.69
CA GLY A 22 14.50 -13.64 -5.75
C GLY A 22 14.39 -12.99 -4.38
N LYS A 23 13.48 -13.46 -3.53
CA LYS A 23 13.31 -12.88 -2.20
C LYS A 23 14.49 -13.25 -1.31
N MET A 24 14.94 -14.51 -1.43
CA MET A 24 15.91 -15.15 -0.55
C MET A 24 15.59 -14.98 0.93
N VAL A 25 16.54 -15.42 1.74
CA VAL A 25 16.50 -15.33 3.19
C VAL A 25 17.93 -14.99 3.61
N ALA A 26 18.74 -16.00 3.95
CA ALA A 26 20.15 -15.88 4.33
C ALA A 26 20.63 -17.31 4.59
N LYS A 27 21.91 -17.47 4.98
CA LYS A 27 22.48 -18.77 5.30
C LYS A 27 21.81 -19.42 6.52
N ARG A 28 21.13 -18.65 7.37
CA ARG A 28 20.30 -19.16 8.45
C ARG A 28 18.98 -18.37 8.43
N GLN A 29 17.96 -18.92 9.08
CA GLN A 29 16.58 -18.43 8.99
C GLN A 29 16.37 -17.19 9.84
N PHE A 30 17.00 -16.07 9.46
CA PHE A 30 16.73 -14.77 10.05
C PHE A 30 15.36 -14.26 9.58
N ARG A 31 14.87 -13.16 10.17
CA ARG A 31 13.57 -12.59 9.88
C ARG A 31 13.36 -12.34 8.37
N ILE A 32 14.16 -11.43 7.81
CA ILE A 32 14.06 -10.97 6.43
C ILE A 32 12.61 -10.57 6.12
N GLY A 33 12.16 -9.51 6.80
CA GLY A 33 10.85 -8.90 6.62
C GLY A 33 10.96 -7.42 6.94
N ASP A 34 11.88 -6.73 6.26
CA ASP A 34 12.12 -5.29 6.27
C ASP A 34 13.25 -4.94 5.29
N ILE A 35 13.09 -5.27 4.00
CA ILE A 35 14.05 -4.97 2.95
C ILE A 35 13.35 -4.20 1.82
N ALA A 36 12.30 -4.78 1.23
CA ALA A 36 11.66 -4.22 0.04
C ALA A 36 10.16 -4.51 0.06
N GLY A 37 9.74 -5.71 -0.37
CA GLY A 37 8.35 -6.13 -0.44
C GLY A 37 8.07 -7.46 0.24
N GLU A 38 9.10 -8.24 0.60
CA GLU A 38 9.07 -9.60 1.13
C GLU A 38 7.69 -10.25 1.20
N HIS A 39 7.03 -10.18 2.36
CA HIS A 39 5.78 -10.91 2.59
C HIS A 39 4.66 -10.27 1.79
N THR A 40 4.62 -8.94 1.80
CA THR A 40 3.67 -8.09 1.10
C THR A 40 3.61 -8.40 -0.41
N SER A 41 4.74 -8.73 -1.03
CA SER A 41 4.78 -9.37 -2.34
C SER A 41 4.36 -10.84 -2.22
N PHE A 42 5.19 -11.64 -1.54
CA PHE A 42 5.18 -13.10 -1.61
C PHE A 42 3.82 -13.73 -1.31
N ASP A 43 3.11 -13.25 -0.28
CA ASP A 43 2.01 -13.93 0.41
C ASP A 43 1.21 -14.85 -0.51
N LYS A 44 0.63 -14.28 -1.58
CA LYS A 44 0.14 -14.95 -2.78
C LYS A 44 -0.28 -13.85 -3.76
N LEU A 45 0.71 -13.06 -4.17
CA LEU A 45 0.55 -11.98 -5.13
C LEU A 45 1.76 -12.05 -6.08
N PRO A 46 1.62 -11.62 -7.34
CA PRO A 46 2.65 -11.75 -8.35
C PRO A 46 3.77 -10.72 -8.13
N GLU A 47 4.90 -10.87 -8.83
CA GLU A 47 6.06 -10.00 -8.71
C GLU A 47 5.90 -8.64 -9.43
N GLY A 48 4.72 -8.02 -9.31
CA GLY A 48 4.40 -6.69 -9.84
C GLY A 48 2.93 -6.57 -10.28
N GLY A 49 2.37 -5.36 -10.24
CA GLY A 49 1.08 -5.03 -10.87
C GLY A 49 0.02 -4.44 -9.94
N ARG A 50 -1.08 -3.96 -10.54
CA ARG A 50 -2.18 -3.28 -9.85
C ARG A 50 -3.10 -4.30 -9.19
N ALA A 51 -3.63 -3.93 -8.01
CA ALA A 51 -4.60 -4.69 -7.26
C ALA A 51 -5.97 -4.04 -7.39
N THR A 52 -6.99 -4.67 -6.80
CA THR A 52 -8.36 -4.18 -6.75
C THR A 52 -8.65 -3.56 -5.39
N TYR A 53 -7.92 -2.52 -4.97
CA TYR A 53 -8.24 -1.80 -3.73
C TYR A 53 -9.45 -0.88 -3.96
N ARG A 54 -10.62 -1.47 -4.20
CA ARG A 54 -11.88 -0.75 -4.34
C ARG A 54 -12.48 -0.58 -2.94
N GLY A 55 -12.63 0.65 -2.46
CA GLY A 55 -13.14 0.83 -1.11
C GLY A 55 -13.67 2.22 -0.80
N THR A 56 -13.97 2.44 0.48
CA THR A 56 -14.53 3.63 1.05
C THR A 56 -13.62 4.09 2.20
N ALA A 57 -13.18 5.35 2.12
CA ALA A 57 -12.55 6.06 3.22
C ALA A 57 -13.65 6.90 3.86
N PHE A 58 -14.56 6.24 4.56
CA PHE A 58 -15.78 6.86 5.08
C PHE A 58 -15.46 7.62 6.36
N GLY A 59 -16.05 8.81 6.48
CA GLY A 59 -15.75 9.67 7.60
C GLY A 59 -16.48 9.15 8.84
N SER A 60 -16.02 9.49 10.04
CA SER A 60 -16.86 9.37 11.22
C SER A 60 -18.15 10.18 11.02
N ASP A 61 -18.08 11.24 10.21
CA ASP A 61 -19.23 12.06 9.81
C ASP A 61 -19.95 11.47 8.58
N ASP A 62 -19.48 10.33 8.04
CA ASP A 62 -19.35 10.12 6.60
C ASP A 62 -19.55 11.31 5.68
N ALA A 63 -18.57 12.20 5.77
CA ALA A 63 -18.19 13.06 4.67
C ALA A 63 -16.83 12.59 4.18
N GLY A 64 -16.74 11.30 3.86
CA GLY A 64 -15.52 10.61 3.50
C GLY A 64 -15.30 10.49 2.01
N GLY A 65 -14.16 9.90 1.65
CA GLY A 65 -13.74 9.63 0.30
C GLY A 65 -13.99 8.19 -0.13
N LYS A 66 -13.69 7.90 -1.40
CA LYS A 66 -13.58 6.53 -1.89
C LYS A 66 -12.10 6.14 -1.77
N LEU A 67 -11.77 4.88 -2.02
CA LEU A 67 -10.40 4.42 -2.24
C LEU A 67 -10.33 3.90 -3.67
N THR A 68 -9.39 4.47 -4.44
CA THR A 68 -9.14 4.13 -5.83
C THR A 68 -8.02 3.11 -5.91
N TYR A 69 -8.20 2.09 -6.73
CA TYR A 69 -7.32 0.95 -6.75
C TYR A 69 -6.02 1.23 -7.52
N THR A 70 -4.91 1.37 -6.80
CA THR A 70 -3.60 1.66 -7.39
C THR A 70 -2.50 1.15 -6.48
N ILE A 71 -1.95 -0.04 -6.76
CA ILE A 71 -0.76 -0.52 -6.07
C ILE A 71 0.20 -1.13 -7.09
N ASP A 72 1.38 -1.57 -6.64
CA ASP A 72 2.22 -2.54 -7.32
C ASP A 72 2.30 -3.81 -6.44
N PHE A 73 2.87 -4.90 -6.94
CA PHE A 73 3.09 -6.11 -6.14
C PHE A 73 4.58 -6.47 -6.03
N ALA A 74 5.48 -5.53 -6.32
CA ALA A 74 6.92 -5.72 -6.20
C ALA A 74 7.43 -5.15 -4.85
N ALA A 75 6.71 -4.20 -4.29
CA ALA A 75 7.04 -3.47 -3.07
C ALA A 75 5.74 -3.04 -2.38
N LYS A 76 4.79 -2.48 -3.13
CA LYS A 76 3.41 -2.23 -2.76
C LYS A 76 3.10 -0.82 -2.29
N GLN A 77 2.96 0.07 -3.26
CA GLN A 77 2.62 1.48 -3.06
C GLN A 77 1.09 1.58 -2.92
N GLY A 78 0.55 0.88 -1.93
CA GLY A 78 -0.89 0.67 -1.82
C GLY A 78 -1.63 1.94 -1.39
N ASN A 79 -2.04 2.78 -2.36
CA ASN A 79 -2.40 4.15 -2.10
C ASN A 79 -3.53 4.50 -3.06
N GLY A 80 -4.46 5.35 -2.64
CA GLY A 80 -5.61 5.71 -3.45
C GLY A 80 -6.09 7.08 -3.00
N LYS A 81 -6.57 7.86 -3.95
CA LYS A 81 -6.85 9.29 -3.81
C LYS A 81 -8.33 9.55 -3.49
N ILE A 82 -8.60 10.54 -2.63
CA ILE A 82 -9.90 10.83 -2.01
C ILE A 82 -10.43 12.14 -2.60
N GLU A 83 -11.26 12.04 -3.63
CA GLU A 83 -11.31 13.04 -4.69
C GLU A 83 -12.73 13.17 -5.25
N HIS A 84 -13.67 13.45 -4.37
CA HIS A 84 -15.09 13.40 -4.73
C HIS A 84 -15.90 14.26 -3.75
N LEU A 85 -15.31 15.38 -3.33
CA LEU A 85 -15.78 16.17 -2.20
C LEU A 85 -16.34 17.51 -2.65
N LYS A 86 -17.01 18.16 -1.71
CA LYS A 86 -17.80 19.35 -1.94
C LYS A 86 -16.92 20.58 -2.20
N SER A 87 -15.61 20.46 -1.97
CA SER A 87 -14.67 21.54 -2.29
C SER A 87 -13.38 20.96 -2.90
N PRO A 88 -12.76 21.65 -3.87
CA PRO A 88 -11.63 21.12 -4.63
C PRO A 88 -10.41 20.89 -3.73
N GLU A 89 -10.19 21.75 -2.74
CA GLU A 89 -9.08 21.59 -1.81
C GLU A 89 -9.26 20.35 -0.95
N LEU A 90 -10.50 19.85 -0.83
CA LEU A 90 -10.78 18.59 -0.16
C LEU A 90 -10.47 17.39 -1.05
N ASN A 91 -10.11 17.58 -2.32
CA ASN A 91 -9.59 16.49 -3.15
C ASN A 91 -8.25 16.06 -2.54
N VAL A 92 -8.32 15.18 -1.55
CA VAL A 92 -7.17 14.65 -0.85
C VAL A 92 -6.45 13.68 -1.77
N ASP A 93 -5.12 13.72 -1.73
CA ASP A 93 -4.30 12.69 -2.32
C ASP A 93 -3.38 12.11 -1.25
N LEU A 94 -2.80 10.95 -1.52
CA LEU A 94 -1.77 10.33 -0.70
C LEU A 94 -0.71 9.69 -1.57
N ALA A 95 0.56 9.91 -1.20
CA ALA A 95 1.71 9.57 -2.02
C ALA A 95 2.05 8.09 -1.92
N ALA A 96 3.05 7.67 -2.70
CA ALA A 96 3.47 6.29 -2.82
C ALA A 96 4.28 5.88 -1.58
N ALA A 97 3.68 5.09 -0.69
CA ALA A 97 4.31 4.67 0.56
C ALA A 97 4.82 3.23 0.45
N ASP A 98 6.11 3.04 0.73
CA ASP A 98 6.85 1.80 0.48
C ASP A 98 6.95 0.94 1.75
N ILE A 99 5.96 0.08 1.92
CA ILE A 99 5.87 -0.91 2.97
C ILE A 99 7.02 -1.94 2.88
N LYS A 100 8.12 -1.67 3.60
CA LYS A 100 9.16 -2.64 3.86
C LYS A 100 8.88 -3.51 5.10
N PRO A 101 8.56 -2.95 6.30
CA PRO A 101 8.74 -3.66 7.57
C PRO A 101 7.57 -4.62 7.89
N ASP A 102 7.30 -5.58 7.00
CA ASP A 102 6.13 -6.43 7.10
C ASP A 102 6.35 -7.59 8.09
N GLY A 103 6.78 -8.75 7.62
CA GLY A 103 7.05 -9.96 8.39
C GLY A 103 6.02 -10.21 9.48
N LYS A 104 4.78 -10.40 9.03
CA LYS A 104 3.61 -10.93 9.73
C LYS A 104 2.47 -10.91 8.71
N ARG A 105 2.65 -11.70 7.65
CA ARG A 105 1.97 -11.65 6.37
C ARG A 105 2.16 -10.35 5.60
N HIS A 106 1.97 -9.20 6.25
CA HIS A 106 1.98 -7.91 5.57
C HIS A 106 2.02 -6.74 6.55
N ALA A 107 1.18 -6.75 7.57
CA ALA A 107 1.02 -5.64 8.50
C ALA A 107 0.29 -4.46 7.85
N VAL A 108 0.97 -3.35 7.57
CA VAL A 108 0.35 -2.07 7.26
C VAL A 108 1.28 -1.17 6.47
N ILE A 109 0.73 -0.55 5.43
CA ILE A 109 1.25 0.58 4.72
C ILE A 109 0.93 1.84 5.53
N SER A 110 1.95 2.64 5.83
CA SER A 110 1.82 3.89 6.56
C SER A 110 2.18 5.04 5.62
N GLY A 111 1.21 5.84 5.17
CA GLY A 111 1.46 6.97 4.29
C GLY A 111 0.93 8.28 4.87
N SER A 112 1.45 9.42 4.39
CA SER A 112 0.85 10.72 4.63
C SER A 112 -0.32 10.89 3.67
N VAL A 113 -1.25 11.78 3.98
CA VAL A 113 -2.24 12.25 3.01
C VAL A 113 -2.28 13.76 3.07
N LEU A 114 -2.68 14.40 1.97
CA LEU A 114 -2.68 15.84 1.86
C LEU A 114 -3.96 16.36 1.21
N TYR A 115 -4.51 17.41 1.83
CA TYR A 115 -5.73 18.12 1.48
C TYR A 115 -5.36 19.03 0.31
N ASN A 116 -5.17 18.41 -0.86
CA ASN A 116 -4.86 19.03 -2.16
C ASN A 116 -3.48 19.69 -2.16
N GLN A 117 -3.23 20.63 -1.26
CA GLN A 117 -1.91 21.11 -0.87
C GLN A 117 -1.51 20.59 0.51
N ALA A 118 -2.43 20.64 1.49
CA ALA A 118 -2.04 20.68 2.90
C ALA A 118 -1.88 19.27 3.51
N GLU A 119 -0.63 18.86 3.77
CA GLU A 119 -0.32 17.55 4.34
C GLU A 119 -0.57 17.55 5.85
N LYS A 120 -1.85 17.67 6.27
CA LYS A 120 -2.26 17.47 7.65
C LYS A 120 -3.19 16.29 7.71
N GLY A 121 -2.65 15.19 7.24
CA GLY A 121 -3.26 13.89 7.40
C GLY A 121 -2.28 12.74 7.23
N SER A 122 -2.69 11.56 7.72
CA SER A 122 -1.97 10.31 7.63
C SER A 122 -2.94 9.18 7.35
N TYR A 123 -2.44 8.01 6.93
CA TYR A 123 -3.26 6.86 6.60
C TYR A 123 -2.44 5.61 6.93
N SER A 124 -3.06 4.67 7.64
CA SER A 124 -2.51 3.40 8.02
C SER A 124 -3.44 2.34 7.44
N LEU A 125 -3.01 1.64 6.39
CA LEU A 125 -3.86 0.73 5.63
C LEU A 125 -3.13 -0.57 5.40
N GLY A 126 -3.82 -1.71 5.53
CA GLY A 126 -3.23 -3.02 5.35
C GLY A 126 -4.12 -3.92 4.50
N ILE A 127 -3.51 -4.96 3.90
CA ILE A 127 -4.18 -5.96 3.08
C ILE A 127 -4.91 -6.93 4.01
N PHE A 128 -5.90 -7.65 3.49
CA PHE A 128 -6.39 -8.87 4.13
C PHE A 128 -7.00 -9.80 3.09
N GLY A 129 -6.96 -11.10 3.42
CA GLY A 129 -7.64 -12.16 2.69
C GLY A 129 -6.66 -13.20 2.15
N GLY A 130 -5.38 -12.82 1.99
CA GLY A 130 -4.36 -13.71 1.48
C GLY A 130 -4.39 -13.82 -0.05
N LYS A 131 -5.19 -12.97 -0.69
CA LYS A 131 -5.15 -12.69 -2.11
C LYS A 131 -5.91 -11.38 -2.38
N ALA A 132 -5.70 -10.39 -1.51
CA ALA A 132 -6.20 -9.03 -1.63
C ALA A 132 -7.73 -9.02 -1.78
N GLN A 133 -8.44 -9.38 -0.71
CA GLN A 133 -9.89 -9.51 -0.74
C GLN A 133 -10.56 -8.26 -0.19
N GLU A 134 -10.03 -7.76 0.94
CA GLU A 134 -10.59 -6.59 1.61
C GLU A 134 -9.44 -5.85 2.31
N VAL A 135 -8.99 -4.70 1.79
CA VAL A 135 -8.02 -3.91 2.52
C VAL A 135 -8.73 -3.15 3.65
N ALA A 136 -8.05 -2.97 4.79
CA ALA A 136 -8.62 -2.39 6.00
C ALA A 136 -7.62 -1.40 6.58
N GLY A 137 -8.09 -0.20 6.94
CA GLY A 137 -7.21 0.87 7.41
C GLY A 137 -7.94 1.91 8.24
N SER A 138 -7.17 2.88 8.72
CA SER A 138 -7.67 4.13 9.26
C SER A 138 -6.96 5.24 8.49
N ALA A 139 -7.74 6.11 7.84
CA ALA A 139 -7.26 7.37 7.35
C ALA A 139 -7.57 8.43 8.41
N GLU A 140 -6.75 9.48 8.48
CA GLU A 140 -7.15 10.68 9.18
C GLU A 140 -6.59 11.95 8.55
N VAL A 141 -7.44 12.97 8.41
CA VAL A 141 -7.09 14.32 8.00
C VAL A 141 -7.64 15.27 9.06
N LYS A 142 -6.95 16.36 9.33
CA LYS A 142 -7.38 17.34 10.30
C LYS A 142 -7.17 18.72 9.69
N THR A 143 -8.21 19.28 9.10
CA THR A 143 -8.09 20.63 8.55
C THR A 143 -9.16 21.50 9.18
N VAL A 144 -9.32 22.72 8.66
CA VAL A 144 -10.48 23.55 8.93
C VAL A 144 -11.78 22.75 8.71
N ASN A 145 -11.76 21.74 7.83
CA ASN A 145 -12.93 20.88 7.62
C ASN A 145 -12.47 19.56 7.05
N GLY A 146 -11.59 18.89 7.80
CA GLY A 146 -11.01 17.61 7.46
C GLY A 146 -11.32 16.71 8.64
N ILE A 147 -12.02 15.60 8.38
CA ILE A 147 -12.54 14.74 9.41
C ILE A 147 -11.40 13.87 9.92
N ARG A 148 -11.19 13.84 11.24
CA ARG A 148 -10.11 13.04 11.78
C ARG A 148 -10.39 11.56 11.54
N HIS A 149 -11.29 10.94 12.29
CA HIS A 149 -11.46 9.50 12.18
C HIS A 149 -12.16 9.18 10.85
N ILE A 150 -11.40 8.68 9.87
CA ILE A 150 -11.94 8.18 8.61
C ILE A 150 -11.65 6.68 8.53
N GLY A 151 -12.71 5.86 8.54
CA GLY A 151 -12.59 4.42 8.49
C GLY A 151 -12.33 4.02 7.04
N LEU A 152 -11.27 3.25 6.82
CA LEU A 152 -10.88 2.81 5.50
C LEU A 152 -11.27 1.34 5.38
N ALA A 153 -12.30 1.05 4.57
CA ALA A 153 -12.75 -0.31 4.29
C ALA A 153 -12.73 -0.51 2.78
N ALA A 154 -12.69 -1.76 2.32
CA ALA A 154 -12.66 -2.10 0.91
C ALA A 154 -13.27 -3.47 0.70
N LYS A 155 -13.65 -3.76 -0.56
CA LYS A 155 -14.12 -5.08 -0.94
C LYS A 155 -13.80 -5.33 -2.41
N GLN A 156 -13.17 -6.47 -2.68
CA GLN A 156 -12.39 -6.69 -3.87
C GLN A 156 -12.62 -8.12 -4.40
N MET A 1 8.14 -13.06 -42.73
CA MET A 1 7.37 -14.16 -42.15
C MET A 1 8.21 -14.88 -41.08
N GLN A 2 8.68 -14.14 -40.07
CA GLN A 2 9.43 -14.64 -38.94
C GLN A 2 9.49 -13.51 -37.92
N SER A 3 9.85 -13.83 -36.67
CA SER A 3 10.08 -12.87 -35.60
C SER A 3 10.73 -13.64 -34.45
N HIS A 4 10.99 -12.95 -33.34
CA HIS A 4 11.56 -13.47 -32.10
C HIS A 4 11.39 -12.39 -31.03
N SER A 5 11.64 -12.74 -29.77
CA SER A 5 11.65 -11.81 -28.64
C SER A 5 12.35 -12.53 -27.47
N ALA A 6 12.66 -11.79 -26.41
CA ALA A 6 13.25 -12.31 -25.19
C ALA A 6 13.00 -11.29 -24.09
N LEU A 7 13.10 -11.71 -22.83
CA LEU A 7 12.87 -10.91 -21.65
C LEU A 7 13.64 -11.62 -20.54
N THR A 8 14.19 -10.89 -19.58
CA THR A 8 14.80 -11.44 -18.38
C THR A 8 14.85 -10.33 -17.33
N ALA A 9 15.23 -10.67 -16.11
CA ALA A 9 15.30 -9.79 -14.95
C ALA A 9 15.91 -10.56 -13.79
N PHE A 10 16.53 -9.85 -12.84
CA PHE A 10 16.83 -10.38 -11.53
C PHE A 10 16.88 -9.19 -10.55
N GLN A 11 16.32 -9.38 -9.36
CA GLN A 11 16.05 -8.34 -8.37
C GLN A 11 16.40 -8.87 -6.99
N THR A 12 15.98 -8.20 -5.92
CA THR A 12 16.20 -8.68 -4.57
C THR A 12 14.99 -8.35 -3.68
N GLU A 13 14.95 -8.93 -2.48
CA GLU A 13 13.85 -8.79 -1.53
C GLU A 13 14.28 -9.44 -0.21
N GLN A 14 15.43 -9.02 0.32
CA GLN A 14 16.09 -9.65 1.46
C GLN A 14 16.65 -8.60 2.42
N ILE A 15 16.05 -8.49 3.61
CA ILE A 15 16.47 -7.61 4.68
C ILE A 15 17.13 -8.43 5.78
N GLN A 16 16.43 -9.42 6.32
CA GLN A 16 16.98 -10.38 7.27
C GLN A 16 16.18 -11.67 7.13
N ASP A 17 15.30 -12.00 8.10
CA ASP A 17 14.31 -13.07 7.99
C ASP A 17 13.61 -13.01 6.63
N SER A 18 13.28 -11.78 6.23
CA SER A 18 12.67 -11.43 4.96
C SER A 18 13.32 -12.11 3.74
N GLU A 19 14.62 -12.43 3.81
CA GLU A 19 15.33 -13.22 2.81
C GLU A 19 14.55 -14.49 2.47
N HIS A 20 14.06 -15.20 3.50
CA HIS A 20 13.25 -16.38 3.29
C HIS A 20 11.96 -15.99 2.59
N SER A 21 11.07 -15.28 3.30
CA SER A 21 9.71 -15.07 2.83
C SER A 21 9.66 -14.20 1.57
N GLY A 22 10.25 -13.02 1.62
CA GLY A 22 10.12 -12.01 0.58
C GLY A 22 10.76 -12.49 -0.71
N LYS A 23 12.08 -12.72 -0.66
CA LYS A 23 12.86 -13.13 -1.80
C LYS A 23 12.51 -14.56 -2.21
N MET A 24 12.39 -15.49 -1.26
CA MET A 24 12.10 -16.91 -1.52
C MET A 24 12.82 -17.41 -2.76
N VAL A 25 14.15 -17.45 -2.67
CA VAL A 25 15.07 -17.72 -3.77
C VAL A 25 15.04 -16.55 -4.75
N ALA A 26 13.92 -16.34 -5.46
CA ALA A 26 13.75 -15.22 -6.37
C ALA A 26 12.28 -14.97 -6.69
N LYS A 27 11.65 -14.08 -5.92
CA LYS A 27 10.34 -13.53 -6.17
C LYS A 27 10.38 -12.68 -7.45
N ARG A 28 10.34 -13.36 -8.60
CA ARG A 28 10.11 -12.77 -9.91
C ARG A 28 8.76 -12.04 -9.93
N GLN A 29 8.78 -10.70 -9.89
CA GLN A 29 7.62 -9.85 -10.06
C GLN A 29 7.82 -9.06 -11.35
N PHE A 30 8.71 -8.07 -11.28
CA PHE A 30 9.37 -7.41 -12.39
C PHE A 30 10.82 -7.27 -11.92
N ARG A 31 11.66 -6.49 -12.60
CA ARG A 31 12.94 -6.11 -11.99
C ARG A 31 12.72 -4.99 -10.98
N ILE A 32 11.87 -5.24 -9.98
CA ILE A 32 11.52 -4.34 -8.90
C ILE A 32 11.34 -5.23 -7.66
N GLY A 33 11.33 -4.60 -6.49
CA GLY A 33 11.31 -5.21 -5.17
C GLY A 33 12.31 -4.38 -4.39
N ASP A 34 13.28 -5.03 -3.75
CA ASP A 34 14.56 -4.48 -3.34
C ASP A 34 14.42 -3.61 -2.08
N ILE A 35 13.57 -2.58 -2.17
CA ILE A 35 13.23 -1.65 -1.09
C ILE A 35 12.77 -2.46 0.14
N ALA A 36 11.61 -3.10 0.01
CA ALA A 36 10.86 -3.80 1.05
C ALA A 36 9.50 -4.13 0.45
N GLY A 37 8.73 -4.97 1.13
CA GLY A 37 7.43 -5.42 0.67
C GLY A 37 7.21 -6.84 1.19
N GLU A 38 8.20 -7.67 0.88
CA GLU A 38 8.46 -9.00 1.40
C GLU A 38 7.21 -9.79 1.76
N HIS A 39 6.72 -9.66 2.99
CA HIS A 39 5.75 -10.56 3.57
C HIS A 39 4.40 -10.45 2.85
N THR A 40 4.17 -9.35 2.11
CA THR A 40 3.07 -9.29 1.17
C THR A 40 3.40 -10.22 -0.01
N SER A 41 4.23 -9.70 -0.92
CA SER A 41 4.66 -10.29 -2.19
C SER A 41 4.91 -11.80 -2.08
N PHE A 42 5.64 -12.17 -1.02
CA PHE A 42 5.86 -13.52 -0.51
C PHE A 42 4.71 -14.48 -0.79
N ASP A 43 3.56 -14.22 -0.15
CA ASP A 43 2.61 -15.27 0.18
C ASP A 43 2.00 -15.84 -1.10
N LYS A 44 1.08 -15.10 -1.71
CA LYS A 44 0.42 -15.45 -2.96
C LYS A 44 -0.58 -14.35 -3.35
N LEU A 45 -0.16 -13.10 -3.21
CA LEU A 45 -0.99 -11.92 -3.46
C LEU A 45 -0.65 -11.17 -4.76
N PRO A 46 0.62 -10.98 -5.16
CA PRO A 46 0.96 -9.89 -6.03
C PRO A 46 0.69 -10.19 -7.51
N GLU A 47 -0.58 -10.06 -7.90
CA GLU A 47 -1.09 -10.29 -9.25
C GLU A 47 -0.28 -9.61 -10.36
N GLY A 48 0.53 -8.58 -10.07
CA GLY A 48 1.42 -8.01 -11.07
C GLY A 48 1.74 -6.56 -10.73
N GLY A 49 0.92 -5.64 -11.25
CA GLY A 49 1.06 -4.21 -11.04
C GLY A 49 -0.08 -3.73 -10.14
N ARG A 50 -1.06 -3.04 -10.71
CA ARG A 50 -2.03 -2.27 -9.96
C ARG A 50 -3.13 -3.16 -9.37
N ALA A 51 -3.26 -3.17 -8.04
CA ALA A 51 -4.22 -4.05 -7.38
C ALA A 51 -5.64 -3.50 -7.45
N THR A 52 -6.61 -4.41 -7.39
CA THR A 52 -8.03 -4.08 -7.41
C THR A 52 -8.52 -3.60 -6.04
N TYR A 53 -8.03 -2.45 -5.54
CA TYR A 53 -8.44 -1.88 -4.25
C TYR A 53 -9.79 -1.17 -4.38
N ARG A 54 -10.87 -1.96 -4.46
CA ARG A 54 -12.22 -1.47 -4.63
C ARG A 54 -12.73 -1.07 -3.24
N GLY A 55 -12.49 0.19 -2.84
CA GLY A 55 -12.84 0.63 -1.51
C GLY A 55 -13.05 2.13 -1.40
N THR A 56 -13.40 2.56 -0.18
CA THR A 56 -13.77 3.91 0.17
C THR A 56 -13.10 4.24 1.51
N ALA A 57 -12.37 5.35 1.53
CA ALA A 57 -11.86 5.91 2.76
C ALA A 57 -12.95 6.82 3.29
N PHE A 58 -13.98 6.23 3.91
CA PHE A 58 -15.21 6.96 4.26
C PHE A 58 -15.03 7.70 5.58
N GLY A 59 -15.52 8.94 5.65
CA GLY A 59 -15.33 9.79 6.81
C GLY A 59 -16.40 9.52 7.85
N SER A 60 -16.15 9.90 9.10
CA SER A 60 -17.23 10.02 10.09
C SER A 60 -18.39 10.89 9.55
N ASP A 61 -18.08 11.99 8.85
CA ASP A 61 -19.08 12.84 8.16
C ASP A 61 -19.77 12.12 6.99
N ASP A 62 -19.15 11.05 6.50
CA ASP A 62 -19.11 10.69 5.10
C ASP A 62 -18.80 11.91 4.22
N ALA A 63 -17.64 12.50 4.52
CA ALA A 63 -16.84 13.26 3.58
C ALA A 63 -15.55 12.47 3.41
N GLY A 64 -15.68 11.23 2.95
CA GLY A 64 -14.54 10.38 2.69
C GLY A 64 -14.74 9.69 1.34
N GLY A 65 -13.86 10.01 0.40
CA GLY A 65 -13.94 9.61 -0.99
C GLY A 65 -13.45 8.18 -1.21
N LYS A 66 -13.47 7.81 -2.47
CA LYS A 66 -13.19 6.47 -2.94
C LYS A 66 -11.69 6.25 -2.85
N LEU A 67 -11.23 5.13 -2.30
CA LEU A 67 -9.80 4.84 -2.25
C LEU A 67 -9.41 4.33 -3.64
N THR A 68 -9.30 5.23 -4.61
CA THR A 68 -9.39 4.77 -5.99
C THR A 68 -8.08 4.11 -6.40
N TYR A 69 -8.16 2.90 -6.93
CA TYR A 69 -7.18 1.90 -6.57
C TYR A 69 -5.82 2.15 -7.21
N THR A 70 -4.79 2.15 -6.37
CA THR A 70 -3.40 2.14 -6.76
C THR A 70 -2.59 1.56 -5.62
N ILE A 71 -2.27 0.28 -5.72
CA ILE A 71 -1.02 -0.21 -5.18
C ILE A 71 -0.38 -0.97 -6.32
N ASP A 72 0.86 -0.63 -6.65
CA ASP A 72 1.64 -1.33 -7.65
C ASP A 72 2.39 -2.43 -6.91
N PHE A 73 1.93 -3.68 -7.01
CA PHE A 73 2.48 -4.85 -6.31
C PHE A 73 3.98 -5.03 -6.52
N ALA A 74 4.54 -4.38 -7.54
CA ALA A 74 5.96 -4.24 -7.73
C ALA A 74 6.67 -3.93 -6.39
N ALA A 75 6.12 -2.99 -5.59
CA ALA A 75 6.57 -2.74 -4.22
C ALA A 75 5.49 -2.24 -3.25
N LYS A 76 4.22 -2.30 -3.64
CA LYS A 76 3.10 -2.02 -2.76
C LYS A 76 3.14 -0.62 -2.13
N GLN A 77 3.07 0.38 -3.01
CA GLN A 77 2.95 1.77 -2.66
C GLN A 77 1.45 2.01 -2.56
N GLY A 78 0.91 1.64 -1.40
CA GLY A 78 -0.51 1.40 -1.24
C GLY A 78 -1.37 2.66 -1.19
N ASN A 79 -1.47 3.40 -2.30
CA ASN A 79 -1.79 4.82 -2.27
C ASN A 79 -2.79 5.15 -3.39
N GLY A 80 -4.08 4.98 -3.09
CA GLY A 80 -5.19 5.21 -4.01
C GLY A 80 -5.90 6.50 -3.65
N LYS A 81 -6.15 7.37 -4.62
CA LYS A 81 -6.50 8.75 -4.31
C LYS A 81 -8.01 8.96 -4.09
N ILE A 82 -8.32 9.92 -3.21
CA ILE A 82 -9.62 10.22 -2.64
C ILE A 82 -10.10 11.52 -3.28
N GLU A 83 -10.22 11.50 -4.61
CA GLU A 83 -10.57 12.66 -5.42
C GLU A 83 -12.01 12.50 -5.92
N HIS A 84 -12.94 12.49 -4.97
CA HIS A 84 -14.37 12.49 -5.27
C HIS A 84 -15.13 13.02 -4.06
N LEU A 85 -14.92 14.30 -3.71
CA LEU A 85 -15.56 14.90 -2.55
C LEU A 85 -16.21 16.22 -2.88
N LYS A 86 -17.23 16.55 -2.08
CA LYS A 86 -18.17 17.63 -2.28
C LYS A 86 -17.49 18.99 -2.45
N SER A 87 -16.32 19.17 -1.83
CA SER A 87 -15.61 20.46 -1.79
C SER A 87 -14.14 20.25 -2.20
N PRO A 88 -13.52 21.20 -2.92
CA PRO A 88 -12.25 20.97 -3.61
C PRO A 88 -11.12 20.61 -2.65
N GLU A 89 -10.84 21.46 -1.67
CA GLU A 89 -9.83 21.19 -0.63
C GLU A 89 -10.03 19.81 0.00
N LEU A 90 -11.28 19.42 0.25
CA LEU A 90 -11.63 18.09 0.76
C LEU A 90 -11.07 16.95 -0.10
N ASN A 91 -10.98 17.11 -1.43
CA ASN A 91 -10.46 16.05 -2.30
C ASN A 91 -9.00 15.78 -1.95
N VAL A 92 -8.71 14.55 -1.50
CA VAL A 92 -7.43 14.16 -0.93
C VAL A 92 -6.66 13.28 -1.91
N ASP A 93 -5.34 13.45 -1.97
CA ASP A 93 -4.46 12.45 -2.57
C ASP A 93 -3.49 11.95 -1.49
N LEU A 94 -2.95 10.76 -1.70
CA LEU A 94 -2.17 10.03 -0.72
C LEU A 94 -0.69 10.07 -1.13
N ALA A 95 0.23 10.19 -0.17
CA ALA A 95 1.64 10.21 -0.50
C ALA A 95 2.09 8.78 -0.81
N ALA A 96 3.16 8.62 -1.61
CA ALA A 96 3.63 7.30 -1.97
C ALA A 96 4.36 6.72 -0.76
N ALA A 97 3.95 5.52 -0.32
CA ALA A 97 4.44 4.93 0.91
C ALA A 97 4.39 3.41 0.81
N ASP A 98 5.55 2.79 1.01
CA ASP A 98 5.78 1.35 0.95
C ASP A 98 5.30 0.69 2.24
N ILE A 99 5.37 -0.64 2.26
CA ILE A 99 5.01 -1.50 3.37
C ILE A 99 6.27 -2.20 3.89
N LYS A 100 6.98 -1.48 4.76
CA LYS A 100 8.11 -1.95 5.54
C LYS A 100 7.76 -3.22 6.32
N PRO A 101 8.74 -4.12 6.56
CA PRO A 101 8.46 -5.44 7.11
C PRO A 101 8.09 -5.42 8.60
N ASP A 102 6.81 -5.16 8.89
CA ASP A 102 6.21 -5.50 10.20
C ASP A 102 6.18 -7.01 10.44
N GLY A 103 6.48 -7.83 9.42
CA GLY A 103 6.65 -9.27 9.55
C GLY A 103 5.40 -9.93 10.09
N LYS A 104 4.30 -9.86 9.35
CA LYS A 104 3.00 -10.26 9.87
C LYS A 104 2.06 -10.76 8.76
N ARG A 105 2.49 -11.79 8.04
CA ARG A 105 1.79 -12.33 6.88
C ARG A 105 1.53 -11.27 5.79
N HIS A 106 2.28 -10.17 5.88
CA HIS A 106 2.08 -8.85 5.29
C HIS A 106 2.67 -7.91 6.35
N ALA A 107 2.21 -6.66 6.38
CA ALA A 107 2.64 -5.60 7.26
C ALA A 107 1.66 -4.45 7.03
N VAL A 108 2.01 -3.20 7.36
CA VAL A 108 1.23 -2.03 6.94
C VAL A 108 2.10 -0.97 6.26
N ILE A 109 1.46 -0.12 5.45
CA ILE A 109 2.01 1.19 5.13
C ILE A 109 1.57 2.17 6.22
N SER A 110 2.31 3.27 6.36
CA SER A 110 2.04 4.34 7.32
C SER A 110 2.16 5.69 6.60
N GLY A 111 1.35 5.92 5.57
CA GLY A 111 1.53 7.06 4.67
C GLY A 111 0.95 8.36 5.23
N SER A 112 1.36 9.49 4.63
CA SER A 112 0.75 10.80 4.82
C SER A 112 -0.29 11.02 3.71
N VAL A 113 -1.18 12.01 3.89
CA VAL A 113 -2.13 12.42 2.85
C VAL A 113 -2.08 13.92 2.66
N LEU A 114 -2.28 14.37 1.43
CA LEU A 114 -2.41 15.76 1.02
C LEU A 114 -3.88 16.06 0.79
N TYR A 115 -4.39 16.96 1.62
CA TYR A 115 -5.71 17.56 1.50
C TYR A 115 -5.59 18.65 0.44
N ASN A 116 -5.44 18.22 -0.82
CA ASN A 116 -5.37 19.04 -2.03
C ASN A 116 -4.16 19.98 -2.05
N GLN A 117 -4.11 20.93 -1.12
CA GLN A 117 -2.97 21.79 -0.87
C GLN A 117 -2.14 21.28 0.32
N ALA A 118 -2.79 20.65 1.32
CA ALA A 118 -2.31 20.67 2.69
C ALA A 118 -2.03 19.27 3.23
N GLU A 119 -0.76 18.94 3.44
CA GLU A 119 -0.40 17.67 4.07
C GLU A 119 -0.57 17.79 5.59
N LYS A 120 -1.81 17.68 6.09
CA LYS A 120 -2.11 17.42 7.50
C LYS A 120 -3.14 16.31 7.57
N GLY A 121 -2.68 15.15 7.13
CA GLY A 121 -3.36 13.89 7.38
C GLY A 121 -2.36 12.75 7.25
N SER A 122 -2.68 11.62 7.88
CA SER A 122 -1.85 10.44 7.91
C SER A 122 -2.72 9.21 8.14
N TYR A 123 -2.24 8.04 7.72
CA TYR A 123 -3.06 6.84 7.78
C TYR A 123 -2.20 5.59 7.87
N SER A 124 -2.88 4.47 8.12
CA SER A 124 -2.34 3.14 8.27
C SER A 124 -3.10 2.25 7.30
N LEU A 125 -2.42 1.37 6.53
CA LEU A 125 -3.11 0.51 5.57
C LEU A 125 -2.36 -0.81 5.30
N GLY A 126 -3.07 -1.92 5.56
CA GLY A 126 -2.73 -3.33 5.37
C GLY A 126 -2.91 -3.81 3.92
N ILE A 127 -2.76 -5.11 3.70
CA ILE A 127 -3.36 -5.81 2.57
C ILE A 127 -3.94 -7.11 3.13
N PHE A 128 -5.06 -7.60 2.60
CA PHE A 128 -5.83 -8.75 3.11
C PHE A 128 -5.00 -9.88 3.73
N GLY A 129 -3.97 -10.34 3.01
CA GLY A 129 -3.25 -11.54 3.37
C GLY A 129 -4.02 -12.81 3.01
N GLY A 130 -4.73 -12.80 1.87
CA GLY A 130 -5.27 -14.02 1.28
C GLY A 130 -5.15 -13.93 -0.24
N LYS A 131 -5.91 -13.02 -0.85
CA LYS A 131 -5.79 -12.68 -2.27
C LYS A 131 -6.40 -11.29 -2.52
N ALA A 132 -6.02 -10.32 -1.68
CA ALA A 132 -6.34 -8.90 -1.79
C ALA A 132 -7.85 -8.69 -1.78
N GLN A 133 -8.56 -9.29 -0.83
CA GLN A 133 -10.02 -9.26 -0.81
C GLN A 133 -10.51 -7.94 -0.23
N GLU A 134 -9.86 -7.50 0.84
CA GLU A 134 -10.14 -6.28 1.55
C GLU A 134 -8.80 -5.70 1.97
N VAL A 135 -8.79 -4.46 2.48
CA VAL A 135 -7.57 -3.82 2.93
C VAL A 135 -7.88 -3.12 4.25
N ALA A 136 -7.41 -3.67 5.36
CA ALA A 136 -7.69 -3.12 6.69
C ALA A 136 -6.78 -1.91 6.92
N GLY A 137 -7.34 -0.75 7.22
CA GLY A 137 -6.58 0.46 7.46
C GLY A 137 -7.40 1.44 8.31
N SER A 138 -6.78 2.57 8.66
CA SER A 138 -7.47 3.70 9.27
C SER A 138 -6.68 4.96 8.94
N ALA A 139 -7.39 6.00 8.47
CA ALA A 139 -6.83 7.31 8.15
C ALA A 139 -7.39 8.39 9.08
N GLU A 140 -6.57 9.41 9.37
CA GLU A 140 -7.03 10.68 9.90
C GLU A 140 -6.55 11.84 9.03
N VAL A 141 -7.42 12.83 8.81
CA VAL A 141 -7.11 14.02 8.05
C VAL A 141 -7.62 15.20 8.85
N LYS A 142 -6.72 16.04 9.36
CA LYS A 142 -7.04 16.94 10.46
C LYS A 142 -6.88 18.38 9.98
N THR A 143 -7.94 18.96 9.42
CA THR A 143 -7.86 20.37 9.00
C THR A 143 -8.85 21.20 9.82
N VAL A 144 -8.93 22.50 9.50
CA VAL A 144 -10.02 23.38 9.90
C VAL A 144 -11.39 22.71 9.68
N ASN A 145 -11.50 21.83 8.68
CA ASN A 145 -12.68 21.00 8.49
C ASN A 145 -12.22 19.79 7.69
N GLY A 146 -11.52 18.90 8.39
CA GLY A 146 -10.96 17.68 7.85
C GLY A 146 -11.31 16.59 8.83
N ILE A 147 -11.55 15.38 8.32
CA ILE A 147 -12.14 14.33 9.09
C ILE A 147 -11.04 13.55 9.82
N ARG A 148 -11.00 13.71 11.14
CA ARG A 148 -9.97 13.09 11.96
C ARG A 148 -10.16 11.58 12.13
N HIS A 149 -11.29 11.04 11.67
CA HIS A 149 -11.62 9.61 11.73
C HIS A 149 -12.19 9.19 10.37
N ILE A 150 -11.36 8.57 9.54
CA ILE A 150 -11.72 8.06 8.23
C ILE A 150 -11.49 6.54 8.19
N GLY A 151 -12.59 5.80 8.00
CA GLY A 151 -12.60 4.35 7.92
C GLY A 151 -12.13 3.92 6.53
N LEU A 152 -10.97 3.28 6.47
CA LEU A 152 -10.41 2.73 5.25
C LEU A 152 -11.12 1.41 4.98
N ALA A 153 -12.25 1.46 4.26
CA ALA A 153 -13.03 0.28 3.92
C ALA A 153 -12.70 -0.17 2.50
N ALA A 154 -12.70 -1.47 2.24
CA ALA A 154 -12.60 -2.00 0.88
C ALA A 154 -13.27 -3.36 0.84
N LYS A 155 -13.79 -3.71 -0.34
CA LYS A 155 -13.99 -5.10 -0.70
C LYS A 155 -14.00 -5.24 -2.21
N GLN A 156 -13.17 -6.15 -2.71
CA GLN A 156 -13.21 -6.63 -4.07
C GLN A 156 -13.66 -8.08 -3.94
N MET A 1 47.17 -41.00 -4.21
CA MET A 1 45.85 -40.72 -3.63
C MET A 1 45.47 -39.30 -4.05
N GLN A 2 44.18 -39.00 -4.19
CA GLN A 2 43.68 -37.70 -4.58
C GLN A 2 42.22 -37.66 -4.17
N SER A 3 41.65 -36.46 -3.99
CA SER A 3 40.23 -36.23 -3.82
C SER A 3 39.99 -34.74 -4.08
N HIS A 4 38.73 -34.31 -3.99
CA HIS A 4 38.27 -32.94 -4.17
C HIS A 4 36.80 -32.90 -3.75
N SER A 5 36.24 -31.69 -3.61
CA SER A 5 34.82 -31.45 -3.40
C SER A 5 34.60 -29.96 -3.63
N ALA A 6 33.35 -29.50 -3.47
CA ALA A 6 32.94 -28.12 -3.58
C ALA A 6 31.52 -28.00 -2.99
N LEU A 7 31.14 -26.80 -2.58
CA LEU A 7 29.82 -26.47 -2.09
C LEU A 7 29.51 -25.06 -2.60
N THR A 8 28.22 -24.70 -2.65
CA THR A 8 27.75 -23.37 -2.99
C THR A 8 26.29 -23.28 -2.53
N ALA A 9 25.74 -22.07 -2.50
CA ALA A 9 24.37 -21.79 -2.11
C ALA A 9 24.05 -20.37 -2.57
N PHE A 10 22.80 -19.93 -2.38
CA PHE A 10 22.37 -18.57 -2.61
C PHE A 10 21.08 -18.36 -1.81
N GLN A 11 20.50 -17.16 -1.89
CA GLN A 11 19.23 -16.82 -1.29
C GLN A 11 18.51 -15.91 -2.28
N THR A 12 17.18 -15.82 -2.19
CA THR A 12 16.43 -14.77 -2.86
C THR A 12 15.06 -14.60 -2.21
N GLU A 13 14.68 -13.33 -2.10
CA GLU A 13 13.49 -12.80 -1.50
C GLU A 13 12.23 -13.40 -2.14
N GLN A 14 12.22 -13.51 -3.47
CA GLN A 14 11.12 -14.05 -4.27
C GLN A 14 11.71 -15.00 -5.32
N ILE A 15 10.86 -15.64 -6.13
CA ILE A 15 11.23 -16.67 -7.09
C ILE A 15 10.54 -16.41 -8.42
N GLN A 16 11.19 -16.80 -9.53
CA GLN A 16 10.67 -16.91 -10.89
C GLN A 16 10.86 -15.59 -11.64
N ASP A 17 12.13 -15.21 -11.84
CA ASP A 17 12.60 -14.06 -12.62
C ASP A 17 12.29 -12.73 -11.91
N SER A 18 11.02 -12.53 -11.55
CA SER A 18 10.56 -11.58 -10.55
C SER A 18 11.56 -11.41 -9.40
N GLU A 19 12.12 -12.55 -8.95
CA GLU A 19 13.17 -12.63 -7.95
C GLU A 19 14.20 -11.52 -8.10
N HIS A 20 14.72 -11.33 -9.31
CA HIS A 20 15.76 -10.36 -9.60
C HIS A 20 15.38 -8.98 -9.09
N SER A 21 14.16 -8.56 -9.39
CA SER A 21 13.60 -7.30 -8.91
C SER A 21 13.32 -7.38 -7.40
N GLY A 22 12.61 -8.43 -6.96
CA GLY A 22 12.18 -8.62 -5.58
C GLY A 22 13.35 -8.45 -4.60
N LYS A 23 14.41 -9.24 -4.78
CA LYS A 23 15.62 -9.18 -3.97
C LYS A 23 16.48 -7.94 -4.24
N MET A 24 16.10 -7.12 -5.22
CA MET A 24 16.84 -5.94 -5.66
C MET A 24 18.27 -6.29 -6.07
N VAL A 25 18.38 -7.19 -7.05
CA VAL A 25 19.60 -7.48 -7.80
C VAL A 25 20.65 -8.19 -6.93
N ALA A 26 21.23 -7.50 -5.96
CA ALA A 26 22.22 -8.06 -5.05
C ALA A 26 21.49 -8.83 -3.95
N LYS A 27 21.25 -8.20 -2.80
CA LYS A 27 20.36 -8.62 -1.73
C LYS A 27 20.46 -7.60 -0.59
N ARG A 28 19.53 -7.66 0.37
CA ARG A 28 19.69 -6.90 1.61
C ARG A 28 21.07 -7.20 2.21
N GLN A 29 21.73 -6.14 2.70
CA GLN A 29 23.12 -6.06 3.16
C GLN A 29 24.02 -5.44 2.09
N PHE A 30 23.75 -5.71 0.81
CA PHE A 30 24.63 -5.34 -0.29
C PHE A 30 24.14 -4.06 -0.94
N ARG A 31 24.93 -2.98 -0.88
CA ARG A 31 24.59 -1.63 -1.31
C ARG A 31 23.54 -0.99 -0.39
N ILE A 32 22.43 -1.70 -0.16
CA ILE A 32 21.32 -1.27 0.67
C ILE A 32 20.76 0.04 0.10
N GLY A 33 20.52 0.05 -1.22
CA GLY A 33 19.92 1.19 -1.90
C GLY A 33 18.51 1.44 -1.36
N ASP A 34 17.77 0.35 -1.14
CA ASP A 34 16.47 0.34 -0.50
C ASP A 34 16.28 -1.06 0.11
N ILE A 35 15.26 -1.23 0.94
CA ILE A 35 14.86 -2.52 1.49
C ILE A 35 14.03 -3.25 0.43
N ALA A 36 14.09 -4.59 0.40
CA ALA A 36 13.40 -5.40 -0.61
C ALA A 36 11.88 -5.29 -0.50
N GLY A 37 11.28 -6.03 0.45
CA GLY A 37 9.83 -6.09 0.61
C GLY A 37 9.32 -7.53 0.66
N GLU A 38 10.00 -8.38 1.45
CA GLU A 38 9.72 -9.80 1.51
C GLU A 38 8.25 -10.12 1.80
N HIS A 39 7.79 -9.91 3.04
CA HIS A 39 6.43 -10.26 3.42
C HIS A 39 5.43 -9.70 2.41
N THR A 40 5.47 -8.37 2.25
CA THR A 40 4.53 -7.63 1.43
C THR A 40 4.36 -8.22 0.04
N SER A 41 5.44 -8.34 -0.73
CA SER A 41 5.39 -8.91 -2.07
C SER A 41 5.22 -10.43 -2.04
N PHE A 42 6.08 -11.13 -1.30
CA PHE A 42 6.19 -12.58 -1.41
C PHE A 42 4.96 -13.32 -0.88
N ASP A 43 4.15 -12.68 -0.02
CA ASP A 43 3.14 -13.35 0.81
C ASP A 43 2.47 -14.51 0.08
N LYS A 44 1.90 -14.16 -1.07
CA LYS A 44 1.33 -15.05 -2.08
C LYS A 44 0.75 -14.15 -3.19
N LEU A 45 1.55 -13.18 -3.65
CA LEU A 45 1.09 -12.04 -4.41
C LEU A 45 2.06 -11.76 -5.58
N PRO A 46 1.58 -11.15 -6.68
CA PRO A 46 2.34 -10.97 -7.91
C PRO A 46 3.18 -9.69 -7.91
N GLU A 47 3.87 -9.42 -9.03
CA GLU A 47 4.43 -8.12 -9.37
C GLU A 47 3.36 -7.31 -10.13
N GLY A 48 2.18 -7.21 -9.51
CA GLY A 48 0.93 -6.87 -10.19
C GLY A 48 0.83 -5.46 -10.78
N GLY A 49 1.66 -4.49 -10.38
CA GLY A 49 1.64 -3.17 -11.00
C GLY A 49 0.52 -2.27 -10.47
N ARG A 50 -0.71 -2.78 -10.42
CA ARG A 50 -1.85 -2.10 -9.82
C ARG A 50 -2.71 -3.10 -9.05
N ALA A 51 -3.54 -2.58 -8.15
CA ALA A 51 -4.41 -3.33 -7.27
C ALA A 51 -5.68 -3.79 -7.96
N THR A 52 -6.55 -4.46 -7.20
CA THR A 52 -7.93 -4.69 -7.59
C THR A 52 -8.81 -4.43 -6.35
N TYR A 53 -9.38 -3.22 -6.22
CA TYR A 53 -10.43 -2.95 -5.24
C TYR A 53 -11.30 -1.75 -5.60
N ARG A 54 -12.32 -1.51 -4.79
CA ARG A 54 -13.19 -0.36 -4.78
C ARG A 54 -13.33 0.03 -3.31
N GLY A 55 -12.85 1.22 -2.91
CA GLY A 55 -12.63 1.54 -1.52
C GLY A 55 -13.48 2.69 -1.00
N THR A 56 -13.86 2.59 0.27
CA THR A 56 -14.55 3.59 1.04
C THR A 56 -13.59 4.08 2.12
N ALA A 57 -13.47 5.39 2.26
CA ALA A 57 -12.75 6.05 3.33
C ALA A 57 -13.78 6.87 4.08
N PHE A 58 -14.60 6.22 4.90
CA PHE A 58 -15.78 6.83 5.51
C PHE A 58 -15.36 7.69 6.69
N GLY A 59 -15.97 8.86 6.81
CA GLY A 59 -15.52 9.87 7.74
C GLY A 59 -15.96 9.51 9.17
N SER A 60 -15.30 10.11 10.16
CA SER A 60 -15.72 10.05 11.56
C SER A 60 -17.23 10.33 11.69
N ASP A 61 -17.74 11.21 10.82
CA ASP A 61 -19.12 11.65 10.75
C ASP A 61 -19.72 11.29 9.38
N ASP A 62 -19.24 10.21 8.75
CA ASP A 62 -19.23 10.01 7.31
C ASP A 62 -19.61 11.17 6.40
N ALA A 63 -18.63 12.06 6.23
CA ALA A 63 -18.49 12.83 5.01
C ALA A 63 -17.15 12.45 4.39
N GLY A 64 -16.95 11.16 4.19
CA GLY A 64 -15.68 10.54 3.86
C GLY A 64 -15.44 10.52 2.34
N GLY A 65 -14.29 9.95 1.94
CA GLY A 65 -13.84 9.81 0.58
C GLY A 65 -14.12 8.42 -0.01
N LYS A 66 -13.87 8.28 -1.32
CA LYS A 66 -13.90 7.03 -2.07
C LYS A 66 -12.47 6.67 -2.48
N LEU A 67 -11.85 5.69 -1.84
CA LEU A 67 -10.47 5.31 -2.12
C LEU A 67 -10.42 4.44 -3.38
N THR A 68 -9.70 4.87 -4.42
CA THR A 68 -9.46 4.03 -5.58
C THR A 68 -8.33 3.02 -5.31
N TYR A 69 -8.35 1.91 -6.05
CA TYR A 69 -7.33 0.89 -5.95
C TYR A 69 -6.08 1.37 -6.68
N THR A 70 -4.95 1.42 -5.98
CA THR A 70 -3.63 1.60 -6.57
C THR A 70 -2.60 1.05 -5.57
N ILE A 71 -2.16 -0.21 -5.71
CA ILE A 71 -0.91 -0.63 -5.13
C ILE A 71 -0.17 -1.43 -6.20
N ASP A 72 1.16 -1.29 -6.30
CA ASP A 72 1.96 -2.29 -6.98
C ASP A 72 2.44 -3.30 -5.94
N PHE A 73 1.86 -4.49 -6.02
CA PHE A 73 2.22 -5.68 -5.26
C PHE A 73 3.72 -6.01 -5.32
N ALA A 74 4.46 -5.52 -6.33
CA ALA A 74 5.91 -5.70 -6.39
C ALA A 74 6.62 -5.22 -5.11
N ALA A 75 6.04 -4.26 -4.39
CA ALA A 75 6.55 -3.84 -3.08
C ALA A 75 5.45 -3.35 -2.12
N LYS A 76 4.41 -2.68 -2.64
CA LYS A 76 3.16 -2.29 -2.00
C LYS A 76 3.10 -0.84 -1.56
N GLN A 77 3.41 0.03 -2.50
CA GLN A 77 3.18 1.46 -2.49
C GLN A 77 1.68 1.68 -2.71
N GLY A 78 0.90 1.26 -1.72
CA GLY A 78 -0.55 1.24 -1.79
C GLY A 78 -1.15 2.60 -1.49
N ASN A 79 -1.44 3.38 -2.54
CA ASN A 79 -1.76 4.80 -2.43
C ASN A 79 -2.64 5.17 -3.61
N GLY A 80 -3.92 5.43 -3.35
CA GLY A 80 -4.89 5.81 -4.37
C GLY A 80 -5.74 6.92 -3.78
N LYS A 81 -6.15 7.88 -4.61
CA LYS A 81 -6.75 9.12 -4.14
C LYS A 81 -8.22 8.95 -3.75
N ILE A 82 -8.75 9.95 -3.02
CA ILE A 82 -10.18 10.10 -2.78
C ILE A 82 -10.70 11.31 -3.54
N GLU A 83 -11.87 11.14 -4.16
CA GLU A 83 -12.32 12.04 -5.19
C GLU A 83 -13.84 12.03 -5.33
N HIS A 84 -14.50 12.92 -4.59
CA HIS A 84 -15.85 13.42 -4.88
C HIS A 84 -16.21 14.69 -4.11
N LEU A 85 -15.46 15.04 -3.06
CA LEU A 85 -15.89 16.07 -2.12
C LEU A 85 -16.10 17.41 -2.81
N LYS A 86 -17.15 18.12 -2.36
CA LYS A 86 -17.60 19.39 -2.91
C LYS A 86 -16.47 20.45 -2.88
N SER A 87 -15.52 20.24 -1.98
CA SER A 87 -14.43 21.15 -1.70
C SER A 87 -13.28 20.62 -2.54
N PRO A 88 -12.84 21.30 -3.61
CA PRO A 88 -11.78 20.78 -4.46
C PRO A 88 -10.60 20.34 -3.61
N GLU A 89 -10.18 21.19 -2.67
CA GLU A 89 -9.07 20.98 -1.77
C GLU A 89 -9.19 19.69 -0.96
N LEU A 90 -10.42 19.22 -0.72
CA LEU A 90 -10.67 18.01 0.07
C LEU A 90 -10.52 16.73 -0.74
N ASN A 91 -10.39 16.79 -2.06
CA ASN A 91 -10.21 15.60 -2.87
C ASN A 91 -8.78 15.10 -2.68
N VAL A 92 -8.53 14.54 -1.49
CA VAL A 92 -7.22 14.16 -0.99
C VAL A 92 -6.60 13.12 -1.91
N ASP A 93 -5.49 13.50 -2.54
CA ASP A 93 -4.60 12.50 -3.09
C ASP A 93 -3.68 12.03 -1.96
N LEU A 94 -2.98 10.93 -2.18
CA LEU A 94 -1.92 10.43 -1.32
C LEU A 94 -0.77 9.89 -2.17
N ALA A 95 0.45 10.31 -1.83
CA ALA A 95 1.65 10.01 -2.59
C ALA A 95 2.12 8.58 -2.31
N ALA A 96 3.17 8.15 -3.00
CA ALA A 96 3.61 6.76 -2.95
C ALA A 96 4.35 6.52 -1.62
N ALA A 97 3.92 5.51 -0.88
CA ALA A 97 4.46 5.12 0.42
C ALA A 97 4.30 3.62 0.58
N ASP A 98 5.43 2.93 0.66
CA ASP A 98 5.51 1.49 0.74
C ASP A 98 5.39 1.03 2.19
N ILE A 99 5.37 -0.28 2.42
CA ILE A 99 5.20 -0.91 3.71
C ILE A 99 6.44 -1.68 4.16
N LYS A 100 7.34 -2.07 3.24
CA LYS A 100 8.42 -3.06 3.44
C LYS A 100 8.57 -3.65 4.86
N PRO A 101 9.09 -2.91 5.86
CA PRO A 101 9.12 -3.38 7.25
C PRO A 101 7.69 -3.47 7.81
N ASP A 102 6.99 -4.57 7.48
CA ASP A 102 5.64 -4.86 7.94
C ASP A 102 5.65 -5.39 9.38
N GLY A 103 4.68 -6.26 9.72
CA GLY A 103 4.64 -6.91 11.02
C GLY A 103 3.86 -8.21 11.01
N LYS A 104 4.01 -9.04 9.97
CA LYS A 104 3.58 -10.44 9.84
C LYS A 104 2.74 -10.61 8.56
N ARG A 105 3.40 -10.94 7.45
CA ARG A 105 2.75 -11.13 6.15
C ARG A 105 1.83 -9.95 5.81
N HIS A 106 2.37 -8.73 5.92
CA HIS A 106 1.69 -7.50 5.57
C HIS A 106 0.61 -7.17 6.59
N ALA A 107 1.03 -6.58 7.70
CA ALA A 107 0.13 -6.00 8.67
C ALA A 107 -0.62 -4.82 8.04
N VAL A 108 0.08 -3.70 7.80
CA VAL A 108 -0.51 -2.49 7.28
C VAL A 108 0.49 -1.71 6.44
N ILE A 109 -0.05 -0.78 5.65
CA ILE A 109 0.68 0.30 5.00
C ILE A 109 0.94 1.38 6.06
N SER A 110 1.87 2.29 5.79
CA SER A 110 2.09 3.50 6.59
C SER A 110 2.26 4.65 5.61
N GLY A 111 1.14 5.15 5.07
CA GLY A 111 1.13 6.22 4.08
C GLY A 111 0.73 7.56 4.70
N SER A 112 0.79 8.63 3.91
CA SER A 112 0.34 9.96 4.32
C SER A 112 -0.16 10.72 3.09
N VAL A 113 -0.99 11.73 3.32
CA VAL A 113 -1.96 12.21 2.34
C VAL A 113 -1.88 13.73 2.16
N LEU A 114 -2.25 14.20 0.97
CA LEU A 114 -2.20 15.61 0.64
C LEU A 114 -3.41 16.31 1.26
N TYR A 115 -3.14 16.96 2.38
CA TYR A 115 -4.03 17.87 3.07
C TYR A 115 -4.00 19.14 2.25
N ASN A 116 -4.84 19.16 1.21
CA ASN A 116 -5.07 20.30 0.33
C ASN A 116 -3.82 20.55 -0.50
N GLN A 117 -2.83 21.20 0.10
CA GLN A 117 -1.56 21.59 -0.48
C GLN A 117 -0.48 21.53 0.63
N ALA A 118 -0.64 20.60 1.57
CA ALA A 118 0.19 20.37 2.74
C ALA A 118 0.01 18.89 3.12
N GLU A 119 0.71 18.40 4.15
CA GLU A 119 0.59 17.01 4.58
C GLU A 119 0.39 16.93 6.09
N LYS A 120 -0.86 16.75 6.54
CA LYS A 120 -1.21 16.18 7.80
C LYS A 120 -2.53 15.41 7.64
N GLY A 121 -2.43 14.35 6.85
CA GLY A 121 -3.18 13.15 7.12
C GLY A 121 -2.23 11.99 6.95
N SER A 122 -2.36 10.97 7.80
CA SER A 122 -1.50 9.81 7.89
C SER A 122 -2.42 8.60 7.93
N TYR A 123 -2.20 7.61 7.06
CA TYR A 123 -3.10 6.49 6.90
C TYR A 123 -2.36 5.15 6.94
N SER A 124 -3.05 4.11 7.39
CA SER A 124 -2.49 2.79 7.52
C SER A 124 -3.58 1.78 7.18
N LEU A 125 -3.35 0.99 6.13
CA LEU A 125 -4.34 0.11 5.53
C LEU A 125 -3.74 -1.28 5.34
N GLY A 126 -4.49 -2.32 5.70
CA GLY A 126 -4.07 -3.72 5.73
C GLY A 126 -4.98 -4.55 4.84
N ILE A 127 -4.44 -5.64 4.28
CA ILE A 127 -5.10 -6.41 3.23
C ILE A 127 -5.44 -7.82 3.73
N PHE A 128 -6.52 -8.38 3.21
CA PHE A 128 -6.81 -9.78 3.41
C PHE A 128 -5.81 -10.58 2.56
N GLY A 129 -4.71 -11.01 3.18
CA GLY A 129 -3.66 -11.80 2.55
C GLY A 129 -4.09 -13.25 2.25
N GLY A 130 -5.21 -13.41 1.53
CA GLY A 130 -5.53 -14.61 0.79
C GLY A 130 -5.01 -14.39 -0.64
N LYS A 131 -5.39 -13.25 -1.24
CA LYS A 131 -4.76 -12.76 -2.46
C LYS A 131 -5.01 -11.26 -2.68
N ALA A 132 -5.21 -10.48 -1.61
CA ALA A 132 -5.66 -9.08 -1.67
C ALA A 132 -7.09 -9.03 -2.23
N GLN A 133 -8.06 -9.06 -1.33
CA GLN A 133 -9.43 -9.45 -1.64
C GLN A 133 -10.31 -8.32 -1.16
N GLU A 134 -10.24 -8.10 0.16
CA GLU A 134 -10.82 -6.97 0.86
C GLU A 134 -9.71 -6.43 1.74
N VAL A 135 -9.85 -5.18 2.19
CA VAL A 135 -8.82 -4.46 2.92
C VAL A 135 -9.51 -3.62 3.99
N ALA A 136 -8.81 -3.35 5.10
CA ALA A 136 -9.34 -2.66 6.25
C ALA A 136 -8.22 -1.80 6.87
N GLY A 137 -8.52 -0.54 7.20
CA GLY A 137 -7.52 0.44 7.64
C GLY A 137 -8.14 1.58 8.41
N SER A 138 -7.27 2.48 8.89
CA SER A 138 -7.66 3.75 9.46
C SER A 138 -6.81 4.86 8.82
N ALA A 139 -7.42 6.03 8.60
CA ALA A 139 -6.70 7.26 8.33
C ALA A 139 -6.99 8.30 9.40
N GLU A 140 -5.97 9.08 9.75
CA GLU A 140 -6.13 10.40 10.34
C GLU A 140 -5.98 11.40 9.20
N VAL A 141 -6.92 12.33 9.01
CA VAL A 141 -6.79 13.44 8.08
C VAL A 141 -7.44 14.68 8.70
N LYS A 142 -6.67 15.74 8.99
CA LYS A 142 -7.29 17.02 9.32
C LYS A 142 -7.10 17.95 8.13
N THR A 143 -8.16 18.62 7.69
CA THR A 143 -8.02 19.76 6.80
C THR A 143 -8.93 20.88 7.27
N VAL A 144 -8.89 22.03 6.59
CA VAL A 144 -9.79 23.15 6.78
C VAL A 144 -11.25 22.67 6.86
N ASN A 145 -11.60 21.61 6.13
CA ASN A 145 -12.87 20.92 6.31
C ASN A 145 -12.69 19.42 6.11
N GLY A 146 -11.79 18.82 6.90
CA GLY A 146 -11.46 17.40 6.82
C GLY A 146 -11.66 16.74 8.18
N ILE A 147 -12.37 15.62 8.17
CA ILE A 147 -12.76 14.86 9.35
C ILE A 147 -11.58 14.03 9.83
N ARG A 148 -11.20 14.21 11.10
CA ARG A 148 -10.00 13.60 11.67
C ARG A 148 -9.97 12.10 11.37
N HIS A 149 -10.83 11.34 12.04
CA HIS A 149 -10.86 9.90 11.88
C HIS A 149 -11.52 9.59 10.55
N ILE A 150 -10.93 8.70 9.76
CA ILE A 150 -11.57 8.17 8.56
C ILE A 150 -11.36 6.65 8.59
N GLY A 151 -12.46 5.89 8.64
CA GLY A 151 -12.44 4.45 8.62
C GLY A 151 -12.26 3.98 7.18
N LEU A 152 -11.28 3.14 6.93
CA LEU A 152 -10.88 2.74 5.59
C LEU A 152 -11.30 1.30 5.38
N ALA A 153 -12.08 1.00 4.33
CA ALA A 153 -12.42 -0.36 3.97
C ALA A 153 -12.60 -0.46 2.46
N ALA A 154 -12.03 -1.48 1.81
CA ALA A 154 -12.25 -1.71 0.38
C ALA A 154 -12.48 -3.19 0.12
N LYS A 155 -13.02 -3.46 -1.08
CA LYS A 155 -13.01 -4.77 -1.67
C LYS A 155 -13.12 -4.58 -3.18
N GLN A 156 -12.66 -5.54 -3.96
CA GLN A 156 -13.15 -5.64 -5.32
C GLN A 156 -14.63 -6.03 -5.24
N MET A 1 -6.10 14.11 -6.77
CA MET A 1 -5.34 14.64 -7.89
C MET A 1 -5.29 13.55 -8.97
N GLN A 2 -5.15 13.93 -10.24
CA GLN A 2 -4.95 13.01 -11.36
C GLN A 2 -3.58 12.33 -11.30
N SER A 3 -3.34 11.55 -10.24
CA SER A 3 -2.06 10.94 -9.92
C SER A 3 -2.06 9.50 -10.43
N HIS A 4 -1.42 9.25 -11.58
CA HIS A 4 -1.11 7.91 -12.05
C HIS A 4 0.18 7.44 -11.35
N SER A 5 0.40 6.12 -11.29
CA SER A 5 1.68 5.60 -10.82
C SER A 5 2.77 5.90 -11.85
N ALA A 6 4.00 5.48 -11.55
CA ALA A 6 5.08 5.44 -12.51
C ALA A 6 5.08 4.02 -13.11
N LEU A 7 6.26 3.40 -13.23
CA LEU A 7 6.36 1.96 -13.25
C LEU A 7 6.56 1.50 -11.80
N THR A 8 6.42 0.20 -11.54
CA THR A 8 6.77 -0.36 -10.25
C THR A 8 8.22 0.01 -9.88
N ALA A 9 8.50 0.12 -8.58
CA ALA A 9 9.84 0.40 -8.05
C ALA A 9 10.86 -0.57 -8.67
N PHE A 10 10.50 -1.86 -8.72
CA PHE A 10 11.23 -2.87 -9.47
C PHE A 10 10.32 -4.09 -9.58
N GLN A 11 10.83 -5.18 -10.18
CA GLN A 11 10.27 -6.51 -10.07
C GLN A 11 10.81 -7.16 -8.78
N THR A 12 10.34 -8.37 -8.42
CA THR A 12 10.74 -9.03 -7.17
C THR A 12 10.29 -8.15 -5.99
N GLU A 13 10.72 -8.43 -4.75
CA GLU A 13 10.30 -7.57 -3.63
C GLU A 13 10.82 -6.13 -3.82
N GLN A 14 12.08 -5.86 -3.43
CA GLN A 14 12.76 -4.58 -3.62
C GLN A 14 14.28 -4.80 -3.67
N ILE A 15 15.03 -3.75 -4.01
CA ILE A 15 16.47 -3.68 -3.98
C ILE A 15 17.01 -3.88 -2.56
N GLN A 16 18.30 -4.23 -2.42
CA GLN A 16 18.98 -4.55 -1.15
C GLN A 16 18.46 -5.89 -0.65
N ASP A 17 17.21 -5.88 -0.22
CA ASP A 17 16.48 -7.04 0.24
C ASP A 17 16.34 -8.06 -0.90
N SER A 18 16.70 -7.64 -2.13
CA SER A 18 17.01 -8.38 -3.36
C SER A 18 17.57 -9.80 -3.16
N GLU A 19 18.22 -10.07 -2.02
CA GLU A 19 18.58 -11.39 -1.57
C GLU A 19 17.32 -12.17 -1.15
N HIS A 20 16.91 -12.03 0.11
CA HIS A 20 15.79 -12.76 0.70
C HIS A 20 14.45 -12.51 -0.03
N SER A 21 14.36 -11.43 -0.81
CA SER A 21 13.25 -11.09 -1.67
C SER A 21 12.88 -12.18 -2.68
N GLY A 22 13.72 -13.22 -2.79
CA GLY A 22 13.29 -14.49 -3.37
C GLY A 22 11.95 -15.00 -2.82
N LYS A 23 11.40 -14.36 -1.78
CA LYS A 23 9.95 -14.30 -1.55
C LYS A 23 9.15 -14.46 -2.85
N MET A 24 9.36 -13.53 -3.79
CA MET A 24 8.78 -13.54 -5.13
C MET A 24 7.25 -13.47 -5.13
N VAL A 25 6.61 -14.57 -4.73
CA VAL A 25 5.19 -14.81 -4.90
C VAL A 25 4.64 -15.81 -3.87
N ALA A 26 5.42 -16.83 -3.50
CA ALA A 26 4.96 -17.88 -2.60
C ALA A 26 6.17 -18.61 -2.02
N LYS A 27 6.48 -18.36 -0.74
CA LYS A 27 7.51 -19.11 -0.01
C LYS A 27 7.17 -19.36 1.46
N ARG A 28 6.46 -18.44 2.14
CA ARG A 28 5.96 -18.61 3.51
C ARG A 28 7.08 -18.73 4.55
N GLN A 29 7.62 -17.58 4.98
CA GLN A 29 8.44 -17.49 6.19
C GLN A 29 7.84 -16.41 7.08
N PHE A 30 8.30 -16.35 8.33
CA PHE A 30 8.07 -15.22 9.21
C PHE A 30 8.61 -13.94 8.58
N ARG A 31 9.88 -14.08 8.19
CA ARG A 31 10.84 -13.08 7.78
C ARG A 31 12.20 -13.70 8.08
N ILE A 32 13.03 -13.95 7.06
CA ILE A 32 14.30 -14.63 7.27
C ILE A 32 15.28 -13.61 7.87
N GLY A 33 15.69 -12.68 7.02
CA GLY A 33 16.68 -11.66 7.29
C GLY A 33 16.09 -10.35 6.80
N ASP A 34 16.55 -9.90 5.64
CA ASP A 34 15.94 -8.88 4.81
C ASP A 34 14.53 -9.33 4.41
N ILE A 35 13.68 -8.38 4.04
CA ILE A 35 12.29 -8.56 3.64
C ILE A 35 11.83 -7.23 3.03
N ALA A 36 11.13 -7.23 1.89
CA ALA A 36 10.62 -5.98 1.36
C ALA A 36 9.26 -6.11 0.67
N GLY A 37 8.48 -7.10 1.11
CA GLY A 37 7.16 -7.35 0.57
C GLY A 37 6.37 -8.31 1.47
N GLU A 38 6.94 -9.49 1.72
CA GLU A 38 6.36 -10.61 2.46
C GLU A 38 4.92 -10.87 2.05
N HIS A 39 3.93 -10.24 2.68
CA HIS A 39 2.56 -10.35 2.21
C HIS A 39 2.41 -9.97 0.74
N THR A 40 3.00 -8.84 0.32
CA THR A 40 2.62 -8.29 -0.98
C THR A 40 2.94 -9.31 -2.07
N SER A 41 4.06 -10.00 -1.90
CA SER A 41 4.38 -11.16 -2.68
C SER A 41 3.43 -12.32 -2.30
N PHE A 42 3.56 -12.83 -1.07
CA PHE A 42 2.93 -14.05 -0.55
C PHE A 42 1.42 -14.17 -0.79
N ASP A 43 0.64 -13.08 -0.71
CA ASP A 43 -0.79 -13.10 -1.04
C ASP A 43 -1.02 -13.77 -2.40
N LYS A 44 -0.01 -13.71 -3.29
CA LYS A 44 0.18 -14.41 -4.55
C LYS A 44 -0.18 -13.43 -5.64
N LEU A 45 0.51 -12.29 -5.56
CA LEU A 45 0.21 -11.11 -6.36
C LEU A 45 1.30 -10.95 -7.43
N PRO A 46 1.00 -10.27 -8.55
CA PRO A 46 1.94 -10.00 -9.63
C PRO A 46 3.17 -9.21 -9.17
N GLU A 47 4.08 -8.97 -10.12
CA GLU A 47 5.25 -8.13 -9.90
C GLU A 47 4.84 -6.70 -9.51
N GLY A 48 3.90 -6.09 -10.23
CA GLY A 48 3.59 -4.69 -10.05
C GLY A 48 2.25 -4.31 -10.68
N GLY A 49 1.94 -3.01 -10.65
CA GLY A 49 0.87 -2.40 -11.40
C GLY A 49 -0.29 -1.88 -10.53
N ARG A 50 -1.24 -2.75 -10.17
CA ARG A 50 -2.51 -2.35 -9.56
C ARG A 50 -3.11 -3.47 -8.72
N ALA A 51 -3.34 -3.22 -7.43
CA ALA A 51 -4.30 -4.00 -6.65
C ALA A 51 -5.71 -3.52 -6.98
N THR A 52 -6.70 -4.21 -6.42
CA THR A 52 -8.08 -4.09 -6.85
C THR A 52 -8.95 -3.59 -5.68
N TYR A 53 -8.61 -2.44 -5.13
CA TYR A 53 -9.35 -1.87 -4.00
C TYR A 53 -10.60 -1.16 -4.49
N ARG A 54 -11.74 -1.85 -4.51
CA ARG A 54 -13.01 -1.15 -4.45
C ARG A 54 -13.29 -0.92 -2.97
N GLY A 55 -13.16 0.33 -2.51
CA GLY A 55 -13.25 0.61 -1.10
C GLY A 55 -13.62 2.06 -0.82
N THR A 56 -13.94 2.33 0.44
CA THR A 56 -14.33 3.63 0.95
C THR A 56 -13.36 4.05 2.04
N ALA A 57 -13.06 5.34 2.07
CA ALA A 57 -12.45 6.07 3.15
C ALA A 57 -13.55 7.04 3.62
N PHE A 58 -14.54 6.51 4.35
CA PHE A 58 -15.68 7.28 4.81
C PHE A 58 -15.30 8.07 6.05
N GLY A 59 -15.83 9.27 6.15
CA GLY A 59 -15.37 10.24 7.13
C GLY A 59 -15.92 9.91 8.51
N SER A 60 -15.30 10.48 9.54
CA SER A 60 -15.83 10.42 10.91
C SER A 60 -17.28 10.92 10.97
N ASP A 61 -17.65 11.79 10.02
CA ASP A 61 -18.98 12.36 9.87
C ASP A 61 -19.53 12.04 8.47
N ASP A 62 -19.05 10.95 7.84
CA ASP A 62 -18.97 10.79 6.41
C ASP A 62 -19.12 12.02 5.52
N ALA A 63 -18.07 12.84 5.54
CA ALA A 63 -17.68 13.60 4.37
C ALA A 63 -16.34 13.02 3.89
N GLY A 64 -16.32 11.71 3.66
CA GLY A 64 -15.21 10.92 3.18
C GLY A 64 -15.52 10.46 1.75
N GLY A 65 -14.62 9.70 1.12
CA GLY A 65 -14.71 9.40 -0.30
C GLY A 65 -14.07 8.05 -0.65
N LYS A 66 -14.10 7.71 -1.94
CA LYS A 66 -13.80 6.38 -2.46
C LYS A 66 -12.28 6.14 -2.48
N LEU A 67 -11.81 5.00 -1.96
CA LEU A 67 -10.40 4.64 -2.07
C LEU A 67 -10.14 4.06 -3.46
N THR A 68 -9.86 4.91 -4.44
CA THR A 68 -9.70 4.47 -5.82
C THR A 68 -8.31 3.85 -6.03
N TYR A 69 -8.27 2.60 -6.52
CA TYR A 69 -7.19 1.67 -6.25
C TYR A 69 -5.93 2.00 -7.03
N THR A 70 -4.79 2.05 -6.33
CA THR A 70 -3.49 2.30 -6.94
C THR A 70 -2.36 1.73 -6.05
N ILE A 71 -1.86 0.52 -6.33
CA ILE A 71 -0.70 -0.06 -5.63
C ILE A 71 0.13 -0.88 -6.61
N ASP A 72 1.46 -0.78 -6.58
CA ASP A 72 2.38 -1.58 -7.38
C ASP A 72 3.05 -2.65 -6.52
N PHE A 73 2.57 -3.90 -6.64
CA PHE A 73 2.83 -5.05 -5.78
C PHE A 73 4.22 -5.11 -5.17
N ALA A 74 5.27 -5.15 -6.01
CA ALA A 74 6.66 -5.38 -5.66
C ALA A 74 6.98 -4.80 -4.28
N ALA A 75 6.72 -3.51 -4.16
CA ALA A 75 6.94 -2.74 -2.94
C ALA A 75 5.60 -2.38 -2.27
N LYS A 76 4.50 -2.47 -3.03
CA LYS A 76 3.16 -2.11 -2.66
C LYS A 76 3.05 -0.73 -2.04
N GLN A 77 2.90 0.20 -2.97
CA GLN A 77 2.73 1.58 -2.61
C GLN A 77 1.24 1.78 -2.35
N GLY A 78 0.75 1.06 -1.34
CA GLY A 78 -0.66 0.88 -1.06
C GLY A 78 -1.35 2.21 -0.80
N ASN A 79 -1.93 2.80 -1.84
CA ASN A 79 -2.59 4.09 -1.79
C ASN A 79 -3.87 3.97 -2.60
N GLY A 80 -4.72 4.99 -2.49
CA GLY A 80 -5.76 5.23 -3.46
C GLY A 80 -6.12 6.70 -3.36
N LYS A 81 -6.29 7.38 -4.50
CA LYS A 81 -6.67 8.78 -4.46
C LYS A 81 -8.16 8.85 -4.16
N ILE A 82 -8.53 9.65 -3.16
CA ILE A 82 -9.91 9.78 -2.71
C ILE A 82 -10.47 11.05 -3.31
N GLU A 83 -11.20 10.86 -4.42
CA GLU A 83 -11.49 11.89 -5.39
C GLU A 83 -12.93 11.75 -5.89
N HIS A 84 -13.81 12.62 -5.37
CA HIS A 84 -15.08 13.02 -5.96
C HIS A 84 -15.68 14.33 -5.39
N LEU A 85 -15.14 14.89 -4.30
CA LEU A 85 -15.87 15.82 -3.47
C LEU A 85 -15.98 17.17 -4.16
N LYS A 86 -17.15 17.80 -4.03
CA LYS A 86 -17.56 18.98 -4.78
C LYS A 86 -16.64 20.18 -4.57
N SER A 87 -15.91 20.20 -3.45
CA SER A 87 -14.95 21.25 -3.13
C SER A 87 -13.56 20.66 -3.35
N PRO A 88 -12.72 21.19 -4.26
CA PRO A 88 -11.45 20.58 -4.62
C PRO A 88 -10.64 20.14 -3.40
N GLU A 89 -10.48 21.03 -2.41
CA GLU A 89 -9.72 20.80 -1.19
C GLU A 89 -10.09 19.48 -0.51
N LEU A 90 -11.37 19.12 -0.56
CA LEU A 90 -11.92 17.98 0.15
C LEU A 90 -11.46 16.66 -0.49
N ASN A 91 -10.96 16.70 -1.74
CA ASN A 91 -10.42 15.52 -2.37
C ASN A 91 -9.04 15.31 -1.79
N VAL A 92 -8.75 14.09 -1.36
CA VAL A 92 -7.51 13.77 -0.66
C VAL A 92 -6.68 12.84 -1.53
N ASP A 93 -5.36 13.06 -1.51
CA ASP A 93 -4.41 12.18 -2.16
C ASP A 93 -3.44 11.70 -1.08
N LEU A 94 -2.96 10.47 -1.23
CA LEU A 94 -2.12 9.80 -0.24
C LEU A 94 -0.68 9.71 -0.78
N ALA A 95 0.29 9.54 0.11
CA ALA A 95 1.70 9.39 -0.25
C ALA A 95 2.04 7.92 -0.47
N ALA A 96 2.69 7.63 -1.61
CA ALA A 96 2.98 6.30 -2.13
C ALA A 96 4.16 5.66 -1.38
N ALA A 97 3.91 5.42 -0.10
CA ALA A 97 4.80 4.74 0.84
C ALA A 97 4.63 3.23 0.69
N ASP A 98 5.73 2.47 0.83
CA ASP A 98 5.81 1.05 0.56
C ASP A 98 5.64 0.21 1.83
N ILE A 99 5.61 -1.12 1.68
CA ILE A 99 5.48 -2.08 2.76
C ILE A 99 6.74 -2.95 2.81
N LYS A 100 7.73 -2.50 3.58
CA LYS A 100 9.01 -3.16 3.77
C LYS A 100 9.22 -3.62 5.21
N PRO A 101 8.87 -2.83 6.26
CA PRO A 101 9.02 -3.28 7.64
C PRO A 101 8.02 -4.38 8.04
N ASP A 102 8.27 -4.95 9.24
CA ASP A 102 7.32 -5.77 9.99
C ASP A 102 7.06 -7.13 9.33
N GLY A 103 6.09 -7.91 9.84
CA GLY A 103 5.81 -9.27 9.40
C GLY A 103 5.06 -10.06 10.48
N LYS A 104 3.77 -9.77 10.66
CA LYS A 104 2.92 -10.35 11.70
C LYS A 104 1.68 -11.03 11.11
N ARG A 105 1.08 -10.39 10.11
CA ARG A 105 -0.04 -10.87 9.31
C ARG A 105 -0.34 -9.78 8.32
N HIS A 106 0.27 -9.91 7.15
CA HIS A 106 0.27 -8.97 6.06
C HIS A 106 1.04 -7.69 6.35
N ALA A 107 0.82 -7.07 7.50
CA ALA A 107 1.47 -5.83 7.93
C ALA A 107 0.99 -4.63 7.11
N VAL A 108 1.57 -3.45 7.38
CA VAL A 108 0.99 -2.16 7.03
C VAL A 108 2.01 -1.16 6.52
N ILE A 109 1.48 -0.12 5.89
CA ILE A 109 2.16 1.06 5.39
C ILE A 109 1.99 2.20 6.40
N SER A 110 2.64 3.34 6.18
CA SER A 110 2.57 4.51 7.05
C SER A 110 2.81 5.78 6.21
N GLY A 111 1.93 6.07 5.25
CA GLY A 111 2.10 7.21 4.36
C GLY A 111 1.51 8.50 4.96
N SER A 112 1.95 9.66 4.45
CA SER A 112 1.31 10.95 4.70
C SER A 112 0.17 11.15 3.68
N VAL A 113 -0.72 12.13 3.89
CA VAL A 113 -1.80 12.44 2.95
C VAL A 113 -2.06 13.94 2.92
N LEU A 114 -2.69 14.42 1.83
CA LEU A 114 -2.94 15.83 1.60
C LEU A 114 -4.37 16.15 1.15
N TYR A 115 -4.92 17.25 1.69
CA TYR A 115 -6.23 17.80 1.35
C TYR A 115 -6.10 18.57 0.03
N ASN A 116 -5.67 17.87 -1.03
CA ASN A 116 -5.31 18.41 -2.35
C ASN A 116 -4.10 19.37 -2.33
N GLN A 117 -3.86 20.09 -1.22
CA GLN A 117 -2.76 21.01 -0.99
C GLN A 117 -2.14 20.70 0.38
N ALA A 118 -2.95 20.78 1.44
CA ALA A 118 -2.46 20.75 2.82
C ALA A 118 -2.14 19.32 3.26
N GLU A 119 -0.85 18.97 3.35
CA GLU A 119 -0.41 17.65 3.76
C GLU A 119 -0.47 17.50 5.29
N LYS A 120 -1.66 17.68 5.89
CA LYS A 120 -1.87 17.53 7.33
C LYS A 120 -2.73 16.31 7.58
N GLY A 121 -2.17 15.18 7.17
CA GLY A 121 -2.71 13.88 7.52
C GLY A 121 -1.69 12.76 7.40
N SER A 122 -1.92 11.69 8.15
CA SER A 122 -1.21 10.42 8.10
C SER A 122 -2.19 9.32 7.70
N TYR A 123 -1.68 8.18 7.24
CA TYR A 123 -2.49 7.06 6.81
C TYR A 123 -1.67 5.78 6.92
N SER A 124 -2.32 4.69 7.33
CA SER A 124 -1.70 3.39 7.50
C SER A 124 -2.64 2.40 6.84
N LEU A 125 -2.09 1.53 6.00
CA LEU A 125 -2.88 0.63 5.17
C LEU A 125 -2.16 -0.71 4.99
N GLY A 126 -2.90 -1.79 5.09
CA GLY A 126 -2.46 -3.17 4.94
C GLY A 126 -3.52 -3.95 4.17
N ILE A 127 -3.15 -5.14 3.67
CA ILE A 127 -4.08 -6.05 2.98
C ILE A 127 -4.39 -7.22 3.91
N PHE A 128 -5.42 -8.01 3.60
CA PHE A 128 -5.67 -9.25 4.31
C PHE A 128 -6.17 -10.38 3.39
N GLY A 129 -5.84 -11.61 3.81
CA GLY A 129 -6.65 -12.79 3.49
C GLY A 129 -5.97 -13.82 2.60
N GLY A 130 -4.80 -13.51 2.03
CA GLY A 130 -4.00 -14.50 1.31
C GLY A 130 -4.41 -14.55 -0.17
N LYS A 131 -4.75 -13.39 -0.69
CA LYS A 131 -5.06 -13.01 -2.07
C LYS A 131 -5.77 -11.64 -2.09
N ALA A 132 -5.28 -10.65 -1.32
CA ALA A 132 -5.73 -9.27 -1.34
C ALA A 132 -7.25 -9.12 -1.37
N GLN A 133 -7.93 -9.48 -0.27
CA GLN A 133 -9.39 -9.61 -0.26
C GLN A 133 -10.05 -8.39 0.37
N GLU A 134 -9.57 -7.99 1.54
CA GLU A 134 -9.97 -6.74 2.16
C GLU A 134 -8.71 -6.02 2.59
N VAL A 135 -8.74 -4.68 2.56
CA VAL A 135 -7.69 -3.87 3.14
C VAL A 135 -8.07 -3.54 4.58
N ALA A 136 -7.07 -3.47 5.45
CA ALA A 136 -7.20 -3.02 6.83
C ALA A 136 -6.34 -1.77 6.93
N GLY A 137 -6.93 -0.61 7.23
CA GLY A 137 -6.20 0.63 7.32
C GLY A 137 -6.96 1.64 8.16
N SER A 138 -6.34 2.80 8.38
CA SER A 138 -7.04 4.02 8.76
C SER A 138 -6.30 5.15 8.08
N ALA A 139 -7.04 6.19 7.68
CA ALA A 139 -6.46 7.51 7.51
C ALA A 139 -6.66 8.24 8.83
N GLU A 140 -5.84 9.27 9.07
CA GLU A 140 -6.07 10.29 10.07
C GLU A 140 -5.61 11.63 9.50
N VAL A 141 -6.57 12.38 9.01
CA VAL A 141 -6.38 13.68 8.38
C VAL A 141 -6.96 14.76 9.30
N LYS A 142 -6.42 15.98 9.24
CA LYS A 142 -7.01 17.10 9.94
C LYS A 142 -6.90 18.34 9.08
N THR A 143 -7.99 19.11 9.03
CA THR A 143 -8.03 20.40 8.36
C THR A 143 -9.16 21.16 9.03
N VAL A 144 -9.31 22.46 8.76
CA VAL A 144 -10.44 23.26 9.21
C VAL A 144 -11.77 22.51 8.98
N ASN A 145 -11.82 21.71 7.91
CA ASN A 145 -12.89 20.74 7.67
C ASN A 145 -12.26 19.44 7.19
N GLY A 146 -11.36 18.86 8.01
CA GLY A 146 -10.66 17.62 7.71
C GLY A 146 -10.95 16.59 8.79
N ILE A 147 -11.47 15.43 8.40
CA ILE A 147 -11.91 14.37 9.29
C ILE A 147 -10.77 13.42 9.63
N ARG A 148 -10.55 13.19 10.93
CA ARG A 148 -9.57 12.22 11.40
C ARG A 148 -10.08 10.80 11.23
N HIS A 149 -11.08 10.41 12.02
CA HIS A 149 -11.43 9.01 12.23
C HIS A 149 -12.15 8.44 11.01
N ILE A 150 -11.38 8.21 9.94
CA ILE A 150 -11.87 7.73 8.66
C ILE A 150 -12.02 6.21 8.71
N GLY A 151 -13.21 5.72 8.36
CA GLY A 151 -13.46 4.32 8.16
C GLY A 151 -12.94 3.92 6.79
N LEU A 152 -11.75 3.30 6.78
CA LEU A 152 -11.12 2.76 5.60
C LEU A 152 -11.51 1.29 5.47
N ALA A 153 -12.16 0.89 4.37
CA ALA A 153 -12.39 -0.51 4.06
C ALA A 153 -12.40 -0.71 2.55
N ALA A 154 -12.04 -1.91 2.08
CA ALA A 154 -12.16 -2.32 0.68
C ALA A 154 -12.72 -3.73 0.63
N LYS A 155 -13.52 -4.02 -0.39
CA LYS A 155 -13.99 -5.35 -0.75
C LYS A 155 -13.97 -5.40 -2.27
N GLN A 156 -13.18 -6.31 -2.83
CA GLN A 156 -12.68 -6.10 -4.17
C GLN A 156 -13.78 -6.23 -5.24
N MET A 1 51.57 -32.19 -13.59
CA MET A 1 50.33 -32.28 -12.80
C MET A 1 49.76 -30.88 -12.65
N GLN A 2 48.50 -30.75 -12.21
CA GLN A 2 47.84 -29.47 -11.95
C GLN A 2 46.64 -29.80 -11.06
N SER A 3 45.98 -28.78 -10.50
CA SER A 3 44.73 -28.92 -9.78
C SER A 3 43.95 -27.61 -9.93
N HIS A 4 42.66 -27.63 -9.63
CA HIS A 4 41.74 -26.49 -9.68
C HIS A 4 40.67 -26.75 -8.61
N SER A 5 39.82 -25.76 -8.35
CA SER A 5 38.74 -25.84 -7.38
C SER A 5 37.77 -24.69 -7.69
N ALA A 6 36.62 -24.65 -6.99
CA ALA A 6 35.61 -23.62 -7.14
C ALA A 6 34.74 -23.63 -5.89
N LEU A 7 33.84 -22.66 -5.76
CA LEU A 7 32.88 -22.52 -4.66
C LEU A 7 31.52 -22.15 -5.24
N THR A 8 30.49 -22.11 -4.38
CA THR A 8 29.10 -21.87 -4.77
C THR A 8 28.42 -21.06 -3.66
N ALA A 9 27.31 -20.39 -3.99
CA ALA A 9 26.46 -19.67 -3.04
C ALA A 9 25.04 -19.66 -3.62
N PHE A 10 24.05 -19.27 -2.82
CA PHE A 10 22.64 -19.20 -3.19
C PHE A 10 21.93 -18.33 -2.16
N GLN A 11 20.76 -17.78 -2.49
CA GLN A 11 19.94 -16.97 -1.60
C GLN A 11 18.51 -16.90 -2.14
N THR A 12 17.59 -16.33 -1.37
CA THR A 12 16.19 -16.13 -1.70
C THR A 12 15.78 -14.70 -1.31
N GLU A 13 14.48 -14.48 -1.10
CA GLU A 13 13.97 -13.22 -0.58
C GLU A 13 14.80 -12.84 0.66
N GLN A 14 15.25 -11.58 0.77
CA GLN A 14 16.13 -11.03 1.79
C GLN A 14 16.74 -9.70 1.32
N ILE A 15 17.81 -9.76 0.52
CA ILE A 15 18.63 -8.60 0.15
C ILE A 15 19.27 -8.87 -1.22
N GLN A 16 19.38 -7.84 -2.06
CA GLN A 16 20.01 -7.85 -3.38
C GLN A 16 19.08 -8.53 -4.37
N ASP A 17 19.49 -8.75 -5.62
CA ASP A 17 18.66 -9.32 -6.67
C ASP A 17 17.85 -10.53 -6.21
N SER A 18 18.44 -11.35 -5.33
CA SER A 18 17.78 -12.42 -4.61
C SER A 18 16.33 -12.10 -4.20
N GLU A 19 16.09 -10.88 -3.69
CA GLU A 19 14.78 -10.35 -3.35
C GLU A 19 13.73 -10.75 -4.40
N HIS A 20 13.77 -10.08 -5.54
CA HIS A 20 12.84 -10.36 -6.62
C HIS A 20 13.14 -11.71 -7.25
N SER A 21 14.41 -11.96 -7.58
CA SER A 21 14.79 -13.07 -8.44
C SER A 21 14.49 -14.42 -7.80
N GLY A 22 14.45 -14.48 -6.47
CA GLY A 22 13.95 -15.66 -5.77
C GLY A 22 12.46 -15.81 -6.02
N LYS A 23 11.65 -14.90 -5.48
CA LYS A 23 10.21 -15.06 -5.46
C LYS A 23 9.56 -14.91 -6.85
N MET A 24 9.84 -13.78 -7.52
CA MET A 24 9.33 -13.45 -8.84
C MET A 24 10.50 -13.50 -9.84
N VAL A 25 10.86 -14.74 -10.19
CA VAL A 25 11.94 -15.10 -11.11
C VAL A 25 11.99 -14.20 -12.35
N ALA A 26 13.22 -13.83 -12.73
CA ALA A 26 13.56 -13.00 -13.88
C ALA A 26 13.06 -11.57 -13.70
N LYS A 27 13.93 -10.66 -13.27
CA LYS A 27 13.56 -9.28 -13.00
C LYS A 27 13.20 -8.53 -14.29
N ARG A 28 11.99 -7.94 -14.38
CA ARG A 28 11.65 -6.98 -15.41
C ARG A 28 11.59 -5.59 -14.77
N GLN A 29 12.72 -5.18 -14.18
CA GLN A 29 12.93 -3.84 -13.62
C GLN A 29 11.79 -3.38 -12.71
N PHE A 30 11.27 -4.29 -11.88
CA PHE A 30 10.02 -4.08 -11.15
C PHE A 30 10.05 -2.82 -10.27
N ARG A 31 10.98 -2.78 -9.32
CA ARG A 31 11.12 -1.70 -8.34
C ARG A 31 12.50 -1.88 -7.70
N ILE A 32 13.53 -1.79 -8.53
CA ILE A 32 14.87 -2.25 -8.21
C ILE A 32 15.56 -1.28 -7.24
N GLY A 33 15.18 -1.32 -5.97
CA GLY A 33 15.78 -0.51 -4.93
C GLY A 33 15.27 -0.94 -3.56
N ASP A 34 15.92 -1.95 -2.97
CA ASP A 34 15.59 -2.50 -1.66
C ASP A 34 14.09 -2.85 -1.58
N ILE A 35 13.68 -3.87 -2.32
CA ILE A 35 12.33 -4.39 -2.22
C ILE A 35 12.24 -5.07 -0.85
N ALA A 36 12.84 -6.26 -0.71
CA ALA A 36 12.74 -7.15 0.45
C ALA A 36 11.34 -7.06 1.09
N GLY A 37 10.35 -7.73 0.47
CA GLY A 37 8.94 -7.46 0.70
C GLY A 37 8.15 -8.68 1.16
N GLU A 38 8.72 -9.45 2.11
CA GLU A 38 8.18 -10.63 2.77
C GLU A 38 6.66 -10.83 2.62
N HIS A 39 5.85 -10.49 3.63
CA HIS A 39 4.43 -10.85 3.60
C HIS A 39 3.74 -10.34 2.35
N THR A 40 4.03 -9.09 2.00
CA THR A 40 3.42 -8.36 0.91
C THR A 40 3.41 -9.22 -0.34
N SER A 41 4.61 -9.64 -0.74
CA SER A 41 4.77 -10.55 -1.86
C SER A 41 4.35 -12.00 -1.54
N PHE A 42 4.62 -12.46 -0.32
CA PHE A 42 4.63 -13.88 0.07
C PHE A 42 3.52 -14.71 -0.56
N ASP A 43 2.26 -14.42 -0.21
CA ASP A 43 1.13 -15.29 -0.50
C ASP A 43 1.10 -15.68 -1.98
N LYS A 44 1.18 -14.66 -2.82
CA LYS A 44 1.08 -14.69 -4.27
C LYS A 44 1.79 -13.45 -4.81
N LEU A 45 1.35 -12.26 -4.36
CA LEU A 45 1.45 -10.99 -5.07
C LEU A 45 2.75 -10.85 -5.91
N PRO A 46 2.67 -10.89 -7.25
CA PRO A 46 3.82 -10.88 -8.16
C PRO A 46 4.37 -9.47 -8.36
N GLU A 47 4.75 -9.08 -9.59
CA GLU A 47 5.14 -7.71 -9.91
C GLU A 47 3.93 -6.75 -9.87
N GLY A 48 2.78 -7.24 -10.35
CA GLY A 48 1.54 -6.49 -10.43
C GLY A 48 1.65 -5.26 -11.33
N GLY A 49 1.05 -4.16 -10.88
CA GLY A 49 0.91 -2.93 -11.63
C GLY A 49 -0.34 -2.16 -11.20
N ARG A 50 -1.43 -2.90 -10.94
CA ARG A 50 -2.62 -2.37 -10.30
C ARG A 50 -3.22 -3.48 -9.44
N ALA A 51 -4.13 -3.10 -8.54
CA ALA A 51 -4.77 -3.96 -7.56
C ALA A 51 -6.23 -4.16 -7.88
N THR A 52 -6.91 -4.93 -7.03
CA THR A 52 -8.36 -4.92 -6.94
C THR A 52 -8.73 -4.54 -5.50
N TYR A 53 -9.28 -3.33 -5.32
CA TYR A 53 -10.10 -2.98 -4.16
C TYR A 53 -11.02 -1.78 -4.44
N ARG A 54 -12.34 -1.96 -4.39
CA ARG A 54 -13.25 -0.83 -4.37
C ARG A 54 -13.28 -0.27 -2.96
N GLY A 55 -12.20 0.42 -2.58
CA GLY A 55 -12.02 0.94 -1.24
C GLY A 55 -12.90 2.16 -0.98
N THR A 56 -13.51 2.23 0.20
CA THR A 56 -14.34 3.32 0.66
C THR A 56 -13.66 3.93 1.89
N ALA A 57 -13.14 5.15 1.74
CA ALA A 57 -12.57 5.93 2.82
C ALA A 57 -13.63 6.92 3.27
N PHE A 58 -14.65 6.43 3.97
CA PHE A 58 -15.79 7.25 4.39
C PHE A 58 -15.38 8.06 5.61
N GLY A 59 -15.80 9.33 5.61
CA GLY A 59 -15.33 10.27 6.61
C GLY A 59 -16.06 10.02 7.94
N SER A 60 -15.53 10.58 9.03
CA SER A 60 -16.22 10.55 10.32
C SER A 60 -17.63 11.14 10.20
N ASP A 61 -17.80 12.09 9.28
CA ASP A 61 -19.05 12.77 8.96
C ASP A 61 -19.58 12.31 7.60
N ASP A 62 -19.09 11.17 7.08
CA ASP A 62 -18.92 10.94 5.67
C ASP A 62 -18.95 12.14 4.73
N ALA A 63 -17.88 12.93 4.83
CA ALA A 63 -17.37 13.68 3.70
C ALA A 63 -16.06 13.01 3.28
N GLY A 64 -16.14 11.72 3.00
CA GLY A 64 -15.03 10.85 2.68
C GLY A 64 -14.95 10.60 1.18
N GLY A 65 -13.97 9.78 0.76
CA GLY A 65 -13.69 9.53 -0.64
C GLY A 65 -13.60 8.04 -0.99
N LYS A 66 -13.42 7.79 -2.28
CA LYS A 66 -13.24 6.46 -2.84
C LYS A 66 -11.74 6.16 -2.84
N LEU A 67 -11.30 5.19 -2.05
CA LEU A 67 -9.92 4.76 -2.05
C LEU A 67 -9.74 3.84 -3.27
N THR A 68 -9.34 4.41 -4.41
CA THR A 68 -9.29 3.66 -5.66
C THR A 68 -8.06 2.76 -5.70
N TYR A 69 -8.22 1.60 -6.32
CA TYR A 69 -7.22 0.55 -6.34
C TYR A 69 -6.07 0.84 -7.27
N THR A 70 -4.87 0.96 -6.71
CA THR A 70 -3.66 1.16 -7.48
C THR A 70 -2.46 0.68 -6.66
N ILE A 71 -2.07 -0.60 -6.73
CA ILE A 71 -0.85 -1.08 -6.07
C ILE A 71 0.02 -1.89 -7.05
N ASP A 72 1.35 -1.78 -6.90
CA ASP A 72 2.33 -2.63 -7.55
C ASP A 72 2.62 -3.79 -6.61
N PHE A 73 2.40 -5.03 -7.03
CA PHE A 73 2.60 -6.16 -6.14
C PHE A 73 4.08 -6.39 -5.75
N ALA A 74 5.02 -5.58 -6.24
CA ALA A 74 6.43 -5.78 -5.94
C ALA A 74 6.68 -5.30 -4.52
N ALA A 75 6.09 -4.15 -4.18
CA ALA A 75 6.32 -3.47 -2.91
C ALA A 75 5.10 -2.69 -2.39
N LYS A 76 4.10 -2.45 -3.25
CA LYS A 76 2.71 -2.27 -2.84
C LYS A 76 2.46 -0.84 -2.42
N GLN A 77 2.39 0.04 -3.41
CA GLN A 77 2.12 1.47 -3.23
C GLN A 77 0.64 1.70 -2.93
N GLY A 78 0.10 0.97 -1.96
CA GLY A 78 -1.30 0.99 -1.60
C GLY A 78 -1.75 2.40 -1.25
N ASN A 79 -2.51 3.03 -2.13
CA ASN A 79 -2.96 4.40 -2.04
C ASN A 79 -4.32 4.43 -2.72
N GLY A 80 -5.13 5.45 -2.43
CA GLY A 80 -6.28 5.84 -3.22
C GLY A 80 -6.62 7.28 -2.90
N LYS A 81 -6.85 8.12 -3.90
CA LYS A 81 -7.12 9.53 -3.66
C LYS A 81 -8.59 9.78 -3.31
N ILE A 82 -8.85 10.56 -2.26
CA ILE A 82 -10.19 10.92 -1.81
C ILE A 82 -10.67 12.09 -2.68
N GLU A 83 -10.78 11.82 -3.97
CA GLU A 83 -11.22 12.77 -4.97
C GLU A 83 -12.71 12.51 -5.20
N HIS A 84 -13.56 13.28 -4.52
CA HIS A 84 -15.01 13.07 -4.52
C HIS A 84 -15.82 14.34 -4.21
N LEU A 85 -15.18 15.44 -3.77
CA LEU A 85 -15.80 16.36 -2.83
C LEU A 85 -16.11 17.70 -3.50
N LYS A 86 -17.28 18.24 -3.12
CA LYS A 86 -17.87 19.46 -3.63
C LYS A 86 -16.98 20.70 -3.44
N SER A 87 -16.03 20.63 -2.51
CA SER A 87 -15.11 21.72 -2.23
C SER A 87 -13.75 21.29 -2.78
N PRO A 88 -13.04 22.12 -3.57
CA PRO A 88 -11.87 21.68 -4.31
C PRO A 88 -10.80 21.10 -3.38
N GLU A 89 -10.39 21.86 -2.38
CA GLU A 89 -9.34 21.50 -1.44
C GLU A 89 -9.70 20.29 -0.58
N LEU A 90 -11.00 19.96 -0.45
CA LEU A 90 -11.41 18.74 0.22
C LEU A 90 -11.00 17.48 -0.56
N ASN A 91 -10.70 17.60 -1.86
CA ASN A 91 -10.28 16.46 -2.66
C ASN A 91 -8.87 16.05 -2.24
N VAL A 92 -8.80 15.33 -1.13
CA VAL A 92 -7.59 14.83 -0.53
C VAL A 92 -6.91 13.87 -1.50
N ASP A 93 -5.59 14.01 -1.64
CA ASP A 93 -4.77 13.00 -2.29
C ASP A 93 -3.82 12.39 -1.27
N LEU A 94 -3.31 11.21 -1.61
CA LEU A 94 -2.59 10.28 -0.78
C LEU A 94 -1.15 10.13 -1.33
N ALA A 95 -0.15 10.10 -0.44
CA ALA A 95 1.24 9.89 -0.81
C ALA A 95 1.54 8.40 -0.93
N ALA A 96 2.18 8.02 -2.04
CA ALA A 96 2.49 6.64 -2.36
C ALA A 96 3.66 6.17 -1.50
N ALA A 97 3.44 5.08 -0.75
CA ALA A 97 4.42 4.51 0.15
C ALA A 97 4.21 3.01 0.18
N ASP A 98 5.31 2.26 0.34
CA ASP A 98 5.34 0.81 0.29
C ASP A 98 4.88 0.23 1.63
N ILE A 99 4.72 -1.09 1.66
CA ILE A 99 4.55 -1.91 2.86
C ILE A 99 5.61 -2.99 2.70
N LYS A 100 6.78 -2.73 3.29
CA LYS A 100 7.98 -3.46 2.99
C LYS A 100 8.31 -4.45 4.12
N PRO A 101 8.59 -4.03 5.36
CA PRO A 101 8.93 -4.95 6.42
C PRO A 101 7.68 -5.53 7.08
N ASP A 102 7.81 -6.68 7.73
CA ASP A 102 6.92 -7.12 8.80
C ASP A 102 7.66 -8.16 9.64
N GLY A 103 6.89 -8.88 10.44
CA GLY A 103 7.26 -10.16 11.00
C GLY A 103 6.09 -10.63 11.85
N LYS A 104 4.90 -10.69 11.25
CA LYS A 104 3.65 -10.79 12.00
C LYS A 104 2.50 -11.24 11.10
N ARG A 105 2.78 -12.14 10.16
CA ARG A 105 1.90 -12.51 9.06
C ARG A 105 1.74 -11.36 8.06
N HIS A 106 1.49 -10.14 8.54
CA HIS A 106 1.45 -8.95 7.71
C HIS A 106 1.67 -7.68 8.53
N ALA A 107 2.05 -6.58 7.85
CA ALA A 107 2.10 -5.24 8.42
C ALA A 107 1.13 -4.31 7.69
N VAL A 108 1.50 -3.04 7.50
CA VAL A 108 0.71 -1.98 6.90
C VAL A 108 1.63 -1.04 6.16
N ILE A 109 1.03 -0.17 5.34
CA ILE A 109 1.65 1.02 4.80
C ILE A 109 1.63 2.09 5.90
N SER A 110 2.35 3.21 5.68
CA SER A 110 2.20 4.42 6.46
C SER A 110 2.50 5.59 5.52
N GLY A 111 1.51 6.03 4.73
CA GLY A 111 1.67 7.14 3.79
C GLY A 111 0.99 8.39 4.35
N SER A 112 1.55 9.57 4.05
CA SER A 112 0.96 10.85 4.41
C SER A 112 -0.15 11.18 3.41
N VAL A 113 -1.11 12.04 3.78
CA VAL A 113 -2.16 12.49 2.85
C VAL A 113 -2.28 14.00 3.00
N LEU A 114 -2.77 14.67 1.96
CA LEU A 114 -2.91 16.12 2.00
C LEU A 114 -4.31 16.57 1.61
N TYR A 115 -4.77 17.64 2.26
CA TYR A 115 -6.02 18.34 1.99
C TYR A 115 -5.76 19.19 0.75
N ASN A 116 -5.54 18.47 -0.36
CA ASN A 116 -5.20 18.91 -1.70
C ASN A 116 -3.89 19.70 -1.78
N GLN A 117 -3.76 20.78 -1.00
CA GLN A 117 -2.51 21.47 -0.73
C GLN A 117 -1.97 21.17 0.68
N ALA A 118 -2.84 21.16 1.70
CA ALA A 118 -2.38 21.20 3.09
C ALA A 118 -2.12 19.79 3.65
N GLU A 119 -0.85 19.40 3.80
CA GLU A 119 -0.49 18.07 4.25
C GLU A 119 -0.60 17.95 5.77
N LYS A 120 -1.83 17.80 6.27
CA LYS A 120 -2.10 17.39 7.65
C LYS A 120 -3.12 16.26 7.65
N GLY A 121 -2.65 15.12 7.15
CA GLY A 121 -3.26 13.83 7.38
C GLY A 121 -2.26 12.71 7.14
N SER A 122 -2.57 11.52 7.63
CA SER A 122 -1.78 10.32 7.46
C SER A 122 -2.69 9.10 7.40
N TYR A 123 -2.21 8.02 6.80
CA TYR A 123 -3.01 6.83 6.59
C TYR A 123 -2.10 5.60 6.67
N SER A 124 -2.61 4.51 7.26
CA SER A 124 -1.90 3.26 7.44
C SER A 124 -2.81 2.14 6.94
N LEU A 125 -2.38 1.43 5.88
CA LEU A 125 -3.25 0.58 5.10
C LEU A 125 -2.64 -0.81 4.87
N GLY A 126 -3.45 -1.83 5.13
CA GLY A 126 -3.12 -3.24 5.25
C GLY A 126 -3.20 -3.99 3.92
N ILE A 127 -2.93 -5.29 3.96
CA ILE A 127 -3.34 -6.20 2.90
C ILE A 127 -3.87 -7.48 3.55
N PHE A 128 -5.04 -7.97 3.14
CA PHE A 128 -5.51 -9.31 3.52
C PHE A 128 -4.67 -10.32 2.72
N GLY A 129 -3.47 -10.62 3.24
CA GLY A 129 -2.47 -11.46 2.59
C GLY A 129 -2.91 -12.91 2.47
N GLY A 130 -3.88 -13.16 1.60
CA GLY A 130 -4.29 -14.49 1.18
C GLY A 130 -4.93 -14.40 -0.19
N LYS A 131 -5.80 -13.39 -0.38
CA LYS A 131 -6.46 -13.13 -1.65
C LYS A 131 -6.76 -11.62 -1.82
N ALA A 132 -6.05 -10.75 -1.10
CA ALA A 132 -6.09 -9.29 -1.28
C ALA A 132 -7.47 -8.71 -1.02
N GLN A 133 -8.28 -9.41 -0.23
CA GLN A 133 -9.73 -9.28 -0.28
C GLN A 133 -10.14 -7.89 0.16
N GLU A 134 -9.58 -7.46 1.29
CA GLU A 134 -10.00 -6.28 2.01
C GLU A 134 -8.73 -5.60 2.53
N VAL A 135 -8.30 -4.54 1.86
CA VAL A 135 -7.23 -3.70 2.36
C VAL A 135 -7.80 -2.84 3.47
N ALA A 136 -7.86 -3.39 4.68
CA ALA A 136 -8.34 -2.66 5.84
C ALA A 136 -7.24 -1.71 6.30
N GLY A 137 -7.61 -0.55 6.85
CA GLY A 137 -6.66 0.50 7.21
C GLY A 137 -7.24 1.39 8.29
N SER A 138 -6.43 2.36 8.73
CA SER A 138 -6.88 3.52 9.48
C SER A 138 -6.39 4.74 8.72
N ALA A 139 -7.14 5.84 8.75
CA ALA A 139 -6.71 7.12 8.19
C ALA A 139 -7.17 8.26 9.10
N GLU A 140 -6.29 9.25 9.27
CA GLU A 140 -6.59 10.51 9.95
C GLU A 140 -6.29 11.68 9.00
N VAL A 141 -7.22 12.65 8.92
CA VAL A 141 -6.97 13.94 8.31
C VAL A 141 -7.45 14.98 9.32
N LYS A 142 -6.82 16.16 9.34
CA LYS A 142 -7.17 17.19 10.30
C LYS A 142 -6.84 18.57 9.71
N THR A 143 -7.88 19.32 9.38
CA THR A 143 -7.74 20.73 9.06
C THR A 143 -8.85 21.47 9.80
N VAL A 144 -9.17 22.70 9.38
CA VAL A 144 -10.40 23.39 9.74
C VAL A 144 -11.61 22.48 9.50
N ASN A 145 -11.53 21.59 8.49
CA ASN A 145 -12.57 20.60 8.23
C ASN A 145 -11.95 19.43 7.48
N GLY A 146 -10.93 18.85 8.10
CA GLY A 146 -10.27 17.63 7.65
C GLY A 146 -10.74 16.55 8.60
N ILE A 147 -11.34 15.49 8.07
CA ILE A 147 -12.05 14.53 8.90
C ILE A 147 -11.07 13.54 9.51
N ARG A 148 -11.12 13.44 10.84
CA ARG A 148 -10.32 12.54 11.64
C ARG A 148 -10.65 11.08 11.32
N HIS A 149 -11.70 10.54 11.95
CA HIS A 149 -11.92 9.11 11.99
C HIS A 149 -12.53 8.63 10.67
N ILE A 150 -11.67 8.52 9.65
CA ILE A 150 -12.06 8.01 8.35
C ILE A 150 -12.14 6.49 8.44
N GLY A 151 -13.31 5.93 8.15
CA GLY A 151 -13.51 4.49 8.09
C GLY A 151 -12.95 3.98 6.78
N LEU A 152 -11.69 3.55 6.81
CA LEU A 152 -10.97 3.02 5.67
C LEU A 152 -11.38 1.56 5.45
N ALA A 153 -12.47 1.34 4.71
CA ALA A 153 -12.98 0.01 4.39
C ALA A 153 -12.58 -0.38 2.97
N ALA A 154 -12.49 -1.69 2.71
CA ALA A 154 -12.15 -2.24 1.40
C ALA A 154 -12.93 -3.50 1.15
N LYS A 155 -13.29 -3.73 -0.11
CA LYS A 155 -13.68 -5.02 -0.67
C LYS A 155 -13.19 -5.05 -2.09
N GLN A 156 -13.14 -6.25 -2.66
CA GLN A 156 -13.03 -6.38 -4.09
C GLN A 156 -14.22 -5.71 -4.76
N MET A 1 30.61 19.50 -25.34
CA MET A 1 31.80 19.74 -24.50
C MET A 1 32.09 18.43 -23.76
N GLN A 2 33.05 18.40 -22.84
CA GLN A 2 33.30 17.23 -22.02
C GLN A 2 32.07 16.93 -21.18
N SER A 3 31.78 15.64 -20.95
CA SER A 3 30.75 15.18 -20.04
C SER A 3 31.05 13.71 -19.73
N HIS A 4 30.54 13.22 -18.60
CA HIS A 4 30.70 11.85 -18.13
C HIS A 4 29.81 11.70 -16.90
N SER A 5 29.43 10.46 -16.57
CA SER A 5 28.85 10.09 -15.29
C SER A 5 28.95 8.57 -15.19
N ALA A 6 28.62 8.02 -14.01
CA ALA A 6 28.63 6.60 -13.71
C ALA A 6 27.94 6.41 -12.36
N LEU A 7 27.36 5.24 -12.12
CA LEU A 7 26.70 4.87 -10.89
C LEU A 7 26.83 3.36 -10.72
N THR A 8 26.61 2.84 -9.51
CA THR A 8 26.66 1.41 -9.23
C THR A 8 26.02 1.13 -7.87
N ALA A 9 26.67 0.32 -7.03
CA ALA A 9 26.23 -0.19 -5.74
C ALA A 9 25.04 -1.14 -5.90
N PHE A 10 24.75 -1.93 -4.87
CA PHE A 10 23.74 -2.98 -4.89
C PHE A 10 23.04 -3.05 -3.54
N GLN A 11 21.85 -3.65 -3.53
CA GLN A 11 21.07 -4.02 -2.35
C GLN A 11 19.71 -4.53 -2.84
N THR A 12 19.06 -5.34 -2.00
CA THR A 12 17.68 -5.79 -2.11
C THR A 12 17.30 -6.24 -0.70
N GLU A 13 16.08 -6.70 -0.47
CA GLU A 13 15.50 -6.97 0.84
C GLU A 13 16.22 -8.14 1.53
N GLN A 14 17.40 -7.85 2.06
CA GLN A 14 18.24 -8.73 2.85
C GLN A 14 17.64 -8.86 4.27
N ILE A 15 18.42 -9.37 5.22
CA ILE A 15 18.02 -9.52 6.62
C ILE A 15 19.18 -9.00 7.46
N GLN A 16 18.89 -8.40 8.62
CA GLN A 16 19.80 -7.84 9.61
C GLN A 16 20.17 -6.42 9.23
N ASP A 17 19.21 -5.50 9.42
CA ASP A 17 19.35 -4.04 9.30
C ASP A 17 19.41 -3.61 7.82
N SER A 18 20.34 -4.22 7.07
CA SER A 18 20.42 -4.14 5.62
C SER A 18 19.07 -4.38 4.93
N GLU A 19 18.14 -5.08 5.59
CA GLU A 19 16.77 -5.20 5.15
C GLU A 19 16.14 -3.84 4.83
N HIS A 20 16.27 -2.85 5.72
CA HIS A 20 15.52 -1.60 5.57
C HIS A 20 16.05 -0.74 4.42
N SER A 21 17.36 -0.73 4.18
CA SER A 21 17.91 -0.13 2.97
C SER A 21 17.54 -1.00 1.78
N GLY A 22 17.80 -2.30 1.91
CA GLY A 22 17.44 -3.38 1.00
C GLY A 22 16.10 -3.15 0.32
N LYS A 23 15.08 -2.86 1.13
CA LYS A 23 13.73 -2.43 0.78
C LYS A 23 13.64 -1.60 -0.50
N MET A 24 14.65 -0.78 -0.81
CA MET A 24 14.66 0.03 -2.01
C MET A 24 14.93 -0.83 -3.25
N VAL A 25 13.88 -1.57 -3.65
CA VAL A 25 13.73 -2.25 -4.93
C VAL A 25 13.90 -1.22 -6.05
N ALA A 26 15.16 -0.92 -6.36
CA ALA A 26 15.57 0.18 -7.22
C ALA A 26 17.07 0.09 -7.46
N LYS A 27 17.85 -0.23 -6.43
CA LYS A 27 19.31 -0.24 -6.52
C LYS A 27 19.82 -1.05 -7.69
N ARG A 28 19.38 -2.31 -7.83
CA ARG A 28 19.85 -3.26 -8.83
C ARG A 28 18.76 -4.29 -9.06
N GLN A 29 18.99 -5.18 -10.03
CA GLN A 29 18.34 -6.48 -10.12
C GLN A 29 19.40 -7.51 -10.53
N PHE A 30 20.11 -7.23 -11.63
CA PHE A 30 20.99 -8.19 -12.29
C PHE A 30 20.13 -9.36 -12.79
N ARG A 31 20.73 -10.53 -13.03
CA ARG A 31 19.94 -11.73 -13.32
C ARG A 31 19.19 -12.18 -12.07
N ILE A 32 19.84 -12.10 -10.91
CA ILE A 32 19.27 -12.39 -9.62
C ILE A 32 19.86 -11.34 -8.66
N GLY A 33 19.01 -10.77 -7.81
CA GLY A 33 19.36 -9.78 -6.80
C GLY A 33 18.24 -8.76 -6.68
N ASP A 34 17.00 -9.26 -6.54
CA ASP A 34 15.81 -8.61 -7.04
C ASP A 34 14.58 -9.16 -6.30
N ILE A 35 14.60 -9.05 -4.97
CA ILE A 35 13.42 -9.38 -4.18
C ILE A 35 12.37 -8.28 -4.40
N ALA A 36 11.11 -8.53 -4.03
CA ALA A 36 10.01 -7.61 -4.28
C ALA A 36 9.00 -7.63 -3.12
N GLY A 37 9.39 -7.21 -1.92
CA GLY A 37 8.51 -7.09 -0.78
C GLY A 37 7.96 -8.46 -0.37
N GLU A 38 8.86 -9.37 -0.02
CA GLU A 38 8.60 -10.77 0.32
C GLU A 38 7.29 -10.97 1.06
N HIS A 39 7.14 -10.36 2.23
CA HIS A 39 6.03 -10.64 3.11
C HIS A 39 4.71 -10.17 2.53
N THR A 40 4.71 -9.18 1.63
CA THR A 40 3.55 -8.89 0.82
C THR A 40 3.35 -9.95 -0.27
N SER A 41 4.39 -10.17 -1.07
CA SER A 41 4.35 -11.13 -2.18
C SER A 41 3.83 -12.49 -1.72
N PHE A 42 4.16 -12.89 -0.49
CA PHE A 42 3.61 -14.03 0.24
C PHE A 42 2.11 -14.21 -0.02
N ASP A 43 1.33 -13.13 0.10
CA ASP A 43 -0.11 -13.14 -0.06
C ASP A 43 -0.56 -13.43 -1.49
N LYS A 44 0.38 -13.52 -2.43
CA LYS A 44 0.22 -13.82 -3.84
C LYS A 44 -0.03 -12.53 -4.60
N LEU A 45 0.97 -11.65 -4.51
CA LEU A 45 1.09 -10.41 -5.26
C LEU A 45 2.42 -10.45 -6.04
N PRO A 46 2.41 -10.59 -7.38
CA PRO A 46 3.60 -10.89 -8.17
C PRO A 46 4.70 -9.82 -8.21
N GLU A 47 5.58 -9.90 -9.21
CA GLU A 47 6.73 -9.06 -9.43
C GLU A 47 6.38 -7.57 -9.62
N GLY A 48 5.26 -7.29 -10.28
CA GLY A 48 4.86 -5.93 -10.62
C GLY A 48 3.39 -5.92 -11.00
N GLY A 49 2.71 -4.77 -10.89
CA GLY A 49 1.30 -4.67 -11.25
C GLY A 49 0.61 -3.49 -10.60
N ARG A 50 -0.62 -3.69 -10.12
CA ARG A 50 -1.43 -2.81 -9.28
C ARG A 50 -2.45 -3.74 -8.63
N ALA A 51 -2.89 -3.45 -7.41
CA ALA A 51 -3.93 -4.26 -6.76
C ALA A 51 -5.28 -3.93 -7.37
N THR A 52 -6.34 -4.62 -6.94
CA THR A 52 -7.66 -4.46 -7.53
C THR A 52 -8.71 -4.24 -6.44
N TYR A 53 -8.51 -3.23 -5.58
CA TYR A 53 -9.39 -2.94 -4.47
C TYR A 53 -10.40 -1.81 -4.67
N ARG A 54 -11.56 -1.96 -4.00
CA ARG A 54 -12.71 -1.09 -4.09
C ARG A 54 -13.17 -0.77 -2.67
N GLY A 55 -13.21 0.50 -2.28
CA GLY A 55 -13.46 0.86 -0.89
C GLY A 55 -13.75 2.34 -0.73
N THR A 56 -13.83 2.77 0.53
CA THR A 56 -14.03 4.16 0.89
C THR A 56 -13.16 4.51 2.10
N ALA A 57 -12.80 5.80 2.16
CA ALA A 57 -12.10 6.43 3.25
C ALA A 57 -13.13 7.32 3.94
N PHE A 58 -14.03 6.70 4.72
CA PHE A 58 -15.21 7.34 5.27
C PHE A 58 -14.83 8.10 6.53
N GLY A 59 -15.36 9.32 6.68
CA GLY A 59 -15.07 10.16 7.83
C GLY A 59 -15.89 9.69 9.02
N SER A 60 -15.50 10.09 10.24
CA SER A 60 -16.41 10.05 11.38
C SER A 60 -17.72 10.79 11.06
N ASP A 61 -17.65 11.80 10.18
CA ASP A 61 -18.79 12.58 9.69
C ASP A 61 -19.41 11.97 8.42
N ASP A 62 -18.85 10.86 7.94
CA ASP A 62 -18.92 10.39 6.56
C ASP A 62 -18.97 11.52 5.54
N ALA A 63 -18.01 12.43 5.68
CA ALA A 63 -17.58 13.34 4.65
C ALA A 63 -16.23 12.83 4.15
N GLY A 64 -16.21 11.58 3.72
CA GLY A 64 -15.00 10.87 3.37
C GLY A 64 -15.21 10.12 2.06
N GLY A 65 -14.43 10.49 1.05
CA GLY A 65 -14.58 10.01 -0.30
C GLY A 65 -14.00 8.61 -0.52
N LYS A 66 -14.15 8.16 -1.76
CA LYS A 66 -13.94 6.79 -2.18
C LYS A 66 -12.45 6.49 -2.34
N LEU A 67 -12.06 5.25 -2.08
CA LEU A 67 -10.69 4.80 -2.30
C LEU A 67 -10.53 4.32 -3.74
N THR A 68 -9.29 4.22 -4.20
CA THR A 68 -8.91 3.65 -5.49
C THR A 68 -7.72 2.72 -5.30
N TYR A 69 -7.64 1.65 -6.11
CA TYR A 69 -6.55 0.71 -6.01
C TYR A 69 -5.27 1.28 -6.61
N THR A 70 -4.19 1.28 -5.82
CA THR A 70 -2.82 1.46 -6.27
C THR A 70 -1.91 0.83 -5.22
N ILE A 71 -1.43 -0.39 -5.46
CA ILE A 71 -0.26 -0.94 -4.78
C ILE A 71 0.44 -1.76 -5.86
N ASP A 72 1.60 -1.33 -6.33
CA ASP A 72 2.21 -1.88 -7.51
C ASP A 72 3.35 -2.80 -7.10
N PHE A 73 3.32 -4.02 -7.61
CA PHE A 73 3.88 -5.16 -6.91
C PHE A 73 5.42 -5.23 -6.90
N ALA A 74 6.11 -4.22 -7.42
CA ALA A 74 7.55 -4.11 -7.23
C ALA A 74 7.85 -3.97 -5.73
N ALA A 75 7.20 -3.00 -5.08
CA ALA A 75 7.42 -2.67 -3.68
C ALA A 75 6.11 -2.46 -2.93
N LYS A 76 4.96 -2.67 -3.60
CA LYS A 76 3.64 -2.55 -3.02
C LYS A 76 3.36 -1.19 -2.38
N GLN A 77 3.26 -0.14 -3.20
CA GLN A 77 3.16 1.24 -2.77
C GLN A 77 1.72 1.58 -2.40
N GLY A 78 1.18 0.87 -1.41
CA GLY A 78 -0.23 0.95 -1.00
C GLY A 78 -0.75 2.38 -0.91
N ASN A 79 -1.75 2.72 -1.74
CA ASN A 79 -2.28 4.06 -1.83
C ASN A 79 -3.62 4.04 -2.55
N GLY A 80 -4.42 5.08 -2.35
CA GLY A 80 -5.62 5.30 -3.13
C GLY A 80 -5.99 6.78 -3.08
N LYS A 81 -6.24 7.37 -4.24
CA LYS A 81 -6.64 8.76 -4.38
C LYS A 81 -8.15 8.88 -4.19
N ILE A 82 -8.63 10.04 -3.71
CA ILE A 82 -10.03 10.26 -3.32
C ILE A 82 -10.54 11.54 -4.00
N GLU A 83 -11.44 11.40 -4.98
CA GLU A 83 -12.10 12.51 -5.65
C GLU A 83 -13.49 12.08 -6.13
N HIS A 84 -14.50 12.27 -5.27
CA HIS A 84 -15.91 12.16 -5.60
C HIS A 84 -16.70 12.92 -4.54
N LEU A 85 -16.68 14.24 -4.60
CA LEU A 85 -16.94 15.09 -3.43
C LEU A 85 -17.76 16.32 -3.78
N LYS A 86 -18.13 17.05 -2.73
CA LYS A 86 -19.00 18.22 -2.78
C LYS A 86 -18.19 19.50 -2.90
N SER A 87 -16.87 19.45 -2.66
CA SER A 87 -16.04 20.62 -2.54
C SER A 87 -14.61 20.32 -2.98
N PRO A 88 -13.80 21.36 -3.27
CA PRO A 88 -12.35 21.26 -3.36
C PRO A 88 -11.77 20.99 -1.97
N GLU A 89 -10.43 20.81 -1.91
CA GLU A 89 -9.57 20.54 -0.76
C GLU A 89 -9.85 19.18 -0.11
N LEU A 90 -11.12 18.86 0.09
CA LEU A 90 -11.63 17.53 0.36
C LEU A 90 -11.08 16.49 -0.62
N ASN A 91 -10.68 16.90 -1.85
CA ASN A 91 -10.23 15.99 -2.91
C ASN A 91 -8.84 15.47 -2.54
N VAL A 92 -8.80 14.56 -1.57
CA VAL A 92 -7.59 14.05 -0.98
C VAL A 92 -6.82 13.20 -1.98
N ASP A 93 -5.50 13.42 -2.03
CA ASP A 93 -4.56 12.49 -2.61
C ASP A 93 -3.67 12.00 -1.47
N LEU A 94 -2.96 10.90 -1.69
CA LEU A 94 -1.90 10.46 -0.79
C LEU A 94 -0.59 10.17 -1.50
N ALA A 95 0.51 10.24 -0.73
CA ALA A 95 1.84 9.93 -1.18
C ALA A 95 2.03 8.41 -1.19
N ALA A 96 2.54 7.88 -2.30
CA ALA A 96 2.76 6.45 -2.50
C ALA A 96 4.01 6.04 -1.73
N ALA A 97 3.82 5.38 -0.58
CA ALA A 97 4.86 5.03 0.38
C ALA A 97 5.03 3.52 0.45
N ASP A 98 6.14 3.06 1.02
CA ASP A 98 6.52 1.66 1.04
C ASP A 98 5.83 0.89 2.18
N ILE A 99 6.05 -0.43 2.19
CA ILE A 99 5.67 -1.30 3.28
C ILE A 99 6.94 -2.00 3.80
N LYS A 100 7.01 -2.15 5.14
CA LYS A 100 7.87 -3.04 5.93
C LYS A 100 7.54 -2.87 7.44
N PRO A 101 6.28 -3.07 7.87
CA PRO A 101 5.93 -2.90 9.26
C PRO A 101 6.43 -4.08 10.10
N ASP A 102 6.23 -5.30 9.57
CA ASP A 102 6.36 -6.55 10.27
C ASP A 102 6.25 -7.66 9.22
N GLY A 103 6.75 -8.86 9.52
CA GLY A 103 6.71 -10.00 8.62
C GLY A 103 5.36 -10.71 8.68
N LYS A 104 4.28 -9.93 8.56
CA LYS A 104 2.91 -10.41 8.74
C LYS A 104 2.05 -9.92 7.58
N ARG A 105 1.99 -10.73 6.51
CA ARG A 105 1.03 -10.66 5.40
C ARG A 105 0.56 -9.21 5.11
N HIS A 106 1.51 -8.32 4.82
CA HIS A 106 1.25 -6.90 4.55
C HIS A 106 0.19 -6.33 5.50
N ALA A 107 0.50 -6.45 6.79
CA ALA A 107 -0.25 -5.91 7.91
C ALA A 107 -0.68 -4.47 7.68
N VAL A 108 0.24 -3.62 7.21
CA VAL A 108 -0.02 -2.22 6.88
C VAL A 108 1.03 -1.69 5.90
N ILE A 109 0.74 -0.53 5.30
CA ILE A 109 1.67 0.43 4.72
C ILE A 109 1.67 1.70 5.58
N SER A 110 2.50 2.70 5.27
CA SER A 110 2.51 3.97 6.01
C SER A 110 2.62 5.16 5.04
N GLY A 111 1.49 5.66 4.53
CA GLY A 111 1.47 6.80 3.60
C GLY A 111 1.11 8.10 4.32
N SER A 112 1.51 9.24 3.71
CA SER A 112 1.07 10.58 4.09
C SER A 112 -0.07 10.97 3.16
N VAL A 113 -1.05 11.76 3.63
CA VAL A 113 -2.19 12.19 2.81
C VAL A 113 -2.34 13.69 2.89
N LEU A 114 -2.89 14.30 1.83
CA LEU A 114 -3.09 15.75 1.82
C LEU A 114 -4.48 16.16 1.35
N TYR A 115 -5.03 17.21 1.97
CA TYR A 115 -6.27 17.83 1.57
C TYR A 115 -5.95 18.69 0.36
N ASN A 116 -5.68 18.00 -0.75
CA ASN A 116 -5.31 18.46 -2.08
C ASN A 116 -3.98 19.21 -2.12
N GLN A 117 -3.85 20.25 -1.29
CA GLN A 117 -2.61 20.92 -0.94
C GLN A 117 -2.20 20.66 0.52
N ALA A 118 -3.16 20.53 1.45
CA ALA A 118 -2.84 20.60 2.88
C ALA A 118 -2.42 19.23 3.42
N GLU A 119 -1.12 18.94 3.41
CA GLU A 119 -0.58 17.67 3.86
C GLU A 119 -0.47 17.63 5.39
N LYS A 120 -1.61 17.47 6.07
CA LYS A 120 -1.66 17.14 7.49
C LYS A 120 -2.55 15.94 7.73
N GLY A 121 -2.10 14.83 7.16
CA GLY A 121 -2.65 13.53 7.47
C GLY A 121 -1.70 12.39 7.15
N SER A 122 -1.97 11.24 7.76
CA SER A 122 -1.30 9.98 7.54
C SER A 122 -2.33 8.87 7.36
N TYR A 123 -1.95 7.77 6.71
CA TYR A 123 -2.84 6.66 6.43
C TYR A 123 -2.05 5.35 6.53
N SER A 124 -2.62 4.39 7.25
CA SER A 124 -2.07 3.07 7.49
C SER A 124 -3.12 2.08 6.99
N LEU A 125 -2.84 1.42 5.86
CA LEU A 125 -3.75 0.52 5.18
C LEU A 125 -3.00 -0.77 4.89
N GLY A 126 -3.66 -1.93 5.00
CA GLY A 126 -3.05 -3.23 4.79
C GLY A 126 -4.03 -4.22 4.19
N ILE A 127 -3.50 -5.38 3.75
CA ILE A 127 -4.27 -6.39 3.03
C ILE A 127 -4.87 -7.41 3.99
N PHE A 128 -6.07 -7.91 3.68
CA PHE A 128 -6.65 -9.01 4.45
C PHE A 128 -7.34 -10.04 3.56
N GLY A 129 -7.60 -11.20 4.16
CA GLY A 129 -8.19 -12.35 3.48
C GLY A 129 -7.14 -13.17 2.73
N GLY A 130 -6.13 -12.51 2.16
CA GLY A 130 -5.02 -13.20 1.52
C GLY A 130 -5.33 -13.50 0.05
N LYS A 131 -6.15 -12.64 -0.56
CA LYS A 131 -6.32 -12.57 -2.01
C LYS A 131 -6.35 -11.10 -2.48
N ALA A 132 -6.16 -10.11 -1.60
CA ALA A 132 -6.50 -8.72 -1.89
C ALA A 132 -7.98 -8.69 -2.23
N GLN A 133 -8.78 -9.11 -1.25
CA GLN A 133 -10.21 -9.30 -1.30
C GLN A 133 -10.87 -8.29 -0.38
N GLU A 134 -10.30 -8.12 0.82
CA GLU A 134 -10.48 -6.94 1.65
C GLU A 134 -9.12 -6.23 1.76
N VAL A 135 -9.12 -4.89 1.80
CA VAL A 135 -8.03 -4.15 2.41
C VAL A 135 -8.66 -3.22 3.45
N ALA A 136 -7.99 -3.01 4.58
CA ALA A 136 -8.54 -2.26 5.70
C ALA A 136 -7.45 -1.39 6.30
N GLY A 137 -7.83 -0.20 6.78
CA GLY A 137 -6.89 0.80 7.25
C GLY A 137 -7.53 1.79 8.20
N SER A 138 -6.69 2.70 8.69
CA SER A 138 -7.11 3.90 9.38
C SER A 138 -6.40 5.06 8.70
N ALA A 139 -7.08 6.20 8.53
CA ALA A 139 -6.44 7.44 8.17
C ALA A 139 -6.69 8.51 9.24
N GLU A 140 -5.61 9.20 9.60
CA GLU A 140 -5.68 10.43 10.38
C GLU A 140 -5.55 11.59 9.39
N VAL A 141 -6.57 12.44 9.21
CA VAL A 141 -6.48 13.58 8.31
C VAL A 141 -7.09 14.83 8.96
N LYS A 142 -6.26 15.66 9.58
CA LYS A 142 -6.74 16.83 10.28
C LYS A 142 -6.55 18.05 9.40
N THR A 143 -7.58 18.86 9.22
CA THR A 143 -7.47 20.14 8.55
C THR A 143 -8.52 21.05 9.16
N VAL A 144 -8.49 22.35 8.86
CA VAL A 144 -9.49 23.34 9.25
C VAL A 144 -10.91 22.78 9.06
N ASN A 145 -11.08 21.94 8.03
CA ASN A 145 -12.28 21.12 7.86
C ASN A 145 -11.85 19.78 7.29
N GLY A 146 -10.92 19.11 7.99
CA GLY A 146 -10.42 17.79 7.64
C GLY A 146 -10.82 16.85 8.75
N ILE A 147 -11.52 15.77 8.38
CA ILE A 147 -12.13 14.89 9.33
C ILE A 147 -11.02 13.99 9.87
N ARG A 148 -10.54 14.31 11.08
CA ARG A 148 -9.41 13.63 11.69
C ARG A 148 -9.55 12.11 11.52
N HIS A 149 -10.56 11.53 12.18
CA HIS A 149 -10.78 10.10 12.16
C HIS A 149 -11.48 9.72 10.86
N ILE A 150 -10.72 9.15 9.92
CA ILE A 150 -11.26 8.54 8.71
C ILE A 150 -11.02 7.03 8.80
N GLY A 151 -12.11 6.25 8.74
CA GLY A 151 -12.05 4.80 8.66
C GLY A 151 -11.86 4.40 7.20
N LEU A 152 -10.94 3.47 6.95
CA LEU A 152 -10.57 3.06 5.61
C LEU A 152 -10.97 1.61 5.44
N ALA A 153 -11.95 1.33 4.58
CA ALA A 153 -12.45 -0.01 4.37
C ALA A 153 -12.64 -0.25 2.87
N ALA A 154 -12.08 -1.35 2.35
CA ALA A 154 -12.28 -1.78 0.98
C ALA A 154 -12.58 -3.26 0.95
N LYS A 155 -13.51 -3.67 0.07
CA LYS A 155 -13.56 -5.04 -0.38
C LYS A 155 -14.27 -5.22 -1.71
N GLN A 156 -13.78 -6.22 -2.45
CA GLN A 156 -14.18 -6.62 -3.77
C GLN A 156 -15.35 -7.61 -3.70
N MET A 1 10.80 -29.40 26.31
CA MET A 1 11.65 -30.59 26.54
C MET A 1 12.18 -31.11 25.21
N GLN A 2 12.98 -30.28 24.52
CA GLN A 2 13.50 -30.59 23.19
C GLN A 2 14.61 -29.58 22.90
N SER A 3 15.57 -29.94 22.05
CA SER A 3 16.69 -29.06 21.71
C SER A 3 17.26 -29.51 20.37
N HIS A 4 16.42 -29.49 19.33
CA HIS A 4 16.71 -30.08 18.04
C HIS A 4 16.69 -28.97 16.99
N SER A 5 17.64 -28.04 17.09
CA SER A 5 17.73 -26.89 16.20
C SER A 5 19.17 -26.39 16.19
N ALA A 6 19.82 -26.42 15.02
CA ALA A 6 21.19 -25.97 14.84
C ALA A 6 21.33 -25.37 13.44
N LEU A 7 20.59 -24.29 13.19
CA LEU A 7 20.54 -23.56 11.94
C LEU A 7 20.57 -22.07 12.25
N THR A 8 20.55 -21.22 11.23
CA THR A 8 20.35 -19.79 11.37
C THR A 8 19.68 -19.28 10.09
N ALA A 9 19.07 -18.10 10.17
CA ALA A 9 18.37 -17.45 9.08
C ALA A 9 18.07 -16.02 9.52
N PHE A 10 18.67 -15.02 8.88
CA PHE A 10 18.43 -13.62 9.20
C PHE A 10 17.04 -13.23 8.65
N GLN A 11 15.98 -13.74 9.28
CA GLN A 11 14.58 -13.61 8.88
C GLN A 11 14.34 -14.40 7.58
N THR A 12 14.96 -13.93 6.50
CA THR A 12 14.97 -14.57 5.18
C THR A 12 13.57 -14.82 4.65
N GLU A 13 12.63 -14.04 5.19
CA GLU A 13 11.19 -14.23 5.13
C GLU A 13 10.77 -15.71 5.21
N GLN A 14 11.36 -16.46 6.16
CA GLN A 14 11.11 -17.87 6.39
C GLN A 14 11.57 -18.69 5.18
N ILE A 15 11.30 -20.00 5.13
CA ILE A 15 11.74 -20.92 4.08
C ILE A 15 13.27 -21.14 4.01
N GLN A 16 14.08 -20.12 4.32
CA GLN A 16 15.54 -20.12 4.36
C GLN A 16 16.12 -20.10 2.94
N ASP A 17 15.62 -20.97 2.06
CA ASP A 17 15.86 -20.91 0.64
C ASP A 17 14.93 -19.84 0.03
N SER A 18 13.87 -20.25 -0.65
CA SER A 18 12.98 -19.46 -1.49
C SER A 18 12.88 -17.99 -1.06
N GLU A 19 12.26 -17.73 0.08
CA GLU A 19 11.88 -16.39 0.52
C GLU A 19 13.03 -15.44 0.84
N HIS A 20 14.29 -15.89 0.80
CA HIS A 20 15.38 -14.92 0.65
C HIS A 20 15.05 -13.91 -0.48
N SER A 21 14.38 -14.40 -1.53
CA SER A 21 13.76 -13.61 -2.58
C SER A 21 12.88 -12.50 -1.99
N GLY A 22 11.85 -12.88 -1.24
CA GLY A 22 10.93 -11.94 -0.59
C GLY A 22 11.69 -10.94 0.27
N LYS A 23 12.64 -11.42 1.07
CA LYS A 23 13.42 -10.55 1.93
C LYS A 23 14.20 -9.51 1.13
N MET A 24 14.88 -9.92 0.05
CA MET A 24 15.57 -9.08 -0.95
C MET A 24 16.82 -9.68 -1.56
N VAL A 25 17.26 -10.88 -1.15
CA VAL A 25 18.45 -11.55 -1.70
C VAL A 25 19.74 -10.83 -1.31
N ALA A 26 19.95 -9.63 -1.85
CA ALA A 26 21.11 -8.75 -1.64
C ALA A 26 22.38 -9.40 -2.19
N LYS A 27 22.65 -9.18 -3.48
CA LYS A 27 23.73 -9.86 -4.19
C LYS A 27 24.00 -9.18 -5.53
N ARG A 28 24.39 -9.96 -6.56
CA ARG A 28 24.75 -9.46 -7.89
C ARG A 28 23.50 -9.05 -8.68
N GLN A 29 22.77 -8.07 -8.16
CA GLN A 29 21.67 -7.40 -8.85
C GLN A 29 21.43 -6.09 -8.11
N PHE A 30 20.97 -6.20 -6.86
CA PHE A 30 20.75 -5.07 -5.97
C PHE A 30 21.15 -5.45 -4.56
N ARG A 31 21.08 -4.45 -3.68
CA ARG A 31 21.45 -4.50 -2.28
C ARG A 31 20.89 -3.24 -1.63
N ILE A 32 19.57 -3.19 -1.44
CA ILE A 32 18.88 -2.02 -0.91
C ILE A 32 17.98 -2.50 0.24
N GLY A 33 18.07 -1.86 1.41
CA GLY A 33 17.20 -2.14 2.55
C GLY A 33 15.83 -1.51 2.31
N ASP A 34 15.13 -1.99 1.28
CA ASP A 34 13.85 -1.49 0.81
C ASP A 34 13.00 -2.69 0.36
N ILE A 35 11.74 -2.47 0.01
CA ILE A 35 10.81 -3.44 -0.55
C ILE A 35 10.45 -4.51 0.49
N ALA A 36 11.38 -5.44 0.77
CA ALA A 36 11.24 -6.57 1.69
C ALA A 36 9.79 -7.09 1.79
N GLY A 37 9.26 -7.55 0.66
CA GLY A 37 7.86 -7.86 0.51
C GLY A 37 7.51 -9.16 1.24
N GLU A 38 7.12 -9.04 2.51
CA GLU A 38 6.52 -10.11 3.31
C GLU A 38 5.15 -10.53 2.76
N HIS A 39 4.15 -10.77 3.63
CA HIS A 39 2.84 -11.30 3.25
C HIS A 39 2.22 -10.51 2.08
N THR A 40 2.49 -9.20 2.03
CA THR A 40 2.20 -8.35 0.89
C THR A 40 2.43 -9.13 -0.42
N SER A 41 3.65 -9.59 -0.64
CA SER A 41 4.00 -10.51 -1.69
C SER A 41 3.57 -11.94 -1.37
N PHE A 42 4.14 -12.48 -0.29
CA PHE A 42 4.19 -13.90 0.04
C PHE A 42 2.81 -14.58 0.05
N ASP A 43 1.75 -13.90 0.51
CA ASP A 43 0.40 -14.46 0.66
C ASP A 43 0.10 -15.51 -0.41
N LYS A 44 0.08 -15.04 -1.67
CA LYS A 44 -0.06 -15.82 -2.89
C LYS A 44 -0.25 -14.85 -4.06
N LEU A 45 0.58 -13.81 -4.15
CA LEU A 45 0.30 -12.64 -4.98
C LEU A 45 1.45 -12.40 -5.96
N PRO A 46 1.15 -11.84 -7.16
CA PRO A 46 2.13 -11.68 -8.24
C PRO A 46 3.00 -10.45 -7.99
N GLU A 47 3.67 -9.96 -9.04
CA GLU A 47 4.44 -8.72 -9.07
C GLU A 47 3.77 -7.65 -9.95
N GLY A 48 2.54 -7.91 -10.42
CA GLY A 48 1.79 -7.07 -11.35
C GLY A 48 1.70 -5.60 -10.95
N GLY A 49 1.75 -4.73 -11.95
CA GLY A 49 1.84 -3.28 -11.78
C GLY A 49 0.54 -2.60 -11.33
N ARG A 50 -0.55 -3.34 -11.09
CA ARG A 50 -1.80 -2.75 -10.63
C ARG A 50 -2.63 -3.78 -9.87
N ALA A 51 -2.58 -3.75 -8.53
CA ALA A 51 -3.42 -4.62 -7.73
C ALA A 51 -4.86 -4.10 -7.61
N THR A 52 -5.76 -4.99 -7.20
CA THR A 52 -7.15 -4.68 -6.94
C THR A 52 -7.28 -4.02 -5.56
N TYR A 53 -7.34 -2.68 -5.52
CA TYR A 53 -7.48 -1.89 -4.30
C TYR A 53 -8.70 -0.97 -4.47
N ARG A 54 -9.90 -1.57 -4.50
CA ARG A 54 -11.15 -0.85 -4.59
C ARG A 54 -11.75 -0.75 -3.18
N GLY A 55 -12.17 0.45 -2.77
CA GLY A 55 -12.72 0.62 -1.44
C GLY A 55 -13.29 2.01 -1.18
N THR A 56 -13.77 2.20 0.04
CA THR A 56 -14.48 3.36 0.55
C THR A 56 -13.71 3.91 1.75
N ALA A 57 -13.23 5.15 1.65
CA ALA A 57 -12.56 5.88 2.70
C ALA A 57 -13.58 6.80 3.37
N PHE A 58 -14.47 6.24 4.19
CA PHE A 58 -15.58 6.98 4.75
C PHE A 58 -15.08 7.83 5.92
N GLY A 59 -15.57 9.06 5.99
CA GLY A 59 -15.02 10.05 6.90
C GLY A 59 -15.47 9.78 8.32
N SER A 60 -14.82 10.40 9.32
CA SER A 60 -15.35 10.37 10.68
C SER A 60 -16.77 10.96 10.74
N ASP A 61 -17.08 11.84 9.78
CA ASP A 61 -18.35 12.51 9.57
C ASP A 61 -19.18 11.81 8.48
N ASP A 62 -18.68 10.70 7.92
CA ASP A 62 -18.74 10.44 6.50
C ASP A 62 -19.05 11.61 5.58
N ALA A 63 -18.06 12.49 5.49
CA ALA A 63 -17.82 13.27 4.29
C ALA A 63 -16.53 12.72 3.67
N GLY A 64 -16.51 11.42 3.41
CA GLY A 64 -15.31 10.69 3.04
C GLY A 64 -15.14 10.54 1.54
N GLY A 65 -14.04 9.87 1.18
CA GLY A 65 -13.61 9.60 -0.18
C GLY A 65 -13.78 8.14 -0.55
N LYS A 66 -13.41 7.83 -1.79
CA LYS A 66 -13.27 6.48 -2.30
C LYS A 66 -11.79 6.13 -2.32
N LEU A 67 -11.46 4.88 -2.65
CA LEU A 67 -10.11 4.44 -2.95
C LEU A 67 -10.07 4.02 -4.42
N THR A 68 -9.36 4.77 -5.27
CA THR A 68 -9.06 4.31 -6.63
C THR A 68 -7.90 3.30 -6.54
N TYR A 69 -7.93 2.23 -7.33
CA TYR A 69 -6.90 1.20 -7.22
C TYR A 69 -5.61 1.60 -7.92
N THR A 70 -4.51 1.67 -7.17
CA THR A 70 -3.16 1.80 -7.71
C THR A 70 -2.15 1.28 -6.71
N ILE A 71 -1.52 0.15 -7.04
CA ILE A 71 -0.38 -0.43 -6.34
C ILE A 71 0.36 -1.29 -7.35
N ASP A 72 1.69 -1.27 -7.31
CA ASP A 72 2.53 -2.20 -8.04
C ASP A 72 2.91 -3.35 -7.10
N PHE A 73 2.25 -4.51 -7.26
CA PHE A 73 2.37 -5.68 -6.40
C PHE A 73 3.81 -6.01 -5.99
N ALA A 74 4.76 -5.74 -6.89
CA ALA A 74 6.17 -6.11 -6.78
C ALA A 74 6.78 -5.61 -5.47
N ALA A 75 6.28 -4.48 -4.98
CA ALA A 75 6.84 -3.75 -3.85
C ALA A 75 5.74 -3.07 -3.06
N LYS A 76 4.82 -2.43 -3.80
CA LYS A 76 3.53 -1.95 -3.36
C LYS A 76 3.58 -0.54 -2.84
N GLN A 77 2.94 0.32 -3.62
CA GLN A 77 2.70 1.71 -3.27
C GLN A 77 1.21 1.95 -3.39
N GLY A 78 0.46 1.20 -2.58
CA GLY A 78 -0.98 1.16 -2.55
C GLY A 78 -1.56 2.50 -2.13
N ASN A 79 -2.22 3.19 -3.06
CA ASN A 79 -2.77 4.51 -2.82
C ASN A 79 -4.01 4.67 -3.70
N GLY A 80 -4.98 5.44 -3.21
CA GLY A 80 -6.19 5.74 -3.94
C GLY A 80 -6.78 7.05 -3.42
N LYS A 81 -7.05 7.98 -4.33
CA LYS A 81 -7.32 9.36 -4.01
C LYS A 81 -8.74 9.55 -3.46
N ILE A 82 -8.87 10.35 -2.41
CA ILE A 82 -10.15 10.77 -1.86
C ILE A 82 -10.58 12.02 -2.64
N GLU A 83 -11.04 11.80 -3.87
CA GLU A 83 -11.47 12.82 -4.81
C GLU A 83 -12.87 12.50 -5.34
N HIS A 84 -13.90 12.68 -4.51
CA HIS A 84 -15.30 12.57 -4.94
C HIS A 84 -16.17 13.31 -3.94
N LEU A 85 -16.08 14.64 -3.92
CA LEU A 85 -16.51 15.43 -2.78
C LEU A 85 -17.24 16.68 -3.24
N LYS A 86 -18.05 17.23 -2.33
CA LYS A 86 -18.87 18.40 -2.56
C LYS A 86 -18.07 19.70 -2.50
N SER A 87 -16.85 19.65 -1.97
CA SER A 87 -15.98 20.83 -1.84
C SER A 87 -14.58 20.55 -2.42
N PRO A 88 -13.86 21.60 -2.82
CA PRO A 88 -12.41 21.58 -2.89
C PRO A 88 -11.85 21.55 -1.47
N GLU A 89 -10.51 21.54 -1.32
CA GLU A 89 -9.78 21.36 -0.08
C GLU A 89 -9.88 19.92 0.40
N LEU A 90 -11.12 19.48 0.62
CA LEU A 90 -11.51 18.15 1.01
C LEU A 90 -10.89 17.09 0.10
N ASN A 91 -10.60 17.42 -1.16
CA ASN A 91 -9.98 16.52 -2.12
C ASN A 91 -8.62 16.10 -1.57
N VAL A 92 -8.54 14.90 -1.01
CA VAL A 92 -7.34 14.40 -0.34
C VAL A 92 -6.66 13.39 -1.25
N ASP A 93 -5.35 13.53 -1.42
CA ASP A 93 -4.51 12.54 -2.09
C ASP A 93 -3.42 12.15 -1.10
N LEU A 94 -3.09 10.86 -1.06
CA LEU A 94 -2.12 10.35 -0.09
C LEU A 94 -0.73 10.20 -0.72
N ALA A 95 0.27 9.93 0.12
CA ALA A 95 1.61 9.63 -0.34
C ALA A 95 1.68 8.17 -0.80
N ALA A 96 2.26 7.94 -1.97
CA ALA A 96 2.42 6.62 -2.56
C ALA A 96 3.60 5.91 -1.87
N ALA A 97 3.34 5.55 -0.62
CA ALA A 97 4.31 5.10 0.37
C ALA A 97 4.51 3.59 0.28
N ASP A 98 5.59 3.11 0.88
CA ASP A 98 5.99 1.71 0.87
C ASP A 98 5.15 0.91 1.87
N ILE A 99 5.35 -0.41 1.87
CA ILE A 99 4.97 -1.31 2.93
C ILE A 99 6.21 -2.08 3.40
N LYS A 100 7.05 -1.42 4.19
CA LYS A 100 8.05 -2.04 5.04
C LYS A 100 7.43 -3.19 5.84
N PRO A 101 8.17 -4.26 6.18
CA PRO A 101 7.61 -5.43 6.85
C PRO A 101 7.31 -5.15 8.32
N ASP A 102 6.26 -4.36 8.60
CA ASP A 102 5.82 -4.03 9.96
C ASP A 102 5.37 -5.30 10.70
N GLY A 103 4.52 -6.07 10.03
CA GLY A 103 3.52 -6.92 10.68
C GLY A 103 3.83 -8.40 10.59
N LYS A 104 4.53 -8.84 9.54
CA LYS A 104 4.83 -10.23 9.24
C LYS A 104 3.57 -10.96 8.75
N ARG A 105 2.47 -10.92 9.52
CA ARG A 105 1.18 -11.45 9.09
C ARG A 105 0.67 -10.69 7.86
N HIS A 106 0.87 -9.38 7.89
CA HIS A 106 0.47 -8.42 6.87
C HIS A 106 0.83 -7.02 7.40
N ALA A 107 1.99 -6.51 6.96
CA ALA A 107 2.42 -5.15 7.21
C ALA A 107 1.42 -4.10 6.70
N VAL A 108 1.73 -2.82 6.89
CA VAL A 108 0.90 -1.71 6.46
C VAL A 108 1.67 -0.69 5.64
N ILE A 109 0.96 -0.03 4.73
CA ILE A 109 1.39 1.21 4.12
C ILE A 109 1.10 2.33 5.13
N SER A 110 2.03 3.28 5.22
CA SER A 110 2.05 4.30 6.26
C SER A 110 2.26 5.68 5.61
N GLY A 111 1.35 6.08 4.72
CA GLY A 111 1.52 7.29 3.93
C GLY A 111 1.07 8.55 4.67
N SER A 112 1.62 9.71 4.30
CA SER A 112 1.11 11.01 4.68
C SER A 112 -0.10 11.35 3.78
N VAL A 113 -0.95 12.33 4.16
CA VAL A 113 -2.10 12.73 3.35
C VAL A 113 -2.19 14.24 3.10
N LEU A 114 -2.16 14.64 1.83
CA LEU A 114 -2.37 16.00 1.37
C LEU A 114 -3.86 16.22 1.17
N TYR A 115 -4.36 17.33 1.72
CA TYR A 115 -5.71 17.88 1.62
C TYR A 115 -5.59 19.01 0.61
N ASN A 116 -5.70 18.71 -0.69
CA ASN A 116 -5.65 19.63 -1.84
C ASN A 116 -4.35 20.43 -1.97
N GLN A 117 -3.94 21.15 -0.92
CA GLN A 117 -2.74 21.95 -0.80
C GLN A 117 -1.88 21.53 0.42
N ALA A 118 -2.47 20.96 1.49
CA ALA A 118 -1.82 20.88 2.80
C ALA A 118 -1.72 19.45 3.31
N GLU A 119 -0.54 19.02 3.75
CA GLU A 119 -0.29 17.71 4.32
C GLU A 119 -0.03 17.80 5.83
N LYS A 120 -1.01 17.40 6.64
CA LYS A 120 -0.99 17.51 8.08
C LYS A 120 -1.74 16.34 8.72
N GLY A 121 -1.73 15.20 8.02
CA GLY A 121 -2.45 14.00 8.38
C GLY A 121 -1.76 12.78 7.77
N SER A 122 -2.17 11.58 8.19
CA SER A 122 -1.47 10.33 7.97
C SER A 122 -2.47 9.19 7.73
N TYR A 123 -2.01 8.12 7.07
CA TYR A 123 -2.79 6.97 6.66
C TYR A 123 -2.12 5.69 7.14
N SER A 124 -2.91 4.68 7.47
CA SER A 124 -2.45 3.36 7.87
C SER A 124 -3.32 2.36 7.14
N LEU A 125 -2.77 1.70 6.11
CA LEU A 125 -3.53 0.81 5.24
C LEU A 125 -2.88 -0.56 5.20
N GLY A 126 -3.67 -1.61 5.34
CA GLY A 126 -3.23 -2.99 5.39
C GLY A 126 -3.91 -3.80 4.29
N ILE A 127 -3.52 -5.06 4.13
CA ILE A 127 -4.04 -5.97 3.11
C ILE A 127 -4.42 -7.27 3.80
N PHE A 128 -5.64 -7.76 3.55
CA PHE A 128 -6.03 -9.09 3.99
C PHE A 128 -5.26 -10.14 3.21
N GLY A 129 -4.03 -10.40 3.69
CA GLY A 129 -3.24 -11.55 3.32
C GLY A 129 -4.09 -12.79 3.53
N GLY A 130 -4.51 -13.40 2.43
CA GLY A 130 -5.34 -14.58 2.40
C GLY A 130 -5.68 -14.82 0.94
N LYS A 131 -6.14 -13.76 0.26
CA LYS A 131 -6.12 -13.67 -1.19
C LYS A 131 -5.91 -12.24 -1.71
N ALA A 132 -5.52 -11.25 -0.88
CA ALA A 132 -5.68 -9.83 -1.20
C ALA A 132 -7.18 -9.57 -1.36
N GLN A 133 -7.92 -9.68 -0.25
CA GLN A 133 -9.37 -9.77 -0.25
C GLN A 133 -10.00 -8.40 0.06
N GLU A 134 -9.50 -7.76 1.12
CA GLU A 134 -9.95 -6.48 1.63
C GLU A 134 -8.71 -5.72 2.07
N VAL A 135 -8.50 -4.51 1.56
CA VAL A 135 -7.49 -3.60 2.11
C VAL A 135 -8.10 -2.84 3.28
N ALA A 136 -7.96 -3.36 4.49
CA ALA A 136 -8.48 -2.72 5.69
C ALA A 136 -7.52 -1.61 6.13
N GLY A 137 -8.02 -0.41 6.41
CA GLY A 137 -7.17 0.71 6.82
C GLY A 137 -7.93 1.77 7.59
N SER A 138 -7.21 2.80 8.03
CA SER A 138 -7.82 4.08 8.36
C SER A 138 -6.80 5.18 8.14
N ALA A 139 -7.26 6.36 7.73
CA ALA A 139 -6.50 7.59 7.82
C ALA A 139 -6.96 8.47 8.98
N GLU A 140 -5.99 9.16 9.59
CA GLU A 140 -6.14 10.24 10.55
C GLU A 140 -5.84 11.51 9.75
N VAL A 141 -6.90 12.23 9.38
CA VAL A 141 -6.85 13.29 8.39
C VAL A 141 -7.46 14.51 9.05
N LYS A 142 -6.63 15.34 9.69
CA LYS A 142 -7.12 16.47 10.45
C LYS A 142 -6.81 17.70 9.63
N THR A 143 -7.71 18.69 9.60
CA THR A 143 -7.42 20.02 9.09
C THR A 143 -8.68 20.85 9.34
N VAL A 144 -8.73 22.07 8.81
CA VAL A 144 -9.87 22.99 8.86
C VAL A 144 -11.16 22.23 8.53
N ASN A 145 -11.10 21.31 7.56
CA ASN A 145 -12.17 20.36 7.33
C ASN A 145 -11.54 18.99 7.08
N GLY A 146 -10.73 18.52 8.03
CA GLY A 146 -10.16 17.19 7.97
C GLY A 146 -10.95 16.33 8.91
N ILE A 147 -11.72 15.39 8.36
CA ILE A 147 -12.68 14.63 9.12
C ILE A 147 -12.00 13.41 9.76
N ARG A 148 -10.99 13.71 10.59
CA ARG A 148 -10.03 12.83 11.24
C ARG A 148 -10.07 11.37 10.80
N HIS A 149 -10.80 10.56 11.55
CA HIS A 149 -10.74 9.11 11.47
C HIS A 149 -11.52 8.64 10.26
N ILE A 150 -10.88 8.74 9.10
CA ILE A 150 -11.43 8.25 7.85
C ILE A 150 -11.22 6.73 7.85
N GLY A 151 -12.32 5.96 7.97
CA GLY A 151 -12.30 4.51 7.98
C GLY A 151 -12.18 4.01 6.55
N LEU A 152 -11.16 3.19 6.28
CA LEU A 152 -10.86 2.69 4.96
C LEU A 152 -11.31 1.23 4.91
N ALA A 153 -12.50 1.00 4.36
CA ALA A 153 -13.06 -0.32 4.10
C ALA A 153 -12.90 -0.63 2.61
N ALA A 154 -12.90 -1.91 2.23
CA ALA A 154 -12.48 -2.31 0.90
C ALA A 154 -13.14 -3.60 0.43
N LYS A 155 -13.06 -3.86 -0.87
CA LYS A 155 -13.47 -5.12 -1.44
C LYS A 155 -12.73 -5.31 -2.76
N GLN A 156 -11.66 -6.13 -2.73
CA GLN A 156 -10.83 -6.37 -3.87
C GLN A 156 -11.45 -7.43 -4.78
N MET A 1 26.76 -43.06 -33.15
CA MET A 1 27.04 -41.62 -32.97
C MET A 1 27.09 -41.38 -31.47
N GLN A 2 27.10 -40.13 -31.01
CA GLN A 2 27.05 -39.74 -29.61
C GLN A 2 26.17 -38.50 -29.53
N SER A 3 25.89 -38.01 -28.31
CA SER A 3 25.04 -36.87 -28.06
C SER A 3 25.45 -36.25 -26.72
N HIS A 4 24.92 -35.07 -26.41
CA HIS A 4 25.19 -34.33 -25.19
C HIS A 4 23.89 -33.60 -24.81
N SER A 5 23.90 -32.84 -23.71
CA SER A 5 22.79 -32.00 -23.26
C SER A 5 23.36 -30.93 -22.34
N ALA A 6 22.60 -29.86 -22.10
CA ALA A 6 22.97 -28.75 -21.25
C ALA A 6 22.13 -28.77 -19.97
N LEU A 7 22.49 -27.91 -19.00
CA LEU A 7 21.77 -27.71 -17.75
C LEU A 7 21.10 -26.33 -17.77
N THR A 8 20.42 -25.97 -16.68
CA THR A 8 19.81 -24.66 -16.49
C THR A 8 20.05 -24.25 -15.02
N ALA A 9 19.65 -23.03 -14.65
CA ALA A 9 19.76 -22.49 -13.30
C ALA A 9 18.59 -21.52 -13.09
N PHE A 10 18.36 -21.09 -11.85
CA PHE A 10 17.21 -20.28 -11.49
C PHE A 10 17.63 -19.11 -10.60
N GLN A 11 17.07 -17.92 -10.88
CA GLN A 11 17.01 -16.84 -9.90
C GLN A 11 15.90 -17.13 -8.89
N THR A 12 15.68 -16.18 -7.98
CA THR A 12 14.55 -16.09 -7.09
C THR A 12 14.56 -14.66 -6.56
N GLU A 13 13.86 -14.42 -5.45
CA GLU A 13 13.81 -13.16 -4.73
C GLU A 13 15.14 -12.94 -3.97
N GLN A 14 16.24 -12.85 -4.74
CA GLN A 14 17.61 -12.71 -4.27
C GLN A 14 18.12 -13.89 -3.43
N ILE A 15 19.44 -13.94 -3.25
CA ILE A 15 20.18 -14.92 -2.44
C ILE A 15 21.64 -14.47 -2.35
N GLN A 16 22.02 -13.80 -1.25
CA GLN A 16 23.35 -13.91 -0.70
C GLN A 16 23.23 -14.36 0.76
N ASP A 17 22.84 -15.64 0.92
CA ASP A 17 22.56 -16.30 2.19
C ASP A 17 21.36 -15.67 2.89
N SER A 18 21.51 -14.43 3.34
CA SER A 18 20.47 -13.57 3.89
C SER A 18 19.11 -13.82 3.25
N GLU A 19 18.96 -13.46 1.97
CA GLU A 19 17.68 -13.52 1.27
C GLU A 19 17.19 -14.94 1.09
N HIS A 20 17.99 -15.97 1.37
CA HIS A 20 17.50 -17.35 1.38
C HIS A 20 16.32 -17.49 2.35
N SER A 21 16.28 -16.66 3.41
CA SER A 21 15.06 -16.53 4.20
C SER A 21 14.00 -15.80 3.35
N GLY A 22 14.19 -14.49 3.19
CA GLY A 22 13.32 -13.55 2.49
C GLY A 22 12.55 -14.14 1.31
N LYS A 23 13.25 -14.83 0.40
CA LYS A 23 12.65 -15.35 -0.82
C LYS A 23 11.55 -16.38 -0.60
N MET A 24 11.46 -17.01 0.58
CA MET A 24 10.37 -17.92 0.94
C MET A 24 9.96 -18.80 -0.24
N VAL A 25 10.95 -19.50 -0.79
CA VAL A 25 10.78 -20.58 -1.76
C VAL A 25 10.20 -20.08 -3.11
N ALA A 26 10.26 -18.78 -3.37
CA ALA A 26 9.44 -18.18 -4.42
C ALA A 26 10.02 -18.26 -5.84
N LYS A 27 9.14 -17.93 -6.81
CA LYS A 27 9.31 -18.13 -8.24
C LYS A 27 10.51 -17.36 -8.81
N ARG A 28 10.83 -17.66 -10.08
CA ARG A 28 11.71 -16.84 -10.89
C ARG A 28 10.87 -15.69 -11.45
N GLN A 29 11.21 -14.44 -11.12
CA GLN A 29 10.76 -13.28 -11.87
C GLN A 29 11.76 -12.15 -11.65
N PHE A 30 12.11 -11.43 -12.72
CA PHE A 30 13.19 -10.46 -12.69
C PHE A 30 12.71 -9.15 -12.09
N ARG A 31 11.87 -8.43 -12.84
CA ARG A 31 11.33 -7.13 -12.46
C ARG A 31 12.43 -6.16 -12.00
N ILE A 32 13.63 -6.32 -12.59
CA ILE A 32 14.88 -5.76 -12.08
C ILE A 32 15.16 -6.31 -10.68
N GLY A 33 16.11 -7.26 -10.59
CA GLY A 33 16.51 -7.91 -9.34
C GLY A 33 17.20 -6.94 -8.39
N ASP A 34 16.40 -6.07 -7.80
CA ASP A 34 16.78 -4.92 -6.98
C ASP A 34 15.62 -4.60 -6.04
N ILE A 35 14.41 -4.48 -6.60
CA ILE A 35 13.20 -4.15 -5.88
C ILE A 35 12.73 -5.40 -5.09
N ALA A 36 13.49 -5.80 -4.08
CA ALA A 36 13.15 -6.93 -3.22
C ALA A 36 11.81 -6.66 -2.53
N GLY A 37 10.80 -7.49 -2.78
CA GLY A 37 9.47 -7.33 -2.25
C GLY A 37 9.40 -7.89 -0.84
N GLU A 38 9.76 -9.16 -0.68
CA GLU A 38 9.65 -9.93 0.56
C GLU A 38 8.17 -10.20 0.90
N HIS A 39 7.74 -10.06 2.16
CA HIS A 39 6.48 -10.59 2.66
C HIS A 39 5.25 -9.96 1.99
N THR A 40 5.41 -8.78 1.43
CA THR A 40 4.41 -8.14 0.60
C THR A 40 4.00 -9.07 -0.54
N SER A 41 5.00 -9.38 -1.36
CA SER A 41 4.87 -10.26 -2.51
C SER A 41 4.65 -11.71 -2.06
N PHE A 42 5.60 -12.25 -1.28
CA PHE A 42 5.75 -13.67 -0.99
C PHE A 42 4.42 -14.38 -0.78
N ASP A 43 3.58 -13.87 0.13
CA ASP A 43 2.43 -14.62 0.65
C ASP A 43 1.70 -15.38 -0.45
N LYS A 44 1.41 -14.69 -1.57
CA LYS A 44 0.89 -15.25 -2.82
C LYS A 44 0.54 -14.11 -3.79
N LEU A 45 1.38 -13.08 -3.89
CA LEU A 45 1.09 -11.86 -4.63
C LEU A 45 2.26 -11.59 -5.61
N PRO A 46 1.97 -11.33 -6.89
CA PRO A 46 3.00 -11.09 -7.91
C PRO A 46 3.61 -9.70 -7.73
N GLU A 47 4.41 -9.24 -8.70
CA GLU A 47 4.91 -7.89 -8.75
C GLU A 47 3.80 -6.93 -9.17
N GLY A 48 3.03 -7.30 -10.20
CA GLY A 48 1.90 -6.54 -10.70
C GLY A 48 2.24 -5.07 -10.94
N GLY A 49 1.29 -4.20 -10.59
CA GLY A 49 1.38 -2.75 -10.84
C GLY A 49 0.20 -1.96 -10.28
N ARG A 50 -1.01 -2.54 -10.31
CA ARG A 50 -2.24 -1.87 -9.87
C ARG A 50 -3.25 -2.88 -9.32
N ALA A 51 -3.17 -3.21 -8.02
CA ALA A 51 -4.08 -4.19 -7.43
C ALA A 51 -5.44 -3.58 -7.16
N THR A 52 -6.41 -4.49 -7.10
CA THR A 52 -7.84 -4.27 -7.14
C THR A 52 -8.36 -3.78 -5.79
N TYR A 53 -7.85 -2.66 -5.28
CA TYR A 53 -8.24 -2.11 -3.98
C TYR A 53 -9.40 -1.13 -4.15
N ARG A 54 -10.58 -1.64 -4.55
CA ARG A 54 -11.78 -0.83 -4.67
C ARG A 54 -12.42 -0.62 -3.30
N GLY A 55 -12.39 0.60 -2.75
CA GLY A 55 -12.97 0.82 -1.43
C GLY A 55 -13.62 2.17 -1.21
N THR A 56 -14.22 2.29 -0.03
CA THR A 56 -14.99 3.44 0.41
C THR A 56 -14.44 3.85 1.77
N ALA A 57 -14.25 5.16 1.96
CA ALA A 57 -13.91 5.76 3.23
C ALA A 57 -15.14 6.47 3.78
N PHE A 58 -15.31 6.46 5.10
CA PHE A 58 -16.40 7.08 5.81
C PHE A 58 -15.80 7.88 6.97
N GLY A 59 -16.23 9.13 7.11
CA GLY A 59 -15.84 9.98 8.22
C GLY A 59 -16.70 9.67 9.43
N SER A 60 -16.29 10.12 10.62
CA SER A 60 -17.22 10.27 11.75
C SER A 60 -18.47 11.05 11.30
N ASP A 61 -18.27 12.05 10.42
CA ASP A 61 -19.32 12.87 9.82
C ASP A 61 -19.97 12.19 8.59
N ASP A 62 -19.61 10.94 8.30
CA ASP A 62 -19.93 10.19 7.08
C ASP A 62 -19.74 11.01 5.80
N ALA A 63 -18.70 11.85 5.81
CA ALA A 63 -18.32 12.69 4.70
C ALA A 63 -16.95 12.24 4.20
N GLY A 64 -16.83 10.96 3.87
CA GLY A 64 -15.55 10.34 3.60
C GLY A 64 -15.29 10.20 2.10
N GLY A 65 -14.05 9.90 1.73
CA GLY A 65 -13.57 9.72 0.38
C GLY A 65 -13.92 8.36 -0.18
N LYS A 66 -13.55 8.09 -1.43
CA LYS A 66 -13.44 6.69 -1.86
C LYS A 66 -11.99 6.37 -2.24
N LEU A 67 -11.65 5.08 -2.20
CA LEU A 67 -10.30 4.55 -2.36
C LEU A 67 -10.21 3.87 -3.73
N THR A 68 -9.32 4.38 -4.59
CA THR A 68 -9.07 3.80 -5.89
C THR A 68 -8.16 2.59 -5.78
N TYR A 69 -8.26 1.71 -6.78
CA TYR A 69 -7.42 0.54 -6.89
C TYR A 69 -6.07 1.00 -7.45
N THR A 70 -5.03 1.08 -6.60
CA THR A 70 -3.83 1.83 -6.94
C THR A 70 -2.60 1.35 -6.18
N ILE A 71 -2.14 0.11 -6.40
CA ILE A 71 -1.00 -0.41 -5.66
C ILE A 71 -0.17 -1.34 -6.54
N ASP A 72 1.17 -1.26 -6.48
CA ASP A 72 2.05 -2.25 -7.07
C ASP A 72 2.20 -3.40 -6.07
N PHE A 73 2.13 -4.62 -6.57
CA PHE A 73 1.97 -5.81 -5.75
C PHE A 73 3.31 -6.29 -5.19
N ALA A 74 4.44 -5.83 -5.73
CA ALA A 74 5.74 -6.33 -5.27
C ALA A 74 5.90 -5.89 -3.83
N ALA A 75 5.40 -4.69 -3.54
CA ALA A 75 5.79 -3.97 -2.34
C ALA A 75 4.66 -3.12 -1.72
N LYS A 76 3.57 -2.88 -2.45
CA LYS A 76 2.34 -2.25 -1.94
C LYS A 76 2.50 -0.74 -1.71
N GLN A 77 2.42 0.03 -2.79
CA GLN A 77 2.34 1.48 -2.72
C GLN A 77 0.88 1.79 -2.42
N GLY A 78 0.41 1.32 -1.27
CA GLY A 78 -1.00 1.02 -1.10
C GLY A 78 -1.84 2.27 -0.86
N ASN A 79 -1.98 3.11 -1.88
CA ASN A 79 -2.36 4.51 -1.73
C ASN A 79 -3.35 4.88 -2.82
N GLY A 80 -4.61 5.08 -2.44
CA GLY A 80 -5.70 5.40 -3.35
C GLY A 80 -6.23 6.77 -2.96
N LYS A 81 -6.49 7.63 -3.94
CA LYS A 81 -6.76 9.03 -3.66
C LYS A 81 -8.19 9.23 -3.14
N ILE A 82 -8.33 9.99 -2.05
CA ILE A 82 -9.61 10.42 -1.52
C ILE A 82 -10.08 11.58 -2.38
N GLU A 83 -10.64 11.21 -3.53
CA GLU A 83 -11.63 12.01 -4.24
C GLU A 83 -12.93 11.78 -3.45
N HIS A 84 -13.96 12.64 -3.52
CA HIS A 84 -14.49 13.41 -4.64
C HIS A 84 -15.29 14.58 -4.05
N LEU A 85 -14.67 15.39 -3.20
CA LEU A 85 -15.42 16.02 -2.12
C LEU A 85 -16.18 17.27 -2.52
N LYS A 86 -17.04 17.70 -1.58
CA LYS A 86 -17.90 18.88 -1.59
C LYS A 86 -17.26 20.15 -2.13
N SER A 87 -15.94 20.22 -2.18
CA SER A 87 -15.24 21.22 -2.97
C SER A 87 -13.97 20.57 -3.50
N PRO A 88 -13.61 20.76 -4.78
CA PRO A 88 -12.55 20.03 -5.44
C PRO A 88 -11.26 20.04 -4.62
N GLU A 89 -10.83 21.21 -4.13
CA GLU A 89 -9.60 21.38 -3.38
C GLU A 89 -9.50 20.32 -2.28
N LEU A 90 -10.64 20.04 -1.63
CA LEU A 90 -10.71 19.21 -0.47
C LEU A 90 -10.36 17.75 -0.76
N ASN A 91 -10.35 17.29 -2.02
CA ASN A 91 -9.69 16.06 -2.42
C ASN A 91 -8.38 15.87 -1.65
N VAL A 92 -8.26 14.73 -0.97
CA VAL A 92 -7.02 14.31 -0.36
C VAL A 92 -6.38 13.28 -1.28
N ASP A 93 -5.25 13.62 -1.88
CA ASP A 93 -4.45 12.58 -2.49
C ASP A 93 -3.55 12.00 -1.40
N LEU A 94 -2.96 10.84 -1.67
CA LEU A 94 -1.94 10.22 -0.83
C LEU A 94 -0.85 9.64 -1.72
N ALA A 95 0.41 9.94 -1.39
CA ALA A 95 1.55 9.63 -2.23
C ALA A 95 1.92 8.15 -2.09
N ALA A 96 2.89 7.70 -2.90
CA ALA A 96 3.31 6.31 -2.93
C ALA A 96 4.18 6.06 -1.71
N ALA A 97 3.70 5.21 -0.79
CA ALA A 97 4.35 4.88 0.46
C ALA A 97 4.44 3.36 0.55
N ASP A 98 5.66 2.85 0.71
CA ASP A 98 5.92 1.42 0.80
C ASP A 98 5.78 0.94 2.26
N ILE A 99 5.93 -0.36 2.46
CA ILE A 99 5.43 -1.08 3.63
C ILE A 99 6.53 -1.85 4.34
N LYS A 100 7.70 -2.06 3.70
CA LYS A 100 8.79 -2.93 4.16
C LYS A 100 8.83 -3.26 5.67
N PRO A 101 8.86 -2.30 6.61
CA PRO A 101 8.75 -2.61 8.04
C PRO A 101 7.34 -3.12 8.42
N ASP A 102 6.99 -4.34 7.97
CA ASP A 102 5.83 -5.12 8.38
C ASP A 102 6.32 -6.34 9.15
N GLY A 103 7.09 -7.20 8.47
CA GLY A 103 7.68 -8.37 9.09
C GLY A 103 6.69 -9.51 9.28
N LYS A 104 5.67 -9.63 8.42
CA LYS A 104 4.62 -10.62 8.63
C LYS A 104 4.03 -11.08 7.29
N ARG A 105 3.07 -10.34 6.74
CA ARG A 105 2.36 -10.66 5.50
C ARG A 105 1.75 -9.38 4.94
N HIS A 106 2.45 -8.24 5.05
CA HIS A 106 1.86 -6.93 4.85
C HIS A 106 0.64 -6.76 5.78
N ALA A 107 0.93 -6.70 7.07
CA ALA A 107 -0.01 -6.30 8.12
C ALA A 107 -0.58 -4.93 7.79
N VAL A 108 0.29 -3.95 7.47
CA VAL A 108 -0.12 -2.58 7.17
C VAL A 108 0.80 -1.94 6.13
N ILE A 109 0.44 -0.72 5.72
CA ILE A 109 1.23 0.35 5.13
C ILE A 109 1.08 1.51 6.13
N SER A 110 2.12 2.33 6.28
CA SER A 110 2.05 3.60 6.99
C SER A 110 2.37 4.68 5.96
N GLY A 111 1.37 5.47 5.55
CA GLY A 111 1.54 6.53 4.55
C GLY A 111 1.16 7.91 5.10
N SER A 112 1.48 8.96 4.34
CA SER A 112 1.01 10.32 4.58
C SER A 112 -0.09 10.61 3.56
N VAL A 113 -0.92 11.62 3.82
CA VAL A 113 -1.85 12.13 2.84
C VAL A 113 -1.54 13.61 2.57
N LEU A 114 -1.80 14.05 1.35
CA LEU A 114 -1.82 15.46 1.03
C LEU A 114 -3.15 16.02 1.50
N TYR A 115 -3.09 16.90 2.50
CA TYR A 115 -4.16 17.81 2.85
C TYR A 115 -4.10 18.89 1.78
N ASN A 116 -4.62 18.52 0.60
CA ASN A 116 -5.03 19.41 -0.48
C ASN A 116 -3.85 20.13 -1.12
N GLN A 117 -3.21 21.04 -0.39
CA GLN A 117 -2.07 21.85 -0.80
C GLN A 117 -0.90 21.71 0.20
N ALA A 118 -1.03 20.86 1.22
CA ALA A 118 -0.06 20.68 2.30
C ALA A 118 -0.17 19.24 2.81
N GLU A 119 0.67 18.82 3.76
CA GLU A 119 0.65 17.46 4.31
C GLU A 119 0.36 17.55 5.82
N LYS A 120 -0.91 17.42 6.23
CA LYS A 120 -1.33 17.29 7.63
C LYS A 120 -2.40 16.21 7.70
N GLY A 121 -1.99 15.03 7.25
CA GLY A 121 -2.67 13.80 7.58
C GLY A 121 -1.77 12.59 7.41
N SER A 122 -1.99 11.58 8.24
CA SER A 122 -1.38 10.25 8.15
C SER A 122 -2.45 9.26 7.72
N TYR A 123 -2.07 8.13 7.12
CA TYR A 123 -2.99 7.11 6.68
C TYR A 123 -2.38 5.72 6.90
N SER A 124 -3.23 4.74 7.19
CA SER A 124 -2.83 3.43 7.63
C SER A 124 -3.77 2.44 6.95
N LEU A 125 -3.22 1.60 6.08
CA LEU A 125 -3.98 0.64 5.28
C LEU A 125 -3.37 -0.73 5.52
N GLY A 126 -4.14 -1.82 5.42
CA GLY A 126 -3.62 -3.18 5.42
C GLY A 126 -4.52 -4.10 4.58
N ILE A 127 -3.93 -4.93 3.72
CA ILE A 127 -4.67 -5.90 2.93
C ILE A 127 -4.99 -7.12 3.82
N PHE A 128 -6.06 -7.86 3.54
CA PHE A 128 -6.20 -9.21 4.06
C PHE A 128 -6.84 -10.16 3.05
N GLY A 129 -6.59 -11.45 3.27
CA GLY A 129 -7.11 -12.56 2.48
C GLY A 129 -6.04 -13.18 1.58
N GLY A 130 -4.81 -12.65 1.64
CA GLY A 130 -3.62 -13.27 1.06
C GLY A 130 -3.56 -13.04 -0.44
N LYS A 131 -4.55 -13.53 -1.17
CA LYS A 131 -4.68 -13.24 -2.60
C LYS A 131 -5.11 -11.79 -2.84
N ALA A 132 -5.55 -11.09 -1.78
CA ALA A 132 -6.11 -9.74 -1.75
C ALA A 132 -7.63 -9.88 -1.82
N GLN A 133 -8.32 -9.86 -0.67
CA GLN A 133 -9.77 -10.05 -0.64
C GLN A 133 -10.45 -8.77 -0.20
N GLU A 134 -10.13 -8.28 1.00
CA GLU A 134 -10.56 -6.96 1.43
C GLU A 134 -9.38 -6.27 2.07
N VAL A 135 -9.23 -4.97 1.79
CA VAL A 135 -8.27 -4.13 2.48
C VAL A 135 -9.06 -3.35 3.52
N ALA A 136 -8.50 -3.22 4.72
CA ALA A 136 -9.05 -2.39 5.78
C ALA A 136 -8.11 -1.19 5.91
N GLY A 137 -8.65 0.00 6.17
CA GLY A 137 -7.80 1.15 6.36
C GLY A 137 -8.44 2.18 7.26
N SER A 138 -7.66 3.20 7.60
CA SER A 138 -8.12 4.43 8.22
C SER A 138 -7.11 5.51 7.89
N ALA A 139 -7.47 6.76 8.16
CA ALA A 139 -6.52 7.85 8.18
C ALA A 139 -6.79 8.75 9.37
N GLU A 140 -5.84 9.61 9.67
CA GLU A 140 -6.08 10.86 10.37
C GLU A 140 -5.79 11.98 9.37
N VAL A 141 -6.83 12.67 8.89
CA VAL A 141 -6.71 13.84 8.04
C VAL A 141 -7.34 15.01 8.79
N LYS A 142 -6.60 16.08 9.03
CA LYS A 142 -7.13 17.22 9.77
C LYS A 142 -7.09 18.45 8.88
N THR A 143 -7.92 18.44 7.83
CA THR A 143 -8.03 19.65 7.03
C THR A 143 -8.89 20.63 7.83
N VAL A 144 -8.89 21.90 7.45
CA VAL A 144 -9.79 22.89 8.03
C VAL A 144 -11.25 22.40 8.01
N ASN A 145 -11.57 21.48 7.07
CA ASN A 145 -12.86 20.80 7.05
C ASN A 145 -12.62 19.34 6.70
N GLY A 146 -11.79 18.65 7.49
CA GLY A 146 -11.36 17.30 7.18
C GLY A 146 -11.45 16.44 8.43
N ILE A 147 -11.87 15.19 8.22
CA ILE A 147 -12.31 14.31 9.27
C ILE A 147 -11.17 13.43 9.77
N ARG A 148 -10.65 13.77 10.94
CA ARG A 148 -9.63 12.97 11.63
C ARG A 148 -10.07 11.51 11.66
N HIS A 149 -11.15 11.22 12.36
CA HIS A 149 -11.65 9.85 12.42
C HIS A 149 -12.34 9.53 11.10
N ILE A 150 -11.55 9.12 10.11
CA ILE A 150 -12.02 8.54 8.86
C ILE A 150 -11.52 7.09 8.77
N GLY A 151 -12.46 6.15 8.62
CA GLY A 151 -12.17 4.73 8.45
C GLY A 151 -12.47 4.35 7.00
N LEU A 152 -11.93 3.22 6.51
CA LEU A 152 -12.24 2.76 5.16
C LEU A 152 -12.12 1.25 5.03
N ALA A 153 -12.75 0.71 3.98
CA ALA A 153 -12.62 -0.70 3.62
C ALA A 153 -12.78 -0.84 2.11
N ALA A 154 -12.15 -1.89 1.54
CA ALA A 154 -12.27 -2.25 0.13
C ALA A 154 -12.93 -3.61 -0.03
N LYS A 155 -13.68 -3.79 -1.12
CA LYS A 155 -14.46 -4.99 -1.41
C LYS A 155 -14.33 -5.28 -2.89
N GLN A 156 -13.43 -6.21 -3.24
CA GLN A 156 -13.03 -6.35 -4.60
C GLN A 156 -13.54 -7.67 -5.17
N MET A 1 26.29 31.23 3.24
CA MET A 1 26.12 30.59 4.55
C MET A 1 24.97 29.59 4.45
N GLN A 2 25.01 28.49 5.21
CA GLN A 2 24.01 27.44 5.24
C GLN A 2 24.41 26.49 6.37
N SER A 3 23.73 25.35 6.48
CA SER A 3 24.21 24.17 7.17
C SER A 3 23.57 22.98 6.46
N HIS A 4 23.75 21.78 7.03
CA HIS A 4 23.31 20.51 6.49
C HIS A 4 23.61 19.43 7.52
N SER A 5 23.05 18.23 7.37
CA SER A 5 23.44 17.04 8.12
C SER A 5 23.12 15.82 7.26
N ALA A 6 23.26 14.63 7.85
CA ALA A 6 23.05 13.36 7.18
C ALA A 6 21.82 12.68 7.79
N LEU A 7 21.02 12.04 6.94
CA LEU A 7 19.93 11.19 7.40
C LEU A 7 20.51 9.90 7.99
N THR A 8 19.81 9.30 8.96
CA THR A 8 20.20 8.01 9.50
C THR A 8 19.96 6.90 8.46
N ALA A 9 20.67 5.79 8.61
CA ALA A 9 20.28 4.53 8.00
C ALA A 9 19.04 4.01 8.72
N PHE A 10 18.36 3.03 8.11
CA PHE A 10 17.17 2.39 8.65
C PHE A 10 17.34 0.88 8.49
N GLN A 11 16.39 0.09 9.02
CA GLN A 11 16.44 -1.36 9.01
C GLN A 11 16.73 -1.86 7.59
N THR A 12 15.81 -1.53 6.69
CA THR A 12 15.91 -1.80 5.26
C THR A 12 15.79 -3.31 4.97
N GLU A 13 15.42 -3.64 3.73
CA GLU A 13 15.10 -4.97 3.25
C GLU A 13 16.20 -5.95 3.67
N GLN A 14 17.44 -5.65 3.29
CA GLN A 14 18.64 -6.26 3.84
C GLN A 14 19.59 -5.11 4.18
N ILE A 15 20.78 -5.44 4.68
CA ILE A 15 21.84 -4.50 5.02
C ILE A 15 23.10 -5.01 4.31
N GLN A 16 24.02 -4.10 3.94
CA GLN A 16 25.34 -4.41 3.39
C GLN A 16 25.21 -5.05 2.00
N ASP A 17 25.16 -4.22 0.95
CA ASP A 17 25.15 -4.60 -0.46
C ASP A 17 23.85 -5.32 -0.85
N SER A 18 23.59 -6.47 -0.24
CA SER A 18 22.34 -7.20 -0.27
C SER A 18 21.13 -6.26 -0.19
N GLU A 19 21.24 -5.25 0.68
CA GLU A 19 20.32 -4.12 0.78
C GLU A 19 19.78 -3.71 -0.59
N HIS A 20 20.69 -3.39 -1.50
CA HIS A 20 20.37 -2.89 -2.82
C HIS A 20 19.58 -3.94 -3.59
N SER A 21 20.02 -5.21 -3.52
CA SER A 21 19.34 -6.30 -4.19
C SER A 21 17.91 -6.44 -3.68
N GLY A 22 17.72 -6.36 -2.35
CA GLY A 22 16.42 -6.49 -1.72
C GLY A 22 15.54 -5.29 -2.01
N LYS A 23 15.93 -4.12 -1.52
CA LYS A 23 15.17 -2.89 -1.55
C LYS A 23 15.07 -2.30 -2.96
N MET A 24 16.10 -2.49 -3.78
CA MET A 24 16.28 -1.88 -5.10
C MET A 24 15.67 -0.48 -5.23
N VAL A 25 14.79 -0.25 -6.22
CA VAL A 25 14.00 0.97 -6.33
C VAL A 25 14.92 2.19 -6.15
N ALA A 26 15.90 2.33 -7.05
CA ALA A 26 16.93 3.34 -7.00
C ALA A 26 17.72 3.23 -8.30
N LYS A 27 17.04 3.65 -9.37
CA LYS A 27 17.29 3.17 -10.72
C LYS A 27 16.87 1.69 -10.80
N ARG A 28 16.83 1.15 -12.02
CA ARG A 28 16.81 -0.27 -12.32
C ARG A 28 17.61 -0.38 -13.62
N GLN A 29 18.38 -1.46 -13.79
CA GLN A 29 19.32 -1.60 -14.90
C GLN A 29 19.78 -3.05 -14.99
N PHE A 30 20.47 -3.51 -13.94
CA PHE A 30 21.01 -4.85 -13.87
C PHE A 30 19.89 -5.87 -13.63
N ARG A 31 20.24 -7.16 -13.58
CA ARG A 31 19.29 -8.25 -13.41
C ARG A 31 18.79 -8.32 -11.96
N ILE A 32 18.08 -7.27 -11.54
CA ILE A 32 17.50 -7.15 -10.21
C ILE A 32 16.14 -7.87 -10.23
N GLY A 33 15.74 -8.47 -9.09
CA GLY A 33 14.48 -9.19 -9.00
C GLY A 33 13.29 -8.24 -8.89
N ASP A 34 12.23 -8.76 -8.30
CA ASP A 34 10.94 -8.15 -8.01
C ASP A 34 10.96 -7.49 -6.62
N ILE A 35 11.64 -8.16 -5.69
CA ILE A 35 11.80 -7.84 -4.27
C ILE A 35 11.71 -6.34 -3.96
N ALA A 36 10.92 -6.02 -2.92
CA ALA A 36 10.94 -4.78 -2.16
C ALA A 36 9.95 -4.95 -1.00
N GLY A 37 8.66 -5.12 -1.32
CA GLY A 37 7.62 -5.35 -0.32
C GLY A 37 7.65 -6.81 0.15
N GLU A 38 8.76 -7.23 0.75
CA GLU A 38 9.11 -8.63 0.91
C GLU A 38 7.97 -9.49 1.44
N HIS A 39 7.55 -9.31 2.70
CA HIS A 39 6.57 -10.21 3.28
C HIS A 39 5.25 -10.13 2.52
N THR A 40 4.83 -8.94 2.11
CA THR A 40 3.54 -8.79 1.45
C THR A 40 3.49 -9.49 0.10
N SER A 41 4.57 -9.48 -0.68
CA SER A 41 4.61 -10.29 -1.90
C SER A 41 4.69 -11.77 -1.51
N PHE A 42 5.77 -12.12 -0.81
CA PHE A 42 6.09 -13.43 -0.26
C PHE A 42 4.85 -14.19 0.19
N ASP A 43 3.96 -13.50 0.93
CA ASP A 43 2.74 -14.06 1.51
C ASP A 43 2.11 -15.06 0.57
N LYS A 44 1.87 -14.60 -0.67
CA LYS A 44 1.28 -15.29 -1.82
C LYS A 44 0.61 -14.26 -2.74
N LEU A 45 1.29 -13.14 -3.04
CA LEU A 45 0.80 -12.09 -3.89
C LEU A 45 1.90 -11.75 -4.92
N PRO A 46 1.53 -11.32 -6.14
CA PRO A 46 2.42 -11.28 -7.30
C PRO A 46 3.37 -10.07 -7.27
N GLU A 47 4.04 -9.82 -8.41
CA GLU A 47 4.80 -8.61 -8.71
C GLU A 47 3.90 -7.48 -9.27
N GLY A 48 2.80 -7.88 -9.92
CA GLY A 48 1.89 -7.08 -10.73
C GLY A 48 1.76 -5.59 -10.40
N GLY A 49 2.05 -4.72 -11.37
CA GLY A 49 1.99 -3.27 -11.18
C GLY A 49 0.59 -2.67 -11.11
N ARG A 50 -0.43 -3.44 -10.72
CA ARG A 50 -1.79 -3.00 -10.42
C ARG A 50 -2.42 -4.06 -9.54
N ALA A 51 -3.43 -3.70 -8.74
CA ALA A 51 -4.11 -4.65 -7.88
C ALA A 51 -5.53 -4.19 -7.60
N THR A 52 -6.40 -5.11 -7.22
CA THR A 52 -7.80 -4.83 -6.91
C THR A 52 -7.91 -4.25 -5.50
N TYR A 53 -8.18 -2.94 -5.39
CA TYR A 53 -8.28 -2.17 -4.15
C TYR A 53 -9.53 -1.28 -4.23
N ARG A 54 -10.71 -1.89 -4.41
CA ARG A 54 -11.96 -1.15 -4.60
C ARG A 54 -12.47 -0.66 -3.25
N GLY A 55 -11.92 0.43 -2.71
CA GLY A 55 -12.20 0.85 -1.34
C GLY A 55 -12.95 2.18 -1.21
N THR A 56 -13.54 2.39 -0.03
CA THR A 56 -14.30 3.57 0.33
C THR A 56 -13.67 4.17 1.59
N ALA A 57 -12.91 5.26 1.44
CA ALA A 57 -12.32 6.00 2.55
C ALA A 57 -13.37 6.99 3.07
N PHE A 58 -14.21 6.52 3.98
CA PHE A 58 -15.39 7.23 4.44
C PHE A 58 -15.06 8.03 5.71
N GLY A 59 -15.51 9.29 5.76
CA GLY A 59 -15.20 10.18 6.86
C GLY A 59 -16.10 9.90 8.06
N SER A 60 -15.71 10.33 9.26
CA SER A 60 -16.65 10.40 10.37
C SER A 60 -17.84 11.33 10.07
N ASP A 61 -17.68 12.27 9.13
CA ASP A 61 -18.73 13.14 8.59
C ASP A 61 -19.42 12.49 7.38
N ASP A 62 -18.97 11.29 6.98
CA ASP A 62 -19.19 10.67 5.67
C ASP A 62 -18.82 11.55 4.48
N ALA A 63 -18.14 12.68 4.73
CA ALA A 63 -17.49 13.48 3.71
C ALA A 63 -16.16 12.83 3.38
N GLY A 64 -16.24 11.59 2.89
CA GLY A 64 -15.11 10.78 2.52
C GLY A 64 -15.15 10.51 1.01
N GLY A 65 -14.16 9.79 0.50
CA GLY A 65 -13.95 9.56 -0.92
C GLY A 65 -13.51 8.13 -1.19
N LYS A 66 -13.35 7.81 -2.47
CA LYS A 66 -13.10 6.44 -2.91
C LYS A 66 -11.60 6.17 -2.86
N LEU A 67 -11.19 5.08 -2.18
CA LEU A 67 -9.82 4.62 -2.29
C LEU A 67 -9.78 3.95 -3.66
N THR A 68 -9.43 4.75 -4.67
CA THR A 68 -9.49 4.34 -6.05
C THR A 68 -8.26 3.48 -6.34
N TYR A 69 -8.44 2.33 -7.00
CA TYR A 69 -7.49 1.24 -6.84
C TYR A 69 -6.21 1.51 -7.60
N THR A 70 -5.09 1.63 -6.88
CA THR A 70 -3.77 1.74 -7.45
C THR A 70 -2.75 1.27 -6.41
N ILE A 71 -2.01 0.22 -6.75
CA ILE A 71 -0.78 -0.17 -6.08
C ILE A 71 0.15 -0.64 -7.21
N ASP A 72 1.44 -0.77 -6.96
CA ASP A 72 2.30 -1.66 -7.71
C ASP A 72 2.75 -2.73 -6.74
N PHE A 73 2.50 -4.02 -7.00
CA PHE A 73 2.74 -5.05 -6.00
C PHE A 73 4.21 -5.17 -5.58
N ALA A 74 5.16 -4.72 -6.39
CA ALA A 74 6.57 -4.98 -6.11
C ALA A 74 6.98 -4.41 -4.75
N ALA A 75 6.53 -3.18 -4.47
CA ALA A 75 6.68 -2.53 -3.15
C ALA A 75 5.34 -2.24 -2.47
N LYS A 76 4.23 -2.42 -3.21
CA LYS A 76 2.89 -2.49 -2.67
C LYS A 76 2.50 -1.16 -2.03
N GLN A 77 2.71 -0.10 -2.80
CA GLN A 77 2.54 1.28 -2.37
C GLN A 77 1.08 1.70 -2.50
N GLY A 78 0.21 0.91 -1.88
CA GLY A 78 -1.21 0.92 -2.17
C GLY A 78 -1.89 2.18 -1.69
N ASN A 79 -2.37 3.02 -2.61
CA ASN A 79 -2.89 4.34 -2.29
C ASN A 79 -3.94 4.73 -3.33
N GLY A 80 -4.97 5.46 -2.89
CA GLY A 80 -6.12 5.77 -3.72
C GLY A 80 -6.78 7.05 -3.26
N LYS A 81 -6.82 8.05 -4.13
CA LYS A 81 -7.04 9.42 -3.70
C LYS A 81 -8.52 9.69 -3.40
N ILE A 82 -8.77 10.43 -2.32
CA ILE A 82 -10.09 10.68 -1.76
C ILE A 82 -10.69 11.87 -2.51
N GLU A 83 -10.81 11.72 -3.83
CA GLU A 83 -11.29 12.76 -4.72
C GLU A 83 -12.77 12.50 -5.00
N HIS A 84 -13.65 13.23 -4.31
CA HIS A 84 -15.10 13.08 -4.40
C HIS A 84 -15.89 14.33 -3.99
N LEU A 85 -15.25 15.36 -3.40
CA LEU A 85 -15.84 16.07 -2.27
C LEU A 85 -16.26 17.50 -2.56
N LYS A 86 -17.27 17.91 -1.78
CA LYS A 86 -18.05 19.13 -1.78
C LYS A 86 -17.24 20.41 -2.00
N SER A 87 -15.95 20.41 -1.64
CA SER A 87 -15.10 21.59 -1.86
C SER A 87 -13.67 21.13 -2.18
N PRO A 88 -12.93 21.86 -3.03
CA PRO A 88 -11.64 21.43 -3.57
C PRO A 88 -10.72 20.94 -2.46
N GLU A 89 -10.53 21.77 -1.43
CA GLU A 89 -9.76 21.48 -0.23
C GLU A 89 -9.97 20.04 0.30
N LEU A 90 -11.22 19.58 0.32
CA LEU A 90 -11.56 18.28 0.90
C LEU A 90 -11.08 17.12 0.03
N ASN A 91 -10.80 17.35 -1.25
CA ASN A 91 -10.40 16.30 -2.19
C ASN A 91 -8.96 15.91 -1.90
N VAL A 92 -8.82 15.12 -0.83
CA VAL A 92 -7.55 14.64 -0.31
C VAL A 92 -6.89 13.71 -1.31
N ASP A 93 -5.56 13.82 -1.42
CA ASP A 93 -4.75 12.85 -2.13
C ASP A 93 -3.78 12.17 -1.15
N LEU A 94 -3.31 10.99 -1.56
CA LEU A 94 -2.51 10.03 -0.80
C LEU A 94 -1.17 9.81 -1.49
N ALA A 95 -0.08 9.76 -0.73
CA ALA A 95 1.26 9.62 -1.28
C ALA A 95 1.50 8.16 -1.65
N ALA A 96 2.26 7.90 -2.71
CA ALA A 96 2.53 6.54 -3.17
C ALA A 96 3.60 5.92 -2.25
N ALA A 97 3.13 5.47 -1.10
CA ALA A 97 3.93 5.06 0.05
C ALA A 97 3.86 3.56 0.27
N ASP A 98 5.03 2.94 0.49
CA ASP A 98 5.27 1.51 0.51
C ASP A 98 4.81 0.85 1.81
N ILE A 99 4.93 -0.48 1.83
CA ILE A 99 4.94 -1.30 3.03
C ILE A 99 6.33 -1.90 3.14
N LYS A 100 7.07 -1.49 4.18
CA LYS A 100 8.35 -2.09 4.54
C LYS A 100 8.14 -3.57 4.87
N PRO A 101 9.22 -4.35 5.05
CA PRO A 101 9.12 -5.64 5.70
C PRO A 101 8.66 -5.49 7.16
N ASP A 102 7.35 -5.28 7.36
CA ASP A 102 6.71 -5.20 8.67
C ASP A 102 7.11 -6.42 9.51
N GLY A 103 6.92 -7.59 8.89
CA GLY A 103 7.08 -8.89 9.48
C GLY A 103 5.75 -9.64 9.38
N LYS A 104 5.81 -10.96 9.54
CA LYS A 104 4.64 -11.76 9.89
C LYS A 104 3.62 -11.74 8.75
N ARG A 105 4.07 -12.14 7.55
CA ARG A 105 3.32 -12.07 6.30
C ARG A 105 3.10 -10.63 5.85
N HIS A 106 2.66 -9.70 6.70
CA HIS A 106 2.57 -8.26 6.47
C HIS A 106 1.67 -7.63 7.54
N ALA A 107 1.74 -6.31 7.73
CA ALA A 107 0.76 -5.57 8.50
C ALA A 107 0.11 -4.48 7.64
N VAL A 108 0.84 -3.42 7.27
CA VAL A 108 0.25 -2.21 6.69
C VAL A 108 1.21 -1.48 5.75
N ILE A 109 0.65 -0.88 4.70
CA ILE A 109 1.26 0.24 4.03
C ILE A 109 0.88 1.47 4.87
N SER A 110 1.76 2.47 4.97
CA SER A 110 1.43 3.69 5.69
C SER A 110 1.87 4.90 4.88
N GLY A 111 0.90 5.60 4.29
CA GLY A 111 1.12 6.79 3.50
C GLY A 111 0.72 8.08 4.23
N SER A 112 1.39 9.17 3.86
CA SER A 112 0.97 10.52 4.19
C SER A 112 -0.14 10.90 3.22
N VAL A 113 -1.05 11.76 3.66
CA VAL A 113 -2.12 12.29 2.83
C VAL A 113 -2.04 13.82 2.93
N LEU A 114 -2.58 14.52 1.93
CA LEU A 114 -2.70 15.97 2.02
C LEU A 114 -4.13 16.42 1.73
N TYR A 115 -4.56 17.47 2.43
CA TYR A 115 -5.83 18.16 2.32
C TYR A 115 -5.75 19.02 1.07
N ASN A 116 -5.68 18.33 -0.07
CA ASN A 116 -5.58 18.82 -1.43
C ASN A 116 -4.33 19.67 -1.67
N GLN A 117 -4.18 20.79 -0.95
CA GLN A 117 -2.96 21.59 -0.92
C GLN A 117 -2.11 21.27 0.32
N ALA A 118 -2.73 21.13 1.51
CA ALA A 118 -2.00 21.21 2.78
C ALA A 118 -1.80 19.85 3.43
N GLU A 119 -0.57 19.48 3.78
CA GLU A 119 -0.33 18.24 4.51
C GLU A 119 -0.66 18.46 5.99
N LYS A 120 -1.74 17.84 6.49
CA LYS A 120 -1.73 17.13 7.77
C LYS A 120 -2.76 16.00 7.74
N GLY A 121 -2.34 14.86 7.18
CA GLY A 121 -2.96 13.59 7.47
C GLY A 121 -2.00 12.45 7.19
N SER A 122 -2.25 11.31 7.81
CA SER A 122 -1.49 10.08 7.68
C SER A 122 -2.45 8.91 7.79
N TYR A 123 -2.21 7.82 7.05
CA TYR A 123 -3.05 6.65 7.13
C TYR A 123 -2.27 5.35 7.21
N SER A 124 -2.99 4.26 7.47
CA SER A 124 -2.47 2.91 7.60
C SER A 124 -3.47 2.02 6.89
N LEU A 125 -3.03 1.30 5.86
CA LEU A 125 -3.90 0.49 5.01
C LEU A 125 -3.25 -0.88 4.84
N GLY A 126 -3.93 -1.94 5.26
CA GLY A 126 -3.45 -3.33 5.22
C GLY A 126 -4.27 -4.11 4.20
N ILE A 127 -3.93 -5.38 4.00
CA ILE A 127 -4.56 -6.26 3.02
C ILE A 127 -5.00 -7.52 3.74
N PHE A 128 -6.26 -7.95 3.55
CA PHE A 128 -6.74 -9.20 4.11
C PHE A 128 -6.06 -10.36 3.37
N GLY A 129 -4.94 -10.82 3.93
CA GLY A 129 -4.05 -11.82 3.34
C GLY A 129 -4.63 -13.24 3.34
N GLY A 130 -5.86 -13.40 2.88
CA GLY A 130 -6.30 -14.63 2.26
C GLY A 130 -5.82 -14.57 0.81
N LYS A 131 -6.56 -13.83 -0.03
CA LYS A 131 -6.19 -13.54 -1.42
C LYS A 131 -6.01 -12.04 -1.68
N ALA A 132 -6.40 -11.18 -0.74
CA ALA A 132 -6.85 -9.80 -0.94
C ALA A 132 -8.38 -9.83 -1.05
N GLN A 133 -9.07 -9.75 0.09
CA GLN A 133 -10.54 -9.77 0.15
C GLN A 133 -11.09 -8.39 0.50
N GLU A 134 -10.47 -7.75 1.49
CA GLU A 134 -10.71 -6.38 1.87
C GLU A 134 -9.32 -5.78 2.07
N VAL A 135 -9.16 -4.49 1.74
CA VAL A 135 -8.00 -3.71 2.16
C VAL A 135 -8.48 -2.78 3.27
N ALA A 136 -8.41 -3.25 4.51
CA ALA A 136 -8.91 -2.51 5.65
C ALA A 136 -7.90 -1.43 6.02
N GLY A 137 -8.37 -0.21 6.33
CA GLY A 137 -7.50 0.89 6.66
C GLY A 137 -8.17 1.93 7.53
N SER A 138 -7.35 2.81 8.08
CA SER A 138 -7.76 3.95 8.87
C SER A 138 -6.83 5.11 8.53
N ALA A 139 -7.38 6.31 8.34
CA ALA A 139 -6.61 7.55 8.23
C ALA A 139 -7.00 8.52 9.34
N GLU A 140 -5.99 9.23 9.84
CA GLU A 140 -6.16 10.47 10.60
C GLU A 140 -5.84 11.59 9.62
N VAL A 141 -6.84 12.40 9.27
CA VAL A 141 -6.69 13.53 8.36
C VAL A 141 -7.33 14.75 9.00
N LYS A 142 -6.54 15.76 9.35
CA LYS A 142 -6.97 16.82 10.26
C LYS A 142 -6.56 18.19 9.72
N THR A 143 -7.55 19.06 9.45
CA THR A 143 -7.31 20.46 9.14
C THR A 143 -8.54 21.23 9.63
N VAL A 144 -8.63 22.51 9.27
CA VAL A 144 -9.84 23.30 9.34
C VAL A 144 -11.05 22.48 8.85
N ASN A 145 -10.86 21.61 7.84
CA ASN A 145 -11.86 20.59 7.56
C ASN A 145 -11.12 19.31 7.20
N GLY A 146 -10.50 18.68 8.20
CA GLY A 146 -9.97 17.34 8.07
C GLY A 146 -10.82 16.48 8.98
N ILE A 147 -11.54 15.55 8.39
CA ILE A 147 -12.60 14.80 9.05
C ILE A 147 -11.98 13.67 9.89
N ARG A 148 -11.15 14.05 10.87
CA ARG A 148 -10.14 13.25 11.55
C ARG A 148 -10.15 11.78 11.15
N HIS A 149 -11.04 11.00 11.78
CA HIS A 149 -11.21 9.60 11.53
C HIS A 149 -11.86 9.39 10.16
N ILE A 150 -11.05 9.06 9.16
CA ILE A 150 -11.53 8.48 7.93
C ILE A 150 -11.33 6.97 8.06
N GLY A 151 -12.41 6.22 8.16
CA GLY A 151 -12.32 4.76 8.17
C GLY A 151 -12.29 4.29 6.72
N LEU A 152 -11.67 3.15 6.42
CA LEU A 152 -11.77 2.62 5.08
C LEU A 152 -11.79 1.10 5.05
N ALA A 153 -12.63 0.58 4.16
CA ALA A 153 -12.73 -0.83 3.81
C ALA A 153 -12.82 -0.88 2.30
N ALA A 154 -12.74 -2.09 1.74
CA ALA A 154 -12.83 -2.36 0.32
C ALA A 154 -13.33 -3.77 0.14
N LYS A 155 -13.70 -4.15 -1.07
CA LYS A 155 -14.09 -5.51 -1.38
C LYS A 155 -13.55 -5.93 -2.74
N GLN A 156 -12.94 -7.11 -2.79
CA GLN A 156 -12.31 -7.63 -3.98
C GLN A 156 -12.22 -9.15 -3.91
N MET A 1 28.36 -25.11 -37.29
CA MET A 1 28.24 -23.76 -37.87
C MET A 1 28.16 -22.80 -36.67
N GLN A 2 27.77 -21.54 -36.87
CA GLN A 2 27.63 -20.60 -35.77
C GLN A 2 26.51 -21.05 -34.83
N SER A 3 26.59 -20.69 -33.55
CA SER A 3 25.64 -21.07 -32.53
C SER A 3 25.82 -20.12 -31.35
N HIS A 4 24.74 -19.49 -30.88
CA HIS A 4 24.75 -18.61 -29.71
C HIS A 4 23.56 -18.98 -28.82
N SER A 5 23.56 -18.50 -27.58
CA SER A 5 22.53 -18.68 -26.56
C SER A 5 22.79 -17.63 -25.48
N ALA A 6 21.89 -17.48 -24.52
CA ALA A 6 22.01 -16.53 -23.42
C ALA A 6 21.19 -17.04 -22.24
N LEU A 7 21.30 -16.35 -21.10
CA LEU A 7 20.60 -16.64 -19.86
C LEU A 7 20.16 -15.31 -19.23
N THR A 8 19.60 -15.34 -18.02
CA THR A 8 19.22 -14.15 -17.27
C THR A 8 19.18 -14.51 -15.79
N ALA A 9 18.75 -13.56 -14.95
CA ALA A 9 18.66 -13.69 -13.50
C ALA A 9 17.71 -12.60 -12.98
N PHE A 10 17.43 -12.61 -11.67
CA PHE A 10 16.53 -11.67 -11.02
C PHE A 10 16.79 -11.72 -9.51
N GLN A 11 16.15 -10.86 -8.73
CA GLN A 11 16.09 -10.98 -7.27
C GLN A 11 14.72 -10.48 -6.82
N THR A 12 14.20 -11.10 -5.76
CA THR A 12 12.98 -10.71 -5.06
C THR A 12 13.06 -11.28 -3.64
N GLU A 13 11.89 -11.43 -3.00
CA GLU A 13 11.76 -11.69 -1.57
C GLU A 13 11.01 -12.99 -1.26
N GLN A 14 10.67 -13.80 -2.28
CA GLN A 14 9.88 -15.01 -2.09
C GLN A 14 10.04 -15.89 -3.33
N ILE A 15 9.85 -17.21 -3.16
CA ILE A 15 10.07 -18.26 -4.14
C ILE A 15 11.53 -18.30 -4.59
N GLN A 16 12.27 -19.33 -4.13
CA GLN A 16 13.72 -19.45 -4.20
C GLN A 16 14.38 -18.41 -3.30
N ASP A 17 14.07 -17.13 -3.49
CA ASP A 17 14.66 -16.02 -2.75
C ASP A 17 14.17 -15.93 -1.30
N SER A 18 13.74 -17.04 -0.70
CA SER A 18 13.60 -17.11 0.75
C SER A 18 14.98 -17.06 1.43
N GLU A 19 16.05 -17.29 0.66
CA GLU A 19 17.41 -16.97 1.06
C GLU A 19 17.61 -15.44 1.06
N HIS A 20 17.39 -14.82 -0.09
CA HIS A 20 17.63 -13.39 -0.29
C HIS A 20 16.68 -12.49 0.50
N SER A 21 15.51 -12.99 0.92
CA SER A 21 14.39 -12.24 1.48
C SER A 21 14.69 -11.25 2.61
N GLY A 22 15.90 -11.23 3.17
CA GLY A 22 16.35 -10.15 4.03
C GLY A 22 16.63 -8.85 3.28
N LYS A 23 16.64 -8.85 1.94
CA LYS A 23 16.85 -7.67 1.12
C LYS A 23 15.89 -6.54 1.50
N MET A 24 14.66 -6.87 1.91
CA MET A 24 13.67 -5.96 2.46
C MET A 24 14.22 -5.16 3.64
N VAL A 25 14.92 -4.06 3.29
CA VAL A 25 15.52 -3.07 4.16
C VAL A 25 16.78 -3.66 4.80
N ALA A 26 17.78 -2.78 5.03
CA ALA A 26 19.18 -3.09 5.36
C ALA A 26 19.99 -3.15 4.05
N LYS A 27 20.59 -2.01 3.70
CA LYS A 27 21.31 -1.81 2.45
C LYS A 27 22.60 -2.62 2.44
N ARG A 28 22.50 -3.93 2.18
CA ARG A 28 23.64 -4.83 2.19
C ARG A 28 24.43 -4.71 0.88
N GLN A 29 23.86 -5.18 -0.24
CA GLN A 29 24.54 -5.35 -1.53
C GLN A 29 23.51 -5.67 -2.61
N PHE A 30 23.98 -6.03 -3.82
CA PHE A 30 23.19 -6.37 -5.00
C PHE A 30 22.54 -5.11 -5.59
N ARG A 31 21.53 -5.28 -6.45
CA ARG A 31 20.64 -4.19 -6.80
C ARG A 31 20.04 -3.65 -5.48
N ILE A 32 20.05 -2.33 -5.33
CA ILE A 32 19.46 -1.62 -4.21
C ILE A 32 18.45 -0.64 -4.84
N GLY A 33 17.27 -1.14 -5.19
CA GLY A 33 16.22 -0.37 -5.82
C GLY A 33 15.07 -1.33 -6.13
N ASP A 34 14.59 -1.98 -5.07
CA ASP A 34 13.83 -3.23 -5.10
C ASP A 34 13.70 -3.74 -3.66
N ILE A 35 13.00 -2.97 -2.83
CA ILE A 35 12.72 -3.32 -1.45
C ILE A 35 11.91 -4.62 -1.40
N ALA A 36 11.00 -4.79 -2.35
CA ALA A 36 10.12 -5.95 -2.47
C ALA A 36 9.23 -6.09 -1.23
N GLY A 37 8.68 -7.28 -0.97
CA GLY A 37 7.73 -7.43 0.13
C GLY A 37 7.30 -8.88 0.36
N GLU A 38 8.11 -9.64 1.11
CA GLU A 38 7.88 -11.05 1.41
C GLU A 38 6.45 -11.41 1.83
N HIS A 39 6.04 -11.22 3.09
CA HIS A 39 4.80 -11.79 3.57
C HIS A 39 3.55 -11.27 2.84
N THR A 40 3.53 -10.01 2.40
CA THR A 40 2.39 -9.52 1.63
C THR A 40 2.38 -10.13 0.23
N SER A 41 3.44 -9.93 -0.53
CA SER A 41 3.50 -10.46 -1.89
C SER A 41 3.32 -11.98 -1.92
N PHE A 42 3.74 -12.66 -0.83
CA PHE A 42 3.52 -14.07 -0.58
C PHE A 42 2.04 -14.50 -0.69
N ASP A 43 1.06 -13.58 -0.65
CA ASP A 43 -0.31 -13.92 -1.04
C ASP A 43 -0.36 -14.55 -2.46
N LYS A 44 0.65 -14.27 -3.30
CA LYS A 44 0.97 -14.89 -4.60
C LYS A 44 0.02 -14.43 -5.69
N LEU A 45 0.10 -13.13 -5.98
CA LEU A 45 -0.81 -12.45 -6.90
C LEU A 45 -0.31 -11.06 -7.35
N PRO A 46 0.98 -10.91 -7.69
CA PRO A 46 1.51 -9.63 -8.10
C PRO A 46 0.97 -9.21 -9.48
N GLU A 47 -0.18 -8.54 -9.48
CA GLU A 47 -0.73 -7.87 -10.66
C GLU A 47 0.35 -6.98 -11.32
N GLY A 48 1.19 -6.37 -10.49
CA GLY A 48 2.19 -5.39 -10.89
C GLY A 48 1.52 -4.07 -11.24
N GLY A 49 2.07 -2.94 -10.81
CA GLY A 49 1.57 -1.62 -11.15
C GLY A 49 0.28 -1.21 -10.44
N ARG A 50 -0.76 -2.07 -10.46
CA ARG A 50 -2.08 -1.77 -9.92
C ARG A 50 -2.46 -2.78 -8.83
N ALA A 51 -3.36 -2.35 -7.94
CA ALA A 51 -4.03 -3.20 -6.98
C ALA A 51 -5.40 -3.60 -7.53
N THR A 52 -6.15 -4.40 -6.77
CA THR A 52 -7.57 -4.62 -7.07
C THR A 52 -8.47 -4.14 -5.92
N TYR A 53 -8.30 -2.89 -5.48
CA TYR A 53 -9.08 -2.31 -4.38
C TYR A 53 -10.38 -1.67 -4.88
N ARG A 54 -11.52 -2.08 -4.34
CA ARG A 54 -12.72 -1.25 -4.37
C ARG A 54 -13.03 -0.94 -2.91
N GLY A 55 -12.76 0.27 -2.45
CA GLY A 55 -12.91 0.59 -1.04
C GLY A 55 -13.16 2.07 -0.81
N THR A 56 -13.29 2.48 0.45
CA THR A 56 -13.60 3.84 0.84
C THR A 56 -13.08 4.09 2.25
N ALA A 57 -12.52 5.28 2.43
CA ALA A 57 -12.10 5.86 3.69
C ALA A 57 -13.33 6.55 4.29
N PHE A 58 -14.16 5.79 4.99
CA PHE A 58 -15.41 6.28 5.56
C PHE A 58 -15.09 7.03 6.85
N GLY A 59 -15.68 8.21 7.02
CA GLY A 59 -15.44 9.04 8.19
C GLY A 59 -16.20 8.46 9.38
N SER A 60 -15.82 8.83 10.59
CA SER A 60 -16.73 8.73 11.73
C SER A 60 -18.09 9.37 11.38
N ASP A 61 -18.04 10.47 10.61
CA ASP A 61 -19.18 11.19 10.07
C ASP A 61 -19.65 10.64 8.71
N ASP A 62 -19.14 9.47 8.28
CA ASP A 62 -19.18 8.93 6.94
C ASP A 62 -19.11 10.01 5.86
N ALA A 63 -18.07 10.83 5.95
CA ALA A 63 -17.79 11.90 5.01
C ALA A 63 -16.29 11.98 4.77
N GLY A 64 -15.72 10.84 4.36
CA GLY A 64 -14.35 10.72 3.89
C GLY A 64 -14.35 10.14 2.48
N GLY A 65 -13.21 10.22 1.81
CA GLY A 65 -13.09 9.94 0.39
C GLY A 65 -12.99 8.45 0.08
N LYS A 66 -12.97 8.15 -1.22
CA LYS A 66 -12.96 6.79 -1.72
C LYS A 66 -11.51 6.26 -1.77
N LEU A 67 -11.34 4.96 -1.97
CA LEU A 67 -10.04 4.36 -2.23
C LEU A 67 -10.06 3.68 -3.60
N THR A 68 -9.42 4.31 -4.58
CA THR A 68 -9.18 3.74 -5.89
C THR A 68 -7.98 2.78 -5.84
N TYR A 69 -7.99 1.78 -6.73
CA TYR A 69 -6.97 0.76 -6.77
C TYR A 69 -5.73 1.26 -7.47
N THR A 70 -4.64 1.45 -6.74
CA THR A 70 -3.35 1.74 -7.33
C THR A 70 -2.25 1.32 -6.36
N ILE A 71 -1.61 0.17 -6.58
CA ILE A 71 -0.38 -0.21 -5.90
C ILE A 71 0.49 -1.05 -6.83
N ASP A 72 1.79 -0.78 -6.88
CA ASP A 72 2.70 -1.64 -7.63
C ASP A 72 3.16 -2.78 -6.74
N PHE A 73 2.75 -4.00 -7.03
CA PHE A 73 3.21 -5.19 -6.34
C PHE A 73 4.70 -5.46 -6.50
N ALA A 74 5.43 -4.69 -7.33
CA ALA A 74 6.89 -4.72 -7.33
C ALA A 74 7.44 -4.71 -5.90
N ALA A 75 6.82 -3.90 -5.02
CA ALA A 75 7.03 -3.97 -3.58
C ALA A 75 5.77 -3.79 -2.72
N LYS A 76 4.63 -3.44 -3.33
CA LYS A 76 3.53 -2.74 -2.70
C LYS A 76 3.96 -1.43 -2.08
N GLN A 77 3.41 -0.37 -2.65
CA GLN A 77 3.28 0.90 -2.00
C GLN A 77 1.85 1.36 -2.25
N GLY A 78 1.70 2.43 -3.05
CA GLY A 78 0.45 2.87 -3.61
C GLY A 78 -0.58 3.34 -2.60
N ASN A 79 -1.80 3.62 -3.08
CA ASN A 79 -2.86 4.28 -2.34
C ASN A 79 -4.10 4.49 -3.20
N GLY A 80 -5.05 5.33 -2.76
CA GLY A 80 -6.20 5.71 -3.56
C GLY A 80 -6.70 7.07 -3.10
N LYS A 81 -7.07 7.94 -4.04
CA LYS A 81 -7.24 9.37 -3.84
C LYS A 81 -8.63 9.76 -3.31
N ILE A 82 -8.68 10.76 -2.42
CA ILE A 82 -9.94 11.21 -1.81
C ILE A 82 -10.60 12.21 -2.78
N GLU A 83 -10.97 11.72 -3.96
CA GLU A 83 -11.43 12.55 -5.05
C GLU A 83 -12.94 12.39 -5.26
N HIS A 84 -13.75 13.15 -4.52
CA HIS A 84 -15.11 13.51 -4.94
C HIS A 84 -15.66 14.75 -4.23
N LEU A 85 -14.81 15.61 -3.66
CA LEU A 85 -15.26 16.61 -2.70
C LEU A 85 -15.70 17.88 -3.43
N LYS A 86 -16.78 18.47 -2.90
CA LYS A 86 -17.46 19.61 -3.48
C LYS A 86 -16.56 20.83 -3.63
N SER A 87 -15.48 20.88 -2.85
CA SER A 87 -14.49 21.95 -2.95
C SER A 87 -13.28 21.36 -3.67
N PRO A 88 -12.92 21.81 -4.89
CA PRO A 88 -11.85 21.20 -5.66
C PRO A 88 -10.60 20.95 -4.80
N GLU A 89 -10.14 21.97 -4.09
CA GLU A 89 -8.95 21.91 -3.23
C GLU A 89 -9.00 20.71 -2.30
N LEU A 90 -10.18 20.41 -1.75
CA LEU A 90 -10.36 19.37 -0.74
C LEU A 90 -10.28 17.97 -1.31
N ASN A 91 -10.14 17.81 -2.64
CA ASN A 91 -9.96 16.50 -3.23
C ASN A 91 -8.56 15.98 -2.90
N VAL A 92 -8.37 15.60 -1.64
CA VAL A 92 -7.09 15.20 -1.06
C VAL A 92 -6.48 14.08 -1.87
N ASP A 93 -5.21 14.24 -2.24
CA ASP A 93 -4.46 13.13 -2.77
C ASP A 93 -3.85 12.37 -1.59
N LEU A 94 -3.75 11.05 -1.76
CA LEU A 94 -3.20 10.10 -0.82
C LEU A 94 -1.87 9.62 -1.37
N ALA A 95 -0.78 9.83 -0.64
CA ALA A 95 0.56 9.55 -1.14
C ALA A 95 0.85 8.05 -1.07
N ALA A 96 1.73 7.58 -1.97
CA ALA A 96 2.18 6.21 -1.97
C ALA A 96 3.22 6.02 -0.87
N ALA A 97 3.11 4.95 -0.09
CA ALA A 97 4.05 4.61 0.96
C ALA A 97 4.14 3.09 1.03
N ASP A 98 5.30 2.58 1.41
CA ASP A 98 5.64 1.16 1.39
C ASP A 98 5.04 0.46 2.62
N ILE A 99 4.89 -0.86 2.53
CA ILE A 99 4.33 -1.71 3.55
C ILE A 99 5.49 -2.36 4.32
N LYS A 100 5.66 -2.00 5.60
CA LYS A 100 6.89 -2.26 6.35
C LYS A 100 6.93 -3.71 6.83
N PRO A 101 8.11 -4.31 7.08
CA PRO A 101 8.21 -5.67 7.59
C PRO A 101 7.81 -5.73 9.08
N ASP A 102 6.51 -5.66 9.37
CA ASP A 102 5.98 -5.73 10.74
C ASP A 102 6.51 -6.94 11.50
N GLY A 103 6.38 -8.12 10.88
CA GLY A 103 6.77 -9.39 11.43
C GLY A 103 5.59 -10.36 11.60
N LYS A 104 4.56 -10.24 10.75
CA LYS A 104 3.35 -11.03 10.85
C LYS A 104 2.72 -11.17 9.46
N ARG A 105 2.56 -10.05 8.75
CA ARG A 105 2.21 -10.08 7.33
C ARG A 105 2.85 -8.94 6.50
N HIS A 106 3.73 -8.13 7.12
CA HIS A 106 4.01 -6.73 6.83
C HIS A 106 3.02 -5.80 7.56
N ALA A 107 1.88 -6.33 7.99
CA ALA A 107 0.80 -5.53 8.55
C ALA A 107 0.37 -4.41 7.59
N VAL A 108 0.97 -3.22 7.66
CA VAL A 108 0.47 -1.98 7.07
C VAL A 108 1.57 -1.12 6.43
N ILE A 109 1.13 -0.13 5.64
CA ILE A 109 1.91 1.03 5.26
C ILE A 109 1.87 2.10 6.35
N SER A 110 2.61 3.18 6.14
CA SER A 110 2.47 4.42 6.88
C SER A 110 2.45 5.54 5.83
N GLY A 111 1.25 5.79 5.29
CA GLY A 111 1.04 6.79 4.24
C GLY A 111 0.65 8.14 4.83
N SER A 112 0.52 9.15 3.96
CA SER A 112 0.20 10.52 4.32
C SER A 112 -0.52 11.17 3.13
N VAL A 113 -1.05 12.38 3.28
CA VAL A 113 -2.12 12.90 2.44
C VAL A 113 -1.93 14.40 2.18
N LEU A 114 -2.13 14.86 0.95
CA LEU A 114 -2.03 16.29 0.64
C LEU A 114 -3.35 16.97 0.95
N TYR A 115 -3.35 17.75 2.02
CA TYR A 115 -4.42 18.67 2.38
C TYR A 115 -4.26 19.90 1.50
N ASN A 116 -4.84 19.80 0.30
CA ASN A 116 -4.93 20.87 -0.68
C ASN A 116 -3.54 21.17 -1.25
N GLN A 117 -2.73 21.90 -0.48
CA GLN A 117 -1.39 22.36 -0.79
C GLN A 117 -0.60 22.43 0.53
N ALA A 118 -0.93 21.56 1.48
CA ALA A 118 -0.42 21.48 2.83
C ALA A 118 -0.61 20.03 3.29
N GLU A 119 -0.16 19.68 4.49
CA GLU A 119 -0.44 18.36 5.05
C GLU A 119 -0.65 18.44 6.56
N LYS A 120 -1.88 18.16 7.01
CA LYS A 120 -2.07 17.37 8.21
C LYS A 120 -3.05 16.22 7.93
N GLY A 121 -2.49 15.09 7.48
CA GLY A 121 -3.14 13.80 7.58
C GLY A 121 -2.04 12.76 7.69
N SER A 122 -2.45 11.52 7.95
CA SER A 122 -1.60 10.34 7.99
C SER A 122 -2.50 9.14 7.73
N TYR A 123 -1.95 7.99 7.34
CA TYR A 123 -2.80 6.87 6.95
C TYR A 123 -2.08 5.55 7.17
N SER A 124 -2.85 4.54 7.61
CA SER A 124 -2.37 3.19 7.83
C SER A 124 -3.27 2.29 7.00
N LEU A 125 -2.70 1.40 6.20
CA LEU A 125 -3.43 0.52 5.31
C LEU A 125 -2.64 -0.75 5.07
N GLY A 126 -3.31 -1.90 5.14
CA GLY A 126 -2.72 -3.22 5.08
C GLY A 126 -3.63 -4.17 4.32
N ILE A 127 -3.03 -5.12 3.59
CA ILE A 127 -3.74 -6.11 2.79
C ILE A 127 -3.95 -7.36 3.64
N PHE A 128 -5.13 -7.96 3.56
CA PHE A 128 -5.45 -9.16 4.29
C PHE A 128 -6.21 -10.09 3.36
N GLY A 129 -6.01 -11.39 3.53
CA GLY A 129 -6.63 -12.38 2.67
C GLY A 129 -5.89 -13.71 2.70
N GLY A 130 -4.58 -13.68 2.42
CA GLY A 130 -3.86 -14.89 2.06
C GLY A 130 -4.26 -15.27 0.63
N LYS A 131 -4.47 -14.22 -0.15
CA LYS A 131 -4.89 -14.08 -1.54
C LYS A 131 -5.57 -12.70 -1.80
N ALA A 132 -5.18 -11.61 -1.12
CA ALA A 132 -5.62 -10.23 -1.29
C ALA A 132 -7.14 -10.11 -1.36
N GLN A 133 -7.80 -9.98 -0.20
CA GLN A 133 -9.26 -10.05 -0.10
C GLN A 133 -9.83 -8.73 0.41
N GLU A 134 -9.21 -8.18 1.46
CA GLU A 134 -9.64 -6.95 2.10
C GLU A 134 -8.39 -6.14 2.41
N VAL A 135 -8.30 -4.93 1.88
CA VAL A 135 -7.32 -3.97 2.36
C VAL A 135 -7.95 -3.12 3.47
N ALA A 136 -7.49 -3.32 4.71
CA ALA A 136 -8.07 -2.70 5.90
C ALA A 136 -7.11 -1.61 6.38
N GLY A 137 -7.65 -0.47 6.80
CA GLY A 137 -6.84 0.68 7.17
C GLY A 137 -7.59 1.65 8.08
N SER A 138 -6.91 2.73 8.47
CA SER A 138 -7.53 3.95 8.96
C SER A 138 -6.69 5.13 8.51
N ALA A 139 -7.36 6.19 8.02
CA ALA A 139 -6.77 7.48 7.71
C ALA A 139 -7.13 8.50 8.80
N GLU A 140 -6.26 9.49 8.98
CA GLU A 140 -6.66 10.81 9.44
C GLU A 140 -6.31 11.84 8.38
N VAL A 141 -7.21 12.80 8.18
CA VAL A 141 -7.13 13.80 7.11
C VAL A 141 -7.72 15.08 7.67
N LYS A 142 -6.97 15.80 8.50
CA LYS A 142 -7.45 17.02 9.12
C LYS A 142 -7.52 18.12 8.06
N THR A 143 -8.74 18.53 7.68
CA THR A 143 -8.96 19.70 6.86
C THR A 143 -10.22 20.41 7.37
N VAL A 144 -10.52 21.58 6.81
CA VAL A 144 -11.77 22.30 7.07
C VAL A 144 -12.96 21.36 6.85
N ASN A 145 -12.88 20.48 5.84
CA ASN A 145 -13.86 19.43 5.60
C ASN A 145 -13.12 18.10 5.61
N GLY A 146 -12.44 17.77 6.71
CA GLY A 146 -11.54 16.64 6.75
C GLY A 146 -11.50 16.08 8.15
N ILE A 147 -12.01 14.86 8.30
CA ILE A 147 -12.13 14.12 9.53
C ILE A 147 -10.78 13.46 9.86
N ARG A 148 -10.43 13.38 11.14
CA ARG A 148 -9.30 12.56 11.56
C ARG A 148 -9.68 11.09 11.75
N HIS A 149 -10.83 10.80 12.36
CA HIS A 149 -11.20 9.40 12.60
C HIS A 149 -11.89 8.87 11.35
N ILE A 150 -11.11 8.44 10.35
CA ILE A 150 -11.61 7.85 9.11
C ILE A 150 -11.18 6.37 9.04
N GLY A 151 -12.15 5.46 9.00
CA GLY A 151 -11.89 4.03 8.85
C GLY A 151 -11.81 3.69 7.37
N LEU A 152 -10.99 2.71 6.98
CA LEU A 152 -10.79 2.34 5.59
C LEU A 152 -11.33 0.93 5.37
N ALA A 153 -12.44 0.83 4.63
CA ALA A 153 -13.04 -0.43 4.22
C ALA A 153 -12.66 -0.69 2.77
N ALA A 154 -12.53 -1.97 2.38
CA ALA A 154 -12.26 -2.35 1.01
C ALA A 154 -12.78 -3.74 0.71
N LYS A 155 -12.89 -4.03 -0.59
CA LYS A 155 -13.14 -5.35 -1.13
C LYS A 155 -12.23 -5.53 -2.35
N GLN A 156 -11.55 -6.66 -2.39
CA GLN A 156 -10.92 -7.25 -3.56
C GLN A 156 -11.74 -8.49 -3.93
N MET A 1 19.89 -23.75 15.13
CA MET A 1 20.05 -23.38 16.56
C MET A 1 18.69 -23.39 17.30
N GLN A 2 17.90 -24.43 17.07
CA GLN A 2 16.57 -24.64 17.64
C GLN A 2 16.14 -26.04 17.21
N SER A 3 16.25 -26.30 15.91
CA SER A 3 16.73 -27.56 15.39
C SER A 3 18.11 -27.29 14.77
N HIS A 4 18.61 -28.27 14.02
CA HIS A 4 19.78 -28.16 13.16
C HIS A 4 19.28 -28.31 11.71
N SER A 5 19.82 -27.49 10.81
CA SER A 5 19.33 -27.39 9.44
C SER A 5 20.31 -26.56 8.63
N ALA A 6 21.11 -27.18 7.77
CA ALA A 6 22.10 -26.48 6.95
C ALA A 6 21.42 -25.80 5.75
N LEU A 7 20.47 -24.91 6.01
CA LEU A 7 19.87 -24.08 4.97
C LEU A 7 20.80 -22.92 4.59
N THR A 8 20.45 -22.18 3.55
CA THR A 8 21.12 -20.93 3.19
C THR A 8 20.07 -20.00 2.57
N ALA A 9 20.27 -18.69 2.73
CA ALA A 9 19.39 -17.62 2.29
C ALA A 9 20.13 -16.31 2.59
N PHE A 10 19.63 -15.18 2.11
CA PHE A 10 20.21 -13.87 2.43
C PHE A 10 19.18 -12.76 2.25
N GLN A 11 17.91 -13.06 2.56
CA GLN A 11 16.74 -12.19 2.41
C GLN A 11 15.53 -12.97 2.94
N THR A 12 14.29 -12.57 2.61
CA THR A 12 13.14 -13.08 3.34
C THR A 12 11.81 -13.18 2.59
N GLU A 13 11.88 -13.04 1.29
CA GLU A 13 10.78 -13.09 0.34
C GLU A 13 10.46 -14.56 0.06
N GLN A 14 11.34 -15.19 -0.71
CA GLN A 14 11.21 -16.54 -1.26
C GLN A 14 12.51 -16.77 -2.02
N ILE A 15 12.85 -18.03 -2.31
CA ILE A 15 13.97 -18.42 -3.16
C ILE A 15 13.45 -19.42 -4.19
N GLN A 16 14.10 -19.49 -5.35
CA GLN A 16 13.92 -20.51 -6.38
C GLN A 16 12.77 -20.12 -7.32
N ASP A 17 13.10 -19.35 -8.36
CA ASP A 17 12.26 -18.95 -9.49
C ASP A 17 11.09 -18.06 -9.06
N SER A 18 10.19 -18.62 -8.26
CA SER A 18 9.15 -17.99 -7.46
C SER A 18 9.56 -16.60 -6.97
N GLU A 19 10.78 -16.50 -6.47
CA GLU A 19 11.36 -15.31 -5.91
C GLU A 19 11.30 -14.13 -6.86
N HIS A 20 11.36 -14.37 -8.17
CA HIS A 20 11.15 -13.33 -9.17
C HIS A 20 9.82 -12.61 -8.93
N SER A 21 8.73 -13.39 -8.80
CA SER A 21 7.41 -12.82 -8.59
C SER A 21 7.30 -12.21 -7.19
N GLY A 22 7.88 -12.87 -6.19
CA GLY A 22 7.85 -12.38 -4.82
C GLY A 22 8.72 -11.13 -4.65
N LYS A 23 10.04 -11.34 -4.63
CA LYS A 23 11.07 -10.33 -4.55
C LYS A 23 11.22 -9.60 -5.88
N MET A 24 11.84 -10.31 -6.81
CA MET A 24 12.54 -9.90 -8.02
C MET A 24 13.80 -10.76 -8.09
N VAL A 25 14.47 -10.65 -9.24
CA VAL A 25 15.54 -11.47 -9.82
C VAL A 25 15.08 -11.90 -11.23
N ALA A 26 15.97 -12.50 -12.02
CA ALA A 26 15.67 -13.23 -13.25
C ALA A 26 15.38 -12.32 -14.44
N LYS A 27 14.24 -11.64 -14.44
CA LYS A 27 13.81 -10.90 -15.62
C LYS A 27 14.71 -9.70 -15.88
N ARG A 28 15.04 -9.47 -17.15
CA ARG A 28 15.77 -8.28 -17.61
C ARG A 28 14.81 -7.09 -17.66
N GLN A 29 14.26 -6.73 -16.49
CA GLN A 29 13.45 -5.54 -16.30
C GLN A 29 14.37 -4.36 -15.96
N PHE A 30 13.78 -3.22 -15.57
CA PHE A 30 14.53 -2.02 -15.23
C PHE A 30 15.42 -2.23 -14.01
N ARG A 31 16.22 -1.21 -13.66
CA ARG A 31 17.10 -1.23 -12.51
C ARG A 31 16.30 -1.09 -11.20
N ILE A 32 15.43 -2.06 -10.92
CA ILE A 32 14.81 -2.23 -9.62
C ILE A 32 15.88 -2.90 -8.73
N GLY A 33 15.96 -2.54 -7.45
CA GLY A 33 16.96 -3.13 -6.56
C GLY A 33 16.65 -2.94 -5.08
N ASP A 34 15.37 -2.86 -4.72
CA ASP A 34 14.90 -2.88 -3.34
C ASP A 34 13.41 -3.22 -3.35
N ILE A 35 12.92 -3.87 -2.30
CA ILE A 35 11.57 -4.37 -2.13
C ILE A 35 11.18 -4.22 -0.66
N ALA A 36 10.07 -3.51 -0.39
CA ALA A 36 9.54 -3.39 0.96
C ALA A 36 8.66 -4.61 1.30
N GLY A 37 7.59 -4.81 0.54
CA GLY A 37 6.49 -5.68 0.94
C GLY A 37 6.74 -7.19 0.77
N GLU A 38 7.91 -7.70 1.21
CA GLU A 38 8.30 -9.11 1.19
C GLU A 38 7.09 -10.04 1.26
N HIS A 39 6.47 -10.06 2.45
CA HIS A 39 5.57 -11.10 2.87
C HIS A 39 4.27 -11.00 2.06
N THR A 40 3.84 -9.76 1.74
CA THR A 40 2.66 -9.57 0.91
C THR A 40 2.88 -10.19 -0.48
N SER A 41 4.03 -9.90 -1.09
CA SER A 41 4.37 -10.40 -2.41
C SER A 41 4.53 -11.92 -2.38
N PHE A 42 5.41 -12.40 -1.50
CA PHE A 42 5.59 -13.80 -1.15
C PHE A 42 4.27 -14.55 -1.07
N ASP A 43 3.31 -14.01 -0.29
CA ASP A 43 2.06 -14.69 0.03
C ASP A 43 1.47 -15.36 -1.21
N LYS A 44 1.27 -14.57 -2.28
CA LYS A 44 0.77 -15.01 -3.58
C LYS A 44 0.43 -13.79 -4.45
N LEU A 45 1.27 -12.75 -4.50
CA LEU A 45 0.95 -11.51 -5.20
C LEU A 45 2.12 -11.09 -6.10
N PRO A 46 1.87 -10.83 -7.40
CA PRO A 46 2.89 -10.75 -8.45
C PRO A 46 3.63 -9.40 -8.51
N GLU A 47 4.33 -9.18 -9.63
CA GLU A 47 4.98 -7.92 -10.00
C GLU A 47 4.01 -6.90 -10.64
N GLY A 48 2.69 -7.10 -10.48
CA GLY A 48 1.69 -6.31 -11.16
C GLY A 48 1.75 -4.84 -10.77
N GLY A 49 1.11 -3.98 -11.58
CA GLY A 49 1.24 -2.53 -11.49
C GLY A 49 0.18 -1.83 -10.62
N ARG A 50 -1.03 -2.40 -10.52
CA ARG A 50 -2.19 -1.77 -9.89
C ARG A 50 -3.14 -2.82 -9.29
N ALA A 51 -2.96 -3.18 -8.02
CA ALA A 51 -3.86 -4.13 -7.38
C ALA A 51 -5.17 -3.49 -6.94
N THR A 52 -6.17 -4.33 -6.68
CA THR A 52 -7.57 -3.97 -6.55
C THR A 52 -7.90 -3.36 -5.17
N TYR A 53 -7.28 -2.24 -4.80
CA TYR A 53 -7.63 -1.52 -3.57
C TYR A 53 -8.91 -0.71 -3.78
N ARG A 54 -10.02 -1.42 -3.99
CA ARG A 54 -11.35 -0.89 -4.31
C ARG A 54 -12.10 -0.58 -3.02
N GLY A 55 -12.16 0.67 -2.56
CA GLY A 55 -12.76 0.88 -1.25
C GLY A 55 -13.31 2.26 -0.96
N THR A 56 -13.42 2.54 0.34
CA THR A 56 -14.06 3.69 0.93
C THR A 56 -13.21 4.16 2.10
N ALA A 57 -13.08 5.48 2.24
CA ALA A 57 -12.46 6.21 3.32
C ALA A 57 -13.55 7.06 3.93
N PHE A 58 -14.42 6.45 4.74
CA PHE A 58 -15.65 7.05 5.23
C PHE A 58 -15.39 7.76 6.56
N GLY A 59 -15.99 8.93 6.73
CA GLY A 59 -15.83 9.74 7.93
C GLY A 59 -16.69 9.15 9.04
N SER A 60 -16.33 9.41 10.29
CA SER A 60 -17.31 9.41 11.38
C SER A 60 -18.49 10.32 11.00
N ASP A 61 -18.19 11.41 10.27
CA ASP A 61 -19.18 12.33 9.74
C ASP A 61 -19.87 11.80 8.47
N ASP A 62 -19.39 10.68 7.89
CA ASP A 62 -19.74 10.19 6.57
C ASP A 62 -19.67 11.30 5.51
N ALA A 63 -18.62 12.11 5.65
CA ALA A 63 -18.19 13.06 4.65
C ALA A 63 -16.78 12.66 4.22
N GLY A 64 -16.64 11.40 3.85
CA GLY A 64 -15.40 10.78 3.40
C GLY A 64 -15.63 10.13 2.03
N GLY A 65 -14.54 9.87 1.30
CA GLY A 65 -14.54 9.60 -0.12
C GLY A 65 -14.02 8.22 -0.46
N LYS A 66 -14.00 7.91 -1.75
CA LYS A 66 -13.73 6.59 -2.30
C LYS A 66 -12.22 6.32 -2.32
N LEU A 67 -11.78 5.14 -1.86
CA LEU A 67 -10.40 4.70 -2.02
C LEU A 67 -10.24 4.16 -3.45
N THR A 68 -9.46 4.87 -4.27
CA THR A 68 -9.14 4.41 -5.62
C THR A 68 -8.04 3.34 -5.56
N TYR A 69 -8.00 2.41 -6.52
CA TYR A 69 -7.09 1.28 -6.48
C TYR A 69 -5.79 1.59 -7.23
N THR A 70 -4.65 1.65 -6.52
CA THR A 70 -3.38 2.12 -7.10
C THR A 70 -2.16 1.56 -6.35
N ILE A 71 -1.85 0.26 -6.47
CA ILE A 71 -0.70 -0.31 -5.77
C ILE A 71 0.10 -1.20 -6.73
N ASP A 72 1.38 -0.93 -6.95
CA ASP A 72 2.26 -1.88 -7.62
C ASP A 72 2.53 -3.02 -6.64
N PHE A 73 2.22 -4.23 -7.05
CA PHE A 73 2.19 -5.44 -6.26
C PHE A 73 3.58 -5.91 -5.87
N ALA A 74 4.61 -5.55 -6.64
CA ALA A 74 5.95 -6.09 -6.41
C ALA A 74 6.40 -5.68 -5.01
N ALA A 75 6.09 -4.43 -4.68
CA ALA A 75 6.58 -3.78 -3.46
C ALA A 75 5.47 -3.13 -2.63
N LYS A 76 4.31 -2.88 -3.25
CA LYS A 76 3.05 -2.52 -2.62
C LYS A 76 3.01 -1.06 -2.19
N GLN A 77 2.83 -0.20 -3.18
CA GLN A 77 2.71 1.24 -2.99
C GLN A 77 1.28 1.51 -2.56
N GLY A 78 0.89 0.93 -1.42
CA GLY A 78 -0.49 0.68 -1.08
C GLY A 78 -1.25 1.95 -0.73
N ASN A 79 -1.54 2.74 -1.77
CA ASN A 79 -2.14 4.05 -1.66
C ASN A 79 -3.24 4.15 -2.69
N GLY A 80 -4.25 4.95 -2.37
CA GLY A 80 -5.45 5.03 -3.17
C GLY A 80 -6.14 6.36 -2.95
N LYS A 81 -6.18 7.22 -3.98
CA LYS A 81 -6.58 8.60 -3.73
C LYS A 81 -8.08 8.75 -3.60
N ILE A 82 -8.49 9.89 -3.03
CA ILE A 82 -9.83 10.10 -2.46
C ILE A 82 -10.40 11.40 -3.04
N GLU A 83 -11.06 11.27 -4.20
CA GLU A 83 -11.56 12.37 -5.00
C GLU A 83 -13.04 12.18 -5.33
N HIS A 84 -13.89 13.03 -4.73
CA HIS A 84 -15.21 13.41 -5.27
C HIS A 84 -15.84 14.69 -4.68
N LEU A 85 -15.29 15.27 -3.61
CA LEU A 85 -16.02 16.15 -2.72
C LEU A 85 -16.11 17.55 -3.34
N LYS A 86 -17.05 18.38 -2.85
CA LYS A 86 -17.26 19.71 -3.40
C LYS A 86 -16.04 20.61 -3.24
N SER A 87 -15.18 20.31 -2.27
CA SER A 87 -14.13 21.20 -1.82
C SER A 87 -12.80 20.88 -2.50
N PRO A 88 -12.27 21.73 -3.40
CA PRO A 88 -10.90 21.60 -3.86
C PRO A 88 -9.91 21.61 -2.68
N GLU A 89 -10.21 22.28 -1.56
CA GLU A 89 -9.35 22.30 -0.37
C GLU A 89 -9.38 20.99 0.43
N LEU A 90 -10.07 19.96 -0.07
CA LEU A 90 -10.41 18.79 0.71
C LEU A 90 -10.01 17.50 -0.01
N ASN A 91 -10.46 17.31 -1.26
CA ASN A 91 -10.20 16.10 -2.04
C ASN A 91 -8.76 15.62 -1.82
N VAL A 92 -8.62 14.42 -1.23
CA VAL A 92 -7.36 13.99 -0.65
C VAL A 92 -6.61 13.16 -1.67
N ASP A 93 -5.44 13.63 -2.09
CA ASP A 93 -4.50 12.85 -2.85
C ASP A 93 -3.41 12.44 -1.85
N LEU A 94 -3.04 11.16 -1.82
CA LEU A 94 -1.98 10.67 -0.96
C LEU A 94 -0.83 10.07 -1.77
N ALA A 95 0.34 9.96 -1.13
CA ALA A 95 1.59 9.69 -1.82
C ALA A 95 1.72 8.21 -2.15
N ALA A 96 2.78 7.84 -2.87
CA ALA A 96 3.22 6.45 -2.92
C ALA A 96 3.99 6.18 -1.64
N ALA A 97 3.60 5.13 -0.90
CA ALA A 97 4.26 4.69 0.32
C ALA A 97 3.99 3.20 0.46
N ASP A 98 4.93 2.48 1.07
CA ASP A 98 4.99 1.03 1.09
C ASP A 98 4.26 0.45 2.30
N ILE A 99 4.18 -0.89 2.34
CA ILE A 99 3.89 -1.69 3.50
C ILE A 99 5.20 -2.42 3.85
N LYS A 100 5.68 -2.21 5.08
CA LYS A 100 6.94 -2.76 5.56
C LYS A 100 6.88 -4.31 5.58
N PRO A 101 8.02 -5.02 5.63
CA PRO A 101 8.02 -6.47 5.69
C PRO A 101 7.38 -7.00 6.98
N ASP A 102 7.90 -6.57 8.13
CA ASP A 102 7.52 -6.98 9.48
C ASP A 102 7.90 -8.44 9.80
N GLY A 103 7.43 -9.38 8.98
CA GLY A 103 7.66 -10.79 9.15
C GLY A 103 6.54 -11.44 9.96
N LYS A 104 5.29 -11.18 9.55
CA LYS A 104 4.12 -11.67 10.26
C LYS A 104 2.93 -11.74 9.29
N ARG A 105 3.06 -12.54 8.23
CA ARG A 105 2.08 -12.71 7.15
C ARG A 105 1.99 -11.49 6.25
N HIS A 106 1.77 -10.31 6.82
CA HIS A 106 1.76 -9.03 6.16
C HIS A 106 1.72 -7.95 7.24
N ALA A 107 2.24 -6.77 6.95
CA ALA A 107 2.34 -5.67 7.90
C ALA A 107 1.26 -4.62 7.61
N VAL A 108 1.63 -3.34 7.66
CA VAL A 108 0.77 -2.20 7.51
C VAL A 108 1.55 -1.06 6.86
N ILE A 109 0.80 -0.06 6.38
CA ILE A 109 1.28 1.15 5.73
C ILE A 109 1.23 2.32 6.71
N SER A 110 1.90 3.42 6.37
CA SER A 110 1.82 4.70 7.08
C SER A 110 1.99 5.82 6.05
N GLY A 111 1.01 5.97 5.15
CA GLY A 111 1.13 6.84 3.99
C GLY A 111 0.69 8.27 4.33
N SER A 112 1.45 9.27 3.89
CA SER A 112 1.14 10.68 4.11
C SER A 112 0.05 11.12 3.13
N VAL A 113 -0.91 11.95 3.58
CA VAL A 113 -2.07 12.33 2.77
C VAL A 113 -2.23 13.85 2.69
N LEU A 114 -2.41 14.35 1.45
CA LEU A 114 -2.52 15.76 1.13
C LEU A 114 -3.96 16.08 0.75
N TYR A 115 -4.56 17.04 1.44
CA TYR A 115 -5.91 17.53 1.19
C TYR A 115 -5.84 18.53 0.04
N ASN A 116 -5.36 18.06 -1.11
CA ASN A 116 -5.18 18.81 -2.35
C ASN A 116 -4.06 19.86 -2.30
N GLN A 117 -4.04 20.69 -1.26
CA GLN A 117 -3.17 21.86 -1.14
C GLN A 117 -2.38 21.88 0.16
N ALA A 118 -2.79 21.13 1.18
CA ALA A 118 -2.12 21.07 2.48
C ALA A 118 -1.92 19.60 2.84
N GLU A 119 -0.87 19.29 3.62
CA GLU A 119 -0.61 17.96 4.11
C GLU A 119 -0.34 18.08 5.60
N LYS A 120 -1.28 17.59 6.42
CA LYS A 120 -1.05 17.43 7.84
C LYS A 120 -1.72 16.15 8.35
N GLY A 121 -1.61 15.11 7.55
CA GLY A 121 -2.37 13.91 7.73
C GLY A 121 -1.68 12.70 7.12
N SER A 122 -2.19 11.55 7.51
CA SER A 122 -1.61 10.27 7.24
C SER A 122 -2.73 9.24 7.29
N TYR A 123 -2.58 8.11 6.59
CA TYR A 123 -3.41 6.96 6.82
C TYR A 123 -2.57 5.69 6.97
N SER A 124 -3.09 4.74 7.74
CA SER A 124 -2.48 3.44 7.93
C SER A 124 -3.45 2.41 7.37
N LEU A 125 -2.93 1.54 6.50
CA LEU A 125 -3.67 0.48 5.83
C LEU A 125 -3.05 -0.86 6.15
N GLY A 126 -3.87 -1.92 6.12
CA GLY A 126 -3.44 -3.32 6.10
C GLY A 126 -4.18 -4.04 4.97
N ILE A 127 -3.57 -5.07 4.39
CA ILE A 127 -4.06 -5.82 3.23
C ILE A 127 -4.48 -7.20 3.72
N PHE A 128 -5.67 -7.67 3.34
CA PHE A 128 -6.08 -9.04 3.64
C PHE A 128 -5.26 -9.99 2.78
N GLY A 129 -4.06 -10.32 3.25
CA GLY A 129 -3.17 -11.34 2.71
C GLY A 129 -3.75 -12.74 2.97
N GLY A 130 -4.90 -13.00 2.34
CA GLY A 130 -5.51 -14.29 2.10
C GLY A 130 -5.55 -14.49 0.59
N LYS A 131 -6.04 -13.46 -0.12
CA LYS A 131 -5.72 -13.22 -1.53
C LYS A 131 -6.05 -11.78 -1.94
N ALA A 132 -5.74 -10.79 -1.09
CA ALA A 132 -5.97 -9.37 -1.35
C ALA A 132 -7.45 -9.12 -1.61
N GLN A 133 -8.27 -9.36 -0.58
CA GLN A 133 -9.73 -9.47 -0.67
C GLN A 133 -10.40 -8.21 -0.11
N GLU A 134 -9.77 -7.61 0.89
CA GLU A 134 -10.17 -6.36 1.50
C GLU A 134 -8.85 -5.68 1.87
N VAL A 135 -8.87 -4.35 2.01
CA VAL A 135 -7.84 -3.60 2.70
C VAL A 135 -8.58 -2.86 3.80
N ALA A 136 -7.99 -2.77 4.99
CA ALA A 136 -8.61 -2.25 6.19
C ALA A 136 -7.64 -1.27 6.84
N GLY A 137 -8.10 -0.06 7.16
CA GLY A 137 -7.22 1.01 7.62
C GLY A 137 -7.96 2.08 8.41
N SER A 138 -7.21 3.07 8.89
CA SER A 138 -7.77 4.33 9.37
C SER A 138 -6.94 5.47 8.78
N ALA A 139 -7.60 6.59 8.47
CA ALA A 139 -6.95 7.83 8.04
C ALA A 139 -7.25 8.94 9.03
N GLU A 140 -6.28 9.85 9.24
CA GLU A 140 -6.51 11.11 9.93
C GLU A 140 -6.19 12.32 9.06
N VAL A 141 -7.25 12.93 8.53
CA VAL A 141 -7.20 14.21 7.85
C VAL A 141 -7.88 15.25 8.74
N LYS A 142 -7.56 16.52 8.58
CA LYS A 142 -8.11 17.57 9.44
C LYS A 142 -8.00 18.88 8.68
N THR A 143 -8.65 18.94 7.52
CA THR A 143 -8.57 20.19 6.75
C THR A 143 -9.59 21.18 7.33
N VAL A 144 -9.70 22.35 6.71
CA VAL A 144 -10.69 23.37 7.07
C VAL A 144 -12.11 22.78 7.18
N ASN A 145 -12.35 21.66 6.48
CA ASN A 145 -13.58 20.90 6.54
C ASN A 145 -13.28 19.44 6.21
N GLY A 146 -12.41 18.81 7.03
CA GLY A 146 -12.00 17.41 6.86
C GLY A 146 -11.88 16.72 8.21
N ILE A 147 -11.97 15.39 8.21
CA ILE A 147 -12.40 14.61 9.36
C ILE A 147 -11.28 13.71 9.89
N ARG A 148 -10.96 13.81 11.19
CA ARG A 148 -9.90 13.00 11.78
C ARG A 148 -10.29 11.52 11.81
N HIS A 149 -11.48 11.20 12.29
CA HIS A 149 -11.90 9.81 12.40
C HIS A 149 -12.43 9.34 11.05
N ILE A 150 -11.54 8.98 10.13
CA ILE A 150 -11.91 8.32 8.87
C ILE A 150 -11.55 6.84 8.95
N GLY A 151 -12.56 5.97 8.74
CA GLY A 151 -12.40 4.54 8.64
C GLY A 151 -12.17 4.15 7.18
N LEU A 152 -11.23 3.25 6.92
CA LEU A 152 -10.79 2.88 5.58
C LEU A 152 -11.12 1.40 5.37
N ALA A 153 -11.94 1.08 4.36
CA ALA A 153 -12.37 -0.30 4.08
C ALA A 153 -12.55 -0.50 2.57
N ALA A 154 -11.93 -1.55 2.02
CA ALA A 154 -12.06 -1.97 0.62
C ALA A 154 -12.62 -3.37 0.50
N LYS A 155 -13.18 -3.71 -0.67
CA LYS A 155 -13.73 -5.02 -1.00
C LYS A 155 -13.43 -5.33 -2.46
N GLN A 156 -12.76 -6.46 -2.68
CA GLN A 156 -11.94 -6.64 -3.85
C GLN A 156 -12.21 -8.02 -4.46
N MET A 1 5.04 -48.20 -11.89
CA MET A 1 5.80 -48.20 -13.16
C MET A 1 5.09 -47.24 -14.10
N GLN A 2 5.60 -46.01 -14.24
CA GLN A 2 4.98 -44.94 -15.00
C GLN A 2 6.01 -43.81 -15.09
N SER A 3 5.93 -42.97 -16.11
CA SER A 3 6.68 -41.72 -16.19
C SER A 3 6.01 -40.66 -15.31
N HIS A 4 6.75 -39.60 -14.99
CA HIS A 4 6.28 -38.38 -14.35
C HIS A 4 7.38 -37.34 -14.52
N SER A 5 7.09 -36.08 -14.18
CA SER A 5 7.99 -34.96 -14.35
C SER A 5 7.69 -33.94 -13.26
N ALA A 6 8.61 -33.74 -12.31
CA ALA A 6 8.48 -32.68 -11.33
C ALA A 6 8.62 -31.31 -11.99
N LEU A 7 8.22 -30.25 -11.27
CA LEU A 7 8.35 -28.87 -11.68
C LEU A 7 9.02 -28.09 -10.54
N THR A 8 9.49 -26.87 -10.81
CA THR A 8 10.10 -26.00 -9.82
C THR A 8 9.09 -24.94 -9.37
N ALA A 9 9.55 -23.97 -8.58
CA ALA A 9 8.74 -22.90 -8.02
C ALA A 9 9.63 -21.73 -7.65
N PHE A 10 9.50 -20.60 -8.36
CA PHE A 10 10.11 -19.33 -7.96
C PHE A 10 9.04 -18.25 -7.98
N GLN A 11 9.05 -17.40 -6.95
CA GLN A 11 8.27 -16.19 -6.80
C GLN A 11 9.05 -15.33 -5.82
N THR A 12 8.68 -14.06 -5.71
CA THR A 12 9.10 -13.21 -4.61
C THR A 12 8.78 -13.95 -3.30
N GLU A 13 9.79 -14.20 -2.47
CA GLU A 13 9.64 -14.86 -1.19
C GLU A 13 9.07 -16.29 -1.30
N GLN A 14 9.34 -17.00 -2.40
CA GLN A 14 8.99 -18.42 -2.49
C GLN A 14 9.77 -19.19 -1.42
N ILE A 15 9.05 -19.89 -0.54
CA ILE A 15 9.59 -20.45 0.69
C ILE A 15 10.59 -21.58 0.41
N GLN A 16 10.24 -22.50 -0.48
CA GLN A 16 11.01 -23.71 -0.70
C GLN A 16 12.34 -23.38 -1.38
N ASP A 17 13.42 -23.30 -0.57
CA ASP A 17 14.84 -23.19 -0.92
C ASP A 17 15.18 -21.81 -1.49
N SER A 18 14.48 -21.47 -2.57
CA SER A 18 14.47 -20.20 -3.26
C SER A 18 14.64 -19.01 -2.31
N GLU A 19 13.90 -19.01 -1.19
CA GLU A 19 13.77 -17.97 -0.19
C GLU A 19 15.03 -17.15 0.06
N HIS A 20 16.20 -17.79 0.05
CA HIS A 20 17.50 -17.16 0.17
C HIS A 20 17.59 -15.97 -0.79
N SER A 21 17.54 -16.24 -2.10
CA SER A 21 17.40 -15.16 -3.07
C SER A 21 15.99 -14.56 -3.10
N GLY A 22 14.98 -15.38 -2.82
CA GLY A 22 13.56 -15.02 -2.89
C GLY A 22 13.21 -13.78 -2.07
N LYS A 23 13.84 -13.58 -0.92
CA LYS A 23 13.67 -12.37 -0.12
C LYS A 23 14.36 -11.13 -0.67
N MET A 24 15.21 -11.26 -1.70
CA MET A 24 16.07 -10.21 -2.22
C MET A 24 16.89 -9.57 -1.10
N VAL A 25 17.70 -10.40 -0.42
CA VAL A 25 18.65 -10.02 0.62
C VAL A 25 19.28 -8.64 0.40
N ALA A 26 19.87 -8.44 -0.78
CA ALA A 26 20.46 -7.17 -1.17
C ALA A 26 20.53 -7.11 -2.69
N LYS A 27 21.42 -7.90 -3.30
CA LYS A 27 21.64 -8.06 -4.74
C LYS A 27 22.20 -6.80 -5.44
N ARG A 28 21.75 -5.60 -5.05
CA ARG A 28 22.26 -4.32 -5.52
C ARG A 28 22.45 -3.36 -4.35
N GLN A 29 21.47 -3.29 -3.45
CA GLN A 29 21.50 -2.39 -2.30
C GLN A 29 21.53 -0.93 -2.77
N PHE A 30 20.48 -0.53 -3.51
CA PHE A 30 20.19 0.85 -3.84
C PHE A 30 18.80 1.15 -3.28
N ARG A 31 18.42 2.43 -3.19
CA ARG A 31 17.09 2.80 -2.70
C ARG A 31 15.99 2.25 -3.62
N ILE A 32 16.27 2.27 -4.93
CA ILE A 32 15.39 1.84 -6.01
C ILE A 32 14.10 2.68 -6.01
N GLY A 33 13.18 2.34 -5.11
CA GLY A 33 11.92 3.03 -4.91
C GLY A 33 11.34 2.63 -3.56
N ASP A 34 12.21 2.59 -2.53
CA ASP A 34 11.81 2.36 -1.15
C ASP A 34 11.13 0.99 -1.03
N ILE A 35 11.76 -0.01 -1.63
CA ILE A 35 11.21 -1.35 -1.77
C ILE A 35 11.24 -2.08 -0.43
N ALA A 36 10.20 -2.87 -0.16
CA ALA A 36 10.17 -3.85 0.90
C ALA A 36 9.18 -4.93 0.48
N GLY A 37 7.90 -4.78 0.83
CA GLY A 37 6.87 -5.73 0.44
C GLY A 37 6.98 -6.99 1.30
N GLU A 38 7.99 -7.82 1.02
CA GLU A 38 8.34 -9.03 1.75
C GLU A 38 7.10 -9.83 2.16
N HIS A 39 6.68 -9.73 3.42
CA HIS A 39 5.49 -10.29 4.02
C HIS A 39 4.34 -10.19 3.02
N THR A 40 4.10 -8.99 2.52
CA THR A 40 3.00 -8.70 1.61
C THR A 40 3.02 -9.58 0.36
N SER A 41 4.20 -9.80 -0.22
CA SER A 41 4.35 -10.71 -1.35
C SER A 41 4.22 -12.16 -0.88
N PHE A 42 5.00 -12.53 0.14
CA PHE A 42 5.05 -13.82 0.82
C PHE A 42 3.65 -14.36 1.17
N ASP A 43 2.74 -13.48 1.58
CA ASP A 43 1.34 -13.79 1.90
C ASP A 43 0.64 -14.51 0.74
N LYS A 44 1.16 -14.32 -0.48
CA LYS A 44 0.94 -15.04 -1.73
C LYS A 44 0.33 -14.08 -2.73
N LEU A 45 1.09 -13.01 -2.98
CA LEU A 45 0.78 -11.96 -3.92
C LEU A 45 2.01 -11.72 -4.81
N PRO A 46 1.81 -11.54 -6.12
CA PRO A 46 2.86 -11.43 -7.11
C PRO A 46 3.59 -10.08 -7.02
N GLU A 47 4.28 -9.72 -8.11
CA GLU A 47 5.04 -8.49 -8.31
C GLU A 47 4.39 -7.62 -9.41
N GLY A 48 3.10 -7.83 -9.67
CA GLY A 48 2.34 -7.11 -10.69
C GLY A 48 2.12 -5.63 -10.37
N GLY A 49 1.27 -4.96 -11.16
CA GLY A 49 1.22 -3.50 -11.24
C GLY A 49 -0.01 -2.83 -10.62
N ARG A 50 -1.11 -3.53 -10.32
CA ARG A 50 -2.34 -2.88 -9.87
C ARG A 50 -3.22 -3.83 -9.05
N ALA A 51 -3.21 -3.74 -7.71
CA ALA A 51 -4.17 -4.49 -6.90
C ALA A 51 -5.53 -3.79 -6.86
N THR A 52 -6.59 -4.58 -6.67
CA THR A 52 -7.98 -4.18 -6.81
C THR A 52 -8.48 -3.41 -5.57
N TYR A 53 -7.85 -2.27 -5.24
CA TYR A 53 -8.26 -1.46 -4.10
C TYR A 53 -9.49 -0.62 -4.47
N ARG A 54 -10.62 -1.28 -4.70
CA ARG A 54 -11.92 -0.64 -4.83
C ARG A 54 -12.53 -0.53 -3.44
N GLY A 55 -12.66 0.70 -2.93
CA GLY A 55 -13.04 0.88 -1.55
C GLY A 55 -13.52 2.29 -1.26
N THR A 56 -13.68 2.57 0.05
CA THR A 56 -14.16 3.82 0.59
C THR A 56 -13.22 4.21 1.73
N ALA A 57 -12.97 5.51 1.86
CA ALA A 57 -12.23 6.14 2.92
C ALA A 57 -13.20 7.06 3.64
N PHE A 58 -14.14 6.48 4.39
CA PHE A 58 -15.28 7.22 4.94
C PHE A 58 -14.88 7.98 6.20
N GLY A 59 -15.21 9.27 6.25
CA GLY A 59 -14.91 10.12 7.38
C GLY A 59 -15.96 9.96 8.48
N SER A 60 -15.75 10.64 9.62
CA SER A 60 -16.73 10.65 10.70
C SER A 60 -18.07 11.27 10.23
N ASP A 61 -18.01 12.27 9.34
CA ASP A 61 -19.16 12.89 8.69
C ASP A 61 -19.70 12.02 7.53
N ASP A 62 -18.97 10.95 7.18
CA ASP A 62 -18.61 10.69 5.80
C ASP A 62 -18.53 11.97 4.95
N ALA A 63 -17.55 12.79 5.31
CA ALA A 63 -16.90 13.65 4.34
C ALA A 63 -15.63 12.90 3.93
N GLY A 64 -15.80 11.67 3.49
CA GLY A 64 -14.72 10.77 3.16
C GLY A 64 -14.76 10.50 1.66
N GLY A 65 -13.79 9.70 1.19
CA GLY A 65 -13.53 9.50 -0.21
C GLY A 65 -13.92 8.12 -0.71
N LYS A 66 -13.78 7.94 -2.02
CA LYS A 66 -13.69 6.64 -2.66
C LYS A 66 -12.21 6.33 -2.83
N LEU A 67 -11.84 5.05 -2.84
CA LEU A 67 -10.47 4.60 -3.05
C LEU A 67 -10.35 4.01 -4.45
N THR A 68 -9.35 4.45 -5.21
CA THR A 68 -9.05 3.93 -6.53
C THR A 68 -8.05 2.77 -6.41
N TYR A 69 -8.15 1.81 -7.34
CA TYR A 69 -7.35 0.62 -7.29
C TYR A 69 -5.95 0.92 -7.82
N THR A 70 -4.99 1.09 -6.92
CA THR A 70 -3.71 1.73 -7.24
C THR A 70 -2.61 1.25 -6.28
N ILE A 71 -2.10 0.03 -6.51
CA ILE A 71 -0.97 -0.55 -5.79
C ILE A 71 -0.18 -1.40 -6.78
N ASP A 72 1.09 -1.07 -7.00
CA ASP A 72 2.01 -1.93 -7.74
C ASP A 72 2.55 -2.98 -6.78
N PHE A 73 2.09 -4.23 -6.94
CA PHE A 73 2.54 -5.37 -6.16
C PHE A 73 4.05 -5.58 -6.26
N ALA A 74 4.72 -4.96 -7.23
CA ALA A 74 6.17 -4.78 -7.21
C ALA A 74 6.67 -4.52 -5.78
N ALA A 75 5.96 -3.66 -5.03
CA ALA A 75 6.19 -3.52 -3.58
C ALA A 75 4.98 -3.06 -2.77
N LYS A 76 3.77 -3.14 -3.35
CA LYS A 76 2.48 -2.81 -2.77
C LYS A 76 2.34 -1.38 -2.21
N GLN A 77 2.21 -0.40 -3.09
CA GLN A 77 2.27 1.00 -2.65
C GLN A 77 1.00 1.40 -1.87
N GLY A 78 -0.16 1.20 -2.48
CA GLY A 78 -1.45 1.23 -1.81
C GLY A 78 -2.00 2.64 -1.65
N ASN A 79 -2.16 3.38 -2.76
CA ASN A 79 -2.33 4.82 -2.70
C ASN A 79 -3.28 5.24 -3.83
N GLY A 80 -4.57 5.25 -3.55
CA GLY A 80 -5.56 5.76 -4.48
C GLY A 80 -5.75 7.26 -4.29
N LYS A 81 -6.56 7.86 -5.15
CA LYS A 81 -7.05 9.23 -4.96
C LYS A 81 -8.51 9.26 -4.50
N ILE A 82 -8.86 10.30 -3.75
CA ILE A 82 -10.15 10.53 -3.09
C ILE A 82 -10.79 11.76 -3.73
N GLU A 83 -11.82 11.58 -4.56
CA GLU A 83 -12.25 12.64 -5.45
C GLU A 83 -13.74 12.55 -5.80
N HIS A 84 -14.58 13.06 -4.89
CA HIS A 84 -15.98 13.39 -5.15
C HIS A 84 -16.51 14.40 -4.12
N LEU A 85 -15.62 15.17 -3.50
CA LEU A 85 -15.94 15.79 -2.22
C LEU A 85 -16.54 17.17 -2.39
N LYS A 86 -17.37 17.54 -1.41
CA LYS A 86 -18.23 18.71 -1.46
C LYS A 86 -17.45 20.01 -1.63
N SER A 87 -16.21 20.06 -1.12
CA SER A 87 -15.35 21.22 -1.20
C SER A 87 -13.99 20.83 -1.80
N PRO A 88 -13.30 21.73 -2.52
CA PRO A 88 -11.98 21.45 -3.06
C PRO A 88 -11.00 21.03 -1.96
N GLU A 89 -10.97 21.76 -0.84
CA GLU A 89 -10.13 21.46 0.33
C GLU A 89 -10.69 20.27 1.14
N LEU A 90 -10.89 19.15 0.44
CA LEU A 90 -11.41 17.87 0.88
C LEU A 90 -11.18 16.80 -0.18
N ASN A 91 -11.25 17.14 -1.48
CA ASN A 91 -10.80 16.24 -2.53
C ASN A 91 -9.30 16.02 -2.32
N VAL A 92 -8.90 14.76 -2.11
CA VAL A 92 -7.60 14.37 -1.60
C VAL A 92 -6.86 13.48 -2.59
N ASP A 93 -5.53 13.61 -2.62
CA ASP A 93 -4.65 12.62 -3.19
C ASP A 93 -3.85 12.02 -2.04
N LEU A 94 -3.80 10.69 -1.96
CA LEU A 94 -2.95 9.99 -1.02
C LEU A 94 -1.54 9.96 -1.61
N ALA A 95 -0.51 10.20 -0.80
CA ALA A 95 0.87 10.13 -1.27
C ALA A 95 1.29 8.68 -1.31
N ALA A 96 2.42 8.41 -1.97
CA ALA A 96 2.91 7.06 -2.15
C ALA A 96 3.56 6.57 -0.85
N ALA A 97 3.68 5.25 -0.70
CA ALA A 97 4.26 4.64 0.49
C ALA A 97 4.88 3.30 0.12
N ASP A 98 5.80 2.84 0.96
CA ASP A 98 6.26 1.48 1.06
C ASP A 98 5.25 0.66 1.86
N ILE A 99 5.43 -0.66 1.88
CA ILE A 99 5.08 -1.50 2.98
C ILE A 99 6.34 -2.22 3.47
N LYS A 100 7.03 -1.59 4.43
CA LYS A 100 7.96 -2.21 5.36
C LYS A 100 7.50 -3.60 5.82
N PRO A 101 8.41 -4.48 6.24
CA PRO A 101 8.08 -5.78 6.80
C PRO A 101 7.54 -5.66 8.23
N ASP A 102 6.39 -4.98 8.38
CA ASP A 102 5.69 -4.86 9.64
C ASP A 102 5.08 -6.21 10.01
N GLY A 103 5.92 -7.14 10.46
CA GLY A 103 5.60 -8.54 10.73
C GLY A 103 4.15 -8.79 11.12
N LYS A 104 3.41 -9.49 10.28
CA LYS A 104 2.13 -10.11 10.65
C LYS A 104 1.77 -11.30 9.73
N ARG A 105 1.83 -11.10 8.42
CA ARG A 105 1.68 -12.12 7.37
C ARG A 105 1.95 -11.41 6.06
N HIS A 106 1.09 -10.43 5.80
CA HIS A 106 1.47 -9.20 5.11
C HIS A 106 1.92 -8.20 6.18
N ALA A 107 1.67 -6.90 5.99
CA ALA A 107 2.18 -5.83 6.84
C ALA A 107 1.34 -4.57 6.56
N VAL A 108 1.85 -3.36 6.88
CA VAL A 108 1.13 -2.11 6.68
C VAL A 108 2.04 -1.03 6.09
N ILE A 109 1.45 -0.09 5.35
CA ILE A 109 2.12 1.10 4.85
C ILE A 109 2.19 2.19 5.91
N SER A 110 2.85 3.31 5.58
CA SER A 110 2.87 4.51 6.43
C SER A 110 2.77 5.79 5.58
N GLY A 111 1.70 5.95 4.80
CA GLY A 111 1.55 7.08 3.90
C GLY A 111 1.12 8.39 4.60
N SER A 112 1.01 9.48 3.83
CA SER A 112 0.36 10.74 4.22
C SER A 112 -0.38 11.31 3.00
N VAL A 113 -1.24 12.31 3.17
CA VAL A 113 -2.18 12.75 2.13
C VAL A 113 -2.07 14.26 1.86
N LEU A 114 -2.72 14.74 0.78
CA LEU A 114 -2.91 16.16 0.53
C LEU A 114 -4.35 16.43 0.05
N TYR A 115 -5.02 17.42 0.64
CA TYR A 115 -6.39 17.81 0.32
C TYR A 115 -6.35 19.01 -0.63
N ASN A 116 -5.86 18.77 -1.85
CA ASN A 116 -5.47 19.80 -2.81
C ASN A 116 -4.22 20.57 -2.36
N GLN A 117 -4.25 21.17 -1.17
CA GLN A 117 -3.11 21.90 -0.63
C GLN A 117 -2.22 20.94 0.16
N ALA A 118 -2.60 20.68 1.41
CA ALA A 118 -1.78 20.02 2.40
C ALA A 118 -2.68 19.45 3.51
N GLU A 119 -2.67 18.14 3.71
CA GLU A 119 -3.59 17.46 4.61
C GLU A 119 -2.80 16.49 5.46
N LYS A 120 -2.15 17.01 6.50
CA LYS A 120 -1.29 16.18 7.33
C LYS A 120 -2.12 15.42 8.35
N GLY A 121 -2.79 14.40 7.84
CA GLY A 121 -2.89 13.14 8.52
C GLY A 121 -1.93 12.22 7.80
N SER A 122 -1.21 11.40 8.54
CA SER A 122 -0.64 10.19 8.01
C SER A 122 -1.75 9.13 7.93
N TYR A 123 -1.47 8.02 7.26
CA TYR A 123 -2.42 6.91 7.20
C TYR A 123 -1.68 5.58 7.23
N SER A 124 -2.37 4.56 7.72
CA SER A 124 -1.85 3.23 7.94
C SER A 124 -2.86 2.31 7.29
N LEU A 125 -2.40 1.52 6.31
CA LEU A 125 -3.24 0.65 5.52
C LEU A 125 -2.52 -0.67 5.35
N GLY A 126 -3.28 -1.77 5.39
CA GLY A 126 -2.81 -3.12 5.19
C GLY A 126 -3.76 -3.87 4.24
N ILE A 127 -3.18 -4.71 3.39
CA ILE A 127 -3.95 -5.55 2.46
C ILE A 127 -4.51 -6.74 3.25
N PHE A 128 -5.56 -7.43 2.78
CA PHE A 128 -6.13 -8.51 3.58
C PHE A 128 -6.74 -9.65 2.78
N GLY A 129 -6.69 -10.83 3.41
CA GLY A 129 -7.38 -12.05 3.00
C GLY A 129 -6.44 -13.07 2.36
N GLY A 130 -5.22 -12.66 2.01
CA GLY A 130 -4.26 -13.48 1.29
C GLY A 130 -4.18 -12.98 -0.14
N LYS A 131 -5.09 -13.43 -1.01
CA LYS A 131 -5.07 -13.05 -2.42
C LYS A 131 -5.57 -11.62 -2.67
N ALA A 132 -5.34 -10.67 -1.75
CA ALA A 132 -5.83 -9.30 -1.85
C ALA A 132 -7.33 -9.32 -2.12
N GLN A 133 -8.12 -9.66 -1.10
CA GLN A 133 -9.56 -9.71 -1.21
C GLN A 133 -10.11 -8.36 -0.81
N GLU A 134 -9.68 -7.93 0.37
CA GLU A 134 -10.05 -6.69 1.00
C GLU A 134 -8.78 -5.91 1.35
N VAL A 135 -8.96 -4.69 1.83
CA VAL A 135 -7.91 -3.94 2.51
C VAL A 135 -8.53 -3.35 3.76
N ALA A 136 -7.69 -3.03 4.75
CA ALA A 136 -8.12 -2.39 5.99
C ALA A 136 -7.10 -1.32 6.37
N GLY A 137 -7.55 -0.09 6.62
CA GLY A 137 -6.67 0.99 7.04
C GLY A 137 -7.43 2.10 7.77
N SER A 138 -6.69 3.10 8.23
CA SER A 138 -7.25 4.39 8.57
C SER A 138 -6.24 5.49 8.27
N ALA A 139 -6.74 6.64 7.79
CA ALA A 139 -6.00 7.89 7.77
C ALA A 139 -6.43 8.74 8.96
N GLU A 140 -5.52 9.54 9.53
CA GLU A 140 -5.88 10.41 10.65
C GLU A 140 -5.44 11.87 10.47
N VAL A 141 -6.21 12.60 9.67
CA VAL A 141 -6.05 14.05 9.54
C VAL A 141 -6.94 14.80 10.55
N LYS A 142 -6.82 16.13 10.59
CA LYS A 142 -7.12 16.92 11.78
C LYS A 142 -6.91 18.39 11.41
N THR A 143 -7.65 18.86 10.41
CA THR A 143 -7.46 20.17 9.81
C THR A 143 -8.84 20.82 9.72
N VAL A 144 -8.89 22.03 9.13
CA VAL A 144 -10.13 22.73 8.82
C VAL A 144 -11.16 21.79 8.19
N ASN A 145 -10.72 20.79 7.42
CA ASN A 145 -11.64 19.73 6.99
C ASN A 145 -10.92 18.39 6.99
N GLY A 146 -10.29 18.05 8.11
CA GLY A 146 -9.57 16.80 8.25
C GLY A 146 -10.28 15.97 9.30
N ILE A 147 -10.98 14.95 8.82
CA ILE A 147 -11.63 13.95 9.66
C ILE A 147 -10.56 12.96 10.13
N ARG A 148 -10.46 12.75 11.44
CA ARG A 148 -9.49 11.83 12.01
C ARG A 148 -9.93 10.39 11.79
N HIS A 149 -11.20 10.09 12.05
CA HIS A 149 -11.70 8.74 11.85
C HIS A 149 -12.07 8.55 10.39
N ILE A 150 -11.05 8.51 9.51
CA ILE A 150 -11.22 8.00 8.16
C ILE A 150 -11.09 6.49 8.22
N GLY A 151 -12.20 5.76 8.07
CA GLY A 151 -12.19 4.32 7.91
C GLY A 151 -11.88 3.98 6.46
N LEU A 152 -10.69 3.42 6.21
CA LEU A 152 -10.26 3.00 4.89
C LEU A 152 -10.56 1.51 4.76
N ALA A 153 -11.49 1.13 3.89
CA ALA A 153 -11.84 -0.25 3.63
C ALA A 153 -12.05 -0.45 2.14
N ALA A 154 -11.62 -1.60 1.60
CA ALA A 154 -11.82 -1.98 0.20
C ALA A 154 -12.27 -3.43 0.15
N LYS A 155 -12.98 -3.78 -0.92
CA LYS A 155 -13.18 -5.16 -1.33
C LYS A 155 -13.50 -5.20 -2.83
N GLN A 156 -13.22 -6.31 -3.50
CA GLN A 156 -13.66 -6.54 -4.87
C GLN A 156 -15.09 -7.07 -4.85
N MET A 1 19.61 -32.44 -34.75
CA MET A 1 18.32 -32.14 -34.08
C MET A 1 18.47 -30.78 -33.43
N GLN A 2 17.37 -30.08 -33.14
CA GLN A 2 17.38 -28.77 -32.51
C GLN A 2 16.16 -28.68 -31.60
N SER A 3 16.33 -28.10 -30.40
CA SER A 3 15.27 -27.72 -29.47
C SER A 3 15.95 -26.97 -28.32
N HIS A 4 15.16 -26.47 -27.38
CA HIS A 4 15.56 -25.67 -26.23
C HIS A 4 14.32 -25.12 -25.54
N SER A 5 14.36 -24.93 -24.22
CA SER A 5 13.35 -24.22 -23.45
C SER A 5 13.94 -23.93 -22.07
N ALA A 6 13.22 -23.17 -21.24
CA ALA A 6 13.59 -22.77 -19.88
C ALA A 6 12.38 -22.04 -19.28
N LEU A 7 12.27 -22.04 -17.94
CA LEU A 7 11.19 -21.43 -17.20
C LEU A 7 11.65 -21.14 -15.77
N THR A 8 10.83 -20.42 -14.99
CA THR A 8 11.00 -20.14 -13.58
C THR A 8 9.70 -19.52 -13.07
N ALA A 9 9.62 -19.18 -11.78
CA ALA A 9 8.43 -18.60 -11.16
C ALA A 9 8.73 -17.91 -9.81
N PHE A 10 9.99 -17.55 -9.53
CA PHE A 10 10.32 -16.83 -8.30
C PHE A 10 9.69 -15.43 -8.34
N GLN A 11 8.69 -15.19 -7.49
CA GLN A 11 7.93 -13.94 -7.43
C GLN A 11 7.95 -13.34 -6.02
N THR A 12 8.88 -13.77 -5.18
CA THR A 12 9.07 -13.25 -3.82
C THR A 12 10.40 -13.78 -3.31
N GLU A 13 10.84 -13.34 -2.13
CA GLU A 13 12.11 -13.74 -1.53
C GLU A 13 12.03 -15.13 -0.89
N GLN A 14 11.59 -16.11 -1.70
CA GLN A 14 11.75 -17.52 -1.36
C GLN A 14 13.22 -17.89 -1.59
N ILE A 15 13.74 -18.80 -0.76
CA ILE A 15 15.17 -19.09 -0.69
C ILE A 15 15.97 -17.80 -0.51
N GLN A 16 15.56 -16.98 0.47
CA GLN A 16 16.40 -15.93 0.99
C GLN A 16 17.58 -16.54 1.78
N ASP A 17 18.34 -15.71 2.48
CA ASP A 17 19.60 -16.05 3.15
C ASP A 17 20.68 -16.43 2.14
N SER A 18 20.46 -17.49 1.35
CA SER A 18 21.24 -17.77 0.16
C SER A 18 20.87 -16.84 -1.01
N GLU A 19 19.94 -17.26 -1.87
CA GLU A 19 19.74 -16.67 -3.19
C GLU A 19 19.11 -15.28 -3.08
N HIS A 20 17.88 -15.23 -2.58
CA HIS A 20 17.07 -14.04 -2.39
C HIS A 20 17.58 -13.11 -1.28
N SER A 21 18.68 -13.45 -0.60
CA SER A 21 19.35 -12.75 0.50
C SER A 21 19.12 -11.23 0.53
N GLY A 22 19.12 -10.60 -0.65
CA GLY A 22 18.66 -9.22 -0.88
C GLY A 22 17.61 -8.79 0.14
N LYS A 23 16.61 -9.65 0.37
CA LYS A 23 15.53 -9.56 1.34
C LYS A 23 15.90 -8.74 2.59
N MET A 24 17.07 -8.98 3.19
CA MET A 24 17.63 -8.11 4.23
C MET A 24 19.15 -8.22 4.22
N VAL A 25 19.77 -7.86 3.11
CA VAL A 25 21.22 -7.70 3.04
C VAL A 25 21.72 -6.74 4.13
N ALA A 26 21.41 -5.45 4.00
CA ALA A 26 21.99 -4.38 4.82
C ALA A 26 20.97 -3.25 4.95
N LYS A 27 21.38 -2.14 5.58
CA LYS A 27 20.51 -1.03 5.94
C LYS A 27 19.31 -1.51 6.77
N ARG A 28 19.49 -2.58 7.53
CA ARG A 28 18.40 -3.39 8.06
C ARG A 28 17.48 -2.55 8.95
N GLN A 29 18.05 -1.74 9.83
CA GLN A 29 17.30 -0.88 10.73
C GLN A 29 16.76 0.38 10.04
N PHE A 30 17.35 0.79 8.92
CA PHE A 30 17.01 2.07 8.29
C PHE A 30 15.76 1.93 7.45
N ARG A 31 15.24 3.05 6.97
CA ARG A 31 14.28 3.04 5.87
C ARG A 31 14.99 2.49 4.63
N ILE A 32 14.32 1.56 3.95
CA ILE A 32 14.59 1.22 2.57
C ILE A 32 13.19 1.21 1.96
N GLY A 33 12.94 1.99 0.92
CA GLY A 33 11.69 1.87 0.18
C GLY A 33 11.81 0.67 -0.76
N ASP A 34 12.97 0.62 -1.40
CA ASP A 34 13.46 -0.46 -2.23
C ASP A 34 13.52 -1.77 -1.44
N ILE A 35 13.77 -2.87 -2.16
CA ILE A 35 13.98 -4.22 -1.66
C ILE A 35 12.71 -4.84 -1.06
N ALA A 36 12.71 -6.18 -1.02
CA ALA A 36 11.76 -7.00 -0.29
C ALA A 36 10.41 -7.14 -0.99
N GLY A 37 9.58 -8.02 -0.43
CA GLY A 37 8.26 -8.37 -0.94
C GLY A 37 7.58 -9.26 0.09
N GLU A 38 8.26 -10.36 0.47
CA GLU A 38 7.80 -11.42 1.38
C GLU A 38 6.69 -11.02 2.34
N HIS A 39 6.92 -9.96 3.12
CA HIS A 39 5.99 -9.31 4.01
C HIS A 39 4.56 -9.47 3.49
N THR A 40 4.28 -8.87 2.33
CA THR A 40 3.11 -9.16 1.51
C THR A 40 3.26 -10.45 0.68
N SER A 41 4.31 -10.48 -0.16
CA SER A 41 4.40 -11.33 -1.34
C SER A 41 4.54 -12.83 -1.05
N PHE A 42 4.93 -13.18 0.18
CA PHE A 42 5.10 -14.55 0.67
C PHE A 42 3.98 -15.46 0.17
N ASP A 43 2.73 -15.03 0.38
CA ASP A 43 1.57 -15.80 0.00
C ASP A 43 1.50 -15.93 -1.53
N LYS A 44 1.39 -14.79 -2.22
CA LYS A 44 1.28 -14.71 -3.67
C LYS A 44 1.74 -13.36 -4.19
N LEU A 45 1.22 -12.30 -3.56
CA LEU A 45 1.15 -10.92 -4.02
C LEU A 45 2.43 -10.46 -4.77
N PRO A 46 2.43 -10.50 -6.12
CA PRO A 46 3.64 -10.54 -6.94
C PRO A 46 4.08 -9.14 -7.39
N GLU A 47 4.86 -9.05 -8.47
CA GLU A 47 5.10 -7.84 -9.25
C GLU A 47 3.83 -7.40 -10.02
N GLY A 48 2.70 -7.31 -9.32
CA GLY A 48 1.37 -7.17 -9.89
C GLY A 48 1.09 -5.83 -10.59
N GLY A 49 1.85 -4.76 -10.34
CA GLY A 49 1.71 -3.52 -11.09
C GLY A 49 0.58 -2.65 -10.59
N ARG A 50 -0.63 -3.20 -10.42
CA ARG A 50 -1.78 -2.49 -9.88
C ARG A 50 -2.54 -3.35 -8.87
N ALA A 51 -3.36 -2.67 -8.07
CA ALA A 51 -4.37 -3.26 -7.19
C ALA A 51 -5.58 -3.62 -8.04
N THR A 52 -6.63 -4.17 -7.43
CA THR A 52 -7.90 -4.26 -8.13
C THR A 52 -9.07 -4.04 -7.16
N TYR A 53 -9.07 -2.92 -6.44
CA TYR A 53 -10.03 -2.66 -5.38
C TYR A 53 -10.94 -1.45 -5.62
N ARG A 54 -12.10 -1.51 -4.98
CA ARG A 54 -13.11 -0.45 -5.00
C ARG A 54 -13.44 -0.17 -3.54
N GLY A 55 -12.91 0.92 -2.98
CA GLY A 55 -12.91 1.14 -1.55
C GLY A 55 -13.61 2.43 -1.16
N THR A 56 -13.85 2.54 0.15
CA THR A 56 -14.51 3.64 0.81
C THR A 56 -13.59 4.11 1.93
N ALA A 57 -13.44 5.42 2.07
CA ALA A 57 -12.75 6.10 3.16
C ALA A 57 -13.81 6.94 3.87
N PHE A 58 -14.71 6.27 4.60
CA PHE A 58 -15.89 6.90 5.18
C PHE A 58 -15.49 7.64 6.46
N GLY A 59 -15.91 8.90 6.58
CA GLY A 59 -15.54 9.73 7.72
C GLY A 59 -16.39 9.35 8.93
N SER A 60 -15.99 9.80 10.12
CA SER A 60 -16.84 9.76 11.30
C SER A 60 -18.19 10.42 11.02
N ASP A 61 -18.17 11.50 10.23
CA ASP A 61 -19.34 12.25 9.80
C ASP A 61 -19.95 11.69 8.51
N ASP A 62 -19.36 10.64 7.92
CA ASP A 62 -19.65 10.14 6.58
C ASP A 62 -19.45 11.17 5.48
N ALA A 63 -18.79 12.28 5.81
CA ALA A 63 -18.22 13.20 4.85
C ALA A 63 -16.89 12.61 4.36
N GLY A 64 -16.96 11.40 3.81
CA GLY A 64 -15.79 10.61 3.52
C GLY A 64 -15.46 10.63 2.03
N GLY A 65 -14.35 10.01 1.66
CA GLY A 65 -13.87 9.88 0.30
C GLY A 65 -14.11 8.45 -0.21
N LYS A 66 -13.90 8.24 -1.50
CA LYS A 66 -13.76 6.92 -2.09
C LYS A 66 -12.28 6.52 -2.05
N LEU A 67 -11.97 5.27 -2.39
CA LEU A 67 -10.59 4.82 -2.57
C LEU A 67 -10.55 3.94 -3.82
N THR A 68 -9.52 4.11 -4.67
CA THR A 68 -9.39 3.44 -5.95
C THR A 68 -8.08 2.65 -6.04
N TYR A 69 -8.03 1.74 -7.01
CA TYR A 69 -7.03 0.70 -7.13
C TYR A 69 -5.71 1.28 -7.64
N THR A 70 -4.76 1.52 -6.73
CA THR A 70 -3.46 2.04 -7.12
C THR A 70 -2.37 1.60 -6.12
N ILE A 71 -1.89 0.36 -6.26
CA ILE A 71 -0.80 -0.20 -5.49
C ILE A 71 -0.06 -1.15 -6.43
N ASP A 72 1.27 -1.13 -6.49
CA ASP A 72 2.02 -2.18 -7.17
C ASP A 72 2.45 -3.20 -6.13
N PHE A 73 1.89 -4.42 -6.22
CA PHE A 73 2.22 -5.56 -5.38
C PHE A 73 3.72 -5.84 -5.30
N ALA A 74 4.53 -5.37 -6.27
CA ALA A 74 5.98 -5.48 -6.22
C ALA A 74 6.51 -5.06 -4.85
N ALA A 75 5.98 -3.96 -4.30
CA ALA A 75 6.28 -3.53 -2.94
C ALA A 75 5.10 -2.87 -2.23
N LYS A 76 3.89 -3.10 -2.73
CA LYS A 76 2.60 -2.63 -2.26
C LYS A 76 2.58 -1.17 -1.81
N GLN A 77 2.40 -0.27 -2.78
CA GLN A 77 2.55 1.16 -2.49
C GLN A 77 1.41 1.64 -1.59
N GLY A 78 0.17 1.39 -2.01
CA GLY A 78 -0.99 1.54 -1.15
C GLY A 78 -1.68 2.90 -1.26
N ASN A 79 -1.64 3.53 -2.44
CA ASN A 79 -1.81 4.98 -2.52
C ASN A 79 -2.83 5.33 -3.60
N GLY A 80 -4.11 5.11 -3.28
CA GLY A 80 -5.25 5.42 -4.11
C GLY A 80 -5.87 6.73 -3.65
N LYS A 81 -6.04 7.69 -4.55
CA LYS A 81 -6.56 9.02 -4.21
C LYS A 81 -8.07 8.99 -4.06
N ILE A 82 -8.60 9.97 -3.31
CA ILE A 82 -10.03 10.15 -3.10
C ILE A 82 -10.47 11.33 -3.96
N GLU A 83 -11.65 11.23 -4.55
CA GLU A 83 -12.16 12.28 -5.42
C GLU A 83 -13.67 12.25 -5.57
N HIS A 84 -14.33 13.06 -4.76
CA HIS A 84 -15.68 13.58 -4.99
C HIS A 84 -16.02 14.83 -4.17
N LEU A 85 -15.22 15.19 -3.15
CA LEU A 85 -15.62 16.20 -2.20
C LEU A 85 -15.73 17.58 -2.82
N LYS A 86 -16.60 18.38 -2.22
CA LYS A 86 -17.08 19.62 -2.81
C LYS A 86 -16.04 20.73 -2.73
N SER A 87 -15.13 20.67 -1.76
CA SER A 87 -14.03 21.60 -1.62
C SER A 87 -12.84 20.97 -2.35
N PRO A 88 -12.13 21.70 -3.23
CA PRO A 88 -10.96 21.18 -3.90
C PRO A 88 -9.96 20.67 -2.85
N GLU A 89 -9.78 21.43 -1.77
CA GLU A 89 -8.91 21.08 -0.66
C GLU A 89 -9.45 19.97 0.24
N LEU A 90 -10.44 19.19 -0.23
CA LEU A 90 -10.79 17.90 0.35
C LEU A 90 -10.67 16.77 -0.70
N ASN A 91 -10.29 17.07 -1.95
CA ASN A 91 -9.92 16.05 -2.92
C ASN A 91 -8.53 15.54 -2.55
N VAL A 92 -8.48 14.65 -1.54
CA VAL A 92 -7.23 14.15 -1.00
C VAL A 92 -6.56 13.16 -1.94
N ASP A 93 -5.32 13.44 -2.34
CA ASP A 93 -4.47 12.47 -3.01
C ASP A 93 -3.41 12.01 -2.01
N LEU A 94 -3.17 10.70 -1.97
CA LEU A 94 -2.21 10.10 -1.04
C LEU A 94 -0.81 10.19 -1.63
N ALA A 95 0.21 10.44 -0.81
CA ALA A 95 1.58 10.40 -1.28
C ALA A 95 2.01 8.93 -1.40
N ALA A 96 3.07 8.65 -2.15
CA ALA A 96 3.47 7.26 -2.35
C ALA A 96 4.18 6.75 -1.10
N ALA A 97 3.95 5.49 -0.74
CA ALA A 97 4.54 4.84 0.42
C ALA A 97 5.10 3.47 0.02
N ASP A 98 5.76 2.80 0.97
CA ASP A 98 6.45 1.55 0.81
C ASP A 98 6.11 0.68 2.02
N ILE A 99 6.32 -0.63 1.93
CA ILE A 99 6.21 -1.56 3.03
C ILE A 99 7.40 -2.52 2.98
N LYS A 100 8.39 -2.23 3.83
CA LYS A 100 9.64 -2.96 3.98
C LYS A 100 9.73 -3.76 5.30
N PRO A 101 9.29 -3.25 6.47
CA PRO A 101 9.55 -3.93 7.73
C PRO A 101 8.55 -5.07 8.02
N ASP A 102 7.24 -4.77 8.03
CA ASP A 102 6.14 -5.59 8.56
C ASP A 102 6.13 -7.07 8.17
N GLY A 103 7.01 -7.87 8.77
CA GLY A 103 7.00 -9.34 8.65
C GLY A 103 5.85 -9.95 9.46
N LYS A 104 4.61 -9.59 9.12
CA LYS A 104 3.40 -10.07 9.78
C LYS A 104 2.26 -10.10 8.76
N ARG A 105 2.45 -10.93 7.73
CA ARG A 105 1.56 -11.06 6.58
C ARG A 105 1.40 -9.76 5.77
N HIS A 106 2.17 -8.70 6.12
CA HIS A 106 2.11 -7.33 5.63
C HIS A 106 1.84 -6.36 6.77
N ALA A 107 1.05 -6.71 7.79
CA ALA A 107 0.44 -5.73 8.70
C ALA A 107 0.07 -4.41 8.00
N VAL A 108 0.90 -3.33 8.05
CA VAL A 108 0.53 -2.06 7.44
C VAL A 108 1.65 -1.33 6.69
N ILE A 109 1.23 -0.54 5.71
CA ILE A 109 1.94 0.58 5.12
C ILE A 109 1.59 1.82 5.94
N SER A 110 2.49 2.81 5.96
CA SER A 110 2.30 4.12 6.57
C SER A 110 2.52 5.20 5.51
N GLY A 111 1.44 5.77 4.95
CA GLY A 111 1.49 6.88 4.02
C GLY A 111 1.11 8.20 4.69
N SER A 112 1.23 9.29 3.93
CA SER A 112 0.84 10.64 4.32
C SER A 112 0.04 11.23 3.16
N VAL A 113 -0.91 12.13 3.45
CA VAL A 113 -2.00 12.41 2.52
C VAL A 113 -2.22 13.91 2.31
N LEU A 114 -2.34 14.32 1.04
CA LEU A 114 -2.40 15.71 0.64
C LEU A 114 -3.81 16.09 0.22
N TYR A 115 -4.41 16.98 0.99
CA TYR A 115 -5.66 17.64 0.67
C TYR A 115 -5.34 18.74 -0.34
N ASN A 116 -5.00 18.32 -1.56
CA ASN A 116 -4.81 19.16 -2.74
C ASN A 116 -3.61 20.12 -2.61
N GLN A 117 -3.67 21.07 -1.68
CA GLN A 117 -2.57 21.98 -1.32
C GLN A 117 -2.01 21.71 0.08
N ALA A 118 -2.71 20.95 0.92
CA ALA A 118 -2.43 20.88 2.36
C ALA A 118 -2.27 19.44 2.82
N GLU A 119 -1.09 19.05 3.28
CA GLU A 119 -0.87 17.75 3.90
C GLU A 119 -0.79 17.91 5.41
N LYS A 120 -1.82 17.47 6.16
CA LYS A 120 -1.66 17.25 7.57
C LYS A 120 -2.42 15.99 8.03
N GLY A 121 -2.29 14.91 7.26
CA GLY A 121 -2.93 13.64 7.55
C GLY A 121 -1.98 12.48 7.27
N SER A 122 -2.15 11.41 8.04
CA SER A 122 -1.34 10.21 8.05
C SER A 122 -2.26 9.03 7.88
N TYR A 123 -1.88 8.04 7.07
CA TYR A 123 -2.75 6.94 6.70
C TYR A 123 -2.03 5.61 6.83
N SER A 124 -2.75 4.61 7.35
CA SER A 124 -2.23 3.29 7.67
C SER A 124 -3.07 2.32 6.86
N LEU A 125 -2.46 1.48 6.02
CA LEU A 125 -3.20 0.67 5.07
C LEU A 125 -2.54 -0.69 4.91
N GLY A 126 -3.35 -1.75 4.94
CA GLY A 126 -2.95 -3.14 5.11
C GLY A 126 -3.30 -3.96 3.87
N ILE A 127 -3.03 -5.27 3.93
CA ILE A 127 -3.74 -6.21 3.08
C ILE A 127 -4.12 -7.44 3.88
N PHE A 128 -5.29 -8.03 3.60
CA PHE A 128 -5.69 -9.28 4.21
C PHE A 128 -6.80 -9.98 3.44
N GLY A 129 -7.20 -11.16 3.94
CA GLY A 129 -8.28 -11.98 3.44
C GLY A 129 -7.72 -13.05 2.52
N GLY A 130 -6.86 -12.64 1.60
CA GLY A 130 -6.13 -13.53 0.72
C GLY A 130 -5.88 -12.79 -0.59
N LYS A 131 -6.85 -12.84 -1.50
CA LYS A 131 -6.76 -12.17 -2.79
C LYS A 131 -6.99 -10.65 -2.69
N ALA A 132 -6.29 -9.99 -1.76
CA ALA A 132 -6.26 -8.54 -1.60
C ALA A 132 -7.65 -7.93 -1.64
N GLN A 133 -8.48 -8.43 -0.73
CA GLN A 133 -9.87 -8.06 -0.55
C GLN A 133 -9.94 -7.07 0.60
N GLU A 134 -9.49 -7.50 1.78
CA GLU A 134 -9.51 -6.68 2.97
C GLU A 134 -8.29 -5.76 2.98
N VAL A 135 -8.41 -4.59 2.37
CA VAL A 135 -7.41 -3.54 2.48
C VAL A 135 -7.59 -2.85 3.84
N ALA A 136 -7.29 -3.55 4.93
CA ALA A 136 -7.69 -3.05 6.24
C ALA A 136 -6.78 -1.87 6.61
N GLY A 137 -7.38 -0.71 6.91
CA GLY A 137 -6.63 0.52 7.14
C GLY A 137 -7.42 1.53 7.97
N SER A 138 -6.77 2.64 8.28
CA SER A 138 -7.37 3.83 8.89
C SER A 138 -6.56 5.04 8.40
N ALA A 139 -7.23 6.16 8.08
CA ALA A 139 -6.59 7.45 7.95
C ALA A 139 -6.89 8.29 9.17
N GLU A 140 -5.96 9.17 9.55
CA GLU A 140 -6.31 10.42 10.20
C GLU A 140 -6.02 11.55 9.21
N VAL A 141 -7.02 12.40 8.97
CA VAL A 141 -6.84 13.68 8.31
C VAL A 141 -7.43 14.73 9.24
N LYS A 142 -6.85 15.93 9.24
CA LYS A 142 -7.36 17.01 10.04
C LYS A 142 -7.12 18.31 9.26
N THR A 143 -8.19 19.03 9.00
CA THR A 143 -8.10 20.39 8.50
C THR A 143 -9.35 21.09 9.02
N VAL A 144 -9.60 22.32 8.57
CA VAL A 144 -10.78 23.11 8.92
C VAL A 144 -12.05 22.26 8.75
N ASN A 145 -12.04 21.34 7.77
CA ASN A 145 -13.07 20.31 7.65
C ASN A 145 -12.39 18.99 7.27
N GLY A 146 -11.41 18.55 8.07
CA GLY A 146 -10.76 17.26 7.90
C GLY A 146 -11.21 16.35 9.02
N ILE A 147 -11.85 15.25 8.65
CA ILE A 147 -12.49 14.33 9.57
C ILE A 147 -11.49 13.25 9.98
N ARG A 148 -11.23 13.14 11.27
CA ARG A 148 -10.18 12.28 11.78
C ARG A 148 -10.46 10.80 11.55
N HIS A 149 -11.43 10.23 12.27
CA HIS A 149 -11.63 8.80 12.31
C HIS A 149 -12.26 8.29 11.01
N ILE A 150 -11.45 8.21 9.96
CA ILE A 150 -11.85 7.64 8.68
C ILE A 150 -11.79 6.11 8.76
N GLY A 151 -12.94 5.45 8.55
CA GLY A 151 -13.02 4.02 8.34
C GLY A 151 -12.67 3.72 6.88
N LEU A 152 -11.56 3.01 6.67
CA LEU A 152 -11.10 2.60 5.36
C LEU A 152 -11.55 1.16 5.13
N ALA A 153 -12.35 0.91 4.07
CA ALA A 153 -12.78 -0.44 3.72
C ALA A 153 -12.93 -0.58 2.21
N ALA A 154 -12.28 -1.60 1.64
CA ALA A 154 -12.58 -2.13 0.31
C ALA A 154 -12.73 -3.64 0.46
N LYS A 155 -13.40 -4.27 -0.51
CA LYS A 155 -13.64 -5.69 -0.57
C LYS A 155 -14.00 -6.07 -2.01
N GLN A 156 -13.16 -6.86 -2.69
CA GLN A 156 -13.30 -7.19 -4.09
C GLN A 156 -12.98 -8.67 -4.27
N MET A 1 44.73 -13.97 -23.46
CA MET A 1 45.68 -15.00 -23.91
C MET A 1 45.38 -16.36 -23.25
N GLN A 2 45.53 -16.44 -21.93
CA GLN A 2 45.22 -17.65 -21.17
C GLN A 2 44.73 -17.19 -19.79
N SER A 3 43.68 -16.36 -19.80
CA SER A 3 43.14 -15.71 -18.62
C SER A 3 41.75 -15.21 -18.99
N HIS A 4 40.79 -15.25 -18.05
CA HIS A 4 39.44 -14.77 -18.22
C HIS A 4 38.80 -14.68 -16.84
N SER A 5 37.78 -13.84 -16.69
CA SER A 5 36.86 -13.80 -15.55
C SER A 5 35.64 -13.00 -16.00
N ALA A 6 34.53 -13.12 -15.27
CA ALA A 6 33.28 -12.43 -15.58
C ALA A 6 32.38 -12.46 -14.33
N LEU A 7 32.89 -11.98 -13.20
CA LEU A 7 32.18 -11.96 -11.94
C LEU A 7 31.23 -10.76 -11.93
N THR A 8 29.97 -10.98 -11.55
CA THR A 8 28.98 -9.94 -11.30
C THR A 8 27.89 -10.56 -10.43
N ALA A 9 26.87 -9.78 -10.05
CA ALA A 9 25.80 -10.17 -9.15
C ALA A 9 24.74 -9.06 -9.11
N PHE A 10 23.66 -9.28 -8.35
CA PHE A 10 22.60 -8.33 -8.07
C PHE A 10 21.90 -8.84 -6.80
N GLN A 11 20.87 -8.13 -6.31
CA GLN A 11 20.12 -8.54 -5.13
C GLN A 11 18.70 -7.99 -5.17
N THR A 12 17.80 -8.66 -4.44
CA THR A 12 16.37 -8.45 -4.23
C THR A 12 15.85 -9.80 -3.76
N GLU A 13 14.58 -10.08 -3.98
CA GLU A 13 13.84 -11.21 -3.46
C GLU A 13 12.56 -11.44 -4.29
N GLN A 14 12.59 -11.06 -5.56
CA GLN A 14 11.50 -11.24 -6.51
C GLN A 14 12.08 -11.89 -7.76
N ILE A 15 11.64 -13.12 -8.04
CA ILE A 15 12.15 -14.01 -9.08
C ILE A 15 13.69 -14.01 -9.19
N GLN A 16 14.22 -13.99 -10.42
CA GLN A 16 15.61 -14.16 -10.82
C GLN A 16 16.61 -14.59 -9.71
N ASP A 17 16.68 -15.90 -9.43
CA ASP A 17 17.49 -16.55 -8.39
C ASP A 17 17.05 -16.18 -6.98
N SER A 18 17.06 -14.88 -6.69
CA SER A 18 16.69 -14.26 -5.44
C SER A 18 15.42 -14.86 -4.82
N GLU A 19 14.48 -15.30 -5.67
CA GLU A 19 13.37 -16.17 -5.35
C GLU A 19 13.73 -17.19 -4.24
N HIS A 20 14.77 -17.99 -4.48
CA HIS A 20 15.33 -18.91 -3.53
C HIS A 20 15.99 -18.12 -2.39
N SER A 21 17.07 -17.44 -2.74
CA SER A 21 18.09 -16.97 -1.82
C SER A 21 17.59 -15.81 -0.96
N GLY A 22 17.14 -14.73 -1.59
CA GLY A 22 16.70 -13.51 -0.94
C GLY A 22 15.36 -13.70 -0.23
N LYS A 23 14.36 -14.17 -0.98
CA LYS A 23 13.01 -14.39 -0.50
C LYS A 23 12.92 -15.59 0.45
N MET A 24 14.00 -16.34 0.54
CA MET A 24 14.20 -17.45 1.46
C MET A 24 13.14 -18.53 1.28
N VAL A 25 13.31 -19.35 0.24
CA VAL A 25 12.56 -20.59 0.12
C VAL A 25 12.91 -21.48 1.32
N ALA A 26 12.10 -21.37 2.37
CA ALA A 26 12.21 -22.13 3.61
C ALA A 26 13.42 -21.68 4.43
N LYS A 27 13.56 -22.25 5.63
CA LYS A 27 14.61 -21.91 6.58
C LYS A 27 14.72 -20.39 6.80
N ARG A 28 13.59 -19.71 6.98
CA ARG A 28 13.60 -18.30 7.35
C ARG A 28 13.99 -18.17 8.82
N GLN A 29 15.28 -18.41 9.10
CA GLN A 29 15.88 -18.39 10.42
C GLN A 29 17.29 -17.80 10.30
N PHE A 30 17.38 -16.61 9.73
CA PHE A 30 18.62 -15.88 9.49
C PHE A 30 18.36 -14.39 9.75
N ARG A 31 19.29 -13.51 9.35
CA ARG A 31 19.17 -12.07 9.54
C ARG A 31 18.12 -11.48 8.59
N ILE A 32 16.84 -11.81 8.82
CA ILE A 32 15.73 -11.23 8.09
C ILE A 32 15.48 -9.83 8.66
N GLY A 33 16.40 -8.93 8.34
CA GLY A 33 16.37 -7.54 8.76
C GLY A 33 17.29 -6.76 7.83
N ASP A 34 17.00 -6.87 6.52
CA ASP A 34 17.79 -6.35 5.41
C ASP A 34 16.92 -6.46 4.16
N ILE A 35 16.60 -7.71 3.79
CA ILE A 35 15.70 -8.02 2.70
C ILE A 35 14.36 -7.30 2.90
N ALA A 36 13.84 -6.68 1.84
CA ALA A 36 12.60 -5.95 1.84
C ALA A 36 11.43 -6.87 1.45
N GLY A 37 10.20 -6.39 1.63
CA GLY A 37 9.01 -7.02 1.09
C GLY A 37 8.59 -8.24 1.92
N GLU A 38 9.41 -9.31 1.88
CA GLU A 38 9.18 -10.61 2.52
C GLU A 38 7.71 -10.96 2.70
N HIS A 39 7.12 -10.63 3.85
CA HIS A 39 5.83 -11.10 4.27
C HIS A 39 4.74 -10.60 3.32
N THR A 40 4.90 -9.38 2.78
CA THR A 40 3.99 -8.88 1.77
C THR A 40 3.99 -9.83 0.59
N SER A 41 5.11 -9.85 -0.14
CA SER A 41 5.28 -10.67 -1.33
C SER A 41 4.77 -12.10 -1.09
N PHE A 42 5.24 -12.71 0.01
CA PHE A 42 4.86 -14.02 0.51
C PHE A 42 3.34 -14.19 0.66
N ASP A 43 2.62 -13.19 1.17
CA ASP A 43 1.15 -13.24 1.27
C ASP A 43 0.49 -13.41 -0.11
N LYS A 44 1.23 -13.11 -1.19
CA LYS A 44 0.97 -13.35 -2.61
C LYS A 44 0.77 -12.03 -3.33
N LEU A 45 1.84 -11.21 -3.29
CA LEU A 45 1.95 -9.97 -4.01
C LEU A 45 3.15 -10.07 -4.97
N PRO A 46 2.92 -10.30 -6.28
CA PRO A 46 4.00 -10.50 -7.25
C PRO A 46 4.59 -9.17 -7.71
N GLU A 47 5.43 -9.19 -8.76
CA GLU A 47 5.98 -8.00 -9.40
C GLU A 47 4.94 -7.31 -10.30
N GLY A 48 3.69 -7.22 -9.85
CA GLY A 48 2.56 -6.67 -10.60
C GLY A 48 2.38 -5.18 -10.35
N GLY A 49 1.84 -4.48 -11.34
CA GLY A 49 1.77 -3.01 -11.39
C GLY A 49 0.55 -2.40 -10.71
N ARG A 50 -0.62 -3.03 -10.79
CA ARG A 50 -1.86 -2.52 -10.20
C ARG A 50 -2.70 -3.72 -9.73
N ALA A 51 -2.90 -3.85 -8.42
CA ALA A 51 -3.86 -4.80 -7.89
C ALA A 51 -5.29 -4.26 -8.00
N THR A 52 -6.25 -5.11 -7.63
CA THR A 52 -7.67 -4.86 -7.71
C THR A 52 -8.23 -4.66 -6.29
N TYR A 53 -9.00 -3.59 -6.07
CA TYR A 53 -9.82 -3.38 -4.88
C TYR A 53 -11.08 -2.60 -5.27
N ARG A 54 -12.05 -2.52 -4.35
CA ARG A 54 -13.06 -1.49 -4.32
C ARG A 54 -13.20 -1.10 -2.86
N GLY A 55 -13.27 0.20 -2.53
CA GLY A 55 -13.36 0.59 -1.14
C GLY A 55 -13.68 2.07 -0.94
N THR A 56 -13.87 2.40 0.32
CA THR A 56 -14.39 3.66 0.81
C THR A 56 -13.50 4.13 1.96
N ALA A 57 -13.30 5.44 2.03
CA ALA A 57 -12.68 6.17 3.12
C ALA A 57 -13.73 7.15 3.65
N PHE A 58 -14.79 6.61 4.26
CA PHE A 58 -15.94 7.38 4.71
C PHE A 58 -15.64 8.02 6.05
N GLY A 59 -16.16 9.23 6.28
CA GLY A 59 -15.92 9.96 7.52
C GLY A 59 -16.78 9.38 8.63
N SER A 60 -16.33 9.43 9.88
CA SER A 60 -17.25 9.22 11.01
C SER A 60 -18.45 10.19 10.94
N ASP A 61 -18.27 11.33 10.27
CA ASP A 61 -19.32 12.32 9.99
C ASP A 61 -19.70 12.28 8.50
N ASP A 62 -19.52 11.13 7.83
CA ASP A 62 -19.25 11.00 6.42
C ASP A 62 -19.24 12.27 5.56
N ALA A 63 -18.10 12.96 5.64
CA ALA A 63 -17.62 13.80 4.56
C ALA A 63 -16.31 13.17 4.08
N GLY A 64 -16.38 11.90 3.72
CA GLY A 64 -15.25 11.08 3.32
C GLY A 64 -15.30 10.83 1.82
N GLY A 65 -14.32 10.08 1.30
CA GLY A 65 -14.08 9.86 -0.12
C GLY A 65 -14.00 8.38 -0.43
N LYS A 66 -13.79 8.05 -1.71
CA LYS A 66 -13.59 6.67 -2.16
C LYS A 66 -12.16 6.23 -1.82
N LEU A 67 -11.87 4.93 -1.96
CA LEU A 67 -10.53 4.45 -2.15
C LEU A 67 -10.50 3.70 -3.49
N THR A 68 -9.90 4.33 -4.52
CA THR A 68 -9.71 3.70 -5.82
C THR A 68 -8.52 2.75 -5.74
N TYR A 69 -8.55 1.68 -6.55
CA TYR A 69 -7.55 0.64 -6.48
C TYR A 69 -6.29 1.11 -7.19
N THR A 70 -5.20 1.27 -6.45
CA THR A 70 -3.93 1.72 -7.00
C THR A 70 -2.81 1.23 -6.09
N ILE A 71 -2.35 -0.01 -6.28
CA ILE A 71 -1.24 -0.58 -5.53
C ILE A 71 -0.37 -1.39 -6.50
N ASP A 72 0.93 -1.08 -6.58
CA ASP A 72 1.92 -1.87 -7.30
C ASP A 72 2.41 -2.96 -6.36
N PHE A 73 2.09 -4.21 -6.68
CA PHE A 73 2.33 -5.37 -5.82
C PHE A 73 3.80 -5.51 -5.42
N ALA A 74 4.72 -5.14 -6.33
CA ALA A 74 6.16 -5.22 -6.13
C ALA A 74 6.60 -4.69 -4.75
N ALA A 75 5.89 -3.69 -4.21
CA ALA A 75 6.11 -3.22 -2.83
C ALA A 75 4.88 -2.60 -2.14
N LYS A 76 3.70 -2.77 -2.73
CA LYS A 76 2.41 -2.30 -2.26
C LYS A 76 2.42 -0.84 -1.78
N GLN A 77 2.47 0.06 -2.76
CA GLN A 77 2.29 1.49 -2.56
C GLN A 77 0.81 1.75 -2.77
N GLY A 78 0.01 1.18 -1.87
CA GLY A 78 -1.43 1.12 -2.00
C GLY A 78 -2.06 2.43 -1.58
N ASN A 79 -2.21 3.35 -2.53
CA ASN A 79 -2.51 4.74 -2.25
C ASN A 79 -3.55 5.23 -3.26
N GLY A 80 -4.82 5.21 -2.84
CA GLY A 80 -5.98 5.52 -3.67
C GLY A 80 -6.55 6.89 -3.29
N LYS A 81 -6.94 7.69 -4.28
CA LYS A 81 -7.25 9.10 -4.07
C LYS A 81 -8.66 9.33 -3.50
N ILE A 82 -8.71 10.05 -2.37
CA ILE A 82 -9.92 10.36 -1.62
C ILE A 82 -10.58 11.56 -2.32
N GLU A 83 -11.18 11.27 -3.48
CA GLU A 83 -11.49 12.27 -4.50
C GLU A 83 -12.90 12.08 -5.06
N HIS A 84 -13.90 12.75 -4.48
CA HIS A 84 -15.11 13.20 -5.18
C HIS A 84 -15.81 14.33 -4.41
N LEU A 85 -15.06 15.20 -3.73
CA LEU A 85 -15.63 16.08 -2.73
C LEU A 85 -15.87 17.48 -3.30
N LYS A 86 -16.99 18.08 -2.91
CA LYS A 86 -17.50 19.34 -3.41
C LYS A 86 -16.50 20.49 -3.19
N SER A 87 -15.80 20.45 -2.05
CA SER A 87 -14.84 21.45 -1.66
C SER A 87 -13.49 21.02 -2.26
N PRO A 88 -12.89 21.77 -3.19
CA PRO A 88 -11.77 21.30 -3.99
C PRO A 88 -10.67 20.71 -3.10
N GLU A 89 -10.23 21.47 -2.10
CA GLU A 89 -9.19 21.09 -1.17
C GLU A 89 -9.41 19.73 -0.51
N LEU A 90 -10.67 19.34 -0.27
CA LEU A 90 -10.98 18.07 0.38
C LEU A 90 -10.65 16.89 -0.52
N ASN A 91 -10.45 17.10 -1.82
CA ASN A 91 -10.06 16.02 -2.73
C ASN A 91 -8.63 15.64 -2.40
N VAL A 92 -8.49 14.70 -1.48
CA VAL A 92 -7.24 14.35 -0.84
C VAL A 92 -6.57 13.27 -1.68
N ASP A 93 -5.38 13.54 -2.19
CA ASP A 93 -4.54 12.49 -2.75
C ASP A 93 -3.74 11.90 -1.59
N LEU A 94 -3.42 10.61 -1.65
CA LEU A 94 -2.55 9.96 -0.69
C LEU A 94 -1.17 9.82 -1.31
N ALA A 95 -0.10 10.03 -0.56
CA ALA A 95 1.24 9.97 -1.10
C ALA A 95 1.64 8.50 -1.29
N ALA A 96 2.53 8.21 -2.24
CA ALA A 96 2.92 6.84 -2.54
C ALA A 96 3.86 6.38 -1.44
N ALA A 97 3.49 5.33 -0.70
CA ALA A 97 4.18 4.94 0.52
C ALA A 97 4.20 3.43 0.68
N ASP A 98 5.38 2.89 0.98
CA ASP A 98 5.69 1.48 0.93
C ASP A 98 5.15 0.72 2.14
N ILE A 99 5.28 -0.60 2.08
CA ILE A 99 5.30 -1.50 3.22
C ILE A 99 6.51 -2.42 3.06
N LYS A 100 7.47 -2.31 3.98
CA LYS A 100 8.66 -3.15 4.03
C LYS A 100 8.86 -3.89 5.38
N PRO A 101 8.63 -3.29 6.56
CA PRO A 101 9.08 -3.87 7.82
C PRO A 101 8.01 -4.72 8.50
N ASP A 102 7.00 -5.22 7.77
CA ASP A 102 5.95 -6.04 8.34
C ASP A 102 6.50 -7.43 8.63
N GLY A 103 7.00 -7.65 9.85
CA GLY A 103 7.43 -8.97 10.31
C GLY A 103 6.24 -9.91 10.58
N LYS A 104 5.32 -10.05 9.62
CA LYS A 104 4.03 -10.70 9.69
C LYS A 104 3.33 -10.36 8.37
N ARG A 105 2.46 -11.23 7.84
CA ARG A 105 1.77 -10.99 6.57
C ARG A 105 1.12 -9.61 6.48
N HIS A 106 1.83 -8.62 5.94
CA HIS A 106 1.24 -7.45 5.33
C HIS A 106 0.41 -6.66 6.33
N ALA A 107 1.10 -6.15 7.35
CA ALA A 107 0.52 -5.33 8.39
C ALA A 107 -0.21 -4.12 7.80
N VAL A 108 0.55 -3.13 7.32
CA VAL A 108 0.01 -1.89 6.78
C VAL A 108 1.10 -1.12 6.05
N ILE A 109 0.65 -0.16 5.23
CA ILE A 109 1.47 0.96 4.78
C ILE A 109 1.57 1.99 5.91
N SER A 110 2.56 2.89 5.83
CA SER A 110 2.61 4.11 6.62
C SER A 110 2.69 5.30 5.65
N GLY A 111 1.53 5.81 5.23
CA GLY A 111 1.39 6.89 4.26
C GLY A 111 0.93 8.21 4.91
N SER A 112 0.81 9.26 4.11
CA SER A 112 0.31 10.56 4.52
C SER A 112 -0.42 11.21 3.33
N VAL A 113 -1.24 12.23 3.59
CA VAL A 113 -2.30 12.66 2.69
C VAL A 113 -2.24 14.16 2.39
N LEU A 114 -2.44 14.52 1.11
CA LEU A 114 -2.32 15.85 0.55
C LEU A 114 -3.68 16.36 0.09
N TYR A 115 -4.14 17.42 0.76
CA TYR A 115 -5.39 18.15 0.54
C TYR A 115 -5.23 19.09 -0.66
N ASN A 116 -4.89 18.52 -1.82
CA ASN A 116 -4.60 19.25 -3.05
C ASN A 116 -3.31 20.09 -2.96
N GLN A 117 -3.06 20.80 -1.86
CA GLN A 117 -1.99 21.78 -1.69
C GLN A 117 -1.20 21.60 -0.38
N ALA A 118 -1.78 20.98 0.64
CA ALA A 118 -1.21 20.91 1.99
C ALA A 118 -1.26 19.47 2.47
N GLU A 119 -0.20 18.99 3.11
CA GLU A 119 -0.14 17.64 3.65
C GLU A 119 0.13 17.77 5.13
N LYS A 120 -0.88 17.53 5.98
CA LYS A 120 -0.65 17.47 7.41
C LYS A 120 -1.54 16.41 8.06
N GLY A 121 -1.70 15.29 7.35
CA GLY A 121 -2.54 14.17 7.72
C GLY A 121 -1.89 12.86 7.31
N SER A 122 -2.21 11.78 8.05
CA SER A 122 -1.52 10.50 8.05
C SER A 122 -2.44 9.40 7.50
N TYR A 123 -1.90 8.25 7.09
CA TYR A 123 -2.69 7.12 6.63
C TYR A 123 -1.93 5.81 6.80
N SER A 124 -2.65 4.70 6.94
CA SER A 124 -2.05 3.37 7.01
C SER A 124 -3.05 2.35 6.48
N LEU A 125 -2.59 1.43 5.63
CA LEU A 125 -3.48 0.53 4.87
C LEU A 125 -2.84 -0.85 4.60
N GLY A 126 -3.48 -1.92 5.07
CA GLY A 126 -3.05 -3.30 4.94
C GLY A 126 -4.02 -4.10 4.06
N ILE A 127 -3.52 -5.14 3.37
CA ILE A 127 -4.33 -6.05 2.55
C ILE A 127 -4.50 -7.34 3.31
N PHE A 128 -5.67 -7.98 3.19
CA PHE A 128 -5.94 -9.25 3.82
C PHE A 128 -6.79 -10.16 2.94
N GLY A 129 -6.90 -11.41 3.39
CA GLY A 129 -7.67 -12.45 2.72
C GLY A 129 -6.76 -13.39 1.92
N GLY A 130 -5.53 -12.94 1.60
CA GLY A 130 -4.48 -13.83 1.12
C GLY A 130 -4.60 -14.14 -0.37
N LYS A 131 -5.33 -13.28 -1.08
CA LYS A 131 -5.27 -13.12 -2.53
C LYS A 131 -5.94 -11.79 -2.87
N ALA A 132 -5.59 -10.73 -2.12
CA ALA A 132 -6.11 -9.37 -2.24
C ALA A 132 -7.62 -9.34 -2.45
N GLN A 133 -8.36 -9.31 -1.35
CA GLN A 133 -9.81 -9.30 -1.39
C GLN A 133 -10.29 -7.99 -0.79
N GLU A 134 -9.91 -7.80 0.48
CA GLU A 134 -10.25 -6.66 1.30
C GLU A 134 -8.95 -5.98 1.75
N VAL A 135 -9.01 -4.67 1.96
CA VAL A 135 -7.96 -3.92 2.62
C VAL A 135 -8.57 -3.22 3.84
N ALA A 136 -7.83 -3.19 4.94
CA ALA A 136 -8.24 -2.59 6.20
C ALA A 136 -7.17 -1.57 6.57
N GLY A 137 -7.59 -0.37 6.94
CA GLY A 137 -6.72 0.77 7.10
C GLY A 137 -7.35 1.81 8.01
N SER A 138 -6.63 2.90 8.22
CA SER A 138 -7.24 4.14 8.68
C SER A 138 -6.51 5.28 7.96
N ALA A 139 -7.26 6.29 7.50
CA ALA A 139 -6.71 7.60 7.18
C ALA A 139 -7.00 8.50 8.36
N GLU A 140 -5.98 9.21 8.82
CA GLU A 140 -6.13 10.36 9.69
C GLU A 140 -5.94 11.59 8.82
N VAL A 141 -7.02 11.95 8.15
CA VAL A 141 -7.08 13.22 7.47
C VAL A 141 -7.44 14.22 8.55
N LYS A 142 -6.52 15.14 8.89
CA LYS A 142 -6.68 16.01 10.04
C LYS A 142 -6.41 17.43 9.57
N THR A 143 -7.44 18.28 9.60
CA THR A 143 -7.34 19.65 9.13
C THR A 143 -8.47 20.39 9.85
N VAL A 144 -8.57 21.72 9.67
CA VAL A 144 -9.79 22.48 9.97
C VAL A 144 -11.03 21.73 9.45
N ASN A 145 -10.87 20.97 8.36
CA ASN A 145 -11.86 20.03 7.86
C ASN A 145 -11.16 18.70 7.60
N GLY A 146 -10.89 17.96 8.68
CA GLY A 146 -10.28 16.65 8.56
C GLY A 146 -10.83 15.70 9.61
N ILE A 147 -11.67 14.79 9.13
CA ILE A 147 -12.30 13.78 9.93
C ILE A 147 -11.30 12.66 10.18
N ARG A 148 -10.41 12.86 11.16
CA ARG A 148 -9.43 11.84 11.57
C ARG A 148 -10.02 10.44 11.60
N HIS A 149 -11.19 10.29 12.22
CA HIS A 149 -11.87 9.01 12.29
C HIS A 149 -12.54 8.74 10.94
N ILE A 150 -11.74 8.40 9.92
CA ILE A 150 -12.24 7.85 8.67
C ILE A 150 -12.31 6.32 8.79
N GLY A 151 -13.45 5.75 8.43
CA GLY A 151 -13.62 4.34 8.23
C GLY A 151 -13.09 3.98 6.85
N LEU A 152 -11.87 3.44 6.80
CA LEU A 152 -11.32 2.87 5.59
C LEU A 152 -11.85 1.44 5.47
N ALA A 153 -12.86 1.23 4.63
CA ALA A 153 -13.50 -0.06 4.43
C ALA A 153 -13.44 -0.41 2.94
N ALA A 154 -12.72 -1.47 2.58
CA ALA A 154 -12.60 -1.97 1.21
C ALA A 154 -12.88 -3.46 1.16
N LYS A 155 -13.66 -3.87 0.16
CA LYS A 155 -13.81 -5.25 -0.27
C LYS A 155 -14.32 -5.18 -1.71
N GLN A 156 -13.73 -5.95 -2.62
CA GLN A 156 -14.17 -5.99 -4.00
C GLN A 156 -15.63 -6.42 -4.11
#